data_2MF9
#
_entry.id   2MF9
#
_entity_poly.entity_id   1
_entity_poly.type   'polypeptide(L)'
_entity_poly.pdbx_seq_one_letter_code
;MGQPPAEEAEQPGALAREFLAAMEPEPAPAPAPEEWLDILGNGLLRKKTLVPGPPGSSRPVKGQVVTVHLQTSLENGTRV
QEEPELVFTLGDCDVIQALDLSVPLMDVGETAMVTADSKYCYGPQGSRSPYIPPHAALCLEVTLKTAVDLEHHHHHH
;
_entity_poly.pdbx_strand_id   A
#
# COMPACT_ATOMS: atom_id res chain seq x y z
N MET A 1 -5.36 22.70 -50.37
CA MET A 1 -5.96 21.43 -49.92
C MET A 1 -5.72 21.24 -48.43
N GLY A 2 -6.71 20.71 -47.74
CA GLY A 2 -6.60 20.52 -46.30
C GLY A 2 -6.14 19.12 -45.93
N GLN A 3 -7.10 18.25 -45.64
CA GLN A 3 -6.80 16.90 -45.20
C GLN A 3 -7.07 15.89 -46.32
N PRO A 4 -6.31 14.79 -46.33
CA PRO A 4 -6.51 13.70 -47.29
C PRO A 4 -7.88 13.04 -47.11
N PRO A 5 -8.64 12.86 -48.21
CA PRO A 5 -9.98 12.28 -48.16
C PRO A 5 -9.96 10.79 -47.81
N ALA A 6 -10.67 10.44 -46.75
CA ALA A 6 -10.78 9.06 -46.31
C ALA A 6 -12.23 8.71 -45.96
N GLU A 7 -13.15 9.55 -46.42
CA GLU A 7 -14.55 9.38 -46.11
C GLU A 7 -15.32 8.95 -47.35
N GLU A 8 -15.95 7.78 -47.27
CA GLU A 8 -16.69 7.21 -48.39
C GLU A 8 -18.18 7.14 -48.03
N ALA A 9 -19.02 7.09 -49.06
CA ALA A 9 -20.48 7.05 -48.92
C ALA A 9 -21.01 8.39 -48.39
N GLU A 10 -22.31 8.45 -48.12
CA GLU A 10 -22.93 9.67 -47.63
C GLU A 10 -23.71 9.39 -46.35
N GLN A 11 -24.89 8.80 -46.49
CA GLN A 11 -25.74 8.49 -45.35
C GLN A 11 -26.16 7.03 -45.39
N PRO A 12 -25.74 6.23 -44.41
CA PRO A 12 -26.12 4.82 -44.29
C PRO A 12 -27.48 4.66 -43.59
N GLY A 13 -28.22 5.75 -43.51
CA GLY A 13 -29.51 5.71 -42.86
C GLY A 13 -29.61 6.67 -41.71
N ALA A 14 -28.79 6.46 -40.69
CA ALA A 14 -28.80 7.32 -39.52
C ALA A 14 -27.71 8.37 -39.61
N LEU A 15 -27.75 9.33 -38.70
CA LEU A 15 -26.76 10.40 -38.66
C LEU A 15 -26.24 10.61 -37.23
N ALA A 16 -27.17 10.69 -36.29
CA ALA A 16 -26.86 10.95 -34.88
C ALA A 16 -26.27 12.35 -34.69
N ARG A 17 -27.13 13.30 -34.32
CA ARG A 17 -26.71 14.68 -34.13
C ARG A 17 -26.06 14.89 -32.75
N GLU A 18 -25.63 16.12 -32.50
CA GLU A 18 -25.06 16.51 -31.20
C GLU A 18 -26.16 16.61 -30.13
N PHE A 19 -26.83 15.49 -29.89
CA PHE A 19 -27.96 15.45 -28.99
C PHE A 19 -27.52 15.38 -27.53
N LEU A 20 -26.83 14.30 -27.16
CA LEU A 20 -26.40 14.11 -25.78
C LEU A 20 -24.89 14.20 -25.65
N ALA A 21 -24.43 15.27 -25.02
CA ALA A 21 -23.01 15.48 -24.81
C ALA A 21 -22.72 15.83 -23.35
N ALA A 22 -22.01 14.92 -22.69
CA ALA A 22 -21.58 15.12 -21.31
C ALA A 22 -20.24 14.42 -21.08
N MET A 23 -19.42 14.43 -22.12
CA MET A 23 -18.16 13.71 -22.11
C MET A 23 -17.01 14.67 -22.38
N GLU A 24 -17.31 15.96 -22.24
CA GLU A 24 -16.37 17.02 -22.52
C GLU A 24 -15.19 16.97 -21.55
N PRO A 25 -13.99 16.66 -22.08
CA PRO A 25 -12.79 16.50 -21.26
C PRO A 25 -12.07 17.82 -21.03
N GLU A 26 -12.38 18.47 -19.92
CA GLU A 26 -11.74 19.72 -19.57
C GLU A 26 -10.65 19.49 -18.53
N PRO A 27 -9.55 20.27 -18.60
CA PRO A 27 -8.42 20.13 -17.67
C PRO A 27 -8.83 20.30 -16.22
N ALA A 28 -8.61 19.26 -15.43
CA ALA A 28 -8.92 19.28 -14.01
C ALA A 28 -7.66 19.40 -13.18
N PRO A 29 -7.73 20.13 -12.06
CA PRO A 29 -6.59 20.28 -11.14
C PRO A 29 -6.18 18.97 -10.50
N ALA A 30 -4.93 18.92 -10.07
CA ALA A 30 -4.35 17.74 -9.43
C ALA A 30 -4.33 16.53 -10.37
N PRO A 31 -3.34 16.48 -11.29
CA PRO A 31 -3.15 15.33 -12.17
C PRO A 31 -2.73 14.08 -11.40
N ALA A 32 -3.71 13.24 -11.09
CA ALA A 32 -3.45 12.00 -10.39
C ALA A 32 -3.70 10.81 -11.31
N PRO A 33 -2.75 9.86 -11.38
CA PRO A 33 -2.88 8.68 -12.23
C PRO A 33 -3.98 7.73 -11.75
N GLU A 34 -4.36 7.89 -10.47
CA GLU A 34 -5.39 7.07 -9.82
C GLU A 34 -4.89 5.63 -9.59
N GLU A 35 -4.47 4.97 -10.64
CA GLU A 35 -3.92 3.63 -10.52
C GLU A 35 -2.41 3.70 -10.33
N TRP A 36 -1.95 3.41 -9.12
CA TRP A 36 -0.53 3.52 -8.81
C TRP A 36 0.18 2.19 -8.97
N LEU A 37 1.38 2.10 -8.41
CA LEU A 37 2.17 0.89 -8.43
C LEU A 37 1.52 -0.17 -7.55
N ASP A 38 0.97 -1.21 -8.16
CA ASP A 38 0.44 -2.32 -7.39
C ASP A 38 1.56 -3.18 -6.84
N ILE A 39 1.54 -3.34 -5.53
CA ILE A 39 2.53 -4.11 -4.79
C ILE A 39 2.61 -5.55 -5.32
N LEU A 40 1.47 -6.10 -5.69
CA LEU A 40 1.41 -7.48 -6.17
C LEU A 40 1.09 -7.51 -7.66
N GLY A 41 0.88 -6.33 -8.22
CA GLY A 41 0.43 -6.21 -9.58
C GLY A 41 -0.95 -6.83 -9.78
N ASN A 42 -1.71 -6.89 -8.69
CA ASN A 42 -3.04 -7.52 -8.71
C ASN A 42 -4.14 -6.49 -8.94
N GLY A 43 -3.84 -5.24 -8.63
CA GLY A 43 -4.78 -4.17 -8.91
C GLY A 43 -5.46 -3.66 -7.66
N LEU A 44 -5.41 -4.46 -6.60
CA LEU A 44 -6.14 -4.14 -5.39
C LEU A 44 -5.25 -3.43 -4.38
N LEU A 45 -3.94 -3.64 -4.50
CA LEU A 45 -2.98 -3.17 -3.51
C LEU A 45 -1.89 -2.28 -4.13
N ARG A 46 -2.04 -0.97 -4.00
CA ARG A 46 -1.13 -0.04 -4.67
C ARG A 46 -0.58 1.01 -3.71
N LYS A 47 0.70 1.33 -3.86
CA LYS A 47 1.39 2.28 -2.96
C LYS A 47 1.75 3.57 -3.72
N LYS A 48 1.32 4.71 -3.19
CA LYS A 48 1.65 5.99 -3.80
C LYS A 48 2.50 6.84 -2.86
N THR A 49 3.69 7.20 -3.31
CA THR A 49 4.61 8.00 -2.52
C THR A 49 4.18 9.46 -2.48
N LEU A 50 3.73 9.91 -1.31
CA LEU A 50 3.48 11.32 -1.09
C LEU A 50 4.83 12.00 -0.97
N VAL A 51 5.62 11.42 -0.08
CA VAL A 51 7.02 11.73 0.08
C VAL A 51 7.76 10.43 0.15
N PRO A 52 8.84 10.26 -0.62
CA PRO A 52 9.59 9.02 -0.68
C PRO A 52 10.96 9.08 0.00
N GLY A 53 10.97 9.44 1.28
CA GLY A 53 12.21 9.51 2.04
C GLY A 53 12.96 10.81 1.81
N PRO A 54 12.75 11.81 2.68
CA PRO A 54 13.45 13.10 2.59
C PRO A 54 14.99 13.01 2.67
N PRO A 55 15.58 12.26 3.63
CA PRO A 55 17.03 12.16 3.76
C PRO A 55 17.59 10.94 3.04
N GLY A 56 18.79 10.52 3.45
CA GLY A 56 19.36 9.29 2.93
C GLY A 56 18.74 8.09 3.62
N SER A 57 17.48 7.86 3.31
CA SER A 57 16.66 6.88 3.98
C SER A 57 17.16 5.45 3.77
N SER A 58 16.50 4.54 4.46
CA SER A 58 16.78 3.12 4.39
C SER A 58 15.48 2.36 4.55
N ARG A 59 15.29 1.30 3.80
CA ARG A 59 14.08 0.51 3.92
C ARG A 59 14.28 -0.57 4.96
N PRO A 60 13.50 -0.51 6.06
CA PRO A 60 13.52 -1.50 7.13
C PRO A 60 13.35 -2.93 6.62
N VAL A 61 13.97 -3.87 7.31
CA VAL A 61 13.88 -5.26 6.91
C VAL A 61 12.75 -5.93 7.69
N LYS A 62 12.17 -6.96 7.12
CA LYS A 62 11.15 -7.73 7.80
C LYS A 62 11.76 -8.40 9.01
N GLY A 63 11.20 -8.06 10.16
CA GLY A 63 11.77 -8.43 11.42
C GLY A 63 11.89 -7.21 12.30
N GLN A 64 12.32 -6.10 11.71
CA GLN A 64 12.46 -4.87 12.46
C GLN A 64 11.08 -4.36 12.82
N VAL A 65 10.90 -3.99 14.07
CA VAL A 65 9.64 -3.38 14.46
C VAL A 65 9.69 -1.90 14.14
N VAL A 66 8.79 -1.49 13.29
CA VAL A 66 8.80 -0.15 12.76
C VAL A 66 7.57 0.63 13.17
N THR A 67 7.77 1.92 13.40
CA THR A 67 6.68 2.79 13.75
C THR A 67 6.03 3.37 12.50
N VAL A 68 4.79 3.00 12.26
CA VAL A 68 4.05 3.63 11.19
C VAL A 68 2.93 4.48 11.75
N HIS A 69 2.68 5.59 11.10
CA HIS A 69 1.50 6.36 11.39
C HIS A 69 0.51 6.10 10.28
N LEU A 70 -0.63 5.53 10.60
CA LEU A 70 -1.62 5.34 9.57
C LEU A 70 -2.89 6.09 9.90
N GLN A 71 -3.44 6.70 8.88
CA GLN A 71 -4.78 7.22 8.92
C GLN A 71 -5.43 6.75 7.66
N THR A 72 -6.40 5.92 7.82
CA THR A 72 -6.96 5.21 6.72
C THR A 72 -8.31 5.76 6.32
N SER A 73 -8.47 5.96 5.04
CA SER A 73 -9.70 6.42 4.48
C SER A 73 -10.40 5.26 3.80
N LEU A 74 -11.69 5.37 3.67
CA LEU A 74 -12.45 4.46 2.87
C LEU A 74 -12.31 4.85 1.41
N GLU A 75 -12.73 3.97 0.51
CA GLU A 75 -12.63 4.26 -0.91
C GLU A 75 -13.42 5.50 -1.30
N ASN A 76 -14.31 5.96 -0.41
CA ASN A 76 -15.07 7.18 -0.66
C ASN A 76 -14.36 8.39 -0.06
N GLY A 77 -13.40 8.13 0.82
CA GLY A 77 -12.66 9.22 1.45
C GLY A 77 -12.86 9.30 2.95
N THR A 78 -13.72 8.46 3.50
CA THR A 78 -14.02 8.50 4.94
C THR A 78 -12.88 7.89 5.74
N ARG A 79 -12.18 8.72 6.49
CA ARG A 79 -11.11 8.22 7.34
C ARG A 79 -11.67 7.56 8.57
N VAL A 80 -11.48 6.26 8.63
CA VAL A 80 -12.13 5.42 9.61
C VAL A 80 -11.23 5.10 10.79
N GLN A 81 -9.95 5.37 10.65
CA GLN A 81 -8.99 5.02 11.67
C GLN A 81 -7.76 5.89 11.56
N GLU A 82 -7.27 6.37 12.71
CA GLU A 82 -6.05 7.12 12.77
C GLU A 82 -5.21 6.66 13.94
N GLU A 83 -3.95 6.38 13.67
CA GLU A 83 -3.02 5.95 14.68
C GLU A 83 -1.65 6.52 14.40
N PRO A 84 -1.19 7.43 15.27
CA PRO A 84 0.04 8.21 15.07
C PRO A 84 1.30 7.36 15.13
N GLU A 85 1.19 6.15 15.66
CA GLU A 85 2.36 5.31 15.86
C GLU A 85 1.97 3.88 16.16
N LEU A 86 2.29 3.04 15.22
CA LEU A 86 2.10 1.62 15.33
C LEU A 86 3.40 0.92 15.04
N VAL A 87 3.99 0.32 16.07
CA VAL A 87 5.24 -0.41 15.89
C VAL A 87 4.95 -1.90 15.81
N PHE A 88 5.41 -2.54 14.75
CA PHE A 88 5.05 -3.93 14.48
C PHE A 88 6.19 -4.69 13.85
N THR A 89 6.12 -6.01 13.93
CA THR A 89 7.13 -6.86 13.35
C THR A 89 6.92 -7.00 11.85
N LEU A 90 7.78 -6.35 11.06
CA LEU A 90 7.69 -6.40 9.60
C LEU A 90 7.81 -7.84 9.11
N GLY A 91 6.95 -8.23 8.20
CA GLY A 91 7.07 -9.53 7.57
C GLY A 91 6.50 -10.65 8.39
N ASP A 92 6.08 -10.32 9.60
CA ASP A 92 5.57 -11.33 10.50
C ASP A 92 4.08 -11.19 10.59
N CYS A 93 3.53 -10.43 9.63
CA CYS A 93 2.10 -10.22 9.51
C CYS A 93 1.55 -9.72 10.82
N ASP A 94 2.31 -8.84 11.46
CA ASP A 94 1.94 -8.29 12.75
C ASP A 94 0.87 -7.23 12.52
N VAL A 95 0.59 -7.02 11.23
CA VAL A 95 -0.35 -6.01 10.77
C VAL A 95 -1.18 -6.54 9.62
N ILE A 96 -1.71 -5.63 8.81
CA ILE A 96 -2.40 -6.00 7.61
C ILE A 96 -1.36 -6.22 6.53
N GLN A 97 -1.55 -7.25 5.73
CA GLN A 97 -0.53 -7.68 4.79
C GLN A 97 -0.18 -6.56 3.82
N ALA A 98 -1.16 -5.70 3.51
CA ALA A 98 -0.93 -4.53 2.67
C ALA A 98 0.18 -3.67 3.25
N LEU A 99 0.11 -3.48 4.55
CA LEU A 99 1.08 -2.63 5.24
C LEU A 99 2.39 -3.36 5.39
N ASP A 100 2.30 -4.65 5.65
CA ASP A 100 3.45 -5.48 5.93
C ASP A 100 4.38 -5.48 4.73
N LEU A 101 3.79 -5.33 3.55
CA LEU A 101 4.54 -5.24 2.31
C LEU A 101 4.89 -3.78 1.97
N SER A 102 3.98 -2.86 2.28
CA SER A 102 4.14 -1.47 1.88
C SER A 102 5.35 -0.84 2.57
N VAL A 103 5.65 -1.31 3.77
CA VAL A 103 6.78 -0.79 4.53
C VAL A 103 8.12 -1.11 3.86
N PRO A 104 8.39 -2.38 3.52
CA PRO A 104 9.56 -2.75 2.71
C PRO A 104 9.63 -1.95 1.40
N LEU A 105 8.47 -1.57 0.91
CA LEU A 105 8.38 -0.77 -0.31
C LEU A 105 8.52 0.72 -0.02
N MET A 106 8.46 1.04 1.26
CA MET A 106 8.66 2.41 1.75
C MET A 106 10.07 2.59 2.30
N ASP A 107 10.66 3.75 2.06
CA ASP A 107 11.94 4.07 2.68
C ASP A 107 11.66 4.75 4.01
N VAL A 108 12.62 4.70 4.92
CA VAL A 108 12.40 5.28 6.23
C VAL A 108 12.25 6.79 6.13
N GLY A 109 11.16 7.28 6.68
CA GLY A 109 10.93 8.70 6.74
C GLY A 109 9.91 9.16 5.72
N GLU A 110 9.42 8.24 4.89
CA GLU A 110 8.48 8.61 3.86
C GLU A 110 7.06 8.37 4.30
N THR A 111 6.13 8.89 3.54
CA THR A 111 4.73 8.71 3.81
C THR A 111 4.06 8.26 2.53
N ALA A 112 3.52 7.07 2.57
CA ALA A 112 2.92 6.48 1.39
C ALA A 112 1.44 6.29 1.60
N MET A 113 0.66 6.67 0.60
CA MET A 113 -0.76 6.43 0.61
C MET A 113 -1.00 5.16 -0.18
N VAL A 114 -1.51 4.15 0.47
CA VAL A 114 -1.71 2.88 -0.16
C VAL A 114 -3.18 2.59 -0.27
N THR A 115 -3.64 2.21 -1.43
CA THR A 115 -4.97 1.73 -1.55
C THR A 115 -4.93 0.24 -1.71
N ALA A 116 -5.42 -0.43 -0.70
CA ALA A 116 -5.40 -1.86 -0.61
C ALA A 116 -6.79 -2.38 -0.39
N ASP A 117 -7.17 -3.39 -1.14
CA ASP A 117 -8.45 -4.02 -0.94
C ASP A 117 -8.58 -4.42 0.53
N SER A 118 -9.79 -4.35 1.05
CA SER A 118 -10.03 -4.69 2.44
C SER A 118 -9.47 -6.09 2.74
N LYS A 119 -9.44 -6.95 1.73
CA LYS A 119 -8.86 -8.28 1.88
C LYS A 119 -7.41 -8.23 2.36
N TYR A 120 -6.69 -7.13 2.06
CA TYR A 120 -5.33 -6.96 2.55
C TYR A 120 -5.34 -6.04 3.76
N CYS A 121 -6.53 -5.61 4.13
CA CYS A 121 -6.72 -4.70 5.22
C CYS A 121 -7.59 -5.35 6.30
N TYR A 122 -8.91 -5.14 6.22
CA TYR A 122 -9.81 -5.75 7.19
C TYR A 122 -11.12 -6.21 6.54
N GLY A 123 -11.04 -6.85 5.36
CA GLY A 123 -12.23 -7.31 4.65
C GLY A 123 -13.19 -8.12 5.52
N PRO A 124 -13.02 -9.43 5.60
CA PRO A 124 -13.79 -10.28 6.51
C PRO A 124 -13.17 -10.30 7.89
N GLN A 125 -12.27 -9.36 8.13
CA GLN A 125 -11.52 -9.28 9.36
C GLN A 125 -12.08 -8.17 10.23
N GLY A 126 -12.35 -7.04 9.58
CA GLY A 126 -12.84 -5.87 10.26
C GLY A 126 -11.76 -5.15 11.02
N SER A 127 -11.87 -3.84 11.04
CA SER A 127 -10.87 -3.01 11.68
C SER A 127 -11.23 -2.73 13.14
N ARG A 128 -10.21 -2.35 13.91
CA ARG A 128 -10.34 -2.17 15.36
C ARG A 128 -11.49 -1.25 15.71
N SER A 129 -11.45 -0.04 15.16
CA SER A 129 -12.51 0.92 15.39
C SER A 129 -13.75 0.54 14.57
N PRO A 130 -13.69 0.56 13.22
CA PRO A 130 -14.79 0.10 12.40
C PRO A 130 -14.50 -1.25 11.75
N TYR A 131 -15.36 -2.22 11.94
CA TYR A 131 -15.32 -3.41 11.12
C TYR A 131 -15.48 -3.00 9.67
N ILE A 132 -14.35 -2.89 8.98
CA ILE A 132 -14.33 -2.44 7.60
C ILE A 132 -15.05 -3.46 6.72
N PRO A 133 -15.95 -3.01 5.84
CA PRO A 133 -16.67 -3.88 4.91
C PRO A 133 -15.73 -4.73 4.06
N PRO A 134 -16.09 -6.00 3.84
CA PRO A 134 -15.30 -6.92 3.02
C PRO A 134 -15.05 -6.38 1.62
N HIS A 135 -13.82 -6.59 1.15
CA HIS A 135 -13.36 -6.15 -0.18
C HIS A 135 -13.69 -4.69 -0.48
N ALA A 136 -13.79 -3.88 0.56
CA ALA A 136 -13.89 -2.45 0.39
C ALA A 136 -12.48 -1.87 0.28
N ALA A 137 -12.25 -1.00 -0.68
CA ALA A 137 -10.89 -0.56 -0.95
C ALA A 137 -10.45 0.47 0.08
N LEU A 138 -9.47 0.09 0.88
CA LEU A 138 -8.99 0.93 1.96
C LEU A 138 -7.85 1.81 1.45
N CYS A 139 -7.91 3.10 1.74
CA CYS A 139 -6.85 4.01 1.34
C CYS A 139 -6.18 4.57 2.57
N LEU A 140 -5.03 4.02 2.90
CA LEU A 140 -4.37 4.34 4.15
C LEU A 140 -3.06 5.07 3.93
N GLU A 141 -2.85 6.09 4.72
CA GLU A 141 -1.66 6.92 4.61
C GLU A 141 -0.70 6.56 5.74
N VAL A 142 0.43 5.95 5.40
CA VAL A 142 1.35 5.45 6.40
C VAL A 142 2.69 6.19 6.40
N THR A 143 2.95 6.84 7.53
CA THR A 143 4.23 7.47 7.81
C THR A 143 5.18 6.47 8.46
N LEU A 144 6.19 6.04 7.74
CA LEU A 144 7.24 5.22 8.32
C LEU A 144 8.23 6.14 9.01
N LYS A 145 8.00 6.36 10.30
CA LYS A 145 8.75 7.37 11.02
C LYS A 145 10.01 6.76 11.63
N THR A 146 9.94 5.50 11.98
CA THR A 146 11.05 4.86 12.65
C THR A 146 11.14 3.39 12.29
N ALA A 147 12.35 2.86 12.33
CA ALA A 147 12.58 1.44 12.18
C ALA A 147 13.65 0.99 13.15
N VAL A 148 13.37 -0.04 13.94
CA VAL A 148 14.34 -0.52 14.91
C VAL A 148 14.48 -2.03 14.82
N ASP A 149 15.67 -2.53 15.03
CA ASP A 149 15.96 -3.93 14.85
C ASP A 149 15.76 -4.67 16.17
N LEU A 150 14.82 -5.61 16.18
CA LEU A 150 14.46 -6.30 17.41
C LEU A 150 14.19 -7.77 17.12
N GLU A 151 14.53 -8.18 15.91
CA GLU A 151 14.22 -9.53 15.46
C GLU A 151 15.51 -10.31 15.23
N HIS A 152 15.79 -11.22 16.15
CA HIS A 152 17.02 -12.03 16.07
C HIS A 152 16.73 -13.44 16.56
N HIS A 153 15.45 -13.82 16.63
CA HIS A 153 15.07 -15.09 17.23
C HIS A 153 14.51 -16.03 16.17
N HIS A 154 14.78 -17.33 16.34
CA HIS A 154 14.34 -18.37 15.41
C HIS A 154 14.98 -18.20 14.03
N HIS A 155 14.50 -19.02 13.09
CA HIS A 155 14.94 -18.98 11.71
C HIS A 155 14.02 -19.88 10.90
N HIS A 156 14.09 -19.81 9.58
CA HIS A 156 13.28 -20.68 8.74
C HIS A 156 14.02 -21.06 7.46
N HIS A 157 13.82 -22.29 7.03
CA HIS A 157 14.45 -22.78 5.81
C HIS A 157 13.58 -23.88 5.22
N MET A 1 -4.74 -38.94 -39.27
CA MET A 1 -3.87 -37.88 -39.80
C MET A 1 -4.66 -37.00 -40.77
N GLY A 2 -4.86 -35.75 -40.37
CA GLY A 2 -5.55 -34.79 -41.23
C GLY A 2 -4.61 -33.73 -41.71
N GLN A 3 -3.53 -33.54 -40.95
CA GLN A 3 -2.50 -32.57 -41.30
C GLN A 3 -1.16 -33.30 -41.49
N PRO A 4 -0.95 -33.87 -42.69
CA PRO A 4 0.26 -34.66 -43.00
C PRO A 4 1.57 -33.88 -42.88
N PRO A 5 1.76 -32.74 -43.58
CA PRO A 5 3.00 -31.97 -43.48
C PRO A 5 3.14 -31.28 -42.13
N ALA A 6 4.23 -31.57 -41.43
CA ALA A 6 4.51 -30.93 -40.14
C ALA A 6 5.23 -29.60 -40.37
N GLU A 7 5.41 -29.27 -41.64
CA GLU A 7 6.15 -28.08 -42.04
C GLU A 7 5.29 -26.83 -41.97
N GLU A 8 3.99 -27.01 -41.75
CA GLU A 8 3.06 -25.88 -41.63
C GLU A 8 2.99 -25.38 -40.19
N ALA A 9 4.04 -25.67 -39.43
CA ALA A 9 4.13 -25.22 -38.05
C ALA A 9 5.58 -25.18 -37.59
N GLU A 10 5.97 -24.07 -37.00
CA GLU A 10 7.30 -23.91 -36.46
C GLU A 10 7.27 -22.92 -35.31
N GLN A 11 7.54 -23.42 -34.11
CA GLN A 11 7.49 -22.60 -32.92
C GLN A 11 8.52 -23.09 -31.90
N PRO A 12 9.75 -22.59 -32.02
CA PRO A 12 10.84 -22.94 -31.11
C PRO A 12 10.81 -22.14 -29.81
N GLY A 13 11.30 -20.90 -29.86
CA GLY A 13 11.30 -20.06 -28.69
C GLY A 13 11.24 -18.59 -29.03
N ALA A 14 10.25 -18.22 -29.83
CA ALA A 14 10.10 -16.84 -30.29
C ALA A 14 9.38 -15.98 -29.26
N LEU A 15 9.57 -16.29 -27.99
CA LEU A 15 8.94 -15.54 -26.91
C LEU A 15 9.87 -14.44 -26.41
N ALA A 16 9.60 -13.20 -26.79
CA ALA A 16 10.36 -12.06 -26.35
C ALA A 16 9.62 -11.34 -25.24
N ARG A 17 10.05 -11.56 -24.01
CA ARG A 17 9.40 -10.98 -22.85
C ARG A 17 10.43 -10.51 -21.83
N GLU A 18 9.97 -10.21 -20.62
CA GLU A 18 10.85 -9.76 -19.55
C GLU A 18 11.65 -10.94 -18.98
N PHE A 19 12.97 -10.84 -19.06
CA PHE A 19 13.84 -11.88 -18.57
C PHE A 19 14.75 -11.34 -17.47
N LEU A 20 14.66 -10.05 -17.22
CA LEU A 20 15.55 -9.39 -16.28
C LEU A 20 14.74 -8.67 -15.20
N ALA A 21 15.39 -8.36 -14.10
CA ALA A 21 14.72 -7.74 -12.96
C ALA A 21 14.84 -6.22 -13.02
N ALA A 22 15.93 -5.76 -13.68
CA ALA A 22 16.22 -4.33 -13.84
C ALA A 22 16.71 -3.70 -12.54
N MET A 23 17.62 -2.75 -12.65
CA MET A 23 18.18 -2.07 -11.49
C MET A 23 17.43 -0.77 -11.23
N GLU A 24 17.23 -0.01 -12.30
CA GLU A 24 16.47 1.24 -12.23
C GLU A 24 15.90 1.57 -13.59
N PRO A 25 14.58 1.40 -13.75
CA PRO A 25 13.89 1.67 -15.01
C PRO A 25 13.78 3.17 -15.30
N GLU A 26 14.03 3.54 -16.54
CA GLU A 26 13.92 4.93 -16.95
C GLU A 26 12.45 5.31 -17.18
N PRO A 27 12.04 6.46 -16.64
CA PRO A 27 10.64 6.91 -16.69
C PRO A 27 10.13 7.11 -18.12
N ALA A 28 9.19 6.28 -18.52
CA ALA A 28 8.53 6.42 -19.82
C ALA A 28 7.04 6.61 -19.62
N PRO A 29 6.47 7.67 -20.21
CA PRO A 29 5.05 7.99 -20.07
C PRO A 29 4.15 6.94 -20.71
N ALA A 30 3.18 6.45 -19.93
CA ALA A 30 2.23 5.45 -20.41
C ALA A 30 1.10 5.23 -19.40
N PRO A 31 1.42 4.86 -18.13
CA PRO A 31 0.39 4.63 -17.11
C PRO A 31 -0.10 5.93 -16.47
N ALA A 32 -1.18 5.83 -15.71
CA ALA A 32 -1.74 6.99 -15.02
C ALA A 32 -1.09 7.17 -13.65
N PRO A 33 -0.92 8.43 -13.22
CA PRO A 33 -0.29 8.75 -11.92
C PRO A 33 -1.06 8.20 -10.72
N GLU A 34 -2.31 7.82 -10.93
CA GLU A 34 -3.12 7.23 -9.88
C GLU A 34 -3.10 5.70 -9.97
N GLU A 35 -2.35 5.19 -10.93
CA GLU A 35 -2.06 3.78 -10.98
C GLU A 35 -0.66 3.56 -10.42
N TRP A 36 -0.57 3.58 -9.11
CA TRP A 36 0.72 3.54 -8.44
C TRP A 36 1.33 2.15 -8.55
N LEU A 37 2.46 1.97 -7.90
CA LEU A 37 3.14 0.69 -7.90
C LEU A 37 2.33 -0.32 -7.11
N ASP A 38 1.77 -1.29 -7.81
CA ASP A 38 1.07 -2.36 -7.13
C ASP A 38 2.08 -3.32 -6.53
N ILE A 39 1.89 -3.59 -5.25
CA ILE A 39 2.81 -4.40 -4.49
C ILE A 39 2.82 -5.83 -4.99
N LEU A 40 1.74 -6.22 -5.66
CA LEU A 40 1.65 -7.54 -6.25
C LEU A 40 1.55 -7.42 -7.76
N GLY A 41 1.43 -6.19 -8.23
CA GLY A 41 1.23 -5.92 -9.64
C GLY A 41 -0.16 -6.35 -10.11
N ASN A 42 -1.08 -6.53 -9.17
CA ASN A 42 -2.41 -7.02 -9.52
C ASN A 42 -3.44 -5.89 -9.63
N GLY A 43 -3.28 -4.82 -8.87
CA GLY A 43 -4.15 -3.66 -9.02
C GLY A 43 -4.99 -3.40 -7.79
N LEU A 44 -4.81 -4.26 -6.79
CA LEU A 44 -5.58 -4.20 -5.56
C LEU A 44 -4.78 -3.50 -4.46
N LEU A 45 -3.50 -3.74 -4.47
CA LEU A 45 -2.61 -3.29 -3.42
C LEU A 45 -1.49 -2.41 -3.97
N ARG A 46 -1.61 -1.10 -3.81
CA ARG A 46 -0.69 -0.16 -4.45
C ARG A 46 -0.21 0.90 -3.48
N LYS A 47 1.07 1.25 -3.56
CA LYS A 47 1.68 2.22 -2.66
C LYS A 47 2.05 3.51 -3.41
N LYS A 48 1.52 4.63 -2.94
CA LYS A 48 1.88 5.93 -3.52
C LYS A 48 2.85 6.67 -2.61
N THR A 49 4.02 6.95 -3.11
CA THR A 49 5.00 7.72 -2.37
C THR A 49 4.63 9.20 -2.41
N LEU A 50 3.95 9.66 -1.36
CA LEU A 50 3.66 11.07 -1.21
C LEU A 50 4.98 11.81 -1.08
N VAL A 51 5.78 11.26 -0.18
CA VAL A 51 7.18 11.61 0.01
C VAL A 51 7.91 10.33 0.26
N PRO A 52 8.96 10.03 -0.48
CA PRO A 52 9.75 8.83 -0.29
C PRO A 52 11.09 9.08 0.39
N GLY A 53 11.01 9.52 1.65
CA GLY A 53 12.20 9.66 2.46
C GLY A 53 13.12 10.79 2.02
N PRO A 54 14.22 11.01 2.76
CA PRO A 54 15.26 11.93 2.38
C PRO A 54 16.34 11.24 1.54
N PRO A 55 17.20 12.01 0.87
CA PRO A 55 18.29 11.44 0.05
C PRO A 55 19.25 10.60 0.90
N GLY A 56 19.15 9.29 0.75
CA GLY A 56 20.00 8.40 1.52
C GLY A 56 19.26 7.74 2.66
N SER A 57 18.03 7.33 2.39
CA SER A 57 17.22 6.63 3.37
C SER A 57 17.55 5.15 3.40
N SER A 58 16.68 4.36 4.00
CA SER A 58 16.86 2.92 4.03
C SER A 58 15.49 2.27 4.15
N ARG A 59 15.26 1.23 3.38
CA ARG A 59 14.01 0.51 3.41
C ARG A 59 14.11 -0.64 4.40
N PRO A 60 13.41 -0.51 5.55
CA PRO A 60 13.46 -1.48 6.65
C PRO A 60 13.31 -2.93 6.21
N VAL A 61 14.05 -3.81 6.88
CA VAL A 61 14.00 -5.23 6.57
C VAL A 61 12.90 -5.90 7.40
N LYS A 62 12.38 -7.00 6.90
CA LYS A 62 11.35 -7.72 7.60
C LYS A 62 11.89 -8.38 8.84
N GLY A 63 11.36 -7.95 9.97
CA GLY A 63 11.84 -8.38 11.25
C GLY A 63 12.00 -7.21 12.18
N GLN A 64 12.24 -6.04 11.61
CA GLN A 64 12.33 -4.83 12.41
C GLN A 64 10.93 -4.39 12.82
N VAL A 65 10.79 -3.93 14.05
CA VAL A 65 9.56 -3.31 14.43
C VAL A 65 9.64 -1.84 14.04
N VAL A 66 8.66 -1.39 13.30
CA VAL A 66 8.70 -0.06 12.75
C VAL A 66 7.52 0.75 13.23
N THR A 67 7.73 2.04 13.41
CA THR A 67 6.67 2.92 13.82
C THR A 67 6.07 3.60 12.61
N VAL A 68 4.84 3.25 12.32
CA VAL A 68 4.14 3.87 11.23
C VAL A 68 2.99 4.72 11.77
N HIS A 69 2.74 5.84 11.13
CA HIS A 69 1.56 6.59 11.46
C HIS A 69 0.54 6.30 10.40
N LEU A 70 -0.54 5.64 10.78
CA LEU A 70 -1.56 5.35 9.80
C LEU A 70 -2.85 6.09 10.11
N GLN A 71 -3.41 6.65 9.07
CA GLN A 71 -4.77 7.13 9.08
C GLN A 71 -5.38 6.64 7.82
N THR A 72 -6.33 5.77 7.99
CA THR A 72 -6.84 5.02 6.89
C THR A 72 -8.21 5.52 6.48
N SER A 73 -8.37 5.72 5.19
CA SER A 73 -9.60 6.21 4.63
C SER A 73 -10.28 5.10 3.85
N LEU A 74 -11.57 5.22 3.69
CA LEU A 74 -12.33 4.30 2.87
C LEU A 74 -12.19 4.68 1.42
N GLU A 75 -12.59 3.77 0.53
CA GLU A 75 -12.62 4.04 -0.91
C GLU A 75 -13.43 5.30 -1.22
N ASN A 76 -14.31 5.68 -0.27
CA ASN A 76 -15.15 6.86 -0.43
C ASN A 76 -14.47 8.09 0.14
N GLY A 77 -13.34 7.88 0.82
CA GLY A 77 -12.60 8.99 1.40
C GLY A 77 -12.75 9.06 2.92
N THR A 78 -13.65 8.25 3.45
CA THR A 78 -13.96 8.28 4.87
C THR A 78 -12.86 7.64 5.71
N ARG A 79 -12.14 8.45 6.46
CA ARG A 79 -11.10 7.95 7.32
C ARG A 79 -11.70 7.30 8.57
N VAL A 80 -11.34 6.05 8.78
CA VAL A 80 -12.00 5.21 9.76
C VAL A 80 -11.09 4.85 10.93
N GLN A 81 -9.82 5.18 10.82
CA GLN A 81 -8.85 4.84 11.85
C GLN A 81 -7.62 5.73 11.74
N GLU A 82 -7.20 6.28 12.86
CA GLU A 82 -6.05 7.17 12.87
C GLU A 82 -5.19 6.92 14.10
N GLU A 83 -3.95 6.53 13.85
CA GLU A 83 -3.00 6.26 14.92
C GLU A 83 -1.64 6.84 14.57
N PRO A 84 -1.14 7.73 15.44
CA PRO A 84 0.10 8.48 15.21
C PRO A 84 1.35 7.62 15.31
N GLU A 85 1.21 6.42 15.86
CA GLU A 85 2.35 5.55 16.02
C GLU A 85 1.93 4.10 16.23
N LEU A 86 2.13 3.34 15.17
CA LEU A 86 1.86 1.94 15.14
C LEU A 86 3.17 1.18 14.95
N VAL A 87 3.61 0.48 15.98
CA VAL A 87 4.82 -0.30 15.87
C VAL A 87 4.50 -1.78 15.73
N PHE A 88 5.10 -2.44 14.76
CA PHE A 88 4.79 -3.83 14.49
C PHE A 88 5.98 -4.56 13.91
N THR A 89 5.96 -5.89 14.03
CA THR A 89 7.01 -6.72 13.47
C THR A 89 6.83 -6.86 11.96
N LEU A 90 7.71 -6.23 11.19
CA LEU A 90 7.66 -6.30 9.74
C LEU A 90 7.84 -7.74 9.27
N GLY A 91 7.01 -8.18 8.33
CA GLY A 91 7.15 -9.50 7.77
C GLY A 91 6.51 -10.58 8.61
N ASP A 92 5.85 -10.16 9.68
CA ASP A 92 5.25 -11.08 10.62
C ASP A 92 3.75 -11.10 10.45
N CYS A 93 3.27 -10.24 9.56
CA CYS A 93 1.84 -10.03 9.41
C CYS A 93 1.28 -9.52 10.72
N ASP A 94 2.08 -8.71 11.42
CA ASP A 94 1.70 -8.16 12.70
C ASP A 94 0.66 -7.07 12.48
N VAL A 95 0.39 -6.84 11.20
CA VAL A 95 -0.55 -5.84 10.74
C VAL A 95 -1.35 -6.39 9.57
N ILE A 96 -1.83 -5.50 8.71
CA ILE A 96 -2.47 -5.90 7.49
C ILE A 96 -1.37 -6.15 6.48
N GLN A 97 -1.51 -7.22 5.71
CA GLN A 97 -0.45 -7.65 4.82
C GLN A 97 -0.08 -6.54 3.84
N ALA A 98 -1.06 -5.72 3.49
CA ALA A 98 -0.83 -4.55 2.64
C ALA A 98 0.27 -3.68 3.23
N LEU A 99 0.16 -3.41 4.51
CA LEU A 99 1.11 -2.54 5.20
C LEU A 99 2.44 -3.25 5.39
N ASP A 100 2.34 -4.54 5.68
CA ASP A 100 3.50 -5.36 5.97
C ASP A 100 4.43 -5.41 4.77
N LEU A 101 3.83 -5.27 3.59
CA LEU A 101 4.57 -5.23 2.34
C LEU A 101 4.94 -3.79 1.97
N SER A 102 4.05 -2.85 2.29
CA SER A 102 4.24 -1.45 1.91
C SER A 102 5.47 -0.86 2.58
N VAL A 103 5.72 -1.27 3.82
CA VAL A 103 6.82 -0.73 4.60
C VAL A 103 8.19 -1.00 3.98
N PRO A 104 8.55 -2.27 3.70
CA PRO A 104 9.81 -2.59 3.02
C PRO A 104 9.85 -2.04 1.59
N LEU A 105 8.69 -1.75 1.05
CA LEU A 105 8.59 -1.08 -0.25
C LEU A 105 8.75 0.43 -0.11
N MET A 106 8.67 0.91 1.12
CA MET A 106 8.77 2.33 1.39
C MET A 106 10.12 2.65 2.06
N ASP A 107 10.59 3.89 1.90
CA ASP A 107 11.85 4.31 2.49
C ASP A 107 11.62 4.86 3.87
N VAL A 108 12.63 4.77 4.72
CA VAL A 108 12.54 5.31 6.07
C VAL A 108 12.36 6.82 6.00
N GLY A 109 11.32 7.28 6.67
CA GLY A 109 11.05 8.70 6.75
C GLY A 109 10.09 9.16 5.68
N GLU A 110 9.44 8.23 4.99
CA GLU A 110 8.52 8.59 3.93
C GLU A 110 7.08 8.51 4.41
N THR A 111 6.17 9.03 3.61
CA THR A 111 4.76 8.90 3.87
C THR A 111 4.10 8.41 2.62
N ALA A 112 3.47 7.25 2.70
CA ALA A 112 2.89 6.64 1.53
C ALA A 112 1.39 6.45 1.71
N MET A 113 0.65 6.75 0.68
CA MET A 113 -0.76 6.46 0.66
C MET A 113 -0.94 5.16 -0.10
N VAL A 114 -1.43 4.15 0.59
CA VAL A 114 -1.56 2.85 -0.01
C VAL A 114 -3.01 2.49 -0.14
N THR A 115 -3.40 2.09 -1.32
CA THR A 115 -4.72 1.58 -1.50
C THR A 115 -4.64 0.09 -1.63
N ALA A 116 -5.19 -0.56 -0.65
CA ALA A 116 -5.21 -1.99 -0.59
C ALA A 116 -6.63 -2.45 -0.52
N ASP A 117 -6.91 -3.55 -1.18
CA ASP A 117 -8.22 -4.13 -1.10
C ASP A 117 -8.55 -4.45 0.35
N SER A 118 -9.83 -4.52 0.64
CA SER A 118 -10.34 -4.91 1.94
C SER A 118 -9.63 -6.16 2.44
N LYS A 119 -9.48 -7.10 1.54
CA LYS A 119 -8.88 -8.38 1.84
C LYS A 119 -7.45 -8.24 2.36
N TYR A 120 -6.74 -7.18 1.95
CA TYR A 120 -5.39 -6.95 2.44
C TYR A 120 -5.44 -5.99 3.62
N CYS A 121 -6.65 -5.63 3.98
CA CYS A 121 -6.88 -4.70 5.06
C CYS A 121 -7.77 -5.33 6.12
N TYR A 122 -9.10 -5.14 6.02
CA TYR A 122 -10.01 -5.76 6.97
C TYR A 122 -11.35 -6.13 6.33
N GLY A 123 -11.34 -6.60 5.07
CA GLY A 123 -12.59 -7.02 4.43
C GLY A 123 -13.37 -8.02 5.26
N PRO A 124 -13.04 -9.32 5.18
CA PRO A 124 -13.72 -10.35 5.99
C PRO A 124 -13.17 -10.37 7.41
N GLN A 125 -12.32 -9.40 7.73
CA GLN A 125 -11.62 -9.37 9.00
C GLN A 125 -12.25 -8.35 9.93
N GLY A 126 -12.48 -7.17 9.38
CA GLY A 126 -12.93 -6.05 10.16
C GLY A 126 -11.81 -5.36 10.89
N SER A 127 -11.89 -4.05 10.95
CA SER A 127 -10.84 -3.25 11.52
C SER A 127 -11.03 -2.98 13.01
N ARG A 128 -9.91 -2.63 13.65
CA ARG A 128 -9.85 -2.41 15.10
C ARG A 128 -10.96 -1.49 15.58
N SER A 129 -11.07 -0.32 14.98
CA SER A 129 -12.11 0.61 15.36
C SER A 129 -13.43 0.25 14.65
N PRO A 130 -13.50 0.30 13.31
CA PRO A 130 -14.67 -0.14 12.57
C PRO A 130 -14.44 -1.47 11.88
N TYR A 131 -15.30 -2.45 12.10
CA TYR A 131 -15.36 -3.60 11.23
C TYR A 131 -15.57 -3.14 9.81
N ILE A 132 -14.49 -3.05 9.06
CA ILE A 132 -14.55 -2.61 7.68
C ILE A 132 -15.30 -3.66 6.86
N PRO A 133 -16.39 -3.26 6.19
CA PRO A 133 -17.18 -4.19 5.37
C PRO A 133 -16.33 -4.89 4.31
N PRO A 134 -16.54 -6.20 4.11
CA PRO A 134 -15.78 -6.98 3.14
C PRO A 134 -15.85 -6.40 1.74
N HIS A 135 -14.67 -6.27 1.17
CA HIS A 135 -14.46 -5.72 -0.17
C HIS A 135 -14.65 -4.20 -0.22
N ALA A 136 -14.48 -3.54 0.91
CA ALA A 136 -14.35 -2.10 0.91
C ALA A 136 -12.88 -1.75 0.77
N ALA A 137 -12.52 -1.11 -0.32
CA ALA A 137 -11.12 -0.84 -0.62
C ALA A 137 -10.59 0.23 0.31
N LEU A 138 -9.43 -0.04 0.90
CA LEU A 138 -8.90 0.83 1.92
C LEU A 138 -7.76 1.71 1.39
N CYS A 139 -7.83 2.99 1.68
CA CYS A 139 -6.79 3.92 1.30
C CYS A 139 -6.15 4.50 2.56
N LEU A 140 -5.00 3.96 2.91
CA LEU A 140 -4.37 4.27 4.17
C LEU A 140 -3.08 5.05 3.97
N GLU A 141 -2.87 6.06 4.79
CA GLU A 141 -1.68 6.89 4.68
C GLU A 141 -0.74 6.56 5.83
N VAL A 142 0.44 6.03 5.51
CA VAL A 142 1.36 5.59 6.54
C VAL A 142 2.68 6.37 6.53
N THR A 143 2.96 7.00 7.65
CA THR A 143 4.25 7.64 7.90
C THR A 143 5.22 6.65 8.52
N LEU A 144 6.22 6.23 7.76
CA LEU A 144 7.28 5.41 8.33
C LEU A 144 8.28 6.33 9.02
N LYS A 145 8.08 6.49 10.31
CA LYS A 145 8.83 7.48 11.06
C LYS A 145 10.11 6.86 11.60
N THR A 146 10.12 5.55 11.78
CA THR A 146 11.27 4.89 12.38
C THR A 146 11.25 3.40 12.06
N ALA A 147 12.44 2.82 11.94
CA ALA A 147 12.59 1.37 11.88
C ALA A 147 13.54 0.92 12.98
N VAL A 148 13.11 -0.04 13.78
CA VAL A 148 13.91 -0.52 14.89
C VAL A 148 14.20 -2.00 14.70
N ASP A 149 15.45 -2.35 14.63
CA ASP A 149 15.83 -3.72 14.42
C ASP A 149 15.60 -4.49 15.71
N LEU A 150 14.69 -5.44 15.64
CA LEU A 150 14.22 -6.11 16.82
C LEU A 150 13.75 -7.50 16.46
N GLU A 151 14.27 -8.00 15.35
CA GLU A 151 13.98 -9.34 14.89
C GLU A 151 14.71 -10.33 15.79
N HIS A 152 15.89 -10.76 15.35
CA HIS A 152 16.78 -11.62 16.13
C HIS A 152 16.01 -12.66 16.93
N HIS A 153 15.38 -13.61 16.24
CA HIS A 153 14.60 -14.66 16.90
C HIS A 153 15.46 -15.61 17.73
N HIS A 154 16.73 -15.28 17.87
CA HIS A 154 17.64 -16.03 18.73
C HIS A 154 17.50 -15.55 20.17
N HIS A 155 16.68 -16.23 20.94
CA HIS A 155 16.52 -15.91 22.36
C HIS A 155 16.39 -17.17 23.19
N HIS A 156 17.05 -17.19 24.35
CA HIS A 156 17.03 -18.34 25.25
C HIS A 156 17.55 -17.93 26.62
N HIS A 157 16.73 -18.13 27.65
CA HIS A 157 17.16 -17.86 29.01
C HIS A 157 17.47 -19.17 29.73
N MET A 1 -21.11 -22.05 -37.32
CA MET A 1 -21.83 -20.78 -37.51
C MET A 1 -21.84 -19.99 -36.21
N GLY A 2 -22.19 -18.70 -36.28
CA GLY A 2 -22.14 -17.87 -35.10
C GLY A 2 -23.51 -17.38 -34.66
N GLN A 3 -24.25 -16.78 -35.58
CA GLN A 3 -25.57 -16.24 -35.29
C GLN A 3 -26.65 -17.14 -35.84
N PRO A 4 -27.88 -17.08 -35.26
CA PRO A 4 -29.05 -17.79 -35.77
C PRO A 4 -29.31 -17.55 -37.27
N PRO A 5 -29.35 -16.28 -37.75
CA PRO A 5 -29.51 -16.01 -39.18
C PRO A 5 -28.26 -16.37 -39.98
N ALA A 6 -28.42 -17.24 -40.95
CA ALA A 6 -27.33 -17.67 -41.82
C ALA A 6 -27.48 -17.02 -43.19
N GLU A 7 -28.36 -16.03 -43.25
CA GLU A 7 -28.63 -15.31 -44.49
C GLU A 7 -27.67 -14.12 -44.63
N GLU A 8 -27.05 -13.75 -43.52
CA GLU A 8 -26.14 -12.61 -43.50
C GLU A 8 -24.71 -13.06 -43.78
N ALA A 9 -24.14 -12.55 -44.87
CA ALA A 9 -22.78 -12.89 -45.26
C ALA A 9 -21.80 -11.85 -44.72
N GLU A 10 -20.77 -12.33 -44.03
CA GLU A 10 -19.73 -11.47 -43.47
C GLU A 10 -18.37 -12.13 -43.64
N GLN A 11 -18.25 -13.00 -44.64
CA GLN A 11 -17.07 -13.81 -44.79
C GLN A 11 -16.11 -13.21 -45.82
N PRO A 12 -14.89 -12.91 -45.38
CA PRO A 12 -13.84 -12.34 -46.24
C PRO A 12 -13.44 -13.28 -47.37
N GLY A 13 -12.94 -14.45 -47.00
CA GLY A 13 -12.54 -15.44 -47.99
C GLY A 13 -11.55 -16.43 -47.42
N ALA A 14 -12.00 -17.65 -47.18
CA ALA A 14 -11.20 -18.68 -46.52
C ALA A 14 -10.81 -18.20 -45.13
N LEU A 15 -11.82 -18.11 -44.25
CA LEU A 15 -11.66 -17.57 -42.90
C LEU A 15 -11.41 -16.06 -42.98
N ALA A 16 -10.95 -15.49 -41.87
CA ALA A 16 -10.55 -14.10 -41.83
C ALA A 16 -9.07 -14.03 -41.47
N ARG A 17 -8.27 -13.51 -42.38
CA ARG A 17 -6.83 -13.51 -42.19
C ARG A 17 -6.20 -12.26 -42.76
N GLU A 18 -6.95 -11.16 -42.71
CA GLU A 18 -6.42 -9.87 -43.11
C GLU A 18 -5.38 -9.39 -42.12
N PHE A 19 -4.12 -9.72 -42.40
CA PHE A 19 -3.00 -9.31 -41.56
C PHE A 19 -2.83 -7.79 -41.59
N LEU A 20 -3.43 -7.16 -42.58
CA LEU A 20 -3.43 -5.71 -42.67
C LEU A 20 -4.58 -5.14 -41.84
N ALA A 21 -4.38 -5.13 -40.53
CA ALA A 21 -5.39 -4.63 -39.62
C ALA A 21 -4.73 -3.87 -38.49
N ALA A 22 -5.19 -2.64 -38.28
CA ALA A 22 -4.68 -1.80 -37.21
C ALA A 22 -5.03 -2.38 -35.84
N MET A 23 -4.04 -2.94 -35.18
CA MET A 23 -4.24 -3.53 -33.87
C MET A 23 -4.15 -2.47 -32.78
N GLU A 24 -5.13 -1.58 -32.80
CA GLU A 24 -5.26 -0.54 -31.81
C GLU A 24 -6.70 -0.49 -31.31
N PRO A 25 -6.98 -1.20 -30.20
CA PRO A 25 -8.33 -1.30 -29.66
C PRO A 25 -8.89 0.03 -29.21
N GLU A 26 -10.15 0.27 -29.52
CA GLU A 26 -10.84 1.49 -29.10
C GLU A 26 -10.80 1.62 -27.57
N PRO A 27 -10.44 2.80 -27.08
CA PRO A 27 -10.29 3.06 -25.65
C PRO A 27 -11.53 2.70 -24.85
N ALA A 28 -11.33 1.91 -23.81
CA ALA A 28 -12.43 1.47 -22.97
C ALA A 28 -12.68 2.44 -21.82
N PRO A 29 -13.95 2.59 -21.39
CA PRO A 29 -14.29 3.41 -20.23
C PRO A 29 -13.66 2.86 -18.96
N ALA A 30 -12.98 3.73 -18.23
CA ALA A 30 -12.31 3.33 -17.01
C ALA A 30 -12.02 4.53 -16.10
N PRO A 31 -13.07 5.10 -15.49
CA PRO A 31 -12.91 6.10 -14.44
C PRO A 31 -11.97 5.62 -13.33
N ALA A 32 -10.74 6.09 -13.38
CA ALA A 32 -9.72 5.67 -12.43
C ALA A 32 -9.36 6.80 -11.48
N PRO A 33 -9.19 6.49 -10.19
CA PRO A 33 -8.79 7.49 -9.18
C PRO A 33 -7.42 8.09 -9.48
N GLU A 34 -6.47 7.22 -9.82
CA GLU A 34 -5.10 7.61 -10.09
C GLU A 34 -4.28 6.37 -10.46
N GLU A 35 -4.31 5.39 -9.54
CA GLU A 35 -3.71 4.06 -9.75
C GLU A 35 -2.19 4.11 -9.77
N TRP A 36 -1.58 3.57 -8.73
CA TRP A 36 -0.14 3.63 -8.55
C TRP A 36 0.49 2.25 -8.77
N LEU A 37 1.68 2.07 -8.20
CA LEU A 37 2.40 0.80 -8.27
C LEU A 37 1.70 -0.25 -7.43
N ASP A 38 1.25 -1.33 -8.06
CA ASP A 38 0.61 -2.41 -7.32
C ASP A 38 1.66 -3.31 -6.71
N ILE A 39 1.48 -3.55 -5.42
CA ILE A 39 2.41 -4.32 -4.62
C ILE A 39 2.46 -5.78 -5.09
N LEU A 40 1.37 -6.22 -5.71
CA LEU A 40 1.29 -7.58 -6.23
C LEU A 40 1.04 -7.56 -7.73
N GLY A 41 0.95 -6.35 -8.28
CA GLY A 41 0.60 -6.17 -9.67
C GLY A 41 -0.80 -6.67 -9.98
N ASN A 42 -1.64 -6.75 -8.96
CA ASN A 42 -2.99 -7.30 -9.12
C ASN A 42 -4.03 -6.20 -9.38
N GLY A 43 -3.78 -5.01 -8.87
CA GLY A 43 -4.65 -3.88 -9.16
C GLY A 43 -5.47 -3.48 -7.95
N LEU A 44 -5.28 -4.20 -6.87
CA LEU A 44 -6.05 -3.99 -5.65
C LEU A 44 -5.22 -3.30 -4.58
N LEU A 45 -3.93 -3.58 -4.61
CA LEU A 45 -3.02 -3.15 -3.55
C LEU A 45 -1.88 -2.30 -4.11
N ARG A 46 -1.96 -0.97 -3.95
CA ARG A 46 -1.00 -0.07 -4.57
C ARG A 46 -0.49 0.99 -3.59
N LYS A 47 0.80 1.29 -3.68
CA LYS A 47 1.45 2.23 -2.77
C LYS A 47 1.91 3.49 -3.52
N LYS A 48 1.50 4.66 -3.06
CA LYS A 48 1.97 5.91 -3.64
C LYS A 48 2.86 6.67 -2.67
N THR A 49 4.04 7.06 -3.14
CA THR A 49 4.96 7.84 -2.33
C THR A 49 4.61 9.32 -2.41
N LEU A 50 4.00 9.83 -1.36
CA LEU A 50 3.80 11.28 -1.24
C LEU A 50 5.18 11.89 -1.10
N VAL A 51 5.90 11.35 -0.15
CA VAL A 51 7.32 11.57 0.02
C VAL A 51 7.93 10.22 0.21
N PRO A 52 9.01 9.88 -0.50
CA PRO A 52 9.69 8.62 -0.36
C PRO A 52 11.00 8.73 0.41
N GLY A 53 10.91 9.31 1.59
CA GLY A 53 12.06 9.46 2.46
C GLY A 53 12.98 10.57 2.02
N PRO A 54 13.96 10.92 2.85
CA PRO A 54 15.02 11.85 2.48
C PRO A 54 16.00 11.19 1.52
N PRO A 55 16.63 11.97 0.62
CA PRO A 55 17.62 11.42 -0.32
C PRO A 55 18.66 10.56 0.38
N GLY A 56 18.66 9.28 0.07
CA GLY A 56 19.55 8.36 0.75
C GLY A 56 18.87 7.72 1.95
N SER A 57 17.67 7.20 1.74
CA SER A 57 16.89 6.60 2.79
C SER A 57 17.32 5.16 3.07
N SER A 58 16.77 4.62 4.14
CA SER A 58 16.99 3.23 4.49
C SER A 58 15.66 2.49 4.44
N ARG A 59 15.63 1.34 3.81
CA ARG A 59 14.42 0.55 3.77
C ARG A 59 14.46 -0.56 4.82
N PRO A 60 13.58 -0.46 5.83
CA PRO A 60 13.50 -1.43 6.93
C PRO A 60 13.34 -2.87 6.45
N VAL A 61 13.94 -3.79 7.20
CA VAL A 61 13.86 -5.21 6.87
C VAL A 61 12.75 -5.85 7.69
N LYS A 62 12.18 -6.91 7.16
CA LYS A 62 11.15 -7.64 7.88
C LYS A 62 11.76 -8.40 9.04
N GLY A 63 11.27 -8.08 10.21
CA GLY A 63 11.84 -8.58 11.44
C GLY A 63 12.10 -7.44 12.39
N GLN A 64 12.31 -6.26 11.83
CA GLN A 64 12.49 -5.06 12.62
C GLN A 64 11.12 -4.48 12.94
N VAL A 65 10.95 -4.01 14.15
CA VAL A 65 9.70 -3.35 14.49
C VAL A 65 9.82 -1.90 14.10
N VAL A 66 8.84 -1.44 13.36
CA VAL A 66 8.88 -0.13 12.76
C VAL A 66 7.66 0.68 13.16
N THR A 67 7.85 1.99 13.30
CA THR A 67 6.77 2.87 13.67
C THR A 67 6.14 3.48 12.44
N VAL A 68 4.90 3.13 12.18
CA VAL A 68 4.17 3.77 11.12
C VAL A 68 3.07 4.63 11.70
N HIS A 69 2.81 5.75 11.09
CA HIS A 69 1.63 6.51 11.42
C HIS A 69 0.63 6.24 10.34
N LEU A 70 -0.48 5.63 10.70
CA LEU A 70 -1.49 5.37 9.72
C LEU A 70 -2.79 6.08 10.06
N GLN A 71 -3.39 6.65 9.06
CA GLN A 71 -4.76 7.10 9.14
C GLN A 71 -5.41 6.60 7.88
N THR A 72 -6.33 5.72 8.09
CA THR A 72 -6.86 4.93 7.03
C THR A 72 -8.20 5.45 6.57
N SER A 73 -8.31 5.70 5.28
CA SER A 73 -9.52 6.19 4.71
C SER A 73 -10.21 5.08 3.95
N LEU A 74 -11.51 5.18 3.86
CA LEU A 74 -12.29 4.28 3.07
C LEU A 74 -12.26 4.72 1.61
N GLU A 75 -12.67 3.82 0.72
CA GLU A 75 -12.82 4.15 -0.70
C GLU A 75 -13.74 5.35 -0.88
N ASN A 76 -14.62 5.56 0.10
CA ASN A 76 -15.58 6.65 0.07
C ASN A 76 -14.94 7.97 0.51
N GLY A 77 -13.74 7.88 1.08
CA GLY A 77 -13.07 9.07 1.57
C GLY A 77 -13.27 9.26 3.07
N THR A 78 -13.67 8.19 3.73
CA THR A 78 -13.95 8.23 5.15
C THR A 78 -12.81 7.62 5.96
N ARG A 79 -12.07 8.45 6.68
CA ARG A 79 -10.99 7.96 7.52
C ARG A 79 -11.56 7.30 8.77
N VAL A 80 -11.33 6.01 8.86
CA VAL A 80 -11.98 5.18 9.86
C VAL A 80 -11.10 4.92 11.05
N GLN A 81 -9.84 5.26 10.92
CA GLN A 81 -8.89 5.02 11.98
C GLN A 81 -7.67 5.92 11.81
N GLU A 82 -7.23 6.51 12.90
CA GLU A 82 -6.00 7.28 12.90
C GLU A 82 -5.14 6.89 14.09
N GLU A 83 -3.93 6.48 13.80
CA GLU A 83 -2.99 6.09 14.82
C GLU A 83 -1.62 6.66 14.51
N PRO A 84 -1.14 7.54 15.39
CA PRO A 84 0.07 8.33 15.16
C PRO A 84 1.34 7.51 15.22
N GLU A 85 1.25 6.31 15.75
CA GLU A 85 2.40 5.45 15.87
C GLU A 85 2.00 4.04 16.16
N LEU A 86 2.23 3.22 15.15
CA LEU A 86 1.97 1.81 15.20
C LEU A 86 3.26 1.07 14.94
N VAL A 87 3.86 0.55 15.99
CA VAL A 87 5.10 -0.19 15.87
C VAL A 87 4.81 -1.69 15.82
N PHE A 88 5.32 -2.34 14.78
CA PHE A 88 4.99 -3.74 14.53
C PHE A 88 6.16 -4.45 13.89
N THR A 89 6.16 -5.77 13.99
CA THR A 89 7.20 -6.59 13.41
C THR A 89 6.96 -6.78 11.92
N LEU A 90 7.79 -6.15 11.10
CA LEU A 90 7.69 -6.25 9.64
C LEU A 90 7.77 -7.71 9.20
N GLY A 91 6.89 -8.10 8.30
CA GLY A 91 6.95 -9.43 7.73
C GLY A 91 6.48 -10.50 8.69
N ASP A 92 5.89 -10.06 9.79
CA ASP A 92 5.40 -10.98 10.80
C ASP A 92 3.89 -10.94 10.83
N CYS A 93 3.32 -10.25 9.84
CA CYS A 93 1.88 -10.08 9.74
C CYS A 93 1.33 -9.47 11.02
N ASP A 94 2.15 -8.62 11.63
CA ASP A 94 1.77 -7.97 12.87
C ASP A 94 0.64 -6.99 12.59
N VAL A 95 0.47 -6.73 11.30
CA VAL A 95 -0.50 -5.77 10.80
C VAL A 95 -1.29 -6.36 9.64
N ILE A 96 -1.83 -5.49 8.79
CA ILE A 96 -2.51 -5.92 7.60
C ILE A 96 -1.47 -6.15 6.54
N GLN A 97 -1.63 -7.20 5.77
CA GLN A 97 -0.60 -7.60 4.81
C GLN A 97 -0.30 -6.48 3.82
N ALA A 98 -1.31 -5.65 3.53
CA ALA A 98 -1.11 -4.47 2.69
C ALA A 98 -0.01 -3.60 3.24
N LEU A 99 -0.05 -3.39 4.54
CA LEU A 99 0.93 -2.54 5.21
C LEU A 99 2.24 -3.26 5.40
N ASP A 100 2.14 -4.54 5.71
CA ASP A 100 3.29 -5.37 6.02
C ASP A 100 4.20 -5.43 4.80
N LEU A 101 3.60 -5.30 3.63
CA LEU A 101 4.32 -5.27 2.38
C LEU A 101 4.70 -3.84 1.98
N SER A 102 3.84 -2.89 2.29
CA SER A 102 4.03 -1.51 1.87
C SER A 102 5.28 -0.90 2.51
N VAL A 103 5.55 -1.30 3.75
CA VAL A 103 6.67 -0.75 4.51
C VAL A 103 8.02 -1.06 3.87
N PRO A 104 8.34 -2.35 3.62
CA PRO A 104 9.59 -2.72 2.94
C PRO A 104 9.65 -2.16 1.52
N LEU A 105 8.48 -1.87 0.96
CA LEU A 105 8.39 -1.21 -0.34
C LEU A 105 8.57 0.30 -0.21
N MET A 106 8.50 0.78 1.02
CA MET A 106 8.66 2.20 1.29
C MET A 106 10.02 2.48 1.94
N ASP A 107 10.49 3.72 1.82
CA ASP A 107 11.78 4.12 2.38
C ASP A 107 11.59 4.77 3.74
N VAL A 108 12.61 4.69 4.59
CA VAL A 108 12.50 5.24 5.92
C VAL A 108 12.32 6.75 5.87
N GLY A 109 11.32 7.22 6.59
CA GLY A 109 11.07 8.63 6.68
C GLY A 109 10.05 9.09 5.66
N GLU A 110 9.43 8.15 4.94
CA GLU A 110 8.50 8.51 3.89
C GLU A 110 7.06 8.45 4.39
N THR A 111 6.17 9.02 3.61
CA THR A 111 4.76 8.91 3.84
C THR A 111 4.11 8.43 2.56
N ALA A 112 3.49 7.26 2.63
CA ALA A 112 2.92 6.65 1.46
C ALA A 112 1.44 6.46 1.64
N MET A 113 0.68 6.76 0.62
CA MET A 113 -0.74 6.51 0.65
C MET A 113 -0.99 5.26 -0.17
N VAL A 114 -1.51 4.24 0.48
CA VAL A 114 -1.71 2.96 -0.16
C VAL A 114 -3.19 2.68 -0.30
N THR A 115 -3.60 2.19 -1.44
CA THR A 115 -4.94 1.73 -1.57
C THR A 115 -4.92 0.24 -1.81
N ALA A 116 -5.42 -0.44 -0.81
CA ALA A 116 -5.43 -1.89 -0.78
C ALA A 116 -6.84 -2.38 -0.54
N ASP A 117 -7.24 -3.40 -1.29
CA ASP A 117 -8.54 -4.03 -1.06
C ASP A 117 -8.65 -4.41 0.40
N SER A 118 -9.86 -4.40 0.92
CA SER A 118 -10.11 -4.76 2.31
C SER A 118 -9.55 -6.15 2.60
N LYS A 119 -9.50 -7.00 1.59
CA LYS A 119 -8.90 -8.33 1.74
C LYS A 119 -7.47 -8.25 2.26
N TYR A 120 -6.77 -7.15 1.93
CA TYR A 120 -5.42 -6.94 2.44
C TYR A 120 -5.46 -6.07 3.68
N CYS A 121 -6.66 -5.70 4.06
CA CYS A 121 -6.87 -4.78 5.17
C CYS A 121 -7.76 -5.42 6.23
N TYR A 122 -9.09 -5.27 6.12
CA TYR A 122 -9.99 -5.90 7.07
C TYR A 122 -11.29 -6.38 6.41
N GLY A 123 -11.20 -6.95 5.20
CA GLY A 123 -12.38 -7.44 4.49
C GLY A 123 -13.25 -8.37 5.32
N PRO A 124 -12.91 -9.66 5.39
CA PRO A 124 -13.60 -10.61 6.24
C PRO A 124 -13.08 -10.55 7.67
N GLN A 125 -12.31 -9.51 7.95
CA GLN A 125 -11.64 -9.38 9.23
C GLN A 125 -12.35 -8.33 10.07
N GLY A 126 -12.55 -7.17 9.47
CA GLY A 126 -13.10 -6.04 10.14
C GLY A 126 -12.07 -5.29 10.95
N SER A 127 -12.17 -3.99 10.95
CA SER A 127 -11.21 -3.15 11.62
C SER A 127 -11.61 -2.83 13.06
N ARG A 128 -10.60 -2.59 13.89
CA ARG A 128 -10.74 -2.32 15.32
C ARG A 128 -11.83 -1.28 15.62
N SER A 129 -11.83 -0.16 14.92
CA SER A 129 -12.88 0.83 15.12
C SER A 129 -14.13 0.43 14.34
N PRO A 130 -14.09 0.41 12.99
CA PRO A 130 -15.19 -0.10 12.20
C PRO A 130 -14.84 -1.45 11.57
N TYR A 131 -15.69 -2.44 11.76
CA TYR A 131 -15.61 -3.63 10.94
C TYR A 131 -15.72 -3.21 9.48
N ILE A 132 -14.57 -3.08 8.82
CA ILE A 132 -14.53 -2.64 7.45
C ILE A 132 -15.19 -3.68 6.56
N PRO A 133 -16.17 -3.27 5.75
CA PRO A 133 -16.85 -4.17 4.80
C PRO A 133 -15.86 -4.93 3.92
N PRO A 134 -16.19 -6.19 3.58
CA PRO A 134 -15.30 -7.02 2.77
C PRO A 134 -15.11 -6.45 1.38
N HIS A 135 -13.85 -6.41 0.96
CA HIS A 135 -13.45 -5.92 -0.37
C HIS A 135 -13.59 -4.40 -0.48
N ALA A 136 -13.87 -3.72 0.63
CA ALA A 136 -13.91 -2.27 0.62
C ALA A 136 -12.49 -1.74 0.45
N ALA A 137 -12.27 -0.96 -0.58
CA ALA A 137 -10.91 -0.55 -0.91
C ALA A 137 -10.43 0.49 0.09
N LEU A 138 -9.45 0.10 0.88
CA LEU A 138 -8.91 0.94 1.91
C LEU A 138 -7.77 1.78 1.37
N CYS A 139 -7.82 3.07 1.65
CA CYS A 139 -6.76 3.95 1.24
C CYS A 139 -6.17 4.62 2.48
N LEU A 140 -5.02 4.11 2.88
CA LEU A 140 -4.39 4.48 4.13
C LEU A 140 -3.09 5.23 3.91
N GLU A 141 -2.89 6.27 4.67
CA GLU A 141 -1.69 7.08 4.59
C GLU A 141 -0.75 6.70 5.73
N VAL A 142 0.42 6.16 5.42
CA VAL A 142 1.35 5.69 6.43
C VAL A 142 2.67 6.45 6.41
N THR A 143 2.99 7.06 7.54
CA THR A 143 4.27 7.68 7.76
C THR A 143 5.23 6.69 8.42
N LEU A 144 6.22 6.22 7.69
CA LEU A 144 7.26 5.40 8.28
C LEU A 144 8.27 6.32 8.93
N LYS A 145 8.15 6.47 10.23
CA LYS A 145 8.91 7.46 10.96
C LYS A 145 10.17 6.85 11.54
N THR A 146 10.12 5.56 11.83
CA THR A 146 11.24 4.88 12.45
C THR A 146 11.26 3.40 12.11
N ALA A 147 12.45 2.82 12.09
CA ALA A 147 12.62 1.39 11.97
C ALA A 147 13.69 0.94 12.93
N VAL A 148 13.39 -0.08 13.75
CA VAL A 148 14.37 -0.55 14.73
C VAL A 148 14.43 -2.07 14.71
N ASP A 149 15.63 -2.58 14.64
CA ASP A 149 15.82 -4.01 14.56
C ASP A 149 15.55 -4.63 15.92
N LEU A 150 14.78 -5.71 15.92
CA LEU A 150 14.40 -6.35 17.16
C LEU A 150 13.93 -7.78 16.86
N GLU A 151 14.42 -8.33 15.75
CA GLU A 151 13.96 -9.63 15.27
C GLU A 151 14.51 -10.75 16.16
N HIS A 152 15.81 -10.99 16.06
CA HIS A 152 16.54 -11.87 16.99
C HIS A 152 16.16 -13.36 16.85
N HIS A 153 15.16 -13.67 16.05
CA HIS A 153 14.71 -15.05 15.93
C HIS A 153 15.51 -15.77 14.84
N HIS A 154 16.75 -16.09 15.16
CA HIS A 154 17.59 -16.88 14.27
C HIS A 154 17.93 -18.19 14.96
N HIS A 155 17.89 -18.17 16.27
CA HIS A 155 18.04 -19.38 17.09
C HIS A 155 17.19 -19.25 18.34
N HIS A 156 16.87 -20.39 18.96
CA HIS A 156 15.88 -20.47 20.04
C HIS A 156 14.48 -20.32 19.46
N HIS A 157 13.60 -21.25 19.84
CA HIS A 157 12.29 -21.40 19.19
C HIS A 157 12.48 -21.93 17.78
N MET A 1 33.80 -25.70 -45.64
CA MET A 1 32.78 -25.62 -44.57
C MET A 1 31.97 -24.34 -44.69
N GLY A 2 32.62 -23.26 -45.11
CA GLY A 2 31.94 -21.98 -45.25
C GLY A 2 31.70 -21.33 -43.90
N GLN A 3 30.61 -21.72 -43.26
CA GLN A 3 30.26 -21.18 -41.95
C GLN A 3 29.72 -22.30 -41.07
N PRO A 4 30.61 -22.98 -40.35
CA PRO A 4 30.24 -24.11 -39.50
C PRO A 4 29.67 -23.64 -38.15
N PRO A 5 29.09 -24.58 -37.38
CA PRO A 5 28.53 -24.27 -36.06
C PRO A 5 29.56 -23.63 -35.13
N ALA A 6 29.23 -22.46 -34.61
CA ALA A 6 30.07 -21.79 -33.65
C ALA A 6 29.59 -22.08 -32.24
N GLU A 7 30.49 -22.51 -31.38
CA GLU A 7 30.12 -22.85 -30.01
C GLU A 7 29.97 -21.57 -29.19
N GLU A 8 30.83 -20.59 -29.46
CA GLU A 8 30.71 -19.29 -28.83
C GLU A 8 31.42 -18.23 -29.67
N ALA A 9 32.43 -18.68 -30.43
CA ALA A 9 33.20 -17.81 -31.32
C ALA A 9 33.99 -16.78 -30.53
N GLU A 10 33.38 -15.63 -30.25
CA GLU A 10 34.04 -14.58 -29.49
C GLU A 10 33.02 -13.57 -28.96
N GLN A 11 32.24 -12.98 -29.86
CA GLN A 11 31.28 -11.94 -29.47
C GLN A 11 29.84 -12.38 -29.75
N PRO A 12 29.25 -13.21 -28.89
CA PRO A 12 27.86 -13.63 -29.01
C PRO A 12 26.93 -12.75 -28.18
N GLY A 13 27.51 -11.76 -27.53
CA GLY A 13 26.74 -10.87 -26.66
C GLY A 13 27.62 -9.77 -26.09
N ALA A 14 27.38 -9.40 -24.84
CA ALA A 14 28.13 -8.36 -24.15
C ALA A 14 27.98 -7.02 -24.87
N LEU A 15 26.90 -6.32 -24.54
CA LEU A 15 26.56 -5.07 -25.20
C LEU A 15 27.16 -3.88 -24.47
N ALA A 16 27.39 -4.05 -23.16
CA ALA A 16 28.04 -3.04 -22.33
C ALA A 16 27.29 -1.70 -22.35
N ARG A 17 25.98 -1.77 -22.54
CA ARG A 17 25.16 -0.57 -22.67
C ARG A 17 24.63 -0.13 -21.31
N GLU A 18 25.35 -0.50 -20.26
CA GLU A 18 24.97 -0.17 -18.89
C GLU A 18 24.85 1.34 -18.67
N PHE A 19 25.99 2.03 -18.57
CA PHE A 19 25.99 3.48 -18.40
C PHE A 19 27.19 4.13 -19.08
N LEU A 20 27.89 3.35 -19.90
CA LEU A 20 29.16 3.80 -20.46
C LEU A 20 28.93 4.70 -21.67
N ALA A 21 28.32 4.15 -22.71
CA ALA A 21 28.04 4.91 -23.92
C ALA A 21 27.07 6.06 -23.62
N ALA A 22 27.25 7.17 -24.30
CA ALA A 22 26.47 8.38 -24.04
C ALA A 22 25.12 8.34 -24.73
N MET A 23 24.33 9.40 -24.49
CA MET A 23 22.99 9.53 -25.04
C MET A 23 22.09 8.39 -24.60
N GLU A 24 21.62 8.47 -23.36
CA GLU A 24 20.68 7.51 -22.81
C GLU A 24 20.11 8.07 -21.50
N PRO A 25 18.81 8.44 -21.52
CA PRO A 25 18.18 9.12 -20.38
C PRO A 25 18.06 8.23 -19.14
N GLU A 26 18.22 8.84 -17.97
CA GLU A 26 18.07 8.14 -16.70
C GLU A 26 16.61 7.73 -16.51
N PRO A 27 16.37 6.56 -15.89
CA PRO A 27 15.01 6.12 -15.55
C PRO A 27 14.39 7.04 -14.50
N ALA A 28 13.21 7.58 -14.79
CA ALA A 28 12.58 8.53 -13.88
C ALA A 28 11.28 7.96 -13.34
N PRO A 29 11.19 7.83 -12.00
CA PRO A 29 9.96 7.42 -11.33
C PRO A 29 8.87 8.47 -11.45
N ALA A 30 7.70 8.05 -11.91
CA ALA A 30 6.57 8.95 -12.02
C ALA A 30 5.35 8.38 -11.31
N PRO A 31 5.27 8.55 -9.99
CA PRO A 31 4.09 8.19 -9.21
C PRO A 31 2.88 9.01 -9.63
N ALA A 32 1.96 8.39 -10.35
CA ALA A 32 0.75 9.06 -10.79
C ALA A 32 -0.17 9.28 -9.59
N PRO A 33 -0.81 10.45 -9.51
CA PRO A 33 -1.69 10.80 -8.39
C PRO A 33 -2.92 9.90 -8.29
N GLU A 34 -3.32 9.34 -9.43
CA GLU A 34 -4.54 8.57 -9.52
C GLU A 34 -4.27 7.07 -9.39
N GLU A 35 -3.56 6.51 -10.36
CA GLU A 35 -3.23 5.09 -10.37
C GLU A 35 -1.75 4.90 -10.08
N TRP A 36 -1.45 4.18 -9.00
CA TRP A 36 -0.07 4.11 -8.51
C TRP A 36 0.56 2.75 -8.74
N LEU A 37 1.67 2.52 -8.06
CA LEU A 37 2.45 1.30 -8.18
C LEU A 37 1.81 0.16 -7.40
N ASP A 38 1.56 -0.94 -8.08
CA ASP A 38 1.01 -2.12 -7.44
C ASP A 38 2.09 -2.87 -6.68
N ILE A 39 1.85 -3.06 -5.39
CA ILE A 39 2.75 -3.80 -4.54
C ILE A 39 2.87 -5.25 -5.01
N LEU A 40 1.75 -5.85 -5.39
CA LEU A 40 1.76 -7.24 -5.84
C LEU A 40 1.43 -7.35 -7.32
N GLY A 41 1.20 -6.19 -7.96
CA GLY A 41 0.84 -6.18 -9.36
C GLY A 41 -0.54 -6.76 -9.59
N ASN A 42 -1.35 -6.71 -8.55
CA ASN A 42 -2.69 -7.27 -8.60
C ASN A 42 -3.77 -6.24 -8.90
N GLY A 43 -3.52 -4.98 -8.59
CA GLY A 43 -4.46 -3.91 -8.88
C GLY A 43 -5.23 -3.47 -7.65
N LEU A 44 -5.23 -4.33 -6.64
CA LEU A 44 -5.98 -4.06 -5.42
C LEU A 44 -5.11 -3.33 -4.41
N LEU A 45 -3.80 -3.58 -4.50
CA LEU A 45 -2.86 -3.09 -3.50
C LEU A 45 -1.76 -2.22 -4.13
N ARG A 46 -1.81 -0.92 -3.87
CA ARG A 46 -0.89 0.03 -4.52
C ARG A 46 -0.39 1.08 -3.54
N LYS A 47 0.89 1.43 -3.66
CA LYS A 47 1.55 2.38 -2.77
C LYS A 47 1.92 3.65 -3.53
N LYS A 48 1.45 4.80 -3.05
CA LYS A 48 1.80 6.08 -3.66
C LYS A 48 2.72 6.89 -2.74
N THR A 49 3.95 7.09 -3.18
CA THR A 49 4.91 7.87 -2.42
C THR A 49 4.59 9.35 -2.50
N LEU A 50 3.97 9.88 -1.45
CA LEU A 50 3.75 11.31 -1.33
C LEU A 50 5.11 11.97 -1.19
N VAL A 51 5.87 11.40 -0.27
CA VAL A 51 7.27 11.70 -0.07
C VAL A 51 7.97 10.39 0.13
N PRO A 52 9.02 10.09 -0.63
CA PRO A 52 9.73 8.83 -0.56
C PRO A 52 11.08 8.92 0.15
N GLY A 53 11.03 9.31 1.42
CA GLY A 53 12.23 9.37 2.24
C GLY A 53 13.14 10.54 1.90
N PRO A 54 14.07 10.87 2.81
CA PRO A 54 15.09 11.89 2.56
C PRO A 54 16.24 11.32 1.71
N PRO A 55 17.18 12.17 1.26
CA PRO A 55 18.36 11.73 0.50
C PRO A 55 19.37 10.93 1.36
N GLY A 56 18.86 9.96 2.09
CA GLY A 56 19.69 9.14 2.95
C GLY A 56 18.88 8.26 3.86
N SER A 57 17.83 7.64 3.30
CA SER A 57 16.96 6.78 4.05
C SER A 57 17.37 5.31 3.91
N SER A 58 16.55 4.44 4.47
CA SER A 58 16.76 3.00 4.38
C SER A 58 15.41 2.33 4.49
N ARG A 59 15.15 1.33 3.67
CA ARG A 59 13.89 0.62 3.74
C ARG A 59 14.02 -0.58 4.67
N PRO A 60 13.31 -0.54 5.81
CA PRO A 60 13.33 -1.59 6.83
C PRO A 60 13.17 -3.00 6.27
N VAL A 61 13.90 -3.93 6.85
CA VAL A 61 13.85 -5.32 6.44
C VAL A 61 12.81 -6.06 7.27
N LYS A 62 12.29 -7.16 6.75
CA LYS A 62 11.32 -7.97 7.46
C LYS A 62 11.96 -8.54 8.71
N GLY A 63 11.47 -8.07 9.85
CA GLY A 63 12.02 -8.44 11.11
C GLY A 63 12.16 -7.24 12.01
N GLN A 64 12.45 -6.10 11.40
CA GLN A 64 12.61 -4.88 12.18
C GLN A 64 11.25 -4.39 12.62
N VAL A 65 11.14 -3.92 13.85
CA VAL A 65 9.89 -3.33 14.27
C VAL A 65 9.94 -1.85 13.94
N VAL A 66 8.90 -1.37 13.32
CA VAL A 66 8.89 -0.03 12.79
C VAL A 66 7.65 0.72 13.24
N THR A 67 7.79 2.02 13.38
CA THR A 67 6.67 2.84 13.76
C THR A 67 6.07 3.50 12.54
N VAL A 68 4.85 3.11 12.21
CA VAL A 68 4.15 3.77 11.15
C VAL A 68 3.00 4.57 11.71
N HIS A 69 2.74 5.70 11.10
CA HIS A 69 1.56 6.44 11.39
C HIS A 69 0.58 6.19 10.28
N LEU A 70 -0.54 5.59 10.59
CA LEU A 70 -1.54 5.37 9.57
C LEU A 70 -2.84 6.03 9.95
N GLN A 71 -3.41 6.70 8.98
CA GLN A 71 -4.77 7.18 9.05
C GLN A 71 -5.42 6.67 7.82
N THR A 72 -6.35 5.81 8.04
CA THR A 72 -6.85 4.99 7.00
C THR A 72 -8.23 5.44 6.57
N SER A 73 -8.36 5.72 5.30
CA SER A 73 -9.60 6.19 4.77
C SER A 73 -10.27 5.08 3.99
N LEU A 74 -11.49 5.32 3.61
CA LEU A 74 -12.24 4.38 2.83
C LEU A 74 -12.15 4.75 1.37
N GLU A 75 -12.54 3.83 0.50
CA GLU A 75 -12.53 4.10 -0.93
C GLU A 75 -13.43 5.28 -1.26
N ASN A 76 -14.32 5.63 -0.32
CA ASN A 76 -15.22 6.76 -0.51
C ASN A 76 -14.64 8.03 0.12
N GLY A 77 -13.63 7.88 0.95
CA GLY A 77 -12.99 9.05 1.56
C GLY A 77 -13.00 9.03 3.08
N THR A 78 -13.94 8.32 3.67
CA THR A 78 -14.11 8.31 5.12
C THR A 78 -12.95 7.64 5.85
N ARG A 79 -12.20 8.40 6.63
CA ARG A 79 -11.12 7.86 7.44
C ARG A 79 -11.66 7.18 8.67
N VAL A 80 -11.40 5.89 8.74
CA VAL A 80 -12.00 5.03 9.75
C VAL A 80 -11.09 4.84 10.96
N GLN A 81 -9.86 5.31 10.85
CA GLN A 81 -8.90 5.14 11.92
C GLN A 81 -7.70 6.06 11.73
N GLU A 82 -7.35 6.81 12.77
CA GLU A 82 -6.14 7.62 12.75
C GLU A 82 -5.25 7.21 13.91
N GLU A 83 -4.15 6.57 13.59
CA GLU A 83 -3.23 6.07 14.60
C GLU A 83 -1.82 6.60 14.33
N PRO A 84 -1.33 7.44 15.25
CA PRO A 84 -0.08 8.18 15.08
C PRO A 84 1.16 7.29 15.18
N GLU A 85 1.00 6.09 15.70
CA GLU A 85 2.14 5.20 15.87
C GLU A 85 1.71 3.78 16.09
N LEU A 86 1.96 3.01 15.07
CA LEU A 86 1.75 1.59 15.07
C LEU A 86 3.08 0.90 14.85
N VAL A 87 3.62 0.32 15.90
CA VAL A 87 4.89 -0.38 15.82
C VAL A 87 4.65 -1.89 15.71
N PHE A 88 5.27 -2.53 14.75
CA PHE A 88 5.06 -3.95 14.50
C PHE A 88 6.30 -4.58 13.90
N THR A 89 6.41 -5.88 14.05
CA THR A 89 7.48 -6.63 13.43
C THR A 89 7.18 -6.82 11.95
N LEU A 90 8.01 -6.21 11.10
CA LEU A 90 7.84 -6.27 9.66
C LEU A 90 7.87 -7.72 9.16
N GLY A 91 6.86 -8.10 8.40
CA GLY A 91 6.83 -9.41 7.80
C GLY A 91 6.34 -10.47 8.74
N ASP A 92 5.93 -10.04 9.92
CA ASP A 92 5.35 -10.95 10.90
C ASP A 92 3.87 -10.99 10.68
N CYS A 93 3.41 -10.16 9.73
CA CYS A 93 1.99 -10.02 9.43
C CYS A 93 1.24 -9.63 10.69
N ASP A 94 1.90 -8.86 11.55
CA ASP A 94 1.29 -8.41 12.78
C ASP A 94 0.18 -7.43 12.46
N VAL A 95 0.30 -6.87 11.27
CA VAL A 95 -0.59 -5.84 10.79
C VAL A 95 -1.41 -6.33 9.60
N ILE A 96 -1.91 -5.40 8.82
CA ILE A 96 -2.57 -5.75 7.59
C ILE A 96 -1.51 -6.08 6.57
N GLN A 97 -1.73 -7.13 5.81
CA GLN A 97 -0.71 -7.62 4.89
C GLN A 97 -0.30 -6.53 3.90
N ALA A 98 -1.25 -5.65 3.59
CA ALA A 98 -0.97 -4.50 2.74
C ALA A 98 0.16 -3.65 3.32
N LEU A 99 0.07 -3.39 4.62
CA LEU A 99 1.06 -2.58 5.30
C LEU A 99 2.37 -3.35 5.44
N ASP A 100 2.23 -4.63 5.74
CA ASP A 100 3.36 -5.50 6.03
C ASP A 100 4.29 -5.56 4.82
N LEU A 101 3.70 -5.43 3.65
CA LEU A 101 4.44 -5.39 2.41
C LEU A 101 4.81 -3.95 2.00
N SER A 102 3.95 -3.00 2.31
CA SER A 102 4.15 -1.62 1.91
C SER A 102 5.37 -1.02 2.58
N VAL A 103 5.64 -1.46 3.78
CA VAL A 103 6.74 -0.94 4.59
C VAL A 103 8.10 -1.27 3.98
N PRO A 104 8.41 -2.55 3.68
CA PRO A 104 9.67 -2.90 3.00
C PRO A 104 9.77 -2.27 1.61
N LEU A 105 8.63 -1.88 1.05
CA LEU A 105 8.59 -1.09 -0.18
C LEU A 105 8.79 0.40 0.12
N MET A 106 8.61 0.74 1.38
CA MET A 106 8.71 2.10 1.88
C MET A 106 10.10 2.37 2.46
N ASP A 107 10.61 3.58 2.24
CA ASP A 107 11.89 3.96 2.81
C ASP A 107 11.67 4.73 4.10
N VAL A 108 12.63 4.64 5.01
CA VAL A 108 12.51 5.32 6.29
C VAL A 108 12.37 6.82 6.09
N GLY A 109 11.31 7.37 6.64
CA GLY A 109 11.10 8.79 6.60
C GLY A 109 10.19 9.21 5.46
N GLU A 110 9.48 8.27 4.85
CA GLU A 110 8.56 8.60 3.78
C GLU A 110 7.12 8.55 4.29
N THR A 111 6.22 9.07 3.48
CA THR A 111 4.81 8.98 3.76
C THR A 111 4.11 8.56 2.49
N ALA A 112 3.46 7.41 2.53
CA ALA A 112 2.84 6.87 1.36
C ALA A 112 1.37 6.62 1.59
N MET A 113 0.58 6.91 0.58
CA MET A 113 -0.82 6.60 0.61
C MET A 113 -1.02 5.31 -0.14
N VAL A 114 -1.50 4.30 0.55
CA VAL A 114 -1.63 2.99 -0.04
C VAL A 114 -3.09 2.62 -0.11
N THR A 115 -3.52 2.18 -1.27
CA THR A 115 -4.85 1.68 -1.39
C THR A 115 -4.80 0.19 -1.56
N ALA A 116 -5.33 -0.48 -0.55
CA ALA A 116 -5.35 -1.92 -0.50
C ALA A 116 -6.75 -2.40 -0.32
N ASP A 117 -7.13 -3.40 -1.10
CA ASP A 117 -8.41 -4.05 -0.92
C ASP A 117 -8.55 -4.47 0.53
N SER A 118 -9.77 -4.45 1.05
CA SER A 118 -10.01 -4.79 2.44
C SER A 118 -9.50 -6.22 2.72
N LYS A 119 -9.45 -7.04 1.68
CA LYS A 119 -8.86 -8.37 1.80
C LYS A 119 -7.42 -8.29 2.33
N TYR A 120 -6.72 -7.20 2.04
CA TYR A 120 -5.37 -6.98 2.57
C TYR A 120 -5.43 -6.08 3.79
N CYS A 121 -6.64 -5.71 4.16
CA CYS A 121 -6.87 -4.80 5.27
C CYS A 121 -7.78 -5.43 6.32
N TYR A 122 -9.09 -5.23 6.20
CA TYR A 122 -10.03 -5.83 7.15
C TYR A 122 -11.32 -6.30 6.45
N GLY A 123 -11.21 -6.93 5.28
CA GLY A 123 -12.39 -7.43 4.58
C GLY A 123 -13.30 -8.28 5.44
N PRO A 124 -13.05 -9.59 5.54
CA PRO A 124 -13.78 -10.48 6.42
C PRO A 124 -13.24 -10.41 7.85
N GLN A 125 -12.39 -9.42 8.08
CA GLN A 125 -11.71 -9.28 9.36
C GLN A 125 -12.36 -8.17 10.18
N GLY A 126 -12.60 -7.06 9.51
CA GLY A 126 -13.12 -5.89 10.16
C GLY A 126 -12.06 -5.15 10.93
N SER A 127 -12.18 -3.84 10.92
CA SER A 127 -11.19 -2.98 11.53
C SER A 127 -11.53 -2.68 12.99
N ARG A 128 -10.49 -2.28 13.73
CA ARG A 128 -10.58 -2.02 15.17
C ARG A 128 -11.77 -1.14 15.51
N SER A 129 -11.86 0.02 14.88
CA SER A 129 -12.96 0.91 15.14
C SER A 129 -14.20 0.48 14.35
N PRO A 130 -14.17 0.48 12.99
CA PRO A 130 -15.26 -0.04 12.20
C PRO A 130 -14.90 -1.39 11.57
N TYR A 131 -15.73 -2.39 11.76
CA TYR A 131 -15.66 -3.57 10.93
C TYR A 131 -15.79 -3.14 9.47
N ILE A 132 -14.65 -3.03 8.80
CA ILE A 132 -14.63 -2.61 7.42
C ILE A 132 -15.29 -3.67 6.55
N PRO A 133 -16.26 -3.26 5.71
CA PRO A 133 -16.94 -4.18 4.79
C PRO A 133 -15.95 -4.93 3.90
N PRO A 134 -16.21 -6.23 3.68
CA PRO A 134 -15.37 -7.08 2.84
C PRO A 134 -15.12 -6.48 1.46
N HIS A 135 -13.84 -6.42 1.09
CA HIS A 135 -13.41 -5.97 -0.23
C HIS A 135 -13.62 -4.47 -0.43
N ALA A 136 -13.84 -3.74 0.65
CA ALA A 136 -13.86 -2.29 0.58
C ALA A 136 -12.42 -1.79 0.47
N ALA A 137 -12.13 -1.03 -0.56
CA ALA A 137 -10.77 -0.62 -0.82
C ALA A 137 -10.33 0.45 0.17
N LEU A 138 -9.35 0.11 0.97
CA LEU A 138 -8.87 0.99 2.00
C LEU A 138 -7.77 1.89 1.49
N CYS A 139 -7.83 3.16 1.83
CA CYS A 139 -6.78 4.08 1.43
C CYS A 139 -6.12 4.68 2.66
N LEU A 140 -5.00 4.11 3.03
CA LEU A 140 -4.33 4.46 4.26
C LEU A 140 -3.04 5.21 3.99
N GLU A 141 -2.83 6.28 4.74
CA GLU A 141 -1.65 7.09 4.61
C GLU A 141 -0.68 6.74 5.74
N VAL A 142 0.44 6.12 5.38
CA VAL A 142 1.38 5.61 6.37
C VAL A 142 2.70 6.38 6.38
N THR A 143 2.98 7.01 7.50
CA THR A 143 4.26 7.65 7.77
C THR A 143 5.23 6.67 8.42
N LEU A 144 6.29 6.32 7.73
CA LEU A 144 7.34 5.52 8.32
C LEU A 144 8.31 6.43 9.04
N LYS A 145 8.10 6.58 10.33
CA LYS A 145 8.83 7.56 11.12
C LYS A 145 10.08 6.94 11.72
N THR A 146 10.03 5.64 12.01
CA THR A 146 11.16 4.96 12.62
C THR A 146 11.18 3.49 12.25
N ALA A 147 12.37 2.93 12.16
CA ALA A 147 12.56 1.50 11.96
C ALA A 147 13.73 1.03 12.80
N VAL A 148 13.54 -0.02 13.59
CA VAL A 148 14.62 -0.48 14.44
C VAL A 148 14.86 -1.97 14.28
N ASP A 149 16.13 -2.33 14.19
CA ASP A 149 16.51 -3.70 14.01
C ASP A 149 16.70 -4.39 15.36
N LEU A 150 15.87 -5.38 15.60
CA LEU A 150 15.98 -6.21 16.78
C LEU A 150 15.28 -7.52 16.52
N GLU A 151 14.17 -7.40 15.81
CA GLU A 151 13.32 -8.52 15.41
C GLU A 151 12.77 -9.26 16.64
N HIS A 152 12.17 -10.41 16.42
CA HIS A 152 11.50 -11.14 17.49
C HIS A 152 11.50 -12.64 17.21
N HIS A 153 12.29 -13.08 16.23
CA HIS A 153 12.30 -14.49 15.84
C HIS A 153 13.45 -15.23 16.52
N HIS A 154 13.27 -15.50 17.80
CA HIS A 154 14.23 -16.26 18.62
C HIS A 154 15.57 -15.53 18.80
N HIS A 155 16.56 -15.92 17.99
CA HIS A 155 17.92 -15.43 18.18
C HIS A 155 18.52 -14.95 16.88
N HIS A 156 19.46 -14.04 16.99
CA HIS A 156 20.30 -13.65 15.86
C HIS A 156 21.74 -13.97 16.20
N HIS A 157 22.10 -13.60 17.41
CA HIS A 157 23.33 -14.07 18.05
C HIS A 157 22.99 -14.50 19.45
N MET A 1 -14.24 3.48 -11.34
CA MET A 1 -14.79 4.68 -12.01
C MET A 1 -15.71 5.44 -11.07
N GLY A 2 -15.73 6.76 -11.20
CA GLY A 2 -16.48 7.58 -10.28
C GLY A 2 -17.66 8.26 -10.93
N GLN A 3 -18.40 7.51 -11.75
CA GLN A 3 -19.61 8.01 -12.36
C GLN A 3 -20.45 6.87 -12.94
N PRO A 4 -19.87 5.99 -13.80
CA PRO A 4 -20.59 4.83 -14.35
C PRO A 4 -21.33 3.99 -13.30
N PRO A 5 -20.67 3.58 -12.18
CA PRO A 5 -21.37 2.87 -11.09
C PRO A 5 -22.28 3.80 -10.31
N ALA A 6 -23.55 3.46 -10.22
CA ALA A 6 -24.52 4.32 -9.56
C ALA A 6 -25.45 3.51 -8.67
N GLU A 7 -25.86 4.11 -7.56
CA GLU A 7 -26.77 3.49 -6.61
C GLU A 7 -28.15 4.12 -6.72
N GLU A 8 -29.18 3.31 -6.51
CA GLU A 8 -30.56 3.78 -6.66
C GLU A 8 -31.11 4.30 -5.35
N ALA A 9 -30.35 4.12 -4.28
CA ALA A 9 -30.75 4.58 -2.96
C ALA A 9 -30.60 6.09 -2.84
N GLU A 10 -29.63 6.63 -3.59
CA GLU A 10 -29.32 8.06 -3.59
C GLU A 10 -28.83 8.54 -2.22
N GLN A 11 -27.51 8.51 -2.06
CA GLN A 11 -26.87 9.06 -0.87
C GLN A 11 -25.35 9.13 -1.08
N PRO A 12 -24.88 10.15 -1.80
CA PRO A 12 -23.46 10.40 -2.01
C PRO A 12 -22.85 11.25 -0.90
N GLY A 13 -21.57 11.53 -1.00
CA GLY A 13 -20.90 12.37 -0.02
C GLY A 13 -21.26 13.83 -0.20
N ALA A 14 -21.67 14.47 0.88
CA ALA A 14 -22.08 15.86 0.83
C ALA A 14 -20.92 16.79 1.17
N LEU A 15 -20.53 17.61 0.22
CA LEU A 15 -19.46 18.58 0.44
C LEU A 15 -19.90 19.95 -0.04
N ALA A 16 -19.05 20.96 0.15
CA ALA A 16 -19.35 22.34 -0.22
C ALA A 16 -20.55 22.84 0.58
N ARG A 17 -20.28 23.29 1.79
CA ARG A 17 -21.33 23.75 2.68
C ARG A 17 -20.94 25.09 3.27
N GLU A 18 -21.93 25.85 3.71
CA GLU A 18 -21.66 27.14 4.34
C GLU A 18 -21.42 26.95 5.83
N PHE A 19 -20.22 26.50 6.15
CA PHE A 19 -19.83 26.27 7.53
C PHE A 19 -18.38 26.73 7.73
N LEU A 20 -18.08 27.20 8.92
CA LEU A 20 -16.74 27.66 9.25
C LEU A 20 -15.79 26.48 9.36
N ALA A 21 -14.98 26.29 8.33
CA ALA A 21 -14.04 25.17 8.31
C ALA A 21 -12.84 25.45 9.22
N ALA A 22 -13.09 25.41 10.52
CA ALA A 22 -12.05 25.64 11.52
C ALA A 22 -11.36 24.33 11.90
N MET A 23 -12.13 23.26 11.96
CA MET A 23 -11.59 21.96 12.35
C MET A 23 -11.81 20.94 11.24
N GLU A 24 -12.14 21.43 10.05
CA GLU A 24 -12.29 20.56 8.88
C GLU A 24 -11.68 21.23 7.65
N PRO A 25 -10.64 20.61 7.07
CA PRO A 25 -10.08 21.05 5.79
C PRO A 25 -10.94 20.57 4.63
N GLU A 26 -10.81 21.23 3.49
CA GLU A 26 -11.52 20.83 2.28
C GLU A 26 -11.23 19.37 1.95
N PRO A 27 -12.25 18.64 1.46
CA PRO A 27 -12.13 17.22 1.10
C PRO A 27 -11.08 16.99 0.01
N ALA A 28 -9.99 16.34 0.39
CA ALA A 28 -8.91 16.04 -0.55
C ALA A 28 -9.28 14.84 -1.41
N PRO A 29 -8.82 14.81 -2.66
CA PRO A 29 -9.07 13.70 -3.58
C PRO A 29 -8.36 12.42 -3.15
N ALA A 30 -9.11 11.34 -3.07
CA ALA A 30 -8.53 10.05 -2.72
C ALA A 30 -8.17 9.23 -3.98
N PRO A 31 -9.11 9.06 -4.94
CA PRO A 31 -8.81 8.36 -6.17
C PRO A 31 -7.98 9.21 -7.12
N ALA A 32 -6.70 8.90 -7.22
CA ALA A 32 -5.80 9.59 -8.12
C ALA A 32 -6.15 9.26 -9.57
N PRO A 33 -5.96 10.20 -10.49
CA PRO A 33 -6.28 10.00 -11.91
C PRO A 33 -5.26 9.15 -12.64
N GLU A 34 -4.21 8.75 -11.94
CA GLU A 34 -3.17 7.93 -12.52
C GLU A 34 -2.89 6.73 -11.63
N GLU A 35 -2.45 5.64 -12.25
CA GLU A 35 -2.24 4.37 -11.55
C GLU A 35 -0.90 4.35 -10.83
N TRP A 36 -0.92 3.95 -9.56
CA TRP A 36 0.32 3.81 -8.78
C TRP A 36 0.97 2.45 -9.04
N LEU A 37 1.96 2.13 -8.21
CA LEU A 37 2.63 0.84 -8.27
C LEU A 37 1.84 -0.19 -7.49
N ASP A 38 1.31 -1.21 -8.18
CA ASP A 38 0.63 -2.28 -7.47
C ASP A 38 1.67 -3.22 -6.89
N ILE A 39 1.60 -3.39 -5.58
CA ILE A 39 2.55 -4.21 -4.84
C ILE A 39 2.50 -5.64 -5.32
N LEU A 40 1.32 -6.10 -5.68
CA LEU A 40 1.14 -7.45 -6.17
C LEU A 40 0.99 -7.44 -7.69
N GLY A 41 0.97 -6.25 -8.25
CA GLY A 41 0.76 -6.08 -9.67
C GLY A 41 -0.57 -6.65 -10.11
N ASN A 42 -1.53 -6.66 -9.19
CA ASN A 42 -2.83 -7.26 -9.47
C ASN A 42 -3.97 -6.23 -9.55
N GLY A 43 -3.79 -5.06 -8.94
CA GLY A 43 -4.72 -3.96 -9.19
C GLY A 43 -5.65 -3.64 -8.02
N LEU A 44 -5.18 -3.86 -6.80
CA LEU A 44 -5.95 -3.50 -5.61
C LEU A 44 -5.01 -3.19 -4.44
N LEU A 45 -3.73 -3.49 -4.63
CA LEU A 45 -2.72 -3.20 -3.62
C LEU A 45 -1.68 -2.25 -4.20
N ARG A 46 -1.76 -0.97 -3.91
CA ARG A 46 -0.89 0.00 -4.58
C ARG A 46 -0.36 1.06 -3.64
N LYS A 47 0.93 1.37 -3.76
CA LYS A 47 1.59 2.33 -2.88
C LYS A 47 1.98 3.59 -3.66
N LYS A 48 1.54 4.76 -3.21
CA LYS A 48 1.91 6.02 -3.84
C LYS A 48 2.79 6.85 -2.91
N THR A 49 4.02 7.10 -3.33
CA THR A 49 4.95 7.90 -2.55
C THR A 49 4.58 9.37 -2.58
N LEU A 50 4.04 9.86 -1.46
CA LEU A 50 3.84 11.28 -1.29
C LEU A 50 5.21 11.92 -1.17
N VAL A 51 5.97 11.35 -0.26
CA VAL A 51 7.39 11.59 -0.13
C VAL A 51 8.05 10.23 -0.04
N PRO A 52 9.14 9.98 -0.75
CA PRO A 52 9.83 8.71 -0.71
C PRO A 52 11.18 8.75 0.02
N GLY A 53 11.14 9.23 1.26
CA GLY A 53 12.31 9.22 2.10
C GLY A 53 13.28 10.36 1.80
N PRO A 54 14.13 10.71 2.77
CA PRO A 54 15.23 11.63 2.54
C PRO A 54 16.25 11.01 1.60
N PRO A 55 17.15 11.80 1.01
CA PRO A 55 18.19 11.30 0.10
C PRO A 55 19.10 10.25 0.75
N GLY A 56 18.99 10.13 2.07
CA GLY A 56 19.74 9.12 2.79
C GLY A 56 18.84 8.25 3.66
N SER A 57 17.81 7.68 3.06
CA SER A 57 16.89 6.82 3.75
C SER A 57 17.41 5.39 3.80
N SER A 58 16.55 4.51 4.28
CA SER A 58 16.84 3.09 4.38
C SER A 58 15.52 2.35 4.46
N ARG A 59 15.35 1.32 3.65
CA ARG A 59 14.11 0.55 3.66
C ARG A 59 14.23 -0.61 4.64
N PRO A 60 13.44 -0.55 5.73
CA PRO A 60 13.44 -1.58 6.79
C PRO A 60 13.36 -3.02 6.27
N VAL A 61 13.90 -3.93 7.06
CA VAL A 61 13.93 -5.34 6.71
C VAL A 61 12.85 -6.08 7.49
N LYS A 62 12.35 -7.16 6.92
CA LYS A 62 11.35 -7.98 7.59
C LYS A 62 11.93 -8.61 8.83
N GLY A 63 11.46 -8.10 9.96
CA GLY A 63 11.97 -8.48 11.24
C GLY A 63 12.09 -7.27 12.13
N GLN A 64 12.37 -6.12 11.52
CA GLN A 64 12.53 -4.90 12.29
C GLN A 64 11.18 -4.44 12.81
N VAL A 65 11.18 -3.96 14.03
CA VAL A 65 10.00 -3.38 14.62
C VAL A 65 9.92 -1.92 14.20
N VAL A 66 8.85 -1.56 13.52
CA VAL A 66 8.74 -0.26 12.90
C VAL A 66 7.50 0.50 13.36
N THR A 67 7.61 1.81 13.41
CA THR A 67 6.48 2.67 13.73
C THR A 67 5.93 3.31 12.46
N VAL A 68 4.70 2.98 12.14
CA VAL A 68 4.03 3.67 11.06
C VAL A 68 2.91 4.51 11.60
N HIS A 69 2.68 5.64 10.98
CA HIS A 69 1.50 6.41 11.27
C HIS A 69 0.53 6.17 10.14
N LEU A 70 -0.63 5.65 10.46
CA LEU A 70 -1.61 5.41 9.42
C LEU A 70 -2.91 6.09 9.76
N GLN A 71 -3.46 6.73 8.77
CA GLN A 71 -4.80 7.26 8.83
C GLN A 71 -5.50 6.73 7.62
N THR A 72 -6.46 5.92 7.88
CA THR A 72 -7.02 5.11 6.86
C THR A 72 -8.42 5.54 6.52
N SER A 73 -8.62 5.87 5.26
CA SER A 73 -9.91 6.29 4.78
C SER A 73 -10.53 5.16 3.99
N LEU A 74 -11.79 5.34 3.65
CA LEU A 74 -12.53 4.36 2.90
C LEU A 74 -12.52 4.71 1.43
N GLU A 75 -12.93 3.78 0.59
CA GLU A 75 -13.04 4.02 -0.84
C GLU A 75 -13.97 5.21 -1.13
N ASN A 76 -14.77 5.61 -0.14
CA ASN A 76 -15.66 6.76 -0.31
C ASN A 76 -15.04 8.01 0.32
N GLY A 77 -14.03 7.81 1.16
CA GLY A 77 -13.36 8.94 1.81
C GLY A 77 -13.38 8.86 3.33
N THR A 78 -14.33 8.11 3.88
CA THR A 78 -14.51 8.03 5.33
C THR A 78 -13.29 7.42 6.03
N ARG A 79 -12.59 8.24 6.81
CA ARG A 79 -11.48 7.75 7.59
C ARG A 79 -11.98 6.96 8.78
N VAL A 80 -11.60 5.70 8.80
CA VAL A 80 -12.10 4.75 9.76
C VAL A 80 -11.13 4.61 10.93
N GLN A 81 -9.95 5.18 10.76
CA GLN A 81 -8.91 5.09 11.76
C GLN A 81 -7.82 6.11 11.45
N GLU A 82 -7.21 6.64 12.50
CA GLU A 82 -6.12 7.57 12.36
C GLU A 82 -5.22 7.44 13.57
N GLU A 83 -4.09 6.76 13.38
CA GLU A 83 -3.25 6.38 14.48
C GLU A 83 -1.83 6.86 14.25
N PRO A 84 -1.35 7.80 15.07
CA PRO A 84 -0.03 8.39 14.93
C PRO A 84 1.10 7.41 15.16
N GLU A 85 0.78 6.24 15.69
CA GLU A 85 1.78 5.25 16.05
C GLU A 85 1.21 3.85 15.97
N LEU A 86 1.71 3.11 15.01
CA LEU A 86 1.42 1.71 14.87
C LEU A 86 2.72 0.96 14.72
N VAL A 87 3.12 0.26 15.76
CA VAL A 87 4.40 -0.42 15.76
C VAL A 87 4.19 -1.93 15.65
N PHE A 88 5.00 -2.59 14.85
CA PHE A 88 4.83 -4.03 14.59
C PHE A 88 6.11 -4.64 14.04
N THR A 89 6.17 -5.96 14.03
CA THR A 89 7.27 -6.69 13.45
C THR A 89 7.03 -6.88 11.95
N LEU A 90 7.87 -6.27 11.15
CA LEU A 90 7.78 -6.37 9.70
C LEU A 90 7.92 -7.82 9.25
N GLY A 91 6.96 -8.31 8.48
CA GLY A 91 7.06 -9.65 7.95
C GLY A 91 6.40 -10.68 8.85
N ASP A 92 5.73 -10.22 9.90
CA ASP A 92 5.06 -11.14 10.81
C ASP A 92 3.58 -11.15 10.53
N CYS A 93 3.15 -10.23 9.66
CA CYS A 93 1.73 -10.02 9.41
C CYS A 93 1.05 -9.66 10.72
N ASP A 94 1.74 -8.90 11.54
CA ASP A 94 1.17 -8.45 12.81
C ASP A 94 0.10 -7.42 12.50
N VAL A 95 0.19 -6.92 11.29
CA VAL A 95 -0.71 -5.90 10.78
C VAL A 95 -1.46 -6.43 9.57
N ILE A 96 -1.90 -5.52 8.71
CA ILE A 96 -2.51 -5.89 7.48
C ILE A 96 -1.41 -6.15 6.47
N GLN A 97 -1.56 -7.19 5.68
CA GLN A 97 -0.49 -7.61 4.78
C GLN A 97 -0.11 -6.48 3.82
N ALA A 98 -1.09 -5.67 3.46
CA ALA A 98 -0.85 -4.51 2.61
C ALA A 98 0.21 -3.62 3.23
N LEU A 99 0.12 -3.43 4.53
CA LEU A 99 1.06 -2.58 5.25
C LEU A 99 2.39 -3.28 5.43
N ASP A 100 2.31 -4.57 5.74
CA ASP A 100 3.48 -5.38 6.03
C ASP A 100 4.40 -5.41 4.81
N LEU A 101 3.79 -5.27 3.65
CA LEU A 101 4.52 -5.21 2.39
C LEU A 101 4.89 -3.78 2.02
N SER A 102 4.00 -2.83 2.32
CA SER A 102 4.20 -1.45 1.91
C SER A 102 5.37 -0.81 2.64
N VAL A 103 5.64 -1.30 3.85
CA VAL A 103 6.71 -0.75 4.67
C VAL A 103 8.10 -1.00 4.06
N PRO A 104 8.47 -2.26 3.77
CA PRO A 104 9.73 -2.56 3.08
C PRO A 104 9.76 -1.97 1.66
N LEU A 105 8.59 -1.65 1.14
CA LEU A 105 8.48 -0.95 -0.13
C LEU A 105 8.62 0.56 0.05
N MET A 106 8.52 1.01 1.28
CA MET A 106 8.66 2.43 1.60
C MET A 106 10.02 2.71 2.28
N ASP A 107 10.62 3.83 1.93
CA ASP A 107 11.89 4.23 2.53
C ASP A 107 11.66 4.83 3.91
N VAL A 108 12.64 4.72 4.77
CA VAL A 108 12.49 5.27 6.11
C VAL A 108 12.38 6.79 6.03
N GLY A 109 11.33 7.30 6.64
CA GLY A 109 11.14 8.73 6.70
C GLY A 109 10.24 9.22 5.59
N GLU A 110 9.59 8.31 4.88
CA GLU A 110 8.66 8.70 3.84
C GLU A 110 7.24 8.50 4.30
N THR A 111 6.32 9.01 3.50
CA THR A 111 4.92 8.83 3.75
C THR A 111 4.25 8.42 2.46
N ALA A 112 3.66 7.24 2.48
CA ALA A 112 3.05 6.69 1.29
C ALA A 112 1.56 6.52 1.48
N MET A 113 0.81 6.83 0.44
CA MET A 113 -0.62 6.60 0.44
C MET A 113 -0.87 5.31 -0.29
N VAL A 114 -1.39 4.34 0.42
CA VAL A 114 -1.58 3.03 -0.14
C VAL A 114 -3.06 2.74 -0.21
N THR A 115 -3.50 2.31 -1.36
CA THR A 115 -4.84 1.83 -1.47
C THR A 115 -4.79 0.33 -1.61
N ALA A 116 -5.31 -0.31 -0.60
CA ALA A 116 -5.33 -1.75 -0.51
C ALA A 116 -6.75 -2.24 -0.37
N ASP A 117 -7.10 -3.27 -1.11
CA ASP A 117 -8.39 -3.90 -0.92
C ASP A 117 -8.52 -4.33 0.54
N SER A 118 -9.74 -4.30 1.05
CA SER A 118 -9.98 -4.65 2.44
C SER A 118 -9.47 -6.05 2.74
N LYS A 119 -9.42 -6.88 1.73
CA LYS A 119 -8.85 -8.22 1.84
C LYS A 119 -7.40 -8.16 2.36
N TYR A 120 -6.67 -7.09 2.03
CA TYR A 120 -5.32 -6.89 2.56
C TYR A 120 -5.36 -5.90 3.70
N CYS A 121 -6.56 -5.58 4.14
CA CYS A 121 -6.78 -4.68 5.25
C CYS A 121 -7.65 -5.33 6.31
N TYR A 122 -8.97 -5.12 6.25
CA TYR A 122 -9.86 -5.75 7.22
C TYR A 122 -11.17 -6.21 6.58
N GLY A 123 -11.12 -6.80 5.37
CA GLY A 123 -12.33 -7.31 4.72
C GLY A 123 -13.12 -8.27 5.59
N PRO A 124 -12.77 -9.56 5.58
CA PRO A 124 -13.42 -10.55 6.45
C PRO A 124 -12.85 -10.49 7.86
N GLN A 125 -12.04 -9.49 8.11
CA GLN A 125 -11.31 -9.37 9.35
C GLN A 125 -11.95 -8.32 10.24
N GLY A 126 -12.23 -7.18 9.64
CA GLY A 126 -12.75 -6.05 10.35
C GLY A 126 -11.68 -5.32 11.13
N SER A 127 -11.81 -4.02 11.18
CA SER A 127 -10.83 -3.18 11.82
C SER A 127 -11.15 -2.95 13.30
N ARG A 128 -10.11 -2.60 14.07
CA ARG A 128 -10.23 -2.43 15.51
C ARG A 128 -11.29 -1.40 15.89
N SER A 129 -11.33 -0.28 15.18
CA SER A 129 -12.36 0.71 15.41
C SER A 129 -13.67 0.30 14.70
N PRO A 130 -13.74 0.31 13.35
CA PRO A 130 -14.87 -0.24 12.62
C PRO A 130 -14.52 -1.57 11.94
N TYR A 131 -15.34 -2.59 12.14
CA TYR A 131 -15.27 -3.74 11.27
C TYR A 131 -15.44 -3.26 9.83
N ILE A 132 -14.32 -3.12 9.13
CA ILE A 132 -14.35 -2.61 7.77
C ILE A 132 -15.06 -3.59 6.86
N PRO A 133 -16.00 -3.10 6.03
CA PRO A 133 -16.69 -3.90 5.04
C PRO A 133 -15.72 -4.71 4.18
N PRO A 134 -16.05 -5.98 3.89
CA PRO A 134 -15.19 -6.84 3.11
C PRO A 134 -15.03 -6.34 1.67
N HIS A 135 -13.78 -6.38 1.20
CA HIS A 135 -13.43 -5.96 -0.16
C HIS A 135 -13.52 -4.44 -0.34
N ALA A 136 -13.77 -3.70 0.73
CA ALA A 136 -13.81 -2.26 0.64
C ALA A 136 -12.40 -1.71 0.49
N ALA A 137 -12.16 -0.92 -0.54
CA ALA A 137 -10.82 -0.47 -0.83
C ALA A 137 -10.40 0.59 0.18
N LEU A 138 -9.41 0.25 0.98
CA LEU A 138 -8.93 1.12 2.03
C LEU A 138 -7.85 2.04 1.51
N CYS A 139 -7.95 3.32 1.82
CA CYS A 139 -6.95 4.28 1.40
C CYS A 139 -6.27 4.88 2.63
N LEU A 140 -5.09 4.36 2.91
CA LEU A 140 -4.37 4.71 4.13
C LEU A 140 -3.07 5.44 3.82
N GLU A 141 -2.78 6.47 4.59
CA GLU A 141 -1.53 7.18 4.45
C GLU A 141 -0.61 6.76 5.59
N VAL A 142 0.48 6.10 5.25
CA VAL A 142 1.39 5.55 6.24
C VAL A 142 2.73 6.27 6.27
N THR A 143 3.04 6.86 7.41
CA THR A 143 4.33 7.48 7.65
C THR A 143 5.26 6.50 8.35
N LEU A 144 6.31 6.09 7.66
CA LEU A 144 7.33 5.26 8.28
C LEU A 144 8.31 6.14 8.98
N LYS A 145 8.14 6.25 10.28
CA LYS A 145 8.87 7.23 11.06
C LYS A 145 10.07 6.60 11.75
N THR A 146 9.99 5.30 11.99
CA THR A 146 11.07 4.62 12.69
C THR A 146 11.13 3.13 12.34
N ALA A 147 12.34 2.58 12.38
CA ALA A 147 12.55 1.14 12.21
C ALA A 147 13.67 0.68 13.13
N VAL A 148 13.44 -0.35 13.92
CA VAL A 148 14.45 -0.83 14.85
C VAL A 148 14.70 -2.32 14.65
N ASP A 149 15.95 -2.72 14.69
CA ASP A 149 16.30 -4.11 14.47
C ASP A 149 16.22 -4.88 15.78
N LEU A 150 15.38 -5.91 15.81
CA LEU A 150 15.17 -6.69 17.02
C LEU A 150 14.85 -8.14 16.68
N GLU A 151 15.09 -8.51 15.43
CA GLU A 151 14.75 -9.84 14.94
C GLU A 151 15.92 -10.44 14.19
N HIS A 152 16.07 -11.76 14.28
CA HIS A 152 17.15 -12.45 13.59
C HIS A 152 16.84 -12.56 12.11
N HIS A 153 17.57 -11.83 11.29
CA HIS A 153 17.38 -11.90 9.84
C HIS A 153 18.29 -12.96 9.24
N HIS A 154 19.59 -12.78 9.37
CA HIS A 154 20.54 -13.75 8.87
C HIS A 154 21.85 -13.69 9.64
N HIS A 155 22.16 -14.76 10.34
CA HIS A 155 23.40 -14.86 11.10
C HIS A 155 24.50 -15.46 10.23
N HIS A 156 25.44 -14.63 9.82
CA HIS A 156 26.58 -15.08 9.04
C HIS A 156 27.60 -15.79 9.93
N HIS A 157 28.24 -16.81 9.39
CA HIS A 157 29.30 -17.51 10.09
C HIS A 157 30.43 -17.82 9.11
N MET A 1 -40.13 -30.80 -61.97
CA MET A 1 -38.96 -29.91 -62.08
C MET A 1 -38.72 -29.19 -60.76
N GLY A 2 -37.78 -29.70 -59.97
CA GLY A 2 -37.51 -29.14 -58.66
C GLY A 2 -36.11 -28.59 -58.54
N GLN A 3 -35.61 -28.50 -57.30
CA GLN A 3 -34.29 -27.99 -57.01
C GLN A 3 -33.47 -29.05 -56.29
N PRO A 4 -32.69 -29.85 -57.04
CA PRO A 4 -31.88 -30.94 -56.45
C PRO A 4 -30.87 -30.45 -55.39
N PRO A 5 -29.95 -29.50 -55.70
CA PRO A 5 -28.96 -29.03 -54.73
C PRO A 5 -29.49 -27.89 -53.84
N ALA A 6 -29.27 -28.02 -52.54
CA ALA A 6 -29.67 -27.00 -51.59
C ALA A 6 -28.44 -26.32 -51.02
N GLU A 7 -27.29 -26.68 -51.55
CA GLU A 7 -26.01 -26.16 -51.09
C GLU A 7 -25.72 -24.84 -51.78
N GLU A 8 -26.66 -23.91 -51.69
CA GLU A 8 -26.59 -22.64 -52.40
C GLU A 8 -25.61 -21.67 -51.73
N ALA A 9 -25.08 -22.05 -50.57
CA ALA A 9 -24.14 -21.21 -49.85
C ALA A 9 -23.39 -22.01 -48.78
N GLU A 10 -24.15 -22.77 -47.98
CA GLU A 10 -23.60 -23.60 -46.90
C GLU A 10 -23.19 -22.72 -45.71
N GLN A 11 -22.33 -21.75 -45.99
CA GLN A 11 -21.88 -20.79 -45.00
C GLN A 11 -21.81 -19.40 -45.65
N PRO A 12 -22.88 -18.60 -45.48
CA PRO A 12 -23.00 -17.28 -46.11
C PRO A 12 -22.23 -16.20 -45.36
N GLY A 13 -22.25 -15.00 -45.91
CA GLY A 13 -21.57 -13.87 -45.31
C GLY A 13 -20.93 -12.99 -46.36
N ALA A 14 -20.21 -11.98 -45.93
CA ALA A 14 -19.49 -11.10 -46.84
C ALA A 14 -18.01 -11.38 -46.79
N LEU A 15 -17.62 -12.29 -45.89
CA LEU A 15 -16.22 -12.63 -45.67
C LEU A 15 -15.43 -11.40 -45.25
N ALA A 16 -15.65 -10.97 -44.01
CA ALA A 16 -15.00 -9.79 -43.49
C ALA A 16 -13.86 -10.18 -42.56
N ARG A 17 -14.09 -11.24 -41.79
CA ARG A 17 -13.11 -11.71 -40.80
C ARG A 17 -12.80 -10.63 -39.76
N GLU A 18 -13.63 -10.53 -38.74
CA GLU A 18 -13.42 -9.56 -37.67
C GLU A 18 -12.39 -10.09 -36.67
N PHE A 19 -11.22 -10.44 -37.19
CA PHE A 19 -10.16 -11.02 -36.38
C PHE A 19 -9.66 -10.01 -35.35
N LEU A 20 -9.57 -8.75 -35.76
CA LEU A 20 -9.09 -7.68 -34.88
C LEU A 20 -9.31 -6.32 -35.55
N ALA A 21 -10.52 -6.14 -36.08
CA ALA A 21 -10.88 -4.87 -36.72
C ALA A 21 -11.03 -3.78 -35.66
N ALA A 22 -11.83 -4.08 -34.63
CA ALA A 22 -12.04 -3.19 -33.48
C ALA A 22 -12.88 -1.96 -33.85
N MET A 23 -13.90 -1.71 -33.06
CA MET A 23 -14.72 -0.51 -33.21
C MET A 23 -14.36 0.50 -32.13
N GLU A 24 -13.22 0.27 -31.50
CA GLU A 24 -12.76 1.13 -30.43
C GLU A 24 -11.64 2.03 -30.96
N PRO A 25 -11.81 3.34 -30.78
CA PRO A 25 -10.83 4.37 -31.18
C PRO A 25 -9.44 4.09 -30.65
N GLU A 26 -8.43 4.61 -31.35
CA GLU A 26 -7.03 4.48 -30.91
C GLU A 26 -6.88 4.97 -29.48
N PRO A 27 -6.05 4.29 -28.69
CA PRO A 27 -5.85 4.62 -27.29
C PRO A 27 -5.12 5.94 -27.11
N ALA A 28 -5.88 7.01 -27.12
CA ALA A 28 -5.35 8.34 -26.84
C ALA A 28 -4.85 8.39 -25.41
N PRO A 29 -3.60 8.84 -25.20
CA PRO A 29 -2.96 8.85 -23.88
C PRO A 29 -3.85 9.43 -22.79
N ALA A 30 -4.01 8.67 -21.73
CA ALA A 30 -4.76 9.13 -20.57
C ALA A 30 -4.00 8.80 -19.30
N PRO A 31 -2.97 9.59 -18.99
CA PRO A 31 -2.17 9.41 -17.78
C PRO A 31 -3.01 9.55 -16.52
N ALA A 32 -3.32 8.43 -15.90
CA ALA A 32 -4.07 8.45 -14.66
C ALA A 32 -3.11 8.30 -13.48
N PRO A 33 -2.95 9.35 -12.68
CA PRO A 33 -1.99 9.37 -11.58
C PRO A 33 -2.44 8.55 -10.38
N GLU A 34 -3.69 8.10 -10.39
CA GLU A 34 -4.23 7.36 -9.26
C GLU A 34 -4.14 5.86 -9.49
N GLU A 35 -3.49 5.46 -10.57
CA GLU A 35 -3.10 4.08 -10.77
C GLU A 35 -1.64 3.91 -10.37
N TRP A 36 -1.40 3.72 -9.09
CA TRP A 36 -0.05 3.69 -8.56
C TRP A 36 0.57 2.31 -8.74
N LEU A 37 1.74 2.13 -8.14
CA LEU A 37 2.45 0.87 -8.18
C LEU A 37 1.74 -0.17 -7.34
N ASP A 38 1.19 -1.18 -7.99
CA ASP A 38 0.61 -2.28 -7.26
C ASP A 38 1.72 -3.15 -6.67
N ILE A 39 1.63 -3.35 -5.37
CA ILE A 39 2.59 -4.14 -4.62
C ILE A 39 2.72 -5.56 -5.17
N LEU A 40 1.62 -6.07 -5.70
CA LEU A 40 1.62 -7.42 -6.25
C LEU A 40 1.38 -7.37 -7.75
N GLY A 41 1.20 -6.16 -8.27
CA GLY A 41 0.80 -5.99 -9.65
C GLY A 41 -0.53 -6.65 -9.92
N ASN A 42 -1.34 -6.75 -8.87
CA ASN A 42 -2.62 -7.43 -8.95
C ASN A 42 -3.74 -6.44 -9.32
N GLY A 43 -3.62 -5.21 -8.84
CA GLY A 43 -4.55 -4.16 -9.21
C GLY A 43 -5.36 -3.65 -8.05
N LEU A 44 -5.18 -4.26 -6.89
CA LEU A 44 -5.96 -3.94 -5.70
C LEU A 44 -5.12 -3.27 -4.62
N LEU A 45 -3.83 -3.57 -4.62
CA LEU A 45 -2.94 -3.17 -3.54
C LEU A 45 -1.80 -2.29 -4.07
N ARG A 46 -1.92 -0.99 -3.89
CA ARG A 46 -1.00 -0.04 -4.53
C ARG A 46 -0.51 1.01 -3.53
N LYS A 47 0.76 1.36 -3.63
CA LYS A 47 1.38 2.32 -2.71
C LYS A 47 1.76 3.60 -3.45
N LYS A 48 1.27 4.75 -3.01
CA LYS A 48 1.68 6.02 -3.59
C LYS A 48 2.66 6.73 -2.68
N THR A 49 3.85 6.96 -3.18
CA THR A 49 4.86 7.71 -2.46
C THR A 49 4.54 9.20 -2.49
N LEU A 50 3.91 9.69 -1.43
CA LEU A 50 3.67 11.12 -1.30
C LEU A 50 5.03 11.78 -1.19
N VAL A 51 5.78 11.25 -0.25
CA VAL A 51 7.20 11.52 -0.11
C VAL A 51 7.86 10.18 0.08
N PRO A 52 8.87 9.85 -0.71
CA PRO A 52 9.53 8.56 -0.64
C PRO A 52 10.92 8.59 -0.01
N GLY A 53 11.00 9.09 1.22
CA GLY A 53 12.23 9.05 1.97
C GLY A 53 13.18 10.17 1.62
N PRO A 54 13.68 10.89 2.63
CA PRO A 54 14.74 11.86 2.42
C PRO A 54 16.05 11.16 2.06
N PRO A 55 16.69 11.58 0.94
CA PRO A 55 17.91 10.96 0.43
C PRO A 55 18.87 10.50 1.51
N GLY A 56 19.12 9.19 1.54
CA GLY A 56 19.93 8.60 2.58
C GLY A 56 19.11 7.78 3.54
N SER A 57 17.90 7.43 3.11
CA SER A 57 17.04 6.58 3.87
C SER A 57 17.41 5.11 3.69
N SER A 58 16.56 4.24 4.21
CA SER A 58 16.73 2.80 4.08
C SER A 58 15.38 2.14 4.17
N ARG A 59 15.17 1.08 3.41
CA ARG A 59 13.93 0.33 3.49
C ARG A 59 14.07 -0.80 4.50
N PRO A 60 13.37 -0.70 5.64
CA PRO A 60 13.42 -1.69 6.71
C PRO A 60 13.25 -3.13 6.21
N VAL A 61 14.01 -4.03 6.82
CA VAL A 61 13.93 -5.44 6.47
C VAL A 61 12.89 -6.12 7.34
N LYS A 62 12.31 -7.21 6.86
CA LYS A 62 11.33 -7.96 7.62
C LYS A 62 11.96 -8.53 8.88
N GLY A 63 11.59 -7.91 9.99
CA GLY A 63 12.15 -8.25 11.27
C GLY A 63 12.34 -7.02 12.10
N GLN A 64 12.55 -5.89 11.44
CA GLN A 64 12.74 -4.63 12.14
C GLN A 64 11.37 -4.10 12.56
N VAL A 65 11.22 -3.78 13.82
CA VAL A 65 9.98 -3.16 14.26
C VAL A 65 10.03 -1.70 13.87
N VAL A 66 8.99 -1.24 13.23
CA VAL A 66 8.96 0.10 12.69
C VAL A 66 7.75 0.84 13.19
N THR A 67 7.90 2.14 13.38
CA THR A 67 6.80 2.98 13.79
C THR A 67 6.17 3.62 12.57
N VAL A 68 4.96 3.23 12.28
CA VAL A 68 4.22 3.84 11.22
C VAL A 68 3.07 4.65 11.79
N HIS A 69 2.79 5.78 11.21
CA HIS A 69 1.60 6.50 11.55
C HIS A 69 0.60 6.22 10.48
N LEU A 70 -0.49 5.58 10.84
CA LEU A 70 -1.51 5.30 9.86
C LEU A 70 -2.80 5.99 10.22
N GLN A 71 -3.41 6.55 9.21
CA GLN A 71 -4.78 6.98 9.28
C GLN A 71 -5.42 6.48 8.02
N THR A 72 -6.32 5.57 8.19
CA THR A 72 -6.85 4.82 7.10
C THR A 72 -8.22 5.34 6.69
N SER A 73 -8.33 5.63 5.41
CA SER A 73 -9.56 6.13 4.85
C SER A 73 -10.26 5.03 4.08
N LEU A 74 -11.53 5.22 3.86
CA LEU A 74 -12.31 4.34 3.04
C LEU A 74 -12.27 4.81 1.59
N GLU A 75 -12.68 3.94 0.68
CA GLU A 75 -12.80 4.29 -0.74
C GLU A 75 -13.70 5.51 -0.92
N ASN A 76 -14.50 5.81 0.11
CA ASN A 76 -15.46 6.91 0.07
C ASN A 76 -14.84 8.18 0.64
N GLY A 77 -13.65 8.06 1.22
CA GLY A 77 -12.98 9.21 1.80
C GLY A 77 -13.20 9.30 3.29
N THR A 78 -13.68 8.22 3.87
CA THR A 78 -13.98 8.19 5.30
C THR A 78 -12.85 7.55 6.09
N ARG A 79 -12.16 8.36 6.86
CA ARG A 79 -11.07 7.86 7.69
C ARG A 79 -11.62 7.16 8.90
N VAL A 80 -11.33 5.87 8.98
CA VAL A 80 -11.97 4.98 9.92
C VAL A 80 -11.06 4.67 11.11
N GLN A 81 -9.82 5.10 11.00
CA GLN A 81 -8.85 4.85 12.06
C GLN A 81 -7.69 5.82 11.93
N GLU A 82 -7.26 6.37 13.05
CA GLU A 82 -6.12 7.26 13.08
C GLU A 82 -5.21 6.93 14.24
N GLU A 83 -4.03 6.44 13.94
CA GLU A 83 -3.07 6.07 14.96
C GLU A 83 -1.70 6.65 14.63
N PRO A 84 -1.22 7.56 15.50
CA PRO A 84 0.01 8.33 15.27
C PRO A 84 1.27 7.50 15.36
N GLU A 85 1.16 6.29 15.90
CA GLU A 85 2.33 5.43 16.04
C GLU A 85 1.93 3.98 16.22
N LEU A 86 2.22 3.24 15.18
CA LEU A 86 2.00 1.83 15.11
C LEU A 86 3.34 1.13 14.91
N VAL A 87 3.89 0.60 15.99
CA VAL A 87 5.12 -0.16 15.89
C VAL A 87 4.80 -1.65 15.78
N PHE A 88 5.43 -2.32 14.82
CA PHE A 88 5.15 -3.73 14.59
C PHE A 88 6.36 -4.41 13.98
N THR A 89 6.42 -5.72 14.12
CA THR A 89 7.48 -6.50 13.52
C THR A 89 7.19 -6.72 12.04
N LEU A 90 8.02 -6.13 11.19
CA LEU A 90 7.87 -6.27 9.75
C LEU A 90 8.01 -7.73 9.35
N GLY A 91 7.08 -8.23 8.57
CA GLY A 91 7.15 -9.61 8.13
C GLY A 91 6.58 -10.57 9.16
N ASP A 92 6.02 -10.00 10.21
CA ASP A 92 5.40 -10.79 11.25
C ASP A 92 3.91 -10.81 11.06
N CYS A 93 3.46 -10.03 10.06
CA CYS A 93 2.05 -9.92 9.75
C CYS A 93 1.27 -9.52 10.99
N ASP A 94 1.92 -8.70 11.82
CA ASP A 94 1.31 -8.24 13.06
C ASP A 94 0.26 -7.18 12.72
N VAL A 95 0.28 -6.81 11.46
CA VAL A 95 -0.58 -5.77 10.92
C VAL A 95 -1.38 -6.29 9.74
N ILE A 96 -1.87 -5.38 8.90
CA ILE A 96 -2.52 -5.77 7.68
C ILE A 96 -1.43 -6.03 6.67
N GLN A 97 -1.59 -7.08 5.88
CA GLN A 97 -0.52 -7.49 4.99
C GLN A 97 -0.18 -6.40 3.99
N ALA A 98 -1.17 -5.58 3.67
CA ALA A 98 -0.96 -4.42 2.80
C ALA A 98 0.12 -3.52 3.37
N LEU A 99 0.14 -3.40 4.69
CA LEU A 99 1.12 -2.56 5.36
C LEU A 99 2.44 -3.29 5.51
N ASP A 100 2.36 -4.57 5.84
CA ASP A 100 3.53 -5.38 6.11
C ASP A 100 4.40 -5.46 4.86
N LEU A 101 3.76 -5.34 3.72
CA LEU A 101 4.45 -5.34 2.45
C LEU A 101 4.86 -3.94 2.00
N SER A 102 4.01 -2.95 2.28
CA SER A 102 4.24 -1.61 1.75
C SER A 102 5.41 -0.94 2.47
N VAL A 103 5.65 -1.36 3.70
CA VAL A 103 6.74 -0.81 4.50
C VAL A 103 8.12 -1.11 3.90
N PRO A 104 8.46 -2.39 3.67
CA PRO A 104 9.72 -2.75 3.01
C PRO A 104 9.81 -2.18 1.60
N LEU A 105 8.66 -1.92 1.00
CA LEU A 105 8.63 -1.20 -0.27
C LEU A 105 8.96 0.28 -0.09
N MET A 106 8.60 0.81 1.06
CA MET A 106 8.77 2.22 1.37
C MET A 106 10.12 2.49 2.06
N ASP A 107 10.64 3.70 1.89
CA ASP A 107 11.90 4.08 2.53
C ASP A 107 11.64 4.70 3.89
N VAL A 108 12.60 4.56 4.79
CA VAL A 108 12.50 5.17 6.10
C VAL A 108 12.37 6.68 5.98
N GLY A 109 11.31 7.20 6.55
CA GLY A 109 11.11 8.63 6.58
C GLY A 109 10.16 9.10 5.51
N GLU A 110 9.46 8.16 4.87
CA GLU A 110 8.52 8.53 3.84
C GLU A 110 7.09 8.43 4.34
N THR A 111 6.18 8.97 3.55
CA THR A 111 4.77 8.84 3.82
C THR A 111 4.08 8.40 2.56
N ALA A 112 3.49 7.22 2.60
CA ALA A 112 2.83 6.68 1.43
C ALA A 112 1.36 6.47 1.68
N MET A 113 0.56 6.81 0.69
CA MET A 113 -0.85 6.54 0.74
C MET A 113 -1.09 5.27 -0.07
N VAL A 114 -1.56 4.25 0.60
CA VAL A 114 -1.71 2.96 -0.04
C VAL A 114 -3.18 2.63 -0.16
N THR A 115 -3.58 2.20 -1.32
CA THR A 115 -4.91 1.72 -1.47
C THR A 115 -4.86 0.23 -1.66
N ALA A 116 -5.37 -0.45 -0.68
CA ALA A 116 -5.38 -1.89 -0.65
C ALA A 116 -6.80 -2.36 -0.51
N ASP A 117 -7.17 -3.36 -1.29
CA ASP A 117 -8.46 -3.99 -1.12
C ASP A 117 -8.60 -4.41 0.33
N SER A 118 -9.81 -4.36 0.86
CA SER A 118 -10.05 -4.72 2.25
C SER A 118 -9.54 -6.13 2.53
N LYS A 119 -9.49 -6.96 1.51
CA LYS A 119 -8.92 -8.30 1.63
C LYS A 119 -7.48 -8.26 2.19
N TYR A 120 -6.75 -7.18 1.91
CA TYR A 120 -5.41 -6.99 2.47
C TYR A 120 -5.48 -6.10 3.69
N CYS A 121 -6.69 -5.73 4.05
CA CYS A 121 -6.93 -4.82 5.16
C CYS A 121 -7.85 -5.47 6.19
N TYR A 122 -9.17 -5.29 6.04
CA TYR A 122 -10.11 -5.91 6.95
C TYR A 122 -11.37 -6.42 6.25
N GLY A 123 -11.22 -7.03 5.06
CA GLY A 123 -12.36 -7.54 4.29
C GLY A 123 -13.37 -8.31 5.12
N PRO A 124 -13.12 -9.59 5.38
CA PRO A 124 -13.95 -10.39 6.26
C PRO A 124 -13.46 -10.30 7.70
N GLN A 125 -12.61 -9.32 7.95
CA GLN A 125 -11.95 -9.17 9.24
C GLN A 125 -12.61 -8.05 10.03
N GLY A 126 -12.79 -6.93 9.36
CA GLY A 126 -13.30 -5.76 10.01
C GLY A 126 -12.24 -5.01 10.77
N SER A 127 -12.32 -3.70 10.72
CA SER A 127 -11.31 -2.86 11.32
C SER A 127 -11.62 -2.51 12.78
N ARG A 128 -10.59 -1.99 13.46
CA ARG A 128 -10.62 -1.80 14.91
C ARG A 128 -11.71 -0.82 15.36
N SER A 129 -12.12 0.06 14.46
CA SER A 129 -13.25 0.94 14.77
C SER A 129 -14.49 0.45 14.00
N PRO A 130 -14.48 0.52 12.64
CA PRO A 130 -15.52 -0.08 11.83
C PRO A 130 -15.10 -1.41 11.26
N TYR A 131 -15.91 -2.43 11.41
CA TYR A 131 -15.82 -3.56 10.53
C TYR A 131 -15.97 -3.04 9.10
N ILE A 132 -14.84 -2.85 8.43
CA ILE A 132 -14.84 -2.41 7.04
C ILE A 132 -15.49 -3.51 6.19
N PRO A 133 -16.46 -3.16 5.33
CA PRO A 133 -17.11 -4.13 4.43
C PRO A 133 -16.09 -4.92 3.59
N PRO A 134 -16.41 -6.19 3.26
CA PRO A 134 -15.51 -7.05 2.49
C PRO A 134 -15.13 -6.45 1.14
N HIS A 135 -13.84 -6.60 0.81
CA HIS A 135 -13.24 -6.10 -0.44
C HIS A 135 -13.51 -4.62 -0.70
N ALA A 136 -13.82 -3.87 0.35
CA ALA A 136 -13.92 -2.43 0.22
C ALA A 136 -12.52 -1.84 0.16
N ALA A 137 -12.30 -0.95 -0.78
CA ALA A 137 -10.96 -0.47 -1.03
C ALA A 137 -10.52 0.51 0.06
N LEU A 138 -9.53 0.11 0.82
CA LEU A 138 -9.03 0.93 1.91
C LEU A 138 -7.87 1.81 1.44
N CYS A 139 -7.92 3.07 1.79
CA CYS A 139 -6.87 4.01 1.42
C CYS A 139 -6.22 4.56 2.68
N LEU A 140 -5.07 4.02 3.01
CA LEU A 140 -4.41 4.33 4.27
C LEU A 140 -3.11 5.10 4.04
N GLU A 141 -2.90 6.12 4.86
CA GLU A 141 -1.72 6.95 4.76
C GLU A 141 -0.75 6.60 5.88
N VAL A 142 0.41 6.06 5.53
CA VAL A 142 1.36 5.60 6.53
C VAL A 142 2.67 6.39 6.51
N THR A 143 2.98 7.03 7.64
CA THR A 143 4.27 7.66 7.87
C THR A 143 5.24 6.68 8.51
N LEU A 144 6.27 6.28 7.78
CA LEU A 144 7.32 5.48 8.36
C LEU A 144 8.32 6.40 9.02
N LYS A 145 8.13 6.60 10.31
CA LYS A 145 8.87 7.60 11.04
C LYS A 145 10.15 7.00 11.59
N THR A 146 10.11 5.72 11.95
CA THR A 146 11.25 5.07 12.57
C THR A 146 11.30 3.59 12.23
N ALA A 147 12.51 3.02 12.28
CA ALA A 147 12.70 1.59 12.15
C ALA A 147 13.74 1.14 13.17
N VAL A 148 13.42 0.12 13.95
CA VAL A 148 14.33 -0.40 14.94
C VAL A 148 14.72 -1.81 14.57
N ASP A 149 15.96 -2.00 14.19
CA ASP A 149 16.40 -3.32 13.83
C ASP A 149 16.91 -4.04 15.08
N LEU A 150 16.20 -5.10 15.45
CA LEU A 150 16.55 -5.88 16.62
C LEU A 150 16.37 -7.38 16.37
N GLU A 151 15.79 -7.67 15.24
CA GLU A 151 15.52 -9.05 14.83
C GLU A 151 16.62 -9.55 13.91
N HIS A 152 16.79 -8.82 12.80
CA HIS A 152 17.81 -9.13 11.79
C HIS A 152 17.50 -10.46 11.11
N HIS A 153 18.09 -11.53 11.63
CA HIS A 153 17.91 -12.87 11.09
C HIS A 153 18.65 -13.86 11.96
N HIS A 154 17.93 -14.76 12.59
CA HIS A 154 18.54 -15.71 13.51
C HIS A 154 18.68 -17.09 12.88
N HIS A 155 19.89 -17.43 12.52
CA HIS A 155 20.20 -18.70 11.88
C HIS A 155 20.28 -19.84 12.89
N HIS A 156 19.38 -20.80 12.76
CA HIS A 156 19.40 -22.00 13.58
C HIS A 156 19.13 -23.23 12.72
N HIS A 157 19.83 -24.31 13.00
CA HIS A 157 19.67 -25.55 12.25
C HIS A 157 20.31 -26.71 13.01
N MET A 1 31.90 -28.30 -55.75
CA MET A 1 30.59 -27.61 -55.66
C MET A 1 29.78 -28.19 -54.49
N GLY A 2 29.52 -27.35 -53.50
CA GLY A 2 28.84 -27.80 -52.31
C GLY A 2 28.14 -26.69 -51.56
N GLN A 3 28.23 -26.75 -50.24
CA GLN A 3 27.53 -25.82 -49.35
C GLN A 3 26.02 -26.01 -49.46
N PRO A 4 25.45 -26.83 -48.57
CA PRO A 4 24.01 -27.09 -48.53
C PRO A 4 23.24 -25.96 -47.85
N PRO A 5 21.89 -26.00 -47.90
CA PRO A 5 21.04 -25.02 -47.21
C PRO A 5 21.44 -24.84 -45.75
N ALA A 6 21.60 -23.60 -45.33
CA ALA A 6 22.02 -23.29 -43.98
C ALA A 6 20.82 -22.86 -43.13
N GLU A 7 21.01 -22.83 -41.81
CA GLU A 7 19.96 -22.47 -40.87
C GLU A 7 18.85 -23.51 -40.83
N GLU A 8 18.66 -24.07 -39.64
CA GLU A 8 17.73 -25.18 -39.44
C GLU A 8 16.28 -24.75 -39.66
N ALA A 9 16.05 -23.44 -39.63
CA ALA A 9 14.70 -22.89 -39.78
C ALA A 9 13.80 -23.41 -38.68
N GLU A 10 14.33 -23.45 -37.47
CA GLU A 10 13.59 -23.93 -36.30
C GLU A 10 12.33 -23.09 -36.09
N GLN A 11 12.45 -21.78 -36.29
CA GLN A 11 11.31 -20.89 -36.20
C GLN A 11 10.93 -20.37 -37.58
N PRO A 12 9.99 -21.03 -38.26
CA PRO A 12 9.53 -20.63 -39.59
C PRO A 12 8.73 -19.33 -39.56
N GLY A 13 8.07 -19.09 -38.42
CA GLY A 13 7.26 -17.89 -38.25
C GLY A 13 5.96 -17.97 -39.04
N ALA A 14 6.05 -17.63 -40.32
CA ALA A 14 4.91 -17.65 -41.23
C ALA A 14 5.35 -17.25 -42.63
N LEU A 15 5.80 -16.01 -42.76
CA LEU A 15 6.26 -15.48 -44.04
C LEU A 15 7.06 -14.21 -43.80
N ALA A 16 6.46 -13.26 -43.10
CA ALA A 16 7.12 -12.00 -42.80
C ALA A 16 6.85 -11.59 -41.35
N ARG A 17 5.83 -10.76 -41.14
CA ARG A 17 5.45 -10.28 -39.82
C ARG A 17 6.60 -9.55 -39.13
N GLU A 18 7.56 -9.09 -39.93
CA GLU A 18 8.72 -8.36 -39.41
C GLU A 18 8.38 -6.88 -39.26
N PHE A 19 7.33 -6.47 -39.98
CA PHE A 19 6.85 -5.09 -39.99
C PHE A 19 7.84 -4.20 -40.75
N LEU A 20 7.43 -2.96 -41.02
CA LEU A 20 8.28 -2.01 -41.72
C LEU A 20 9.25 -1.35 -40.75
N ALA A 21 10.47 -1.90 -40.69
CA ALA A 21 11.51 -1.44 -39.76
C ALA A 21 11.12 -1.75 -38.32
N ALA A 22 10.49 -0.79 -37.64
CA ALA A 22 10.05 -0.96 -36.26
C ALA A 22 11.18 -1.47 -35.36
N MET A 23 10.84 -2.34 -34.40
CA MET A 23 11.82 -3.01 -33.53
C MET A 23 12.43 -2.06 -32.49
N GLU A 24 12.37 -0.76 -32.77
CA GLU A 24 12.85 0.24 -31.84
C GLU A 24 11.70 0.68 -30.91
N PRO A 25 11.74 0.28 -29.64
CA PRO A 25 10.75 0.66 -28.65
C PRO A 25 11.20 1.83 -27.78
N GLU A 26 10.72 3.02 -28.10
CA GLU A 26 11.07 4.20 -27.32
C GLU A 26 10.20 4.27 -26.07
N PRO A 27 10.82 4.41 -24.89
CA PRO A 27 10.12 4.51 -23.63
C PRO A 27 9.50 5.90 -23.44
N ALA A 28 8.21 6.01 -23.77
CA ALA A 28 7.49 7.25 -23.54
C ALA A 28 6.75 7.17 -22.21
N PRO A 29 7.19 7.97 -21.23
CA PRO A 29 6.57 7.99 -19.89
C PRO A 29 5.08 8.28 -19.94
N ALA A 30 4.32 7.40 -19.32
CA ALA A 30 2.88 7.56 -19.21
C ALA A 30 2.42 7.09 -17.84
N PRO A 31 2.66 7.90 -16.81
CA PRO A 31 2.26 7.58 -15.44
C PRO A 31 0.75 7.54 -15.29
N ALA A 32 0.26 6.46 -14.70
CA ALA A 32 -1.17 6.35 -14.44
C ALA A 32 -1.51 7.07 -13.14
N PRO A 33 -2.45 8.03 -13.20
CA PRO A 33 -2.80 8.84 -12.04
C PRO A 33 -3.39 8.03 -10.89
N GLU A 34 -4.16 7.00 -11.23
CA GLU A 34 -4.89 6.22 -10.23
C GLU A 34 -4.20 4.89 -9.96
N GLU A 35 -3.54 4.37 -10.97
CA GLU A 35 -2.84 3.10 -10.85
C GLU A 35 -1.41 3.32 -10.38
N TRP A 36 -1.18 3.17 -9.09
CA TRP A 36 0.16 3.27 -8.54
C TRP A 36 0.85 1.92 -8.68
N LEU A 37 1.94 1.74 -7.97
CA LEU A 37 2.66 0.49 -7.98
C LEU A 37 1.88 -0.55 -7.18
N ASP A 38 1.32 -1.54 -7.86
CA ASP A 38 0.64 -2.61 -7.16
C ASP A 38 1.67 -3.52 -6.54
N ILE A 39 1.55 -3.70 -5.24
CA ILE A 39 2.49 -4.47 -4.46
C ILE A 39 2.59 -5.90 -4.98
N LEU A 40 1.49 -6.40 -5.51
CA LEU A 40 1.45 -7.74 -6.04
C LEU A 40 1.19 -7.72 -7.55
N GLY A 41 0.95 -6.52 -8.07
CA GLY A 41 0.57 -6.36 -9.45
C GLY A 41 -0.80 -6.96 -9.71
N ASN A 42 -1.58 -7.06 -8.64
CA ASN A 42 -2.87 -7.72 -8.72
C ASN A 42 -4.03 -6.74 -8.93
N GLY A 43 -3.79 -5.46 -8.70
CA GLY A 43 -4.72 -4.43 -9.15
C GLY A 43 -5.40 -3.68 -8.03
N LEU A 44 -5.32 -4.18 -6.81
CA LEU A 44 -6.06 -3.59 -5.70
C LEU A 44 -5.19 -3.29 -4.49
N LEU A 45 -3.92 -3.63 -4.55
CA LEU A 45 -3.00 -3.35 -3.47
C LEU A 45 -1.84 -2.50 -3.97
N ARG A 46 -1.89 -1.20 -3.73
CA ARG A 46 -0.94 -0.27 -4.34
C ARG A 46 -0.41 0.75 -3.34
N LYS A 47 0.88 1.04 -3.42
CA LYS A 47 1.52 2.01 -2.54
C LYS A 47 1.93 3.25 -3.33
N LYS A 48 1.44 4.41 -2.91
CA LYS A 48 1.80 5.67 -3.57
C LYS A 48 2.73 6.50 -2.69
N THR A 49 3.87 6.87 -3.24
CA THR A 49 4.84 7.70 -2.52
C THR A 49 4.46 9.17 -2.58
N LEU A 50 3.91 9.66 -1.47
CA LEU A 50 3.66 11.09 -1.33
C LEU A 50 5.01 11.76 -1.21
N VAL A 51 5.79 11.19 -0.31
CA VAL A 51 7.19 11.52 -0.13
C VAL A 51 7.88 10.21 0.15
N PRO A 52 8.93 9.88 -0.60
CA PRO A 52 9.67 8.66 -0.42
C PRO A 52 11.03 8.86 0.24
N GLY A 53 11.02 9.41 1.44
CA GLY A 53 12.24 9.62 2.18
C GLY A 53 13.06 10.78 1.65
N PRO A 54 13.98 11.31 2.46
CA PRO A 54 14.97 12.30 1.99
C PRO A 54 16.00 11.63 1.06
N PRO A 55 16.92 12.40 0.46
CA PRO A 55 17.99 11.84 -0.37
C PRO A 55 19.01 11.07 0.46
N GLY A 56 18.64 9.87 0.89
CA GLY A 56 19.56 9.02 1.63
C GLY A 56 18.89 8.30 2.79
N SER A 57 17.75 7.67 2.52
CA SER A 57 17.05 6.91 3.54
C SER A 57 17.42 5.44 3.44
N SER A 58 16.63 4.58 4.06
CA SER A 58 16.80 3.15 3.95
C SER A 58 15.45 2.47 4.10
N ARG A 59 15.23 1.40 3.35
CA ARG A 59 13.97 0.68 3.48
C ARG A 59 14.12 -0.41 4.53
N PRO A 60 13.35 -0.31 5.63
CA PRO A 60 13.39 -1.26 6.74
C PRO A 60 13.26 -2.71 6.28
N VAL A 61 13.92 -3.60 7.00
CA VAL A 61 13.91 -5.02 6.63
C VAL A 61 12.85 -5.74 7.44
N LYS A 62 12.32 -6.82 6.89
CA LYS A 62 11.38 -7.65 7.61
C LYS A 62 12.08 -8.25 8.81
N GLY A 63 11.51 -7.97 9.96
CA GLY A 63 12.12 -8.35 11.21
C GLY A 63 12.33 -7.16 12.10
N GLN A 64 12.43 -5.99 11.50
CA GLN A 64 12.59 -4.78 12.28
C GLN A 64 11.23 -4.28 12.69
N VAL A 65 11.09 -3.90 13.95
CA VAL A 65 9.86 -3.26 14.38
C VAL A 65 9.94 -1.79 14.01
N VAL A 66 8.91 -1.31 13.39
CA VAL A 66 8.91 0.01 12.83
C VAL A 66 7.70 0.79 13.30
N THR A 67 7.85 2.09 13.43
CA THR A 67 6.75 2.93 13.83
C THR A 67 6.12 3.58 12.63
N VAL A 68 4.90 3.20 12.32
CA VAL A 68 4.17 3.82 11.25
C VAL A 68 3.04 4.65 11.80
N HIS A 69 2.77 5.75 11.16
CA HIS A 69 1.58 6.50 11.49
C HIS A 69 0.56 6.19 10.43
N LEU A 70 -0.55 5.60 10.82
CA LEU A 70 -1.57 5.31 9.85
C LEU A 70 -2.85 6.04 10.18
N GLN A 71 -3.43 6.58 9.15
CA GLN A 71 -4.78 7.06 9.18
C GLN A 71 -5.41 6.56 7.92
N THR A 72 -6.36 5.70 8.09
CA THR A 72 -6.87 4.92 7.00
C THR A 72 -8.21 5.45 6.56
N SER A 73 -8.33 5.71 5.28
CA SER A 73 -9.53 6.24 4.71
C SER A 73 -10.25 5.15 3.94
N LEU A 74 -11.52 5.37 3.72
CA LEU A 74 -12.31 4.49 2.91
C LEU A 74 -12.19 4.89 1.46
N GLU A 75 -12.60 4.01 0.56
CA GLU A 75 -12.63 4.34 -0.86
C GLU A 75 -13.49 5.58 -1.10
N ASN A 76 -14.42 5.82 -0.17
CA ASN A 76 -15.32 6.97 -0.24
C ASN A 76 -14.69 8.21 0.40
N GLY A 77 -13.51 8.05 0.97
CA GLY A 77 -12.79 9.18 1.51
C GLY A 77 -12.99 9.37 3.00
N THR A 78 -13.66 8.42 3.65
CA THR A 78 -13.86 8.52 5.09
C THR A 78 -12.75 7.82 5.87
N ARG A 79 -11.95 8.59 6.59
CA ARG A 79 -10.90 8.03 7.43
C ARG A 79 -11.50 7.40 8.69
N VAL A 80 -11.30 6.10 8.79
CA VAL A 80 -11.99 5.29 9.78
C VAL A 80 -11.10 4.95 10.96
N GLN A 81 -9.82 5.27 10.86
CA GLN A 81 -8.87 4.97 11.92
C GLN A 81 -7.66 5.90 11.85
N GLU A 82 -7.37 6.55 12.96
CA GLU A 82 -6.18 7.40 13.05
C GLU A 82 -5.30 6.93 14.20
N GLU A 83 -4.07 6.60 13.89
CA GLU A 83 -3.12 6.17 14.88
C GLU A 83 -1.73 6.71 14.56
N PRO A 84 -1.21 7.59 15.43
CA PRO A 84 0.03 8.33 15.20
C PRO A 84 1.27 7.45 15.27
N GLU A 85 1.14 6.28 15.87
CA GLU A 85 2.30 5.41 16.04
C GLU A 85 1.88 3.96 16.22
N LEU A 86 2.13 3.21 15.18
CA LEU A 86 1.89 1.80 15.14
C LEU A 86 3.22 1.08 14.95
N VAL A 87 3.70 0.45 16.01
CA VAL A 87 4.96 -0.29 15.92
C VAL A 87 4.68 -1.79 15.77
N PHE A 88 5.35 -2.41 14.82
CA PHE A 88 5.12 -3.83 14.53
C PHE A 88 6.34 -4.43 13.85
N THR A 89 6.41 -5.75 13.84
CA THR A 89 7.51 -6.46 13.21
C THR A 89 7.19 -6.73 11.74
N LEU A 90 7.99 -6.16 10.86
CA LEU A 90 7.85 -6.38 9.42
C LEU A 90 8.02 -7.85 9.06
N GLY A 91 7.15 -8.35 8.19
CA GLY A 91 7.27 -9.71 7.71
C GLY A 91 6.83 -10.71 8.77
N ASP A 92 6.17 -10.19 9.79
CA ASP A 92 5.70 -11.03 10.88
C ASP A 92 4.19 -11.05 10.85
N CYS A 93 3.63 -10.27 9.92
CA CYS A 93 2.19 -10.20 9.73
C CYS A 93 1.53 -9.77 11.02
N ASP A 94 2.21 -8.90 11.75
CA ASP A 94 1.69 -8.41 13.01
C ASP A 94 0.58 -7.41 12.72
N VAL A 95 0.46 -7.09 11.45
CA VAL A 95 -0.50 -6.11 10.95
C VAL A 95 -1.27 -6.66 9.75
N ILE A 96 -1.84 -5.76 8.95
CA ILE A 96 -2.49 -6.16 7.73
C ILE A 96 -1.41 -6.36 6.68
N GLN A 97 -1.54 -7.40 5.89
CA GLN A 97 -0.49 -7.78 4.97
C GLN A 97 -0.17 -6.65 3.99
N ALA A 98 -1.19 -5.85 3.68
CA ALA A 98 -1.00 -4.68 2.83
C ALA A 98 0.07 -3.76 3.41
N LEU A 99 0.04 -3.63 4.72
CA LEU A 99 0.99 -2.77 5.41
C LEU A 99 2.34 -3.47 5.55
N ASP A 100 2.27 -4.74 5.90
CA ASP A 100 3.46 -5.53 6.21
C ASP A 100 4.38 -5.55 5.01
N LEU A 101 3.79 -5.48 3.82
CA LEU A 101 4.54 -5.46 2.59
C LEU A 101 4.88 -4.03 2.12
N SER A 102 3.98 -3.08 2.35
CA SER A 102 4.15 -1.74 1.79
C SER A 102 5.29 -1.00 2.49
N VAL A 103 5.50 -1.34 3.74
CA VAL A 103 6.53 -0.70 4.55
C VAL A 103 7.95 -0.98 4.05
N PRO A 104 8.34 -2.25 3.86
CA PRO A 104 9.65 -2.58 3.28
C PRO A 104 9.76 -2.10 1.84
N LEU A 105 8.60 -1.87 1.22
CA LEU A 105 8.55 -1.24 -0.09
C LEU A 105 8.74 0.28 0.02
N MET A 106 8.56 0.79 1.23
CA MET A 106 8.69 2.22 1.50
C MET A 106 10.05 2.53 2.14
N ASP A 107 10.51 3.77 2.00
CA ASP A 107 11.79 4.17 2.57
C ASP A 107 11.59 4.81 3.94
N VAL A 108 12.62 4.75 4.78
CA VAL A 108 12.56 5.36 6.09
C VAL A 108 12.39 6.87 5.95
N GLY A 109 11.35 7.37 6.58
CA GLY A 109 11.08 8.79 6.57
C GLY A 109 10.15 9.20 5.46
N GLU A 110 9.43 8.24 4.87
CA GLU A 110 8.50 8.57 3.81
C GLU A 110 7.08 8.49 4.32
N THR A 111 6.17 9.00 3.51
CA THR A 111 4.77 8.91 3.78
C THR A 111 4.10 8.38 2.54
N ALA A 112 3.49 7.21 2.66
CA ALA A 112 2.89 6.58 1.51
C ALA A 112 1.40 6.40 1.72
N MET A 113 0.64 6.68 0.69
CA MET A 113 -0.77 6.41 0.71
C MET A 113 -0.98 5.11 -0.03
N VAL A 114 -1.48 4.12 0.66
CA VAL A 114 -1.63 2.81 0.08
C VAL A 114 -3.10 2.47 -0.06
N THR A 115 -3.50 2.07 -1.24
CA THR A 115 -4.84 1.60 -1.38
C THR A 115 -4.81 0.11 -1.57
N ALA A 116 -5.33 -0.55 -0.57
CA ALA A 116 -5.39 -1.99 -0.55
C ALA A 116 -6.82 -2.42 -0.42
N ASP A 117 -7.21 -3.41 -1.21
CA ASP A 117 -8.52 -4.01 -1.06
C ASP A 117 -8.69 -4.44 0.38
N SER A 118 -9.89 -4.34 0.88
CA SER A 118 -10.19 -4.71 2.25
C SER A 118 -9.68 -6.12 2.55
N LYS A 119 -9.58 -6.95 1.53
CA LYS A 119 -9.03 -8.29 1.67
C LYS A 119 -7.63 -8.28 2.31
N TYR A 120 -6.83 -7.25 2.00
CA TYR A 120 -5.51 -7.11 2.62
C TYR A 120 -5.57 -6.19 3.81
N CYS A 121 -6.78 -5.73 4.10
CA CYS A 121 -7.01 -4.81 5.20
C CYS A 121 -7.95 -5.45 6.21
N TYR A 122 -9.27 -5.24 6.07
CA TYR A 122 -10.21 -5.84 6.99
C TYR A 122 -11.52 -6.25 6.30
N GLY A 123 -11.44 -6.81 5.10
CA GLY A 123 -12.65 -7.25 4.39
C GLY A 123 -13.50 -8.21 5.19
N PRO A 124 -13.18 -9.51 5.18
CA PRO A 124 -13.88 -10.50 5.99
C PRO A 124 -13.39 -10.48 7.43
N GLN A 125 -12.58 -9.47 7.75
CA GLN A 125 -11.95 -9.38 9.04
C GLN A 125 -12.64 -8.33 9.90
N GLY A 126 -12.78 -7.15 9.30
CA GLY A 126 -13.29 -6.00 10.00
C GLY A 126 -12.21 -5.33 10.81
N SER A 127 -12.28 -4.02 10.86
CA SER A 127 -11.28 -3.23 11.52
C SER A 127 -11.61 -2.96 12.99
N ARG A 128 -10.57 -2.69 13.77
CA ARG A 128 -10.67 -2.41 15.21
C ARG A 128 -11.84 -1.48 15.54
N SER A 129 -11.80 -0.26 15.03
CA SER A 129 -12.88 0.69 15.26
C SER A 129 -14.11 0.29 14.44
N PRO A 130 -14.08 0.34 13.09
CA PRO A 130 -15.18 -0.11 12.27
C PRO A 130 -14.89 -1.44 11.59
N TYR A 131 -15.77 -2.41 11.73
CA TYR A 131 -15.73 -3.57 10.86
C TYR A 131 -15.84 -3.09 9.41
N ILE A 132 -14.68 -2.99 8.75
CA ILE A 132 -14.64 -2.52 7.38
C ILE A 132 -15.33 -3.54 6.47
N PRO A 133 -16.26 -3.11 5.62
CA PRO A 133 -16.96 -3.99 4.68
C PRO A 133 -16.00 -4.74 3.75
N PRO A 134 -16.34 -6.00 3.40
CA PRO A 134 -15.51 -6.83 2.53
C PRO A 134 -15.25 -6.19 1.17
N HIS A 135 -13.99 -6.24 0.76
CA HIS A 135 -13.55 -5.75 -0.55
C HIS A 135 -13.67 -4.23 -0.66
N ALA A 136 -13.93 -3.55 0.44
CA ALA A 136 -13.93 -2.10 0.43
C ALA A 136 -12.50 -1.62 0.28
N ALA A 137 -12.24 -0.81 -0.72
CA ALA A 137 -10.87 -0.42 -1.00
C ALA A 137 -10.40 0.58 0.05
N LEU A 138 -9.45 0.15 0.85
CA LEU A 138 -8.95 0.97 1.95
C LEU A 138 -7.78 1.82 1.48
N CYS A 139 -7.83 3.09 1.80
CA CYS A 139 -6.77 4.00 1.43
C CYS A 139 -6.12 4.54 2.68
N LEU A 140 -4.99 3.97 3.04
CA LEU A 140 -4.36 4.30 4.30
C LEU A 140 -3.07 5.07 4.08
N GLU A 141 -2.87 6.09 4.87
CA GLU A 141 -1.70 6.93 4.76
C GLU A 141 -0.73 6.59 5.89
N VAL A 142 0.42 6.04 5.55
CA VAL A 142 1.37 5.59 6.54
C VAL A 142 2.67 6.40 6.51
N THR A 143 2.96 7.01 7.65
CA THR A 143 4.23 7.69 7.87
C THR A 143 5.24 6.73 8.51
N LEU A 144 6.28 6.37 7.78
CA LEU A 144 7.35 5.58 8.36
C LEU A 144 8.32 6.50 9.06
N LYS A 145 8.16 6.61 10.36
CA LYS A 145 8.87 7.59 11.14
C LYS A 145 10.14 6.98 11.73
N THR A 146 10.11 5.68 11.96
CA THR A 146 11.24 4.99 12.57
C THR A 146 11.26 3.51 12.18
N ALA A 147 12.46 2.96 12.07
CA ALA A 147 12.63 1.53 11.88
C ALA A 147 13.77 1.03 12.74
N VAL A 148 13.53 -0.02 13.54
CA VAL A 148 14.58 -0.52 14.43
C VAL A 148 14.57 -2.04 14.46
N ASP A 149 15.76 -2.63 14.52
CA ASP A 149 15.88 -4.08 14.52
C ASP A 149 15.48 -4.66 15.87
N LEU A 150 14.44 -5.51 15.86
CA LEU A 150 13.90 -6.08 17.09
C LEU A 150 13.27 -7.43 16.76
N GLU A 151 13.89 -8.17 15.86
CA GLU A 151 13.36 -9.47 15.44
C GLU A 151 13.59 -10.51 16.54
N HIS A 152 12.78 -11.57 16.54
CA HIS A 152 12.75 -12.51 17.65
C HIS A 152 13.29 -13.89 17.26
N HIS A 153 12.91 -14.39 16.09
CA HIS A 153 13.32 -15.73 15.68
C HIS A 153 13.43 -15.81 14.16
N HIS A 154 14.66 -15.85 13.68
CA HIS A 154 14.92 -15.88 12.24
C HIS A 154 14.43 -17.18 11.62
N HIS A 155 13.26 -17.14 10.99
CA HIS A 155 12.72 -18.32 10.34
C HIS A 155 12.59 -18.12 8.83
N HIS A 156 13.10 -17.00 8.34
CA HIS A 156 13.05 -16.70 6.90
C HIS A 156 14.23 -15.83 6.49
N HIS A 157 14.64 -15.96 5.23
CA HIS A 157 15.70 -15.14 4.66
C HIS A 157 15.60 -15.16 3.14
N MET A 1 21.94 -25.51 -46.01
CA MET A 1 22.38 -24.71 -47.18
C MET A 1 23.00 -23.40 -46.74
N GLY A 2 22.26 -22.64 -45.93
CA GLY A 2 22.73 -21.34 -45.50
C GLY A 2 21.79 -20.23 -45.93
N GLN A 3 20.49 -20.50 -45.81
CA GLN A 3 19.46 -19.58 -46.27
C GLN A 3 19.24 -18.47 -45.24
N PRO A 4 18.80 -17.29 -45.69
CA PRO A 4 18.46 -16.17 -44.81
C PRO A 4 17.22 -16.46 -43.98
N PRO A 5 17.13 -15.86 -42.78
CA PRO A 5 15.95 -16.00 -41.93
C PRO A 5 14.74 -15.25 -42.48
N ALA A 6 13.55 -15.73 -42.12
CA ALA A 6 12.29 -15.11 -42.53
C ALA A 6 12.02 -15.26 -44.03
N GLU A 7 11.00 -14.56 -44.52
CA GLU A 7 10.59 -14.65 -45.91
C GLU A 7 10.36 -13.24 -46.47
N GLU A 8 10.76 -13.04 -47.72
CA GLU A 8 10.67 -11.72 -48.35
C GLU A 8 9.65 -11.74 -49.50
N ALA A 9 8.79 -12.76 -49.47
CA ALA A 9 7.65 -12.90 -50.39
C ALA A 9 8.09 -13.46 -51.75
N GLU A 10 7.10 -13.95 -52.49
CA GLU A 10 7.33 -14.65 -53.75
C GLU A 10 6.43 -14.08 -54.84
N GLN A 11 5.14 -14.33 -54.71
CA GLN A 11 4.17 -13.93 -55.73
C GLN A 11 3.48 -12.63 -55.34
N PRO A 12 3.58 -11.61 -56.19
CA PRO A 12 2.89 -10.34 -55.99
C PRO A 12 1.40 -10.46 -56.26
N GLY A 13 0.59 -10.07 -55.29
CA GLY A 13 -0.86 -10.17 -55.44
C GLY A 13 -1.50 -10.89 -54.27
N ALA A 14 -0.94 -10.73 -53.09
CA ALA A 14 -1.46 -11.38 -51.89
C ALA A 14 -1.60 -10.39 -50.76
N LEU A 15 -2.68 -10.52 -50.00
CA LEU A 15 -2.93 -9.64 -48.85
C LEU A 15 -3.33 -10.47 -47.64
N ALA A 16 -2.70 -10.21 -46.50
CA ALA A 16 -2.95 -10.99 -45.28
C ALA A 16 -2.31 -10.34 -44.06
N ARG A 17 -2.07 -9.04 -44.12
CA ARG A 17 -1.41 -8.34 -43.01
C ARG A 17 -2.05 -6.98 -42.76
N GLU A 18 -3.13 -6.70 -43.49
CA GLU A 18 -3.73 -5.39 -43.54
C GLU A 18 -4.04 -4.82 -42.17
N PHE A 19 -4.91 -5.49 -41.44
CA PHE A 19 -5.47 -4.89 -40.24
C PHE A 19 -4.86 -5.47 -38.98
N LEU A 20 -4.73 -4.63 -37.97
CA LEU A 20 -4.19 -5.03 -36.68
C LEU A 20 -5.27 -5.70 -35.83
N ALA A 21 -5.47 -6.99 -36.06
CA ALA A 21 -6.44 -7.76 -35.30
C ALA A 21 -5.90 -9.15 -35.01
N ALA A 22 -5.00 -9.22 -34.03
CA ALA A 22 -4.39 -10.48 -33.65
C ALA A 22 -4.78 -10.85 -32.23
N MET A 23 -4.56 -9.92 -31.30
CA MET A 23 -4.90 -10.14 -29.91
C MET A 23 -5.05 -8.80 -29.19
N GLU A 24 -6.06 -8.05 -29.60
CA GLU A 24 -6.36 -6.76 -28.98
C GLU A 24 -7.60 -6.89 -28.12
N PRO A 25 -7.44 -6.88 -26.78
CA PRO A 25 -8.54 -7.12 -25.84
C PRO A 25 -9.42 -5.90 -25.62
N GLU A 26 -10.41 -6.05 -24.75
CA GLU A 26 -11.32 -4.97 -24.42
C GLU A 26 -10.84 -4.25 -23.17
N PRO A 27 -10.89 -2.91 -23.17
CA PRO A 27 -10.52 -2.10 -22.01
C PRO A 27 -11.49 -2.32 -20.86
N ALA A 28 -11.05 -3.06 -19.85
CA ALA A 28 -11.87 -3.34 -18.69
C ALA A 28 -12.09 -2.07 -17.88
N PRO A 29 -13.29 -1.87 -17.33
CA PRO A 29 -13.61 -0.69 -16.51
C PRO A 29 -12.67 -0.54 -15.32
N ALA A 30 -12.08 0.64 -15.20
CA ALA A 30 -11.20 0.94 -14.09
C ALA A 30 -11.17 2.44 -13.81
N PRO A 31 -12.28 3.00 -13.28
CA PRO A 31 -12.36 4.40 -12.91
C PRO A 31 -11.55 4.71 -11.64
N ALA A 32 -10.23 4.60 -11.76
CA ALA A 32 -9.33 4.88 -10.65
C ALA A 32 -8.73 6.28 -10.81
N PRO A 33 -8.69 7.06 -9.72
CA PRO A 33 -8.15 8.43 -9.74
C PRO A 33 -6.72 8.47 -10.26
N GLU A 34 -5.91 7.53 -9.79
CA GLU A 34 -4.53 7.41 -10.20
C GLU A 34 -4.05 5.98 -9.97
N GLU A 35 -3.16 5.50 -10.81
CA GLU A 35 -2.68 4.14 -10.71
C GLU A 35 -1.20 4.11 -10.35
N TRP A 36 -0.92 3.75 -9.10
CA TRP A 36 0.45 3.75 -8.59
C TRP A 36 1.07 2.37 -8.77
N LEU A 37 2.14 2.10 -8.03
CA LEU A 37 2.84 0.83 -8.11
C LEU A 37 1.98 -0.29 -7.52
N ASP A 38 1.52 -1.18 -8.40
CA ASP A 38 0.81 -2.36 -7.99
C ASP A 38 1.76 -3.36 -7.34
N ILE A 39 1.74 -3.38 -6.00
CA ILE A 39 2.60 -4.22 -5.19
C ILE A 39 2.59 -5.67 -5.66
N LEU A 40 1.40 -6.22 -5.88
CA LEU A 40 1.29 -7.61 -6.27
C LEU A 40 0.92 -7.73 -7.75
N GLY A 41 0.86 -6.59 -8.42
CA GLY A 41 0.51 -6.55 -9.82
C GLY A 41 -0.93 -6.95 -10.07
N ASN A 42 -1.73 -6.88 -9.02
CA ASN A 42 -3.13 -7.24 -9.10
C ASN A 42 -4.02 -6.00 -9.28
N GLY A 43 -3.54 -4.84 -8.86
CA GLY A 43 -4.28 -3.61 -9.11
C GLY A 43 -4.97 -3.05 -7.90
N LEU A 44 -5.33 -3.92 -6.94
CA LEU A 44 -6.11 -3.48 -5.79
C LEU A 44 -5.22 -3.13 -4.60
N LEU A 45 -3.95 -3.49 -4.72
CA LEU A 45 -2.96 -3.13 -3.71
C LEU A 45 -1.83 -2.32 -4.34
N ARG A 46 -1.78 -1.02 -4.05
CA ARG A 46 -0.78 -0.12 -4.62
C ARG A 46 -0.31 0.91 -3.60
N LYS A 47 0.99 1.23 -3.61
CA LYS A 47 1.54 2.23 -2.70
C LYS A 47 1.96 3.47 -3.48
N LYS A 48 1.52 4.65 -3.04
CA LYS A 48 1.95 5.89 -3.65
C LYS A 48 2.91 6.64 -2.74
N THR A 49 4.04 7.03 -3.29
CA THR A 49 4.99 7.83 -2.56
C THR A 49 4.60 9.29 -2.56
N LEU A 50 4.03 9.75 -1.46
CA LEU A 50 3.79 11.18 -1.29
C LEU A 50 5.13 11.84 -1.14
N VAL A 51 5.89 11.28 -0.23
CA VAL A 51 7.29 11.59 -0.03
C VAL A 51 7.99 10.29 0.22
N PRO A 52 9.02 9.96 -0.53
CA PRO A 52 9.77 8.73 -0.35
C PRO A 52 11.11 8.94 0.36
N GLY A 53 11.02 9.36 1.60
CA GLY A 53 12.20 9.52 2.43
C GLY A 53 12.99 10.76 2.11
N PRO A 54 13.96 11.11 2.96
CA PRO A 54 14.90 12.19 2.68
C PRO A 54 15.97 11.71 1.69
N PRO A 55 16.79 12.63 1.15
CA PRO A 55 17.88 12.28 0.24
C PRO A 55 18.92 11.38 0.91
N GLY A 56 18.65 10.09 0.92
CA GLY A 56 19.54 9.14 1.56
C GLY A 56 18.85 8.36 2.66
N SER A 57 17.67 7.84 2.37
CA SER A 57 16.92 7.05 3.32
C SER A 57 17.32 5.59 3.25
N SER A 58 16.59 4.76 3.97
CA SER A 58 16.80 3.33 3.98
C SER A 58 15.49 2.63 4.30
N ARG A 59 15.07 1.69 3.48
CA ARG A 59 13.86 0.97 3.77
C ARG A 59 14.15 -0.27 4.61
N PRO A 60 13.49 -0.35 5.78
CA PRO A 60 13.71 -1.42 6.76
C PRO A 60 13.49 -2.81 6.21
N VAL A 61 14.15 -3.78 6.84
CA VAL A 61 14.01 -5.17 6.45
C VAL A 61 12.94 -5.83 7.31
N LYS A 62 12.31 -6.87 6.80
CA LYS A 62 11.30 -7.59 7.57
C LYS A 62 11.96 -8.30 8.73
N GLY A 63 11.55 -7.93 9.92
CA GLY A 63 12.20 -8.37 11.12
C GLY A 63 12.52 -7.19 11.99
N GLN A 64 12.62 -6.01 11.38
CA GLN A 64 12.84 -4.81 12.13
C GLN A 64 11.53 -4.33 12.72
N VAL A 65 11.59 -3.81 13.92
CA VAL A 65 10.44 -3.21 14.55
C VAL A 65 10.30 -1.78 14.07
N VAL A 66 9.17 -1.46 13.46
CA VAL A 66 9.00 -0.17 12.81
C VAL A 66 7.76 0.54 13.30
N THR A 67 7.84 1.86 13.34
CA THR A 67 6.72 2.69 13.75
C THR A 67 6.10 3.34 12.53
N VAL A 68 4.87 2.98 12.23
CA VAL A 68 4.16 3.64 11.17
C VAL A 68 3.02 4.46 11.75
N HIS A 69 2.76 5.58 11.14
CA HIS A 69 1.57 6.33 11.46
C HIS A 69 0.57 6.06 10.36
N LEU A 70 -0.52 5.42 10.68
CA LEU A 70 -1.51 5.18 9.67
C LEU A 70 -2.81 5.89 9.98
N GLN A 71 -3.35 6.49 8.96
CA GLN A 71 -4.71 6.98 9.00
C GLN A 71 -5.36 6.51 7.75
N THR A 72 -6.30 5.66 7.92
CA THR A 72 -6.87 4.93 6.84
C THR A 72 -8.21 5.49 6.44
N SER A 73 -8.34 5.81 5.18
CA SER A 73 -9.56 6.34 4.64
C SER A 73 -10.24 5.28 3.82
N LEU A 74 -11.52 5.45 3.62
CA LEU A 74 -12.28 4.55 2.78
C LEU A 74 -12.19 4.99 1.34
N GLU A 75 -12.59 4.10 0.43
CA GLU A 75 -12.56 4.38 -1.00
C GLU A 75 -13.34 5.65 -1.35
N ASN A 76 -14.21 6.10 -0.43
CA ASN A 76 -15.03 7.28 -0.67
C ASN A 76 -14.41 8.52 -0.02
N GLY A 77 -13.46 8.29 0.88
CA GLY A 77 -12.82 9.39 1.58
C GLY A 77 -13.22 9.49 3.04
N THR A 78 -13.65 8.37 3.63
CA THR A 78 -13.98 8.35 5.05
C THR A 78 -12.86 7.70 5.85
N ARG A 79 -12.14 8.50 6.62
CA ARG A 79 -11.08 7.97 7.46
C ARG A 79 -11.66 7.24 8.65
N VAL A 80 -11.42 5.94 8.67
CA VAL A 80 -12.04 5.06 9.63
C VAL A 80 -11.12 4.74 10.80
N GLN A 81 -9.87 5.17 10.69
CA GLN A 81 -8.88 4.91 11.71
C GLN A 81 -7.69 5.86 11.56
N GLU A 82 -7.34 6.55 12.62
CA GLU A 82 -6.18 7.42 12.62
C GLU A 82 -5.31 7.14 13.84
N GLU A 83 -4.18 6.50 13.59
CA GLU A 83 -3.28 6.05 14.64
C GLU A 83 -1.87 6.57 14.39
N PRO A 84 -1.36 7.39 15.32
CA PRO A 84 -0.09 8.11 15.15
C PRO A 84 1.14 7.22 15.22
N GLU A 85 1.00 6.03 15.78
CA GLU A 85 2.15 5.16 15.94
C GLU A 85 1.76 3.72 16.18
N LEU A 86 1.82 2.99 15.11
CA LEU A 86 1.61 1.56 15.10
C LEU A 86 2.96 0.88 14.88
N VAL A 87 3.46 0.27 15.93
CA VAL A 87 4.77 -0.37 15.88
C VAL A 87 4.60 -1.89 15.80
N PHE A 88 5.38 -2.53 14.94
CA PHE A 88 5.24 -3.97 14.71
C PHE A 88 6.51 -4.56 14.13
N THR A 89 6.57 -5.89 14.12
CA THR A 89 7.68 -6.60 13.51
C THR A 89 7.35 -6.84 12.03
N LEU A 90 8.11 -6.17 11.16
CA LEU A 90 7.90 -6.29 9.73
C LEU A 90 7.92 -7.75 9.28
N GLY A 91 6.84 -8.20 8.67
CA GLY A 91 6.81 -9.52 8.12
C GLY A 91 6.18 -10.55 9.03
N ASP A 92 5.79 -10.13 10.22
CA ASP A 92 5.21 -11.08 11.16
C ASP A 92 3.71 -10.96 11.14
N CYS A 93 3.23 -10.22 10.15
CA CYS A 93 1.80 -10.03 9.95
C CYS A 93 1.18 -9.41 11.17
N ASP A 94 1.96 -8.60 11.88
CA ASP A 94 1.47 -7.96 13.08
C ASP A 94 0.39 -6.95 12.73
N VAL A 95 0.30 -6.70 11.44
CA VAL A 95 -0.59 -5.69 10.89
C VAL A 95 -1.38 -6.27 9.74
N ILE A 96 -1.97 -5.41 8.93
CA ILE A 96 -2.62 -5.84 7.72
C ILE A 96 -1.54 -6.17 6.71
N GLN A 97 -1.76 -7.21 5.94
CA GLN A 97 -0.73 -7.71 5.04
C GLN A 97 -0.38 -6.65 3.99
N ALA A 98 -1.33 -5.79 3.66
CA ALA A 98 -1.07 -4.66 2.79
C ALA A 98 0.04 -3.80 3.36
N LEU A 99 -0.05 -3.53 4.66
CA LEU A 99 0.92 -2.68 5.34
C LEU A 99 2.25 -3.39 5.52
N ASP A 100 2.16 -4.66 5.87
CA ASP A 100 3.31 -5.47 6.19
C ASP A 100 4.26 -5.52 4.99
N LEU A 101 3.65 -5.46 3.80
CA LEU A 101 4.40 -5.45 2.56
C LEU A 101 4.74 -4.03 2.10
N SER A 102 3.84 -3.08 2.38
CA SER A 102 4.00 -1.73 1.85
C SER A 102 5.16 -1.01 2.55
N VAL A 103 5.41 -1.40 3.79
CA VAL A 103 6.47 -0.79 4.59
C VAL A 103 7.85 -1.05 4.01
N PRO A 104 8.24 -2.32 3.77
CA PRO A 104 9.52 -2.64 3.13
C PRO A 104 9.58 -2.12 1.69
N LEU A 105 8.41 -1.81 1.13
CA LEU A 105 8.33 -1.14 -0.15
C LEU A 105 8.51 0.37 0.01
N MET A 106 8.36 0.85 1.23
CA MET A 106 8.53 2.27 1.54
C MET A 106 9.87 2.53 2.22
N ASP A 107 10.45 3.71 1.99
CA ASP A 107 11.74 4.06 2.58
C ASP A 107 11.55 4.75 3.92
N VAL A 108 12.60 4.77 4.74
CA VAL A 108 12.49 5.35 6.06
C VAL A 108 12.26 6.84 5.98
N GLY A 109 11.25 7.30 6.69
CA GLY A 109 10.97 8.71 6.76
C GLY A 109 10.03 9.15 5.65
N GLU A 110 9.44 8.19 4.95
CA GLU A 110 8.52 8.53 3.88
C GLU A 110 7.09 8.45 4.36
N THR A 111 6.21 9.00 3.55
CA THR A 111 4.80 8.93 3.79
C THR A 111 4.12 8.41 2.53
N ALA A 112 3.48 7.27 2.64
CA ALA A 112 2.90 6.63 1.48
C ALA A 112 1.42 6.47 1.65
N MET A 113 0.68 6.76 0.60
CA MET A 113 -0.74 6.47 0.60
C MET A 113 -0.95 5.21 -0.21
N VAL A 114 -1.44 4.19 0.44
CA VAL A 114 -1.61 2.90 -0.19
C VAL A 114 -3.08 2.61 -0.37
N THR A 115 -3.48 2.15 -1.53
CA THR A 115 -4.81 1.67 -1.66
C THR A 115 -4.77 0.17 -1.76
N ALA A 116 -5.33 -0.45 -0.75
CA ALA A 116 -5.35 -1.88 -0.63
C ALA A 116 -6.75 -2.33 -0.41
N ASP A 117 -7.18 -3.31 -1.18
CA ASP A 117 -8.48 -3.90 -0.99
C ASP A 117 -8.66 -4.32 0.45
N SER A 118 -9.88 -4.23 0.96
CA SER A 118 -10.17 -4.59 2.33
C SER A 118 -9.65 -6.01 2.61
N LYS A 119 -9.61 -6.84 1.59
CA LYS A 119 -9.08 -8.20 1.74
C LYS A 119 -7.64 -8.19 2.29
N TYR A 120 -6.87 -7.15 1.97
CA TYR A 120 -5.51 -7.01 2.52
C TYR A 120 -5.55 -6.11 3.74
N CYS A 121 -6.73 -5.64 4.07
CA CYS A 121 -6.91 -4.72 5.17
C CYS A 121 -7.82 -5.32 6.23
N TYR A 122 -9.15 -5.16 6.10
CA TYR A 122 -10.06 -5.76 7.07
C TYR A 122 -11.37 -6.23 6.42
N GLY A 123 -11.31 -6.73 5.18
CA GLY A 123 -12.51 -7.22 4.53
C GLY A 123 -13.23 -8.28 5.32
N PRO A 124 -12.73 -9.52 5.33
CA PRO A 124 -13.30 -10.59 6.13
C PRO A 124 -12.83 -10.51 7.57
N GLN A 125 -12.07 -9.48 7.89
CA GLN A 125 -11.43 -9.36 9.19
C GLN A 125 -12.17 -8.35 10.03
N GLY A 126 -12.34 -7.17 9.45
CA GLY A 126 -12.94 -6.06 10.14
C GLY A 126 -11.93 -5.32 10.97
N SER A 127 -12.06 -4.01 11.00
CA SER A 127 -11.09 -3.18 11.66
C SER A 127 -11.49 -2.95 13.13
N ARG A 128 -10.47 -2.70 13.97
CA ARG A 128 -10.64 -2.59 15.41
C ARG A 128 -11.72 -1.57 15.78
N SER A 129 -11.75 -0.44 15.10
CA SER A 129 -12.76 0.56 15.37
C SER A 129 -14.02 0.23 14.56
N PRO A 130 -13.99 0.29 13.22
CA PRO A 130 -15.08 -0.19 12.40
C PRO A 130 -14.74 -1.50 11.72
N TYR A 131 -15.57 -2.50 11.90
CA TYR A 131 -15.47 -3.70 11.09
C TYR A 131 -15.64 -3.29 9.63
N ILE A 132 -14.51 -3.11 8.94
CA ILE A 132 -14.51 -2.61 7.58
C ILE A 132 -15.19 -3.62 6.67
N PRO A 133 -16.20 -3.17 5.89
CA PRO A 133 -16.93 -4.04 4.97
C PRO A 133 -15.99 -4.83 4.05
N PRO A 134 -16.33 -6.08 3.77
CA PRO A 134 -15.53 -6.92 2.88
C PRO A 134 -15.34 -6.29 1.51
N HIS A 135 -14.09 -6.32 1.03
CA HIS A 135 -13.74 -5.87 -0.33
C HIS A 135 -13.76 -4.34 -0.42
N ALA A 136 -14.06 -3.66 0.68
CA ALA A 136 -14.09 -2.20 0.67
C ALA A 136 -12.68 -1.68 0.48
N ALA A 137 -12.45 -0.94 -0.59
CA ALA A 137 -11.10 -0.57 -0.95
C ALA A 137 -10.57 0.49 0.01
N LEU A 138 -9.56 0.12 0.78
CA LEU A 138 -9.00 1.00 1.80
C LEU A 138 -7.88 1.85 1.24
N CYS A 139 -7.91 3.12 1.56
CA CYS A 139 -6.84 4.03 1.19
C CYS A 139 -6.19 4.58 2.45
N LEU A 140 -5.07 4.01 2.80
CA LEU A 140 -4.42 4.34 4.06
C LEU A 140 -3.12 5.10 3.85
N GLU A 141 -2.90 6.11 4.66
CA GLU A 141 -1.68 6.88 4.58
C GLU A 141 -0.78 6.47 5.74
N VAL A 142 0.44 6.06 5.44
CA VAL A 142 1.36 5.60 6.47
C VAL A 142 2.67 6.40 6.48
N THR A 143 3.01 6.93 7.64
CA THR A 143 4.31 7.54 7.87
C THR A 143 5.26 6.54 8.50
N LEU A 144 6.32 6.19 7.81
CA LEU A 144 7.37 5.38 8.39
C LEU A 144 8.34 6.27 9.12
N LYS A 145 8.15 6.37 10.42
CA LYS A 145 8.86 7.35 11.21
C LYS A 145 10.12 6.76 11.80
N THR A 146 10.09 5.46 12.07
CA THR A 146 11.22 4.80 12.68
C THR A 146 11.31 3.34 12.27
N ALA A 147 12.54 2.86 12.16
CA ALA A 147 12.80 1.45 11.97
C ALA A 147 13.95 1.04 12.88
N VAL A 148 13.75 0.00 13.67
CA VAL A 148 14.80 -0.44 14.59
C VAL A 148 14.95 -1.96 14.56
N ASP A 149 16.15 -2.41 14.30
CA ASP A 149 16.44 -3.83 14.21
C ASP A 149 16.28 -4.50 15.56
N LEU A 150 15.40 -5.48 15.64
CA LEU A 150 15.10 -6.12 16.90
C LEU A 150 14.76 -7.60 16.70
N GLU A 151 15.05 -8.13 15.51
CA GLU A 151 14.76 -9.53 15.26
C GLU A 151 15.91 -10.39 15.73
N HIS A 152 15.69 -11.69 15.74
CA HIS A 152 16.57 -12.62 16.41
C HIS A 152 17.38 -13.44 15.42
N HIS A 153 18.22 -14.32 15.96
CA HIS A 153 18.97 -15.26 15.14
C HIS A 153 18.23 -16.59 15.07
N HIS A 154 17.01 -16.59 15.57
CA HIS A 154 16.13 -17.74 15.44
C HIS A 154 14.75 -17.24 15.04
N HIS A 155 14.47 -17.29 13.75
CA HIS A 155 13.21 -16.77 13.20
C HIS A 155 12.01 -17.51 13.75
N HIS A 156 10.89 -16.80 13.86
CA HIS A 156 9.65 -17.38 14.36
C HIS A 156 8.81 -17.88 13.19
N HIS A 157 8.92 -17.19 12.06
CA HIS A 157 8.19 -17.54 10.86
C HIS A 157 9.13 -17.50 9.66
N MET A 1 41.04 30.00 -30.77
CA MET A 1 40.99 29.37 -29.44
C MET A 1 39.58 29.42 -28.87
N GLY A 2 39.39 28.80 -27.73
CA GLY A 2 38.07 28.64 -27.17
C GLY A 2 37.55 27.24 -27.42
N GLN A 3 38.33 26.25 -27.00
CA GLN A 3 37.98 24.85 -27.25
C GLN A 3 36.87 24.41 -26.29
N PRO A 4 35.97 23.53 -26.77
CA PRO A 4 34.88 22.99 -25.94
C PRO A 4 35.39 22.33 -24.67
N PRO A 5 34.93 22.83 -23.51
CA PRO A 5 35.42 22.38 -22.20
C PRO A 5 35.33 20.88 -22.01
N ALA A 6 36.39 20.30 -21.46
CA ALA A 6 36.45 18.87 -21.18
C ALA A 6 36.53 18.65 -19.68
N GLU A 7 35.75 17.68 -19.19
CA GLU A 7 35.63 17.43 -17.76
C GLU A 7 35.14 18.67 -17.03
N GLU A 8 33.87 19.00 -17.20
CA GLU A 8 33.28 20.13 -16.50
C GLU A 8 33.09 19.76 -15.03
N ALA A 9 33.59 20.59 -14.13
CA ALA A 9 33.51 20.32 -12.70
C ALA A 9 33.13 21.56 -11.91
N GLU A 10 33.92 22.62 -12.07
CA GLU A 10 33.74 23.86 -11.33
C GLU A 10 33.95 23.68 -9.82
N GLN A 11 35.12 24.12 -9.36
CA GLN A 11 35.46 24.13 -7.93
C GLN A 11 35.47 22.71 -7.36
N PRO A 12 36.47 21.90 -7.74
CA PRO A 12 36.60 20.51 -7.29
C PRO A 12 37.36 20.40 -5.96
N GLY A 13 37.43 19.18 -5.42
CA GLY A 13 38.15 18.96 -4.19
C GLY A 13 37.21 18.56 -3.06
N ALA A 14 37.24 19.32 -1.99
CA ALA A 14 36.36 19.05 -0.85
C ALA A 14 34.93 19.45 -1.19
N LEU A 15 34.00 19.03 -0.36
CA LEU A 15 32.59 19.30 -0.60
C LEU A 15 32.25 20.75 -0.26
N ALA A 16 32.51 21.64 -1.21
CA ALA A 16 32.09 23.03 -1.06
C ALA A 16 30.63 23.13 -1.47
N ARG A 17 29.75 23.12 -0.48
CA ARG A 17 28.33 23.05 -0.74
C ARG A 17 27.62 24.28 -0.23
N GLU A 18 26.38 24.44 -0.66
CA GLU A 18 25.56 25.54 -0.21
C GLU A 18 24.67 25.10 0.94
N PHE A 19 24.48 26.00 1.90
CA PHE A 19 23.63 25.74 3.04
C PHE A 19 22.18 26.07 2.73
N LEU A 20 21.91 26.30 1.44
CA LEU A 20 20.58 26.70 0.98
C LEU A 20 19.72 25.48 0.68
N ALA A 21 20.25 24.30 1.03
CA ALA A 21 19.55 23.02 0.83
C ALA A 21 19.40 22.72 -0.66
N ALA A 22 18.59 21.71 -0.97
CA ALA A 22 18.33 21.34 -2.35
C ALA A 22 17.44 22.38 -3.03
N MET A 23 17.74 22.65 -4.29
CA MET A 23 17.04 23.67 -5.06
C MET A 23 15.85 23.05 -5.80
N GLU A 24 15.21 22.07 -5.15
CA GLU A 24 14.13 21.27 -5.73
C GLU A 24 14.66 20.40 -6.87
N PRO A 25 14.66 19.07 -6.66
CA PRO A 25 15.21 18.11 -7.62
C PRO A 25 14.36 17.96 -8.88
N GLU A 26 14.87 17.20 -9.83
CA GLU A 26 14.18 16.96 -11.09
C GLU A 26 13.00 16.01 -10.89
N PRO A 27 11.90 16.24 -11.62
CA PRO A 27 10.71 15.38 -11.53
C PRO A 27 10.98 13.99 -12.12
N ALA A 28 10.49 12.97 -11.42
CA ALA A 28 10.62 11.59 -11.87
C ALA A 28 9.56 11.28 -12.93
N PRO A 29 9.89 10.39 -13.89
CA PRO A 29 8.95 10.00 -14.95
C PRO A 29 7.75 9.26 -14.38
N ALA A 30 6.57 9.71 -14.74
CA ALA A 30 5.34 9.07 -14.30
C ALA A 30 4.29 9.06 -15.41
N PRO A 31 4.44 8.16 -16.39
CA PRO A 31 3.44 7.95 -17.45
C PRO A 31 2.18 7.24 -16.94
N ALA A 32 1.81 7.56 -15.71
CA ALA A 32 0.65 6.95 -15.08
C ALA A 32 -0.45 7.98 -14.87
N PRO A 33 -1.61 7.78 -15.51
CA PRO A 33 -2.75 8.70 -15.39
C PRO A 33 -3.31 8.76 -13.97
N GLU A 34 -3.16 7.67 -13.22
CA GLU A 34 -3.69 7.58 -11.86
C GLU A 34 -3.08 6.42 -11.10
N GLU A 35 -3.17 5.24 -11.69
CA GLU A 35 -2.73 4.00 -11.05
C GLU A 35 -1.28 4.07 -10.57
N TRP A 36 -1.08 3.81 -9.28
CA TRP A 36 0.25 3.79 -8.71
C TRP A 36 0.87 2.41 -8.87
N LEU A 37 1.98 2.19 -8.19
CA LEU A 37 2.65 0.91 -8.22
C LEU A 37 1.86 -0.11 -7.42
N ASP A 38 1.26 -1.07 -8.10
CA ASP A 38 0.61 -2.17 -7.40
C ASP A 38 1.66 -3.12 -6.85
N ILE A 39 1.59 -3.33 -5.54
CA ILE A 39 2.53 -4.17 -4.81
C ILE A 39 2.60 -5.57 -5.41
N LEU A 40 1.48 -6.04 -5.92
CA LEU A 40 1.42 -7.37 -6.51
C LEU A 40 1.12 -7.28 -8.00
N GLY A 41 0.95 -6.05 -8.48
CA GLY A 41 0.54 -5.83 -9.85
C GLY A 41 -0.84 -6.40 -10.10
N ASN A 42 -1.61 -6.54 -9.03
CA ASN A 42 -2.90 -7.22 -9.11
C ASN A 42 -4.07 -6.23 -9.24
N GLY A 43 -3.85 -4.97 -8.92
CA GLY A 43 -4.80 -3.93 -9.28
C GLY A 43 -5.48 -3.24 -8.11
N LEU A 44 -5.41 -3.84 -6.93
CA LEU A 44 -6.12 -3.30 -5.77
C LEU A 44 -5.19 -2.92 -4.61
N LEU A 45 -3.93 -3.28 -4.73
CA LEU A 45 -2.96 -2.98 -3.68
C LEU A 45 -1.80 -2.14 -4.23
N ARG A 46 -1.85 -0.84 -3.98
CA ARG A 46 -0.90 0.09 -4.60
C ARG A 46 -0.35 1.08 -3.59
N LYS A 47 0.95 1.38 -3.68
CA LYS A 47 1.61 2.32 -2.77
C LYS A 47 2.06 3.57 -3.53
N LYS A 48 1.60 4.74 -3.08
CA LYS A 48 2.01 6.00 -3.70
C LYS A 48 2.90 6.81 -2.76
N THR A 49 4.13 7.05 -3.20
CA THR A 49 5.08 7.84 -2.45
C THR A 49 4.76 9.32 -2.51
N LEU A 50 4.12 9.81 -1.44
CA LEU A 50 3.86 11.24 -1.30
C LEU A 50 5.20 11.92 -1.12
N VAL A 51 5.90 11.40 -0.13
CA VAL A 51 7.29 11.71 0.11
C VAL A 51 7.98 10.41 0.35
N PRO A 52 9.01 10.06 -0.41
CA PRO A 52 9.71 8.81 -0.25
C PRO A 52 11.11 8.95 0.35
N GLY A 53 11.16 9.26 1.64
CA GLY A 53 12.40 9.21 2.38
C GLY A 53 13.28 10.43 2.19
N PRO A 54 13.92 10.89 3.27
CA PRO A 54 14.95 11.92 3.18
C PRO A 54 16.20 11.35 2.51
N PRO A 55 16.97 12.17 1.78
CA PRO A 55 18.17 11.73 1.06
C PRO A 55 19.09 10.86 1.93
N GLY A 56 19.16 9.58 1.61
CA GLY A 56 19.94 8.66 2.40
C GLY A 56 19.09 7.90 3.41
N SER A 57 17.93 7.43 2.96
CA SER A 57 17.08 6.62 3.79
C SER A 57 17.43 5.14 3.64
N SER A 58 16.53 4.28 4.10
CA SER A 58 16.71 2.84 4.00
C SER A 58 15.36 2.18 4.11
N ARG A 59 15.14 1.10 3.40
CA ARG A 59 13.88 0.39 3.48
C ARG A 59 13.99 -0.74 4.50
N PRO A 60 13.28 -0.62 5.63
CA PRO A 60 13.32 -1.59 6.73
C PRO A 60 13.10 -3.03 6.27
N VAL A 61 13.71 -3.95 7.01
CA VAL A 61 13.62 -5.35 6.70
C VAL A 61 12.53 -5.99 7.54
N LYS A 62 11.94 -7.06 7.04
CA LYS A 62 10.95 -7.79 7.80
C LYS A 62 11.62 -8.48 8.96
N GLY A 63 11.18 -8.12 10.15
CA GLY A 63 11.85 -8.53 11.36
C GLY A 63 12.08 -7.33 12.24
N GLN A 64 12.21 -6.16 11.61
CA GLN A 64 12.38 -4.94 12.35
C GLN A 64 11.01 -4.45 12.79
N VAL A 65 10.91 -3.95 14.01
CA VAL A 65 9.67 -3.34 14.43
C VAL A 65 9.72 -1.87 14.05
N VAL A 66 8.71 -1.43 13.33
CA VAL A 66 8.71 -0.11 12.76
C VAL A 66 7.49 0.67 13.17
N THR A 67 7.67 1.97 13.38
CA THR A 67 6.60 2.85 13.73
C THR A 67 5.97 3.44 12.48
N VAL A 68 4.73 3.07 12.22
CA VAL A 68 4.00 3.70 11.14
C VAL A 68 2.87 4.54 11.70
N HIS A 69 2.65 5.68 11.10
CA HIS A 69 1.46 6.43 11.39
C HIS A 69 0.50 6.18 10.26
N LEU A 70 -0.65 5.62 10.55
CA LEU A 70 -1.62 5.43 9.50
C LEU A 70 -2.95 6.06 9.84
N GLN A 71 -3.47 6.76 8.87
CA GLN A 71 -4.83 7.25 8.91
C GLN A 71 -5.48 6.76 7.66
N THR A 72 -6.45 5.92 7.85
CA THR A 72 -6.99 5.19 6.76
C THR A 72 -8.36 5.69 6.38
N SER A 73 -8.53 5.96 5.10
CA SER A 73 -9.79 6.40 4.57
C SER A 73 -10.45 5.25 3.84
N LEU A 74 -11.76 5.32 3.74
CA LEU A 74 -12.52 4.34 3.00
C LEU A 74 -12.53 4.68 1.52
N GLU A 75 -12.95 3.74 0.71
CA GLU A 75 -13.16 3.97 -0.71
C GLU A 75 -14.11 5.15 -0.93
N ASN A 76 -14.86 5.50 0.11
CA ASN A 76 -15.81 6.61 0.06
C ASN A 76 -15.16 7.90 0.53
N GLY A 77 -13.90 7.81 0.95
CA GLY A 77 -13.17 8.98 1.42
C GLY A 77 -13.32 9.20 2.91
N THR A 78 -13.89 8.20 3.58
CA THR A 78 -14.18 8.31 5.00
C THR A 78 -13.07 7.70 5.84
N ARG A 79 -12.36 8.54 6.57
CA ARG A 79 -11.28 8.07 7.42
C ARG A 79 -11.83 7.38 8.65
N VAL A 80 -11.47 6.12 8.79
CA VAL A 80 -12.08 5.25 9.77
C VAL A 80 -11.13 4.91 10.91
N GLN A 81 -9.88 5.26 10.76
CA GLN A 81 -8.87 4.94 11.75
C GLN A 81 -7.67 5.86 11.59
N GLU A 82 -7.29 6.53 12.66
CA GLU A 82 -6.09 7.35 12.65
C GLU A 82 -5.21 6.99 13.82
N GLU A 83 -4.11 6.33 13.51
CA GLU A 83 -3.18 5.87 14.50
C GLU A 83 -1.81 6.51 14.26
N PRO A 84 -1.41 7.39 15.19
CA PRO A 84 -0.17 8.17 15.07
C PRO A 84 1.09 7.31 15.14
N GLU A 85 1.00 6.10 15.69
CA GLU A 85 2.18 5.26 15.82
C GLU A 85 1.83 3.81 16.12
N LEU A 86 1.90 3.03 15.08
CA LEU A 86 1.73 1.61 15.14
C LEU A 86 3.08 0.93 14.90
N VAL A 87 3.65 0.37 15.95
CA VAL A 87 4.94 -0.31 15.82
C VAL A 87 4.69 -1.82 15.78
N PHE A 88 5.19 -2.46 14.74
CA PHE A 88 4.89 -3.86 14.52
C PHE A 88 6.09 -4.57 13.92
N THR A 89 6.10 -5.89 14.02
CA THR A 89 7.15 -6.68 13.42
C THR A 89 6.89 -6.88 11.94
N LEU A 90 7.71 -6.26 11.11
CA LEU A 90 7.59 -6.37 9.66
C LEU A 90 7.68 -7.83 9.23
N GLY A 91 6.76 -8.27 8.39
CA GLY A 91 6.81 -9.62 7.86
C GLY A 91 6.17 -10.62 8.80
N ASP A 92 5.64 -10.13 9.91
CA ASP A 92 5.01 -10.99 10.90
C ASP A 92 3.51 -10.99 10.74
N CYS A 93 3.03 -10.17 9.81
CA CYS A 93 1.61 -10.02 9.58
C CYS A 93 0.94 -9.56 10.86
N ASP A 94 1.66 -8.75 11.65
CA ASP A 94 1.12 -8.23 12.89
C ASP A 94 0.07 -7.19 12.56
N VAL A 95 0.06 -6.83 11.30
CA VAL A 95 -0.78 -5.78 10.78
C VAL A 95 -1.52 -6.28 9.55
N ILE A 96 -1.96 -5.35 8.72
CA ILE A 96 -2.58 -5.71 7.48
C ILE A 96 -1.48 -6.03 6.49
N GLN A 97 -1.69 -7.07 5.73
CA GLN A 97 -0.65 -7.56 4.82
C GLN A 97 -0.26 -6.46 3.82
N ALA A 98 -1.22 -5.58 3.52
CA ALA A 98 -0.95 -4.43 2.65
C ALA A 98 0.14 -3.55 3.24
N LEU A 99 0.05 -3.33 4.55
CA LEU A 99 1.01 -2.47 5.23
C LEU A 99 2.31 -3.23 5.43
N ASP A 100 2.17 -4.50 5.75
CA ASP A 100 3.31 -5.36 6.03
C ASP A 100 4.21 -5.44 4.82
N LEU A 101 3.61 -5.30 3.65
CA LEU A 101 4.34 -5.32 2.41
C LEU A 101 4.78 -3.92 1.97
N SER A 102 3.95 -2.91 2.25
CA SER A 102 4.22 -1.57 1.73
C SER A 102 5.36 -0.91 2.48
N VAL A 103 5.57 -1.32 3.73
CA VAL A 103 6.66 -0.79 4.55
C VAL A 103 8.03 -1.08 3.94
N PRO A 104 8.36 -2.37 3.67
CA PRO A 104 9.63 -2.72 3.01
C PRO A 104 9.70 -2.12 1.60
N LEU A 105 8.53 -1.84 1.03
CA LEU A 105 8.45 -1.15 -0.24
C LEU A 105 8.69 0.35 -0.09
N MET A 106 8.60 0.83 1.13
CA MET A 106 8.77 2.26 1.40
C MET A 106 10.12 2.53 2.09
N ASP A 107 10.62 3.74 1.93
CA ASP A 107 11.87 4.14 2.56
C ASP A 107 11.62 4.70 3.96
N VAL A 108 12.60 4.59 4.83
CA VAL A 108 12.46 5.13 6.18
C VAL A 108 12.32 6.63 6.13
N GLY A 109 11.27 7.12 6.76
CA GLY A 109 11.05 8.53 6.83
C GLY A 109 10.09 9.04 5.77
N GLU A 110 9.48 8.12 5.02
CA GLU A 110 8.57 8.52 3.96
C GLU A 110 7.12 8.45 4.41
N THR A 111 6.26 9.03 3.60
CA THR A 111 4.84 8.96 3.82
C THR A 111 4.19 8.50 2.55
N ALA A 112 3.54 7.36 2.60
CA ALA A 112 2.95 6.77 1.41
C ALA A 112 1.47 6.58 1.59
N MET A 113 0.73 6.87 0.55
CA MET A 113 -0.68 6.60 0.54
C MET A 113 -0.89 5.30 -0.20
N VAL A 114 -1.42 4.32 0.48
CA VAL A 114 -1.60 3.02 -0.11
C VAL A 114 -3.07 2.70 -0.21
N THR A 115 -3.50 2.32 -1.39
CA THR A 115 -4.83 1.84 -1.53
C THR A 115 -4.79 0.34 -1.70
N ALA A 116 -5.33 -0.32 -0.72
CA ALA A 116 -5.34 -1.77 -0.68
C ALA A 116 -6.75 -2.26 -0.47
N ASP A 117 -7.11 -3.28 -1.21
CA ASP A 117 -8.40 -3.93 -0.99
C ASP A 117 -8.50 -4.36 0.45
N SER A 118 -9.71 -4.37 1.00
CA SER A 118 -9.92 -4.72 2.39
C SER A 118 -9.36 -6.12 2.67
N LYS A 119 -9.31 -6.95 1.66
CA LYS A 119 -8.70 -8.27 1.79
C LYS A 119 -7.26 -8.18 2.30
N TYR A 120 -6.54 -7.11 1.95
CA TYR A 120 -5.19 -6.91 2.47
C TYR A 120 -5.22 -5.99 3.67
N CYS A 121 -6.42 -5.56 4.01
CA CYS A 121 -6.63 -4.65 5.12
C CYS A 121 -7.47 -5.32 6.20
N TYR A 122 -8.80 -5.15 6.15
CA TYR A 122 -9.66 -5.78 7.15
C TYR A 122 -10.97 -6.29 6.55
N GLY A 123 -10.94 -6.87 5.35
CA GLY A 123 -12.16 -7.39 4.71
C GLY A 123 -12.94 -8.36 5.58
N PRO A 124 -12.54 -9.63 5.66
CA PRO A 124 -13.18 -10.60 6.52
C PRO A 124 -12.63 -10.53 7.93
N GLN A 125 -11.82 -9.50 8.16
CA GLN A 125 -11.11 -9.35 9.41
C GLN A 125 -11.76 -8.29 10.28
N GLY A 126 -12.00 -7.14 9.66
CA GLY A 126 -12.51 -5.99 10.36
C GLY A 126 -11.44 -5.23 11.09
N SER A 127 -11.59 -3.93 11.10
CA SER A 127 -10.61 -3.06 11.70
C SER A 127 -10.91 -2.81 13.19
N ARG A 128 -9.87 -2.45 13.92
CA ARG A 128 -9.93 -2.31 15.38
C ARG A 128 -10.98 -1.31 15.82
N SER A 129 -11.15 -0.23 15.05
CA SER A 129 -12.22 0.70 15.34
C SER A 129 -13.49 0.27 14.61
N PRO A 130 -13.54 0.32 13.26
CA PRO A 130 -14.67 -0.20 12.50
C PRO A 130 -14.33 -1.53 11.83
N TYR A 131 -15.15 -2.54 12.05
CA TYR A 131 -15.08 -3.72 11.21
C TYR A 131 -15.27 -3.29 9.76
N ILE A 132 -14.16 -3.13 9.06
CA ILE A 132 -14.19 -2.68 7.68
C ILE A 132 -14.87 -3.74 6.83
N PRO A 133 -15.86 -3.34 6.01
CA PRO A 133 -16.57 -4.26 5.13
C PRO A 133 -15.62 -5.05 4.22
N PRO A 134 -15.94 -6.31 3.94
CA PRO A 134 -15.11 -7.15 3.07
C PRO A 134 -14.95 -6.55 1.68
N HIS A 135 -13.71 -6.55 1.20
CA HIS A 135 -13.37 -6.07 -0.15
C HIS A 135 -13.42 -4.54 -0.26
N ALA A 136 -13.76 -3.86 0.82
CA ALA A 136 -13.82 -2.39 0.80
C ALA A 136 -12.43 -1.82 0.59
N ALA A 137 -12.27 -1.02 -0.44
CA ALA A 137 -10.96 -0.54 -0.81
C ALA A 137 -10.48 0.52 0.18
N LEU A 138 -9.44 0.17 0.92
CA LEU A 138 -8.92 1.04 1.95
C LEU A 138 -7.81 1.93 1.41
N CYS A 139 -7.88 3.22 1.71
CA CYS A 139 -6.87 4.16 1.31
C CYS A 139 -6.21 4.74 2.55
N LEU A 140 -5.04 4.23 2.87
CA LEU A 140 -4.37 4.58 4.12
C LEU A 140 -3.06 5.28 3.87
N GLU A 141 -2.82 6.34 4.61
CA GLU A 141 -1.57 7.06 4.52
C GLU A 141 -0.67 6.64 5.67
N VAL A 142 0.48 6.06 5.34
CA VAL A 142 1.40 5.57 6.35
C VAL A 142 2.68 6.40 6.38
N THR A 143 2.99 6.91 7.56
CA THR A 143 4.25 7.59 7.82
C THR A 143 5.20 6.64 8.51
N LEU A 144 6.23 6.20 7.80
CA LEU A 144 7.26 5.39 8.41
C LEU A 144 8.25 6.30 9.10
N LYS A 145 8.06 6.47 10.39
CA LYS A 145 8.79 7.48 11.13
C LYS A 145 10.03 6.88 11.76
N THR A 146 9.99 5.58 12.00
CA THR A 146 11.08 4.89 12.64
C THR A 146 11.10 3.42 12.26
N ALA A 147 12.28 2.86 12.16
CA ALA A 147 12.44 1.43 11.95
C ALA A 147 13.60 0.93 12.79
N VAL A 148 13.38 -0.11 13.59
CA VAL A 148 14.43 -0.61 14.47
C VAL A 148 14.47 -2.13 14.45
N ASP A 149 15.68 -2.67 14.43
CA ASP A 149 15.86 -4.11 14.40
C ASP A 149 15.64 -4.68 15.79
N LEU A 150 14.69 -5.59 15.90
CA LEU A 150 14.34 -6.16 17.19
C LEU A 150 13.77 -7.56 17.02
N GLU A 151 14.09 -8.20 15.91
CA GLU A 151 13.66 -9.57 15.67
C GLU A 151 14.55 -10.51 16.46
N HIS A 152 14.01 -11.65 16.84
CA HIS A 152 14.75 -12.60 17.67
C HIS A 152 15.99 -13.08 16.91
N HIS A 153 15.76 -13.62 15.71
CA HIS A 153 16.82 -14.06 14.80
C HIS A 153 16.27 -15.08 13.82
N HIS A 154 15.31 -15.86 14.29
CA HIS A 154 14.83 -17.00 13.53
C HIS A 154 13.33 -17.22 13.78
N HIS A 155 12.55 -16.17 13.56
CA HIS A 155 11.09 -16.25 13.69
C HIS A 155 10.52 -17.09 12.55
N HIS A 156 10.48 -18.41 12.75
CA HIS A 156 10.04 -19.34 11.70
C HIS A 156 10.07 -20.78 12.23
N HIS A 157 10.95 -21.02 13.20
CA HIS A 157 11.21 -22.38 13.71
C HIS A 157 11.91 -23.21 12.63
N MET A 1 -51.21 7.85 34.94
CA MET A 1 -50.10 6.95 35.35
C MET A 1 -48.78 7.68 35.39
N GLY A 2 -48.83 8.99 35.19
CA GLY A 2 -47.63 9.80 35.21
C GLY A 2 -47.97 11.27 35.31
N GLN A 3 -47.03 12.06 35.78
CA GLN A 3 -47.27 13.48 35.97
C GLN A 3 -46.39 14.29 35.02
N PRO A 4 -46.90 15.42 34.52
CA PRO A 4 -46.20 16.25 33.55
C PRO A 4 -44.90 16.84 34.09
N PRO A 5 -43.77 16.50 33.46
CA PRO A 5 -42.46 17.04 33.85
C PRO A 5 -42.24 18.45 33.32
N ALA A 6 -41.26 19.14 33.84
CA ALA A 6 -40.97 20.49 33.41
C ALA A 6 -39.91 20.50 32.31
N GLU A 7 -40.34 20.90 31.12
CA GLU A 7 -39.45 21.08 29.96
C GLU A 7 -38.97 19.75 29.36
N GLU A 8 -39.12 19.63 28.04
CA GLU A 8 -38.59 18.49 27.31
C GLU A 8 -37.11 18.72 27.02
N ALA A 9 -36.28 17.76 27.39
CA ALA A 9 -34.85 17.90 27.21
C ALA A 9 -34.20 16.58 26.79
N GLU A 10 -35.03 15.61 26.41
CA GLU A 10 -34.52 14.34 25.89
C GLU A 10 -33.90 14.58 24.51
N GLN A 11 -34.61 15.32 23.67
CA GLN A 11 -34.10 15.69 22.36
C GLN A 11 -34.18 17.20 22.19
N PRO A 12 -33.07 17.90 22.44
CA PRO A 12 -32.98 19.34 22.26
C PRO A 12 -33.06 19.74 20.78
N GLY A 13 -34.24 20.14 20.34
CA GLY A 13 -34.45 20.51 18.96
C GLY A 13 -35.43 21.65 18.81
N ALA A 14 -35.89 21.88 17.58
CA ALA A 14 -36.84 22.94 17.27
C ALA A 14 -37.28 22.81 15.82
N LEU A 15 -38.21 23.66 15.41
CA LEU A 15 -38.65 23.70 14.02
C LEU A 15 -37.57 24.39 13.17
N ALA A 16 -37.40 25.70 13.40
CA ALA A 16 -36.32 26.48 12.78
C ALA A 16 -36.27 26.34 11.26
N ARG A 17 -37.40 26.04 10.63
CA ARG A 17 -37.45 25.87 9.19
C ARG A 17 -38.12 27.07 8.53
N GLU A 18 -38.71 27.94 9.34
CA GLU A 18 -39.37 29.12 8.81
C GLU A 18 -38.33 30.16 8.44
N PHE A 19 -38.11 30.32 7.13
CA PHE A 19 -37.15 31.28 6.59
C PHE A 19 -35.70 30.79 6.76
N LEU A 20 -35.41 30.15 7.88
CA LEU A 20 -34.06 29.69 8.17
C LEU A 20 -33.64 28.55 7.25
N ALA A 21 -33.00 28.92 6.16
CA ALA A 21 -32.49 27.95 5.20
C ALA A 21 -31.00 27.72 5.41
N ALA A 22 -30.48 26.67 4.79
CA ALA A 22 -29.08 26.32 4.95
C ALA A 22 -28.34 26.32 3.61
N MET A 23 -27.04 26.07 3.65
CA MET A 23 -26.22 25.99 2.46
C MET A 23 -25.34 24.76 2.55
N GLU A 24 -24.35 24.84 3.44
CA GLU A 24 -23.49 23.71 3.82
C GLU A 24 -23.03 22.88 2.62
N PRO A 25 -21.89 23.27 2.02
CA PRO A 25 -21.36 22.60 0.83
C PRO A 25 -21.14 21.10 1.05
N GLU A 26 -21.94 20.30 0.34
CA GLU A 26 -21.83 18.86 0.44
C GLU A 26 -20.53 18.36 -0.18
N PRO A 27 -19.76 17.57 0.58
CA PRO A 27 -18.48 17.01 0.13
C PRO A 27 -18.66 15.94 -0.93
N ALA A 28 -17.63 15.76 -1.75
CA ALA A 28 -17.66 14.77 -2.82
C ALA A 28 -16.57 13.73 -2.64
N PRO A 29 -16.90 12.45 -2.79
CA PRO A 29 -15.93 11.37 -2.81
C PRO A 29 -14.91 11.55 -3.93
N ALA A 30 -13.68 11.13 -3.68
CA ALA A 30 -12.62 11.32 -4.66
C ALA A 30 -12.04 9.98 -5.12
N PRO A 31 -12.74 9.29 -6.04
CA PRO A 31 -12.22 8.09 -6.70
C PRO A 31 -10.96 8.42 -7.50
N ALA A 32 -9.88 7.74 -7.18
CA ALA A 32 -8.60 8.03 -7.81
C ALA A 32 -8.43 7.25 -9.09
N PRO A 33 -8.20 7.95 -10.22
CA PRO A 33 -7.99 7.31 -11.51
C PRO A 33 -6.52 6.97 -11.74
N GLU A 34 -5.66 7.38 -10.81
CA GLU A 34 -4.23 7.19 -10.95
C GLU A 34 -3.82 5.77 -10.59
N GLU A 35 -3.26 5.08 -11.56
CA GLU A 35 -2.72 3.75 -11.36
C GLU A 35 -1.32 3.85 -10.76
N TRP A 36 -1.21 3.61 -9.46
CA TRP A 36 0.10 3.65 -8.80
C TRP A 36 0.88 2.36 -9.06
N LEU A 37 1.87 2.13 -8.23
CA LEU A 37 2.68 0.92 -8.30
C LEU A 37 1.96 -0.26 -7.63
N ASP A 38 1.55 -1.21 -8.45
CA ASP A 38 0.98 -2.45 -7.95
C ASP A 38 2.01 -3.22 -7.14
N ILE A 39 1.73 -3.37 -5.85
CA ILE A 39 2.63 -4.04 -4.92
C ILE A 39 2.76 -5.51 -5.25
N LEU A 40 1.62 -6.15 -5.50
CA LEU A 40 1.60 -7.57 -5.82
C LEU A 40 1.20 -7.78 -7.27
N GLY A 41 1.18 -6.68 -8.02
CA GLY A 41 0.83 -6.73 -9.43
C GLY A 41 -0.65 -6.86 -9.63
N ASN A 42 -1.38 -6.95 -8.53
CA ASN A 42 -2.81 -7.20 -8.57
C ASN A 42 -3.61 -5.91 -8.79
N GLY A 43 -3.02 -4.76 -8.47
CA GLY A 43 -3.74 -3.50 -8.64
C GLY A 43 -4.64 -3.17 -7.47
N LEU A 44 -5.03 -4.21 -6.73
CA LEU A 44 -5.86 -4.06 -5.53
C LEU A 44 -5.06 -3.37 -4.46
N LEU A 45 -3.77 -3.66 -4.50
CA LEU A 45 -2.84 -3.16 -3.52
C LEU A 45 -1.74 -2.35 -4.21
N ARG A 46 -1.70 -1.05 -3.94
CA ARG A 46 -0.74 -0.15 -4.59
C ARG A 46 -0.24 0.91 -3.60
N LYS A 47 1.03 1.27 -3.70
CA LYS A 47 1.60 2.32 -2.83
C LYS A 47 1.92 3.57 -3.66
N LYS A 48 1.55 4.73 -3.14
CA LYS A 48 1.90 6.00 -3.78
C LYS A 48 2.65 6.89 -2.81
N THR A 49 3.82 7.37 -3.23
CA THR A 49 4.64 8.21 -2.38
C THR A 49 4.15 9.64 -2.35
N LEU A 50 3.73 10.08 -1.19
CA LEU A 50 3.44 11.50 -0.97
C LEU A 50 4.77 12.20 -0.87
N VAL A 51 5.61 11.61 -0.04
CA VAL A 51 7.00 11.97 0.08
C VAL A 51 7.77 10.66 0.10
N PRO A 52 8.81 10.51 -0.72
CA PRO A 52 9.57 9.28 -0.82
C PRO A 52 10.97 9.37 -0.21
N GLY A 53 11.01 9.60 1.10
CA GLY A 53 12.26 9.62 1.83
C GLY A 53 13.16 10.80 1.48
N PRO A 54 14.23 11.00 2.25
CA PRO A 54 15.26 11.99 1.94
C PRO A 54 16.33 11.42 1.03
N PRO A 55 17.30 12.23 0.58
CA PRO A 55 18.42 11.76 -0.24
C PRO A 55 19.38 10.85 0.53
N GLY A 56 18.88 9.68 0.92
CA GLY A 56 19.72 8.71 1.61
C GLY A 56 18.98 8.00 2.73
N SER A 57 17.86 7.37 2.40
CA SER A 57 17.10 6.60 3.36
C SER A 57 17.38 5.10 3.22
N SER A 58 16.62 4.29 3.94
CA SER A 58 16.74 2.85 3.86
C SER A 58 15.34 2.26 4.02
N ARG A 59 15.12 1.08 3.47
CA ARG A 59 13.82 0.43 3.61
C ARG A 59 13.90 -0.68 4.64
N PRO A 60 13.17 -0.52 5.75
CA PRO A 60 13.06 -1.52 6.82
C PRO A 60 13.02 -2.96 6.31
N VAL A 61 13.78 -3.82 6.96
CA VAL A 61 13.83 -5.22 6.58
C VAL A 61 12.78 -5.99 7.37
N LYS A 62 12.25 -7.05 6.78
CA LYS A 62 11.24 -7.85 7.45
C LYS A 62 11.80 -8.52 8.69
N GLY A 63 11.43 -7.95 9.82
CA GLY A 63 11.93 -8.38 11.09
C GLY A 63 12.16 -7.21 11.99
N GLN A 64 12.37 -6.05 11.37
CA GLN A 64 12.58 -4.84 12.14
C GLN A 64 11.25 -4.34 12.66
N VAL A 65 11.26 -3.92 13.91
CA VAL A 65 10.10 -3.31 14.53
C VAL A 65 10.05 -1.84 14.16
N VAL A 66 9.00 -1.46 13.46
CA VAL A 66 8.92 -0.14 12.85
C VAL A 66 7.69 0.60 13.32
N THR A 67 7.79 1.91 13.36
CA THR A 67 6.68 2.74 13.77
C THR A 67 6.06 3.40 12.55
N VAL A 68 4.83 3.03 12.24
CA VAL A 68 4.11 3.69 11.17
C VAL A 68 2.99 4.52 11.73
N HIS A 69 2.71 5.63 11.10
CA HIS A 69 1.51 6.37 11.41
C HIS A 69 0.52 6.10 10.30
N LEU A 70 -0.58 5.43 10.61
CA LEU A 70 -1.57 5.21 9.61
C LEU A 70 -2.88 5.89 9.96
N GLN A 71 -3.43 6.55 8.98
CA GLN A 71 -4.78 7.03 9.04
C GLN A 71 -5.43 6.58 7.77
N THR A 72 -6.38 5.73 7.93
CA THR A 72 -6.93 5.03 6.82
C THR A 72 -8.28 5.59 6.42
N SER A 73 -8.40 5.88 5.14
CA SER A 73 -9.62 6.38 4.58
C SER A 73 -10.27 5.26 3.79
N LEU A 74 -11.56 5.30 3.72
CA LEU A 74 -12.31 4.40 2.88
C LEU A 74 -12.13 4.79 1.43
N GLU A 75 -12.49 3.90 0.52
CA GLU A 75 -12.48 4.18 -0.90
C GLU A 75 -13.34 5.42 -1.21
N ASN A 76 -14.16 5.81 -0.25
CA ASN A 76 -15.05 6.96 -0.39
C ASN A 76 -14.32 8.23 0.06
N GLY A 77 -13.23 8.05 0.78
CA GLY A 77 -12.50 9.17 1.35
C GLY A 77 -12.70 9.28 2.85
N THR A 78 -13.58 8.43 3.39
CA THR A 78 -13.92 8.49 4.80
C THR A 78 -12.88 7.79 5.68
N ARG A 79 -12.14 8.57 6.44
CA ARG A 79 -11.14 8.02 7.34
C ARG A 79 -11.78 7.34 8.53
N VAL A 80 -11.44 6.08 8.70
CA VAL A 80 -12.10 5.21 9.65
C VAL A 80 -11.19 4.89 10.85
N GLN A 81 -9.92 5.13 10.69
CA GLN A 81 -8.94 4.81 11.72
C GLN A 81 -7.73 5.72 11.57
N GLU A 82 -7.22 6.21 12.69
CA GLU A 82 -6.08 7.10 12.67
C GLU A 82 -5.20 6.84 13.88
N GLU A 83 -4.07 6.20 13.64
CA GLU A 83 -3.15 5.84 14.69
C GLU A 83 -1.81 6.50 14.44
N PRO A 84 -1.34 7.32 15.38
CA PRO A 84 -0.11 8.10 15.22
C PRO A 84 1.14 7.23 15.21
N GLU A 85 1.03 6.01 15.71
CA GLU A 85 2.18 5.14 15.80
C GLU A 85 1.78 3.71 16.08
N LEU A 86 1.69 2.97 15.01
CA LEU A 86 1.48 1.55 15.03
C LEU A 86 2.83 0.87 14.86
N VAL A 87 3.38 0.37 15.95
CA VAL A 87 4.67 -0.30 15.90
C VAL A 87 4.46 -1.81 15.82
N PHE A 88 5.21 -2.47 14.94
CA PHE A 88 5.00 -3.89 14.69
C PHE A 88 6.24 -4.54 14.12
N THR A 89 6.23 -5.87 14.07
CA THR A 89 7.31 -6.62 13.47
C THR A 89 7.03 -6.83 11.99
N LEU A 90 7.88 -6.24 11.16
CA LEU A 90 7.74 -6.36 9.71
C LEU A 90 7.89 -7.81 9.26
N GLY A 91 6.95 -8.30 8.48
CA GLY A 91 7.03 -9.65 7.97
C GLY A 91 6.47 -10.66 8.95
N ASP A 92 5.91 -10.16 10.04
CA ASP A 92 5.33 -11.02 11.06
C ASP A 92 3.82 -11.04 10.93
N CYS A 93 3.32 -10.27 9.96
CA CYS A 93 1.88 -10.12 9.77
C CYS A 93 1.24 -9.63 11.06
N ASP A 94 1.98 -8.80 11.80
CA ASP A 94 1.48 -8.24 13.05
C ASP A 94 0.41 -7.22 12.73
N VAL A 95 0.31 -6.93 11.45
CA VAL A 95 -0.58 -5.93 10.91
C VAL A 95 -1.36 -6.49 9.73
N ILE A 96 -1.94 -5.60 8.94
CA ILE A 96 -2.59 -6.00 7.72
C ILE A 96 -1.51 -6.27 6.69
N GLN A 97 -1.68 -7.31 5.92
CA GLN A 97 -0.64 -7.74 5.00
C GLN A 97 -0.30 -6.63 3.99
N ALA A 98 -1.27 -5.78 3.68
CA ALA A 98 -1.04 -4.61 2.85
C ALA A 98 0.05 -3.74 3.46
N LEU A 99 -0.02 -3.56 4.76
CA LEU A 99 0.94 -2.71 5.46
C LEU A 99 2.28 -3.42 5.58
N ASP A 100 2.20 -4.71 5.86
CA ASP A 100 3.38 -5.53 6.11
C ASP A 100 4.25 -5.55 4.87
N LEU A 101 3.62 -5.39 3.72
CA LEU A 101 4.31 -5.34 2.44
C LEU A 101 4.69 -3.90 2.04
N SER A 102 3.82 -2.95 2.35
CA SER A 102 4.00 -1.58 1.85
C SER A 102 5.12 -0.88 2.60
N VAL A 103 5.39 -1.35 3.81
CA VAL A 103 6.43 -0.78 4.64
C VAL A 103 7.83 -1.03 4.07
N PRO A 104 8.21 -2.30 3.80
CA PRO A 104 9.50 -2.61 3.16
C PRO A 104 9.58 -2.03 1.76
N LEU A 105 8.43 -1.70 1.19
CA LEU A 105 8.37 -0.98 -0.08
C LEU A 105 8.52 0.54 0.12
N MET A 106 8.31 0.98 1.34
CA MET A 106 8.46 2.39 1.70
C MET A 106 9.85 2.68 2.31
N ASP A 107 10.42 3.84 1.99
CA ASP A 107 11.73 4.22 2.52
C ASP A 107 11.58 4.88 3.88
N VAL A 108 12.61 4.74 4.71
CA VAL A 108 12.62 5.39 6.01
C VAL A 108 12.51 6.88 5.85
N GLY A 109 11.50 7.44 6.48
CA GLY A 109 11.34 8.87 6.52
C GLY A 109 10.37 9.39 5.47
N GLU A 110 9.62 8.48 4.85
CA GLU A 110 8.64 8.89 3.86
C GLU A 110 7.24 8.60 4.34
N THR A 111 6.27 9.13 3.62
CA THR A 111 4.89 8.88 3.91
C THR A 111 4.19 8.43 2.65
N ALA A 112 3.63 7.26 2.70
CA ALA A 112 3.06 6.63 1.54
C ALA A 112 1.58 6.41 1.71
N MET A 113 0.83 6.74 0.68
CA MET A 113 -0.59 6.45 0.67
C MET A 113 -0.78 5.17 -0.10
N VAL A 114 -1.30 4.18 0.56
CA VAL A 114 -1.48 2.88 -0.06
C VAL A 114 -2.96 2.56 -0.15
N THR A 115 -3.38 2.11 -1.30
CA THR A 115 -4.73 1.65 -1.44
C THR A 115 -4.71 0.15 -1.62
N ALA A 116 -5.27 -0.51 -0.64
CA ALA A 116 -5.31 -1.95 -0.61
C ALA A 116 -6.75 -2.44 -0.44
N ASP A 117 -7.11 -3.46 -1.20
CA ASP A 117 -8.40 -4.10 -1.01
C ASP A 117 -8.53 -4.49 0.46
N SER A 118 -9.74 -4.45 0.97
CA SER A 118 -10.02 -4.79 2.35
C SER A 118 -9.47 -6.18 2.68
N LYS A 119 -9.38 -7.04 1.67
CA LYS A 119 -8.78 -8.35 1.84
C LYS A 119 -7.37 -8.26 2.42
N TYR A 120 -6.65 -7.21 2.07
CA TYR A 120 -5.31 -7.01 2.60
C TYR A 120 -5.37 -6.09 3.81
N CYS A 121 -6.58 -5.72 4.17
CA CYS A 121 -6.83 -4.82 5.28
C CYS A 121 -7.74 -5.46 6.31
N TYR A 122 -9.06 -5.27 6.19
CA TYR A 122 -9.98 -5.88 7.14
C TYR A 122 -11.28 -6.34 6.46
N GLY A 123 -11.18 -6.93 5.26
CA GLY A 123 -12.37 -7.42 4.55
C GLY A 123 -13.27 -8.31 5.41
N PRO A 124 -13.02 -9.61 5.44
CA PRO A 124 -13.78 -10.53 6.31
C PRO A 124 -13.24 -10.48 7.74
N GLN A 125 -12.40 -9.50 8.01
CA GLN A 125 -11.72 -9.39 9.28
C GLN A 125 -12.37 -8.30 10.12
N GLY A 126 -12.56 -7.16 9.49
CA GLY A 126 -13.07 -5.99 10.17
C GLY A 126 -11.99 -5.29 10.97
N SER A 127 -12.08 -3.98 10.99
CA SER A 127 -11.08 -3.17 11.64
C SER A 127 -11.45 -2.91 13.10
N ARG A 128 -10.41 -2.81 13.93
CA ARG A 128 -10.57 -2.65 15.38
C ARG A 128 -11.46 -1.47 15.76
N SER A 129 -11.50 -0.45 14.92
CA SER A 129 -12.42 0.64 15.14
C SER A 129 -13.74 0.35 14.41
N PRO A 130 -13.78 0.39 13.05
CA PRO A 130 -14.92 -0.05 12.29
C PRO A 130 -14.68 -1.41 11.62
N TYR A 131 -15.57 -2.36 11.81
CA TYR A 131 -15.59 -3.53 10.96
C TYR A 131 -15.70 -3.07 9.52
N ILE A 132 -14.56 -3.00 8.84
CA ILE A 132 -14.52 -2.54 7.48
C ILE A 132 -15.22 -3.57 6.59
N PRO A 133 -16.20 -3.13 5.79
CA PRO A 133 -16.92 -4.02 4.86
C PRO A 133 -15.96 -4.77 3.96
N PRO A 134 -16.19 -6.08 3.77
CA PRO A 134 -15.35 -6.91 2.92
C PRO A 134 -15.18 -6.34 1.53
N HIS A 135 -13.92 -6.24 1.12
CA HIS A 135 -13.54 -5.73 -0.21
C HIS A 135 -13.67 -4.22 -0.32
N ALA A 136 -13.89 -3.53 0.79
CA ALA A 136 -13.84 -2.08 0.77
C ALA A 136 -12.40 -1.66 0.58
N ALA A 137 -12.12 -0.95 -0.50
CA ALA A 137 -10.75 -0.61 -0.83
C ALA A 137 -10.24 0.47 0.12
N LEU A 138 -9.28 0.10 0.94
CA LEU A 138 -8.78 0.96 1.97
C LEU A 138 -7.66 1.84 1.46
N CYS A 139 -7.74 3.12 1.73
CA CYS A 139 -6.71 4.06 1.34
C CYS A 139 -6.07 4.63 2.59
N LEU A 140 -4.92 4.09 2.93
CA LEU A 140 -4.27 4.45 4.17
C LEU A 140 -2.98 5.21 3.93
N GLU A 141 -2.80 6.27 4.69
CA GLU A 141 -1.61 7.10 4.61
C GLU A 141 -0.69 6.72 5.76
N VAL A 142 0.46 6.16 5.43
CA VAL A 142 1.39 5.67 6.45
C VAL A 142 2.72 6.41 6.47
N THR A 143 3.01 7.00 7.61
CA THR A 143 4.31 7.61 7.86
C THR A 143 5.27 6.57 8.42
N LEU A 144 6.39 6.37 7.75
CA LEU A 144 7.42 5.53 8.29
C LEU A 144 8.42 6.40 9.01
N LYS A 145 8.20 6.55 10.30
CA LYS A 145 8.95 7.48 11.11
C LYS A 145 10.24 6.85 11.59
N THR A 146 10.20 5.55 11.79
CA THR A 146 11.28 4.87 12.47
C THR A 146 11.31 3.39 12.12
N ALA A 147 12.52 2.85 12.04
CA ALA A 147 12.71 1.43 11.90
C ALA A 147 13.84 0.98 12.82
N VAL A 148 13.59 -0.04 13.63
CA VAL A 148 14.62 -0.53 14.54
C VAL A 148 14.70 -2.04 14.44
N ASP A 149 15.89 -2.58 14.58
CA ASP A 149 16.04 -4.03 14.46
C ASP A 149 15.73 -4.69 15.79
N LEU A 150 14.72 -5.54 15.78
CA LEU A 150 14.36 -6.30 16.97
C LEU A 150 14.04 -7.73 16.54
N GLU A 151 14.48 -8.07 15.34
CA GLU A 151 14.28 -9.39 14.77
C GLU A 151 15.19 -10.37 15.49
N HIS A 152 16.42 -9.92 15.72
CA HIS A 152 17.46 -10.76 16.31
C HIS A 152 17.24 -10.89 17.81
N HIS A 153 16.11 -11.47 18.16
CA HIS A 153 15.73 -11.68 19.55
C HIS A 153 16.59 -12.79 20.17
N HIS A 154 17.15 -12.49 21.32
CA HIS A 154 17.94 -13.46 22.06
C HIS A 154 17.58 -13.44 23.53
N HIS A 155 17.70 -14.59 24.17
CA HIS A 155 17.43 -14.72 25.60
C HIS A 155 18.55 -14.12 26.42
N HIS A 156 18.18 -13.29 27.39
CA HIS A 156 19.14 -12.71 28.32
C HIS A 156 18.65 -12.96 29.74
N HIS A 157 19.56 -12.83 30.70
CA HIS A 157 19.21 -13.04 32.10
C HIS A 157 19.69 -11.87 32.95
N MET A 1 -10.22 62.95 43.43
CA MET A 1 -8.89 63.49 43.73
C MET A 1 -7.81 62.65 43.04
N GLY A 2 -7.66 61.42 43.50
CA GLY A 2 -6.72 60.51 42.89
C GLY A 2 -7.43 59.39 42.18
N GLN A 3 -6.71 58.69 41.32
CA GLN A 3 -7.29 57.58 40.55
C GLN A 3 -8.36 58.09 39.57
N PRO A 4 -7.93 58.49 38.37
CA PRO A 4 -8.83 59.02 37.35
C PRO A 4 -9.69 57.94 36.70
N PRO A 5 -10.87 58.30 36.20
CA PRO A 5 -11.75 57.38 35.49
C PRO A 5 -11.18 57.03 34.12
N ALA A 6 -11.41 55.78 33.69
CA ALA A 6 -10.96 55.27 32.39
C ALA A 6 -9.45 55.07 32.34
N GLU A 7 -9.03 53.83 32.47
CA GLU A 7 -7.62 53.47 32.38
C GLU A 7 -7.31 52.88 31.01
N GLU A 8 -6.04 52.69 30.70
CA GLU A 8 -5.63 52.21 29.40
C GLU A 8 -4.57 51.11 29.52
N ALA A 9 -4.20 50.54 28.39
CA ALA A 9 -3.19 49.50 28.33
C ALA A 9 -2.53 49.50 26.96
N GLU A 10 -1.35 48.90 26.86
CA GLU A 10 -0.65 48.85 25.58
C GLU A 10 -1.06 47.61 24.82
N GLN A 11 -0.50 46.47 25.21
CA GLN A 11 -0.80 45.21 24.56
C GLN A 11 -1.50 44.27 25.51
N PRO A 12 -2.68 43.77 25.13
CA PRO A 12 -3.35 42.68 25.83
C PRO A 12 -2.49 41.41 25.83
N GLY A 13 -1.64 41.29 24.80
CA GLY A 13 -0.74 40.16 24.70
C GLY A 13 -1.30 39.04 23.87
N ALA A 14 -2.11 39.42 22.88
CA ALA A 14 -2.84 38.47 22.05
C ALA A 14 -3.70 37.55 22.92
N LEU A 15 -3.17 36.37 23.23
CA LEU A 15 -3.81 35.42 24.13
C LEU A 15 -3.00 34.13 24.15
N ALA A 16 -3.33 33.23 23.23
CA ALA A 16 -2.69 31.92 23.10
C ALA A 16 -3.46 31.08 22.08
N ARG A 17 -4.78 31.20 22.14
CA ARG A 17 -5.67 30.47 21.26
C ARG A 17 -6.59 31.45 20.53
N GLU A 18 -6.49 31.50 19.22
CA GLU A 18 -7.36 32.36 18.42
C GLU A 18 -8.45 31.53 17.74
N PHE A 19 -8.05 30.46 17.08
CA PHE A 19 -8.99 29.61 16.36
C PHE A 19 -8.46 28.19 16.28
N LEU A 20 -7.31 28.01 15.67
CA LEU A 20 -6.69 26.70 15.57
C LEU A 20 -5.30 26.71 16.19
N ALA A 21 -4.59 25.60 16.06
CA ALA A 21 -3.22 25.48 16.55
C ALA A 21 -2.24 25.73 15.41
N ALA A 22 -0.97 25.37 15.60
CA ALA A 22 0.05 25.60 14.60
C ALA A 22 1.04 24.45 14.57
N MET A 23 1.78 24.34 13.46
CA MET A 23 2.85 23.36 13.29
C MET A 23 2.32 21.93 13.12
N GLU A 24 1.00 21.81 13.03
CA GLU A 24 0.35 20.55 12.70
C GLU A 24 -0.72 20.78 11.64
N PRO A 25 -0.34 20.64 10.35
CA PRO A 25 -1.24 20.88 9.24
C PRO A 25 -2.11 19.68 8.91
N GLU A 26 -3.27 19.94 8.31
CA GLU A 26 -4.17 18.89 7.90
C GLU A 26 -3.95 18.58 6.41
N PRO A 27 -4.08 17.30 6.04
CA PRO A 27 -3.84 16.85 4.67
C PRO A 27 -4.84 17.41 3.67
N ALA A 28 -4.34 17.84 2.52
CA ALA A 28 -5.19 18.33 1.45
C ALA A 28 -5.67 17.17 0.59
N PRO A 29 -6.97 17.18 0.21
CA PRO A 29 -7.55 16.12 -0.62
C PRO A 29 -6.89 16.05 -1.98
N ALA A 30 -6.43 14.86 -2.36
CA ALA A 30 -5.87 14.63 -3.67
C ALA A 30 -6.19 13.22 -4.17
N PRO A 31 -7.48 12.92 -4.41
CA PRO A 31 -7.90 11.65 -4.99
C PRO A 31 -7.24 11.42 -6.35
N ALA A 32 -6.46 10.35 -6.46
CA ALA A 32 -5.76 10.06 -7.69
C ALA A 32 -6.49 9.00 -8.50
N PRO A 33 -6.94 9.36 -9.70
CA PRO A 33 -7.62 8.43 -10.62
C PRO A 33 -6.62 7.54 -11.34
N GLU A 34 -5.34 7.75 -11.04
CA GLU A 34 -4.28 7.01 -11.70
C GLU A 34 -3.83 5.85 -10.81
N GLU A 35 -3.43 4.76 -11.42
CA GLU A 35 -2.99 3.59 -10.68
C GLU A 35 -1.52 3.72 -10.31
N TRP A 36 -1.24 3.68 -9.01
CA TRP A 36 0.14 3.76 -8.52
C TRP A 36 0.83 2.41 -8.64
N LEU A 37 1.97 2.28 -7.98
CA LEU A 37 2.73 1.04 -7.99
C LEU A 37 2.03 -0.02 -7.13
N ASP A 38 1.49 -1.04 -7.78
CA ASP A 38 0.91 -2.15 -7.04
C ASP A 38 2.00 -3.02 -6.44
N ILE A 39 1.88 -3.24 -5.15
CA ILE A 39 2.82 -4.04 -4.38
C ILE A 39 2.94 -5.45 -4.93
N LEU A 40 1.83 -5.98 -5.41
CA LEU A 40 1.81 -7.33 -5.95
C LEU A 40 1.60 -7.30 -7.46
N GLY A 41 1.46 -6.09 -7.98
CA GLY A 41 1.11 -5.91 -9.37
C GLY A 41 -0.24 -6.51 -9.69
N ASN A 42 -1.11 -6.60 -8.68
CA ASN A 42 -2.42 -7.20 -8.84
C ASN A 42 -3.49 -6.16 -9.12
N GLY A 43 -3.30 -4.95 -8.62
CA GLY A 43 -4.20 -3.84 -8.90
C GLY A 43 -5.00 -3.45 -7.69
N LEU A 44 -4.91 -4.26 -6.66
CA LEU A 44 -5.68 -4.07 -5.44
C LEU A 44 -4.89 -3.34 -4.38
N LEU A 45 -3.58 -3.58 -4.37
CA LEU A 45 -2.71 -3.10 -3.31
C LEU A 45 -1.57 -2.22 -3.86
N ARG A 46 -1.71 -0.91 -3.75
CA ARG A 46 -0.78 0.01 -4.41
C ARG A 46 -0.29 1.09 -3.44
N LYS A 47 0.99 1.45 -3.52
CA LYS A 47 1.55 2.45 -2.61
C LYS A 47 1.91 3.72 -3.39
N LYS A 48 1.37 4.86 -2.97
CA LYS A 48 1.71 6.13 -3.58
C LYS A 48 2.71 6.88 -2.71
N THR A 49 3.86 7.20 -3.27
CA THR A 49 4.84 8.00 -2.56
C THR A 49 4.45 9.47 -2.56
N LEU A 50 3.90 9.92 -1.42
CA LEU A 50 3.65 11.34 -1.23
C LEU A 50 5.00 12.02 -1.10
N VAL A 51 5.75 11.50 -0.15
CA VAL A 51 7.16 11.78 -0.01
C VAL A 51 7.84 10.45 0.12
N PRO A 52 8.84 10.17 -0.70
CA PRO A 52 9.53 8.88 -0.71
C PRO A 52 10.91 8.92 -0.04
N GLY A 53 10.92 9.27 1.23
CA GLY A 53 12.15 9.28 1.99
C GLY A 53 13.02 10.48 1.69
N PRO A 54 13.84 10.92 2.65
CA PRO A 54 14.84 11.96 2.42
C PRO A 54 15.94 11.44 1.51
N PRO A 55 16.75 12.34 0.91
CA PRO A 55 17.85 11.93 0.02
C PRO A 55 18.81 10.96 0.71
N GLY A 56 18.63 9.67 0.44
CA GLY A 56 19.47 8.66 1.04
C GLY A 56 18.87 8.06 2.30
N SER A 57 17.61 7.63 2.22
CA SER A 57 16.96 6.95 3.31
C SER A 57 17.33 5.46 3.31
N SER A 58 16.56 4.65 4.01
CA SER A 58 16.80 3.22 4.07
C SER A 58 15.48 2.50 4.34
N ARG A 59 15.15 1.52 3.52
CA ARG A 59 13.92 0.78 3.71
C ARG A 59 14.15 -0.43 4.60
N PRO A 60 13.40 -0.49 5.72
CA PRO A 60 13.48 -1.60 6.69
C PRO A 60 13.33 -2.99 6.07
N VAL A 61 13.91 -3.96 6.74
CA VAL A 61 13.84 -5.35 6.32
C VAL A 61 12.78 -6.08 7.15
N LYS A 62 12.22 -7.16 6.62
CA LYS A 62 11.24 -7.94 7.33
C LYS A 62 11.86 -8.57 8.57
N GLY A 63 11.50 -8.03 9.71
CA GLY A 63 12.06 -8.45 10.97
C GLY A 63 12.28 -7.28 11.87
N GLN A 64 12.41 -6.11 11.28
CA GLN A 64 12.60 -4.90 12.05
C GLN A 64 11.24 -4.38 12.51
N VAL A 65 11.14 -3.95 13.75
CA VAL A 65 9.93 -3.32 14.21
C VAL A 65 9.95 -1.87 13.75
N VAL A 66 8.84 -1.42 13.21
CA VAL A 66 8.75 -0.09 12.64
C VAL A 66 7.57 0.65 13.20
N THR A 67 7.75 1.94 13.42
CA THR A 67 6.68 2.79 13.84
C THR A 67 6.04 3.44 12.62
N VAL A 68 4.81 3.07 12.34
CA VAL A 68 4.10 3.73 11.25
C VAL A 68 3.00 4.58 11.81
N HIS A 69 2.78 5.71 11.20
CA HIS A 69 1.60 6.49 11.51
C HIS A 69 0.61 6.24 10.39
N LEU A 70 -0.53 5.65 10.70
CA LEU A 70 -1.52 5.44 9.69
C LEU A 70 -2.83 6.09 10.07
N GLN A 71 -3.43 6.71 9.09
CA GLN A 71 -4.80 7.15 9.18
C GLN A 71 -5.44 6.71 7.90
N THR A 72 -6.36 5.82 8.04
CA THR A 72 -6.84 5.08 6.91
C THR A 72 -8.21 5.58 6.50
N SER A 73 -8.35 5.84 5.23
CA SER A 73 -9.58 6.31 4.68
C SER A 73 -10.25 5.17 3.93
N LEU A 74 -11.46 5.41 3.51
CA LEU A 74 -12.22 4.43 2.77
C LEU A 74 -12.17 4.76 1.30
N GLU A 75 -12.57 3.82 0.46
CA GLU A 75 -12.65 4.07 -0.97
C GLU A 75 -13.58 5.26 -1.25
N ASN A 76 -14.47 5.53 -0.30
CA ASN A 76 -15.41 6.63 -0.43
C ASN A 76 -14.84 7.93 0.14
N GLY A 77 -13.69 7.83 0.80
CA GLY A 77 -13.04 9.03 1.32
C GLY A 77 -13.27 9.25 2.79
N THR A 78 -13.83 8.26 3.48
CA THR A 78 -14.03 8.37 4.91
C THR A 78 -12.94 7.67 5.72
N ARG A 79 -12.14 8.45 6.43
CA ARG A 79 -11.11 7.92 7.31
C ARG A 79 -11.75 7.23 8.52
N VAL A 80 -11.37 5.99 8.72
CA VAL A 80 -12.03 5.13 9.68
C VAL A 80 -11.16 4.85 10.88
N GLN A 81 -9.86 5.05 10.73
CA GLN A 81 -8.91 4.73 11.80
C GLN A 81 -7.74 5.70 11.76
N GLU A 82 -7.50 6.37 12.88
CA GLU A 82 -6.39 7.29 12.98
C GLU A 82 -5.41 6.83 14.05
N GLU A 83 -4.20 6.54 13.63
CA GLU A 83 -3.20 5.97 14.50
C GLU A 83 -1.85 6.66 14.29
N PRO A 84 -1.44 7.49 15.26
CA PRO A 84 -0.18 8.24 15.19
C PRO A 84 1.05 7.35 15.27
N GLU A 85 0.89 6.14 15.79
CA GLU A 85 2.02 5.24 15.91
C GLU A 85 1.62 3.81 16.16
N LEU A 86 1.91 3.00 15.16
CA LEU A 86 1.73 1.58 15.22
C LEU A 86 3.09 0.91 14.99
N VAL A 87 3.63 0.30 16.03
CA VAL A 87 4.89 -0.41 15.92
C VAL A 87 4.63 -1.91 15.79
N PHE A 88 5.35 -2.56 14.88
CA PHE A 88 5.17 -3.99 14.64
C PHE A 88 6.41 -4.56 13.96
N THR A 89 6.58 -5.87 14.10
CA THR A 89 7.66 -6.56 13.42
C THR A 89 7.30 -6.75 11.96
N LEU A 90 8.10 -6.18 11.07
CA LEU A 90 7.89 -6.31 9.64
C LEU A 90 7.98 -7.77 9.22
N GLY A 91 7.03 -8.22 8.42
CA GLY A 91 7.06 -9.59 7.92
C GLY A 91 6.47 -10.55 8.92
N ASP A 92 6.12 -10.04 10.10
CA ASP A 92 5.57 -10.86 11.17
C ASP A 92 4.08 -11.04 10.96
N CYS A 93 3.54 -10.19 10.08
CA CYS A 93 2.12 -10.16 9.83
C CYS A 93 1.38 -9.75 11.10
N ASP A 94 2.09 -8.96 11.92
CA ASP A 94 1.51 -8.41 13.14
C ASP A 94 0.34 -7.52 12.76
N VAL A 95 0.43 -7.01 11.56
CA VAL A 95 -0.50 -6.05 11.01
C VAL A 95 -1.25 -6.64 9.84
N ILE A 96 -1.79 -5.78 8.99
CA ILE A 96 -2.44 -6.20 7.78
C ILE A 96 -1.37 -6.38 6.73
N GLN A 97 -1.50 -7.41 5.93
CA GLN A 97 -0.47 -7.76 4.97
C GLN A 97 -0.24 -6.62 3.98
N ALA A 98 -1.27 -5.80 3.76
CA ALA A 98 -1.14 -4.62 2.92
C ALA A 98 -0.03 -3.72 3.47
N LEU A 99 -0.04 -3.57 4.78
CA LEU A 99 0.94 -2.72 5.44
C LEU A 99 2.27 -3.42 5.55
N ASP A 100 2.20 -4.70 5.86
CA ASP A 100 3.37 -5.52 6.13
C ASP A 100 4.26 -5.57 4.89
N LEU A 101 3.63 -5.46 3.74
CA LEU A 101 4.34 -5.42 2.47
C LEU A 101 4.67 -3.97 2.05
N SER A 102 3.79 -3.04 2.39
CA SER A 102 3.96 -1.65 1.98
C SER A 102 5.19 -1.04 2.64
N VAL A 103 5.46 -1.46 3.87
CA VAL A 103 6.57 -0.93 4.64
C VAL A 103 7.94 -1.22 4.02
N PRO A 104 8.26 -2.49 3.70
CA PRO A 104 9.51 -2.83 3.02
C PRO A 104 9.61 -2.19 1.63
N LEU A 105 8.45 -1.84 1.08
CA LEU A 105 8.40 -1.07 -0.16
C LEU A 105 8.53 0.43 0.12
N MET A 106 8.41 0.77 1.39
CA MET A 106 8.54 2.13 1.87
C MET A 106 9.94 2.41 2.42
N ASP A 107 10.47 3.59 2.15
CA ASP A 107 11.78 3.99 2.67
C ASP A 107 11.60 4.72 4.00
N VAL A 108 12.61 4.66 4.85
CA VAL A 108 12.54 5.33 6.14
C VAL A 108 12.39 6.83 5.96
N GLY A 109 11.35 7.37 6.57
CA GLY A 109 11.13 8.79 6.55
C GLY A 109 10.19 9.23 5.45
N GLU A 110 9.48 8.28 4.84
CA GLU A 110 8.54 8.64 3.80
C GLU A 110 7.12 8.53 4.31
N THR A 111 6.20 9.05 3.54
CA THR A 111 4.81 8.90 3.83
C THR A 111 4.09 8.49 2.56
N ALA A 112 3.47 7.33 2.63
CA ALA A 112 2.84 6.75 1.46
C ALA A 112 1.35 6.61 1.68
N MET A 113 0.58 6.95 0.66
CA MET A 113 -0.83 6.68 0.67
C MET A 113 -1.03 5.38 -0.08
N VAL A 114 -1.51 4.38 0.60
CA VAL A 114 -1.63 3.06 0.01
C VAL A 114 -3.08 2.71 -0.12
N THR A 115 -3.47 2.22 -1.26
CA THR A 115 -4.79 1.69 -1.39
C THR A 115 -4.71 0.19 -1.55
N ALA A 116 -5.23 -0.49 -0.56
CA ALA A 116 -5.24 -1.92 -0.51
C ALA A 116 -6.66 -2.42 -0.36
N ASP A 117 -7.01 -3.43 -1.13
CA ASP A 117 -8.31 -4.07 -0.98
C ASP A 117 -8.49 -4.48 0.47
N SER A 118 -9.72 -4.44 0.94
CA SER A 118 -10.01 -4.78 2.31
C SER A 118 -9.49 -6.18 2.63
N LYS A 119 -9.43 -7.03 1.63
CA LYS A 119 -8.85 -8.37 1.79
C LYS A 119 -7.43 -8.31 2.36
N TYR A 120 -6.69 -7.25 2.03
CA TYR A 120 -5.35 -7.07 2.57
C TYR A 120 -5.41 -6.18 3.80
N CYS A 121 -6.61 -5.72 4.11
CA CYS A 121 -6.84 -4.82 5.21
C CYS A 121 -7.74 -5.46 6.25
N TYR A 122 -9.05 -5.25 6.16
CA TYR A 122 -9.97 -5.87 7.11
C TYR A 122 -11.26 -6.34 6.44
N GLY A 123 -11.19 -6.90 5.22
CA GLY A 123 -12.36 -7.39 4.51
C GLY A 123 -13.32 -8.20 5.36
N PRO A 124 -13.06 -9.50 5.55
CA PRO A 124 -13.89 -10.34 6.41
C PRO A 124 -13.40 -10.28 7.85
N GLN A 125 -12.55 -9.29 8.11
CA GLN A 125 -11.89 -9.18 9.39
C GLN A 125 -12.51 -8.05 10.21
N GLY A 126 -12.66 -6.92 9.56
CA GLY A 126 -13.15 -5.72 10.21
C GLY A 126 -12.08 -4.99 10.98
N SER A 127 -12.14 -3.68 10.93
CA SER A 127 -11.14 -2.84 11.57
C SER A 127 -11.54 -2.47 13.01
N ARG A 128 -10.57 -1.95 13.77
CA ARG A 128 -10.71 -1.70 15.21
C ARG A 128 -11.96 -0.87 15.53
N SER A 129 -12.12 0.24 14.83
CA SER A 129 -13.26 1.09 15.07
C SER A 129 -14.43 0.64 14.19
N PRO A 130 -14.31 0.68 12.84
CA PRO A 130 -15.29 0.11 11.95
C PRO A 130 -14.85 -1.23 11.42
N TYR A 131 -15.70 -2.23 11.54
CA TYR A 131 -15.57 -3.39 10.69
C TYR A 131 -15.66 -2.90 9.26
N ILE A 132 -14.52 -2.71 8.62
CA ILE A 132 -14.49 -2.27 7.24
C ILE A 132 -15.12 -3.36 6.38
N PRO A 133 -16.16 -3.02 5.60
CA PRO A 133 -16.85 -4.00 4.73
C PRO A 133 -15.87 -4.79 3.87
N PRO A 134 -16.14 -6.09 3.68
CA PRO A 134 -15.32 -6.95 2.83
C PRO A 134 -15.12 -6.36 1.45
N HIS A 135 -13.86 -6.36 1.01
CA HIS A 135 -13.49 -5.90 -0.33
C HIS A 135 -13.58 -4.38 -0.48
N ALA A 136 -13.78 -3.67 0.61
CA ALA A 136 -13.77 -2.21 0.55
C ALA A 136 -12.34 -1.73 0.40
N ALA A 137 -12.07 -0.96 -0.65
CA ALA A 137 -10.71 -0.58 -0.94
C ALA A 137 -10.25 0.47 0.06
N LEU A 138 -9.31 0.09 0.90
CA LEU A 138 -8.86 0.93 1.99
C LEU A 138 -7.72 1.82 1.53
N CYS A 139 -7.80 3.11 1.82
CA CYS A 139 -6.75 4.04 1.46
C CYS A 139 -6.10 4.62 2.70
N LEU A 140 -4.95 4.08 3.05
CA LEU A 140 -4.29 4.43 4.29
C LEU A 140 -3.03 5.23 4.04
N GLU A 141 -2.89 6.31 4.79
CA GLU A 141 -1.70 7.13 4.72
C GLU A 141 -0.74 6.75 5.84
N VAL A 142 0.37 6.12 5.48
CA VAL A 142 1.30 5.59 6.46
C VAL A 142 2.65 6.32 6.42
N THR A 143 2.96 6.97 7.53
CA THR A 143 4.26 7.59 7.76
C THR A 143 5.23 6.59 8.40
N LEU A 144 6.27 6.21 7.68
CA LEU A 144 7.32 5.39 8.26
C LEU A 144 8.31 6.31 8.96
N LYS A 145 8.09 6.49 10.24
CA LYS A 145 8.86 7.45 11.02
C LYS A 145 10.14 6.82 11.54
N THR A 146 10.08 5.53 11.84
CA THR A 146 11.19 4.86 12.47
C THR A 146 11.24 3.39 12.09
N ALA A 147 12.45 2.85 12.00
CA ALA A 147 12.64 1.41 11.82
C ALA A 147 13.70 0.94 12.79
N VAL A 148 13.40 -0.10 13.55
CA VAL A 148 14.33 -0.61 14.54
C VAL A 148 14.57 -2.08 14.32
N ASP A 149 15.81 -2.46 14.19
CA ASP A 149 16.13 -3.85 14.12
C ASP A 149 15.93 -4.51 15.47
N LEU A 150 15.00 -5.45 15.51
CA LEU A 150 14.65 -6.14 16.75
C LEU A 150 14.25 -7.58 16.43
N GLU A 151 14.75 -8.09 15.32
CA GLU A 151 14.45 -9.45 14.92
C GLU A 151 15.51 -10.38 15.47
N HIS A 152 15.12 -11.27 16.35
CA HIS A 152 16.02 -12.24 16.92
C HIS A 152 15.37 -13.61 16.91
N HIS A 153 15.31 -14.19 15.71
CA HIS A 153 14.70 -15.50 15.48
C HIS A 153 15.25 -16.55 16.44
N HIS A 154 14.40 -16.98 17.37
CA HIS A 154 14.75 -18.03 18.31
C HIS A 154 13.58 -19.00 18.42
N HIS A 155 12.47 -18.51 18.97
CA HIS A 155 11.25 -19.31 19.04
C HIS A 155 10.05 -18.38 19.18
N HIS A 156 10.22 -17.17 18.69
CA HIS A 156 9.18 -16.15 18.68
C HIS A 156 9.11 -15.59 17.27
N HIS A 157 8.98 -16.51 16.31
CA HIS A 157 9.25 -16.25 14.90
C HIS A 157 10.75 -16.06 14.72
N MET A 1 15.71 -32.33 -55.42
CA MET A 1 14.83 -31.16 -55.47
C MET A 1 13.87 -31.16 -54.29
N GLY A 2 13.59 -29.98 -53.77
CA GLY A 2 12.65 -29.86 -52.67
C GLY A 2 12.85 -28.57 -51.93
N GLN A 3 12.15 -28.41 -50.82
CA GLN A 3 12.26 -27.20 -50.03
C GLN A 3 12.13 -27.54 -48.55
N PRO A 4 13.26 -27.65 -47.84
CA PRO A 4 13.27 -27.91 -46.40
C PRO A 4 12.64 -26.77 -45.62
N PRO A 5 11.77 -27.09 -44.65
CA PRO A 5 11.02 -26.10 -43.88
C PRO A 5 11.92 -25.05 -43.22
N ALA A 6 11.66 -23.80 -43.51
CA ALA A 6 12.35 -22.69 -42.89
C ALA A 6 11.31 -21.65 -42.45
N GLU A 7 10.71 -21.88 -41.30
CA GLU A 7 9.57 -21.10 -40.87
C GLU A 7 9.47 -21.08 -39.34
N GLU A 8 9.13 -22.23 -38.75
CA GLU A 8 8.88 -22.35 -37.32
C GLU A 8 7.66 -21.50 -36.92
N ALA A 9 6.49 -22.13 -36.97
CA ALA A 9 5.23 -21.45 -36.70
C ALA A 9 5.01 -20.28 -37.66
N GLU A 10 4.02 -19.45 -37.36
CA GLU A 10 3.75 -18.26 -38.15
C GLU A 10 4.26 -17.02 -37.43
N GLN A 11 4.01 -16.93 -36.13
CA GLN A 11 4.47 -15.81 -35.34
C GLN A 11 4.70 -16.21 -33.89
N PRO A 12 5.97 -16.34 -33.49
CA PRO A 12 6.36 -16.63 -32.12
C PRO A 12 6.14 -15.43 -31.20
N GLY A 13 5.94 -15.69 -29.92
CA GLY A 13 5.72 -14.62 -28.96
C GLY A 13 5.92 -15.06 -27.52
N ALA A 14 5.04 -14.59 -26.64
CA ALA A 14 5.05 -14.92 -25.20
C ALA A 14 6.19 -14.23 -24.47
N LEU A 15 7.42 -14.59 -24.81
CA LEU A 15 8.60 -14.11 -24.11
C LEU A 15 9.17 -12.86 -24.81
N ALA A 16 9.47 -11.84 -24.03
CA ALA A 16 10.03 -10.60 -24.56
C ALA A 16 10.75 -9.84 -23.45
N ARG A 17 11.95 -9.33 -23.77
CA ARG A 17 12.71 -8.53 -22.82
C ARG A 17 13.46 -7.42 -23.56
N GLU A 18 13.90 -6.42 -22.82
CA GLU A 18 14.61 -5.30 -23.41
C GLU A 18 16.11 -5.53 -23.40
N PHE A 19 16.70 -5.64 -24.57
CA PHE A 19 18.15 -5.80 -24.70
C PHE A 19 18.83 -4.44 -24.69
N LEU A 20 18.04 -3.38 -24.55
CA LEU A 20 18.58 -2.03 -24.53
C LEU A 20 18.05 -1.24 -23.33
N ALA A 21 16.92 -1.69 -22.77
CA ALA A 21 16.28 -1.05 -21.61
C ALA A 21 15.94 0.41 -21.90
N ALA A 22 14.74 0.64 -22.41
CA ALA A 22 14.32 2.00 -22.80
C ALA A 22 13.89 2.83 -21.60
N MET A 23 14.16 2.32 -20.40
CA MET A 23 13.84 3.03 -19.17
C MET A 23 15.04 3.84 -18.70
N GLU A 24 16.11 3.81 -19.49
CA GLU A 24 17.31 4.60 -19.19
C GLU A 24 17.15 6.05 -19.66
N PRO A 25 16.68 6.30 -20.91
CA PRO A 25 16.41 7.67 -21.39
C PRO A 25 15.32 8.37 -20.59
N GLU A 26 14.87 9.52 -21.10
CA GLU A 26 13.88 10.33 -20.42
C GLU A 26 12.59 9.54 -20.19
N PRO A 27 12.20 9.37 -18.91
CA PRO A 27 11.04 8.56 -18.56
C PRO A 27 9.73 9.13 -19.10
N ALA A 28 8.94 8.27 -19.71
CA ALA A 28 7.63 8.65 -20.21
C ALA A 28 6.56 8.21 -19.23
N PRO A 29 5.40 8.88 -19.20
CA PRO A 29 4.31 8.54 -18.29
C PRO A 29 3.83 7.10 -18.47
N ALA A 30 3.78 6.38 -17.36
CA ALA A 30 3.31 4.99 -17.37
C ALA A 30 2.54 4.68 -16.09
N PRO A 31 3.12 4.94 -14.89
CA PRO A 31 2.38 4.85 -13.63
C PRO A 31 1.35 5.97 -13.54
N ALA A 32 0.13 5.62 -13.18
CA ALA A 32 -0.95 6.59 -13.16
C ALA A 32 -1.07 7.22 -11.78
N PRO A 33 -1.49 8.50 -11.72
CA PRO A 33 -1.76 9.18 -10.45
C PRO A 33 -2.92 8.53 -9.70
N GLU A 34 -3.72 7.78 -10.45
CA GLU A 34 -4.85 7.05 -9.89
C GLU A 34 -4.45 5.60 -9.61
N GLU A 35 -3.92 4.93 -10.64
CA GLU A 35 -3.42 3.56 -10.49
C GLU A 35 -1.91 3.57 -10.29
N TRP A 36 -1.49 3.47 -9.05
CA TRP A 36 -0.07 3.56 -8.70
C TRP A 36 0.63 2.23 -8.90
N LEU A 37 1.75 2.07 -8.23
CA LEU A 37 2.52 0.84 -8.30
C LEU A 37 1.78 -0.29 -7.60
N ASP A 38 1.31 -1.24 -8.39
CA ASP A 38 0.67 -2.43 -7.89
C ASP A 38 1.66 -3.31 -7.12
N ILE A 39 1.56 -3.25 -5.80
CA ILE A 39 2.46 -3.95 -4.89
C ILE A 39 2.54 -5.43 -5.21
N LEU A 40 1.38 -6.05 -5.36
CA LEU A 40 1.32 -7.46 -5.67
C LEU A 40 0.94 -7.69 -7.12
N GLY A 41 1.00 -6.62 -7.89
CA GLY A 41 0.77 -6.68 -9.33
C GLY A 41 -0.67 -7.01 -9.68
N ASN A 42 -1.53 -7.02 -8.68
CA ASN A 42 -2.94 -7.34 -8.90
C ASN A 42 -3.79 -6.07 -8.96
N GLY A 43 -3.21 -4.94 -8.57
CA GLY A 43 -3.92 -3.67 -8.66
C GLY A 43 -4.75 -3.37 -7.43
N LEU A 44 -5.04 -4.40 -6.65
CA LEU A 44 -5.83 -4.26 -5.44
C LEU A 44 -4.97 -3.64 -4.36
N LEU A 45 -3.68 -3.83 -4.53
CA LEU A 45 -2.68 -3.34 -3.60
C LEU A 45 -1.75 -2.36 -4.32
N ARG A 46 -1.78 -1.08 -3.93
CA ARG A 46 -0.92 -0.07 -4.57
C ARG A 46 -0.41 0.97 -3.57
N LYS A 47 0.89 1.25 -3.64
CA LYS A 47 1.54 2.20 -2.75
C LYS A 47 1.93 3.47 -3.51
N LYS A 48 1.49 4.63 -3.05
CA LYS A 48 1.87 5.88 -3.69
C LYS A 48 2.71 6.74 -2.76
N THR A 49 3.91 7.05 -3.22
CA THR A 49 4.86 7.86 -2.47
C THR A 49 4.46 9.33 -2.48
N LEU A 50 3.91 9.79 -1.36
CA LEU A 50 3.65 11.21 -1.17
C LEU A 50 5.00 11.88 -1.04
N VAL A 51 5.73 11.38 -0.07
CA VAL A 51 7.14 11.66 0.12
C VAL A 51 7.83 10.34 0.32
N PRO A 52 8.83 10.01 -0.49
CA PRO A 52 9.53 8.75 -0.36
C PRO A 52 10.95 8.89 0.19
N GLY A 53 11.02 9.30 1.46
CA GLY A 53 12.29 9.34 2.16
C GLY A 53 13.18 10.48 1.73
N PRO A 54 14.12 10.87 2.59
CA PRO A 54 15.14 11.86 2.24
C PRO A 54 16.25 11.24 1.40
N PRO A 55 17.04 12.05 0.68
CA PRO A 55 18.15 11.55 -0.11
C PRO A 55 19.15 10.75 0.74
N GLY A 56 19.03 9.43 0.70
CA GLY A 56 19.89 8.58 1.50
C GLY A 56 19.15 7.94 2.65
N SER A 57 17.98 7.39 2.37
CA SER A 57 17.22 6.67 3.37
C SER A 57 17.60 5.20 3.38
N SER A 58 16.77 4.40 4.03
CA SER A 58 16.97 2.97 4.07
C SER A 58 15.61 2.29 4.18
N ARG A 59 15.46 1.12 3.59
CA ARG A 59 14.22 0.39 3.70
C ARG A 59 14.31 -0.63 4.82
N PRO A 60 13.46 -0.46 5.86
CA PRO A 60 13.43 -1.34 7.04
C PRO A 60 13.36 -2.81 6.69
N VAL A 61 14.02 -3.64 7.48
CA VAL A 61 14.03 -5.07 7.23
C VAL A 61 12.85 -5.73 7.92
N LYS A 62 12.32 -6.75 7.30
CA LYS A 62 11.23 -7.52 7.87
C LYS A 62 11.72 -8.25 9.12
N GLY A 63 11.31 -7.70 10.24
CA GLY A 63 11.78 -8.18 11.51
C GLY A 63 11.97 -7.02 12.45
N GLN A 64 12.31 -5.87 11.89
CA GLN A 64 12.44 -4.67 12.68
C GLN A 64 11.05 -4.18 13.03
N VAL A 65 10.84 -3.78 14.27
CA VAL A 65 9.57 -3.21 14.61
C VAL A 65 9.61 -1.73 14.25
N VAL A 66 8.78 -1.37 13.32
CA VAL A 66 8.81 -0.04 12.75
C VAL A 66 7.60 0.76 13.16
N THR A 67 7.80 2.06 13.31
CA THR A 67 6.71 2.94 13.65
C THR A 67 6.07 3.47 12.38
N VAL A 68 4.85 3.07 12.13
CA VAL A 68 4.10 3.68 11.08
C VAL A 68 2.97 4.48 11.67
N HIS A 69 2.68 5.60 11.07
CA HIS A 69 1.50 6.33 11.43
C HIS A 69 0.49 6.06 10.34
N LEU A 70 -0.61 5.43 10.68
CA LEU A 70 -1.60 5.19 9.68
C LEU A 70 -2.89 5.91 10.01
N GLN A 71 -3.44 6.54 9.01
CA GLN A 71 -4.79 7.05 9.06
C GLN A 71 -5.44 6.56 7.81
N THR A 72 -6.40 5.72 8.01
CA THR A 72 -6.93 4.94 6.96
C THR A 72 -8.29 5.45 6.55
N SER A 73 -8.43 5.69 5.27
CA SER A 73 -9.65 6.21 4.72
C SER A 73 -10.35 5.12 3.95
N LEU A 74 -11.65 5.24 3.86
CA LEU A 74 -12.45 4.35 3.07
C LEU A 74 -12.35 4.75 1.62
N GLU A 75 -12.76 3.87 0.73
CA GLU A 75 -12.84 4.19 -0.69
C GLU A 75 -13.77 5.38 -0.92
N ASN A 76 -14.53 5.71 0.12
CA ASN A 76 -15.48 6.82 0.07
C ASN A 76 -14.77 8.12 0.46
N GLY A 77 -13.59 7.97 1.06
CA GLY A 77 -12.84 9.13 1.54
C GLY A 77 -12.92 9.25 3.05
N THR A 78 -13.73 8.41 3.66
CA THR A 78 -13.96 8.47 5.10
C THR A 78 -12.85 7.79 5.88
N ARG A 79 -12.05 8.58 6.59
CA ARG A 79 -11.01 8.02 7.43
C ARG A 79 -11.60 7.41 8.69
N VAL A 80 -11.41 6.11 8.81
CA VAL A 80 -12.09 5.33 9.84
C VAL A 80 -11.19 5.06 11.04
N GLN A 81 -9.91 5.33 10.87
CA GLN A 81 -8.95 5.06 11.92
C GLN A 81 -7.72 5.93 11.75
N GLU A 82 -7.25 6.50 12.85
CA GLU A 82 -6.02 7.26 12.84
C GLU A 82 -5.18 6.87 14.05
N GLU A 83 -4.02 6.32 13.76
CA GLU A 83 -3.11 5.88 14.79
C GLU A 83 -1.73 6.43 14.52
N PRO A 84 -1.29 7.38 15.36
CA PRO A 84 -0.06 8.15 15.17
C PRO A 84 1.20 7.31 15.32
N GLU A 85 1.05 6.12 15.87
CA GLU A 85 2.19 5.27 16.13
C GLU A 85 1.78 3.82 16.23
N LEU A 86 2.02 3.12 15.17
CA LEU A 86 1.80 1.70 15.10
C LEU A 86 3.13 1.02 14.87
N VAL A 87 3.64 0.38 15.90
CA VAL A 87 4.90 -0.34 15.80
C VAL A 87 4.62 -1.83 15.66
N PHE A 88 5.26 -2.47 14.71
CA PHE A 88 4.98 -3.88 14.42
C PHE A 88 6.19 -4.55 13.79
N THR A 89 6.24 -5.86 13.94
CA THR A 89 7.29 -6.64 13.33
C THR A 89 7.02 -6.79 11.83
N LEU A 90 7.87 -6.15 11.03
CA LEU A 90 7.76 -6.25 9.58
C LEU A 90 7.89 -7.70 9.13
N GLY A 91 7.05 -8.12 8.19
CA GLY A 91 7.16 -9.45 7.66
C GLY A 91 6.57 -10.50 8.58
N ASP A 92 5.95 -10.03 9.65
CA ASP A 92 5.38 -10.91 10.66
C ASP A 92 3.87 -10.97 10.51
N CYS A 93 3.36 -10.14 9.59
CA CYS A 93 1.93 -10.03 9.38
C CYS A 93 1.27 -9.58 10.67
N ASP A 94 1.97 -8.77 11.44
CA ASP A 94 1.45 -8.28 12.71
C ASP A 94 0.33 -7.30 12.42
N VAL A 95 0.32 -6.85 11.18
CA VAL A 95 -0.62 -5.87 10.69
C VAL A 95 -1.41 -6.43 9.52
N ILE A 96 -1.82 -5.55 8.62
CA ILE A 96 -2.46 -5.98 7.40
C ILE A 96 -1.36 -6.24 6.38
N GLN A 97 -1.52 -7.30 5.62
CA GLN A 97 -0.47 -7.73 4.71
C GLN A 97 -0.14 -6.61 3.71
N ALA A 98 -1.12 -5.78 3.40
CA ALA A 98 -0.91 -4.61 2.56
C ALA A 98 0.19 -3.73 3.12
N LEU A 99 0.10 -3.46 4.40
CA LEU A 99 1.05 -2.58 5.07
C LEU A 99 2.37 -3.30 5.30
N ASP A 100 2.26 -4.59 5.59
CA ASP A 100 3.42 -5.41 5.93
C ASP A 100 4.36 -5.47 4.74
N LEU A 101 3.78 -5.37 3.54
CA LEU A 101 4.54 -5.33 2.32
C LEU A 101 4.89 -3.89 1.89
N SER A 102 4.01 -2.95 2.21
CA SER A 102 4.18 -1.56 1.82
C SER A 102 5.43 -0.96 2.46
N VAL A 103 5.69 -1.35 3.69
CA VAL A 103 6.81 -0.82 4.46
C VAL A 103 8.17 -1.14 3.82
N PRO A 104 8.49 -2.41 3.55
CA PRO A 104 9.73 -2.78 2.87
C PRO A 104 9.79 -2.21 1.45
N LEU A 105 8.63 -1.87 0.91
CA LEU A 105 8.55 -1.19 -0.38
C LEU A 105 8.72 0.32 -0.20
N MET A 106 8.65 0.78 1.03
CA MET A 106 8.80 2.19 1.33
C MET A 106 10.15 2.47 1.99
N ASP A 107 10.62 3.70 1.87
CA ASP A 107 11.89 4.09 2.47
C ASP A 107 11.69 4.72 3.84
N VAL A 108 12.70 4.61 4.69
CA VAL A 108 12.65 5.21 6.01
C VAL A 108 12.46 6.71 5.90
N GLY A 109 11.43 7.20 6.56
CA GLY A 109 11.16 8.62 6.59
C GLY A 109 10.22 9.06 5.48
N GLU A 110 9.48 8.11 4.90
CA GLU A 110 8.53 8.46 3.86
C GLU A 110 7.11 8.36 4.37
N THR A 111 6.21 8.91 3.59
CA THR A 111 4.80 8.80 3.86
C THR A 111 4.11 8.35 2.59
N ALA A 112 3.50 7.19 2.64
CA ALA A 112 2.89 6.62 1.45
C ALA A 112 1.40 6.45 1.66
N MET A 113 0.66 6.77 0.63
CA MET A 113 -0.77 6.51 0.65
C MET A 113 -0.99 5.25 -0.14
N VAL A 114 -1.50 4.24 0.52
CA VAL A 114 -1.65 2.93 -0.11
C VAL A 114 -3.12 2.60 -0.22
N THR A 115 -3.53 2.18 -1.39
CA THR A 115 -4.87 1.71 -1.54
C THR A 115 -4.85 0.21 -1.70
N ALA A 116 -5.39 -0.45 -0.71
CA ALA A 116 -5.42 -1.89 -0.66
C ALA A 116 -6.84 -2.35 -0.50
N ASP A 117 -7.23 -3.36 -1.25
CA ASP A 117 -8.55 -3.97 -1.05
C ASP A 117 -8.68 -4.36 0.42
N SER A 118 -9.89 -4.33 0.93
CA SER A 118 -10.15 -4.68 2.31
C SER A 118 -9.62 -6.09 2.60
N LYS A 119 -9.58 -6.93 1.59
CA LYS A 119 -9.01 -8.26 1.74
C LYS A 119 -7.56 -8.22 2.24
N TYR A 120 -6.82 -7.16 1.86
CA TYR A 120 -5.47 -6.98 2.35
C TYR A 120 -5.48 -6.06 3.56
N CYS A 121 -6.68 -5.71 3.97
CA CYS A 121 -6.87 -4.81 5.09
C CYS A 121 -7.74 -5.47 6.16
N TYR A 122 -9.06 -5.25 6.11
CA TYR A 122 -9.96 -5.88 7.08
C TYR A 122 -11.28 -6.33 6.44
N GLY A 123 -11.23 -6.87 5.21
CA GLY A 123 -12.45 -7.34 4.54
C GLY A 123 -13.34 -8.22 5.40
N PRO A 124 -13.12 -9.53 5.40
CA PRO A 124 -13.88 -10.45 6.26
C PRO A 124 -13.35 -10.44 7.69
N GLN A 125 -12.48 -9.49 7.97
CA GLN A 125 -11.79 -9.42 9.24
C GLN A 125 -12.40 -8.34 10.12
N GLY A 126 -12.55 -7.17 9.51
CA GLY A 126 -13.00 -6.01 10.24
C GLY A 126 -11.86 -5.35 10.97
N SER A 127 -11.93 -4.04 11.06
CA SER A 127 -10.90 -3.26 11.72
C SER A 127 -11.24 -3.06 13.19
N ARG A 128 -10.22 -2.69 13.98
CA ARG A 128 -10.33 -2.58 15.44
C ARG A 128 -11.52 -1.73 15.83
N SER A 129 -11.53 -0.48 15.36
CA SER A 129 -12.61 0.42 15.65
C SER A 129 -13.82 0.11 14.76
N PRO A 130 -13.72 0.19 13.41
CA PRO A 130 -14.80 -0.21 12.54
C PRO A 130 -14.53 -1.53 11.83
N TYR A 131 -15.43 -2.47 11.96
CA TYR A 131 -15.43 -3.62 11.08
C TYR A 131 -15.54 -3.13 9.64
N ILE A 132 -14.40 -3.02 8.99
CA ILE A 132 -14.35 -2.55 7.62
C ILE A 132 -15.02 -3.55 6.70
N PRO A 133 -16.04 -3.11 5.93
CA PRO A 133 -16.77 -3.98 5.00
C PRO A 133 -15.85 -4.77 4.08
N PRO A 134 -16.14 -6.07 3.88
CA PRO A 134 -15.35 -6.91 2.99
C PRO A 134 -15.26 -6.32 1.59
N HIS A 135 -14.03 -6.22 1.10
CA HIS A 135 -13.73 -5.73 -0.24
C HIS A 135 -13.90 -4.22 -0.36
N ALA A 136 -14.02 -3.52 0.76
CA ALA A 136 -14.02 -2.08 0.73
C ALA A 136 -12.58 -1.61 0.54
N ALA A 137 -12.33 -0.86 -0.52
CA ALA A 137 -10.98 -0.50 -0.86
C ALA A 137 -10.45 0.55 0.12
N LEU A 138 -9.49 0.14 0.92
CA LEU A 138 -8.95 0.99 1.96
C LEU A 138 -7.83 1.85 1.43
N CYS A 139 -7.89 3.13 1.72
CA CYS A 139 -6.85 4.06 1.31
C CYS A 139 -6.19 4.62 2.56
N LEU A 140 -5.05 4.09 2.90
CA LEU A 140 -4.41 4.40 4.16
C LEU A 140 -3.09 5.14 3.96
N GLU A 141 -2.88 6.17 4.76
CA GLU A 141 -1.68 6.98 4.67
C GLU A 141 -0.74 6.57 5.80
N VAL A 142 0.44 6.05 5.45
CA VAL A 142 1.36 5.53 6.45
C VAL A 142 2.69 6.28 6.48
N THR A 143 2.96 6.92 7.61
CA THR A 143 4.22 7.58 7.87
C THR A 143 5.21 6.61 8.52
N LEU A 144 6.22 6.20 7.77
CA LEU A 144 7.30 5.40 8.32
C LEU A 144 8.33 6.34 8.92
N LYS A 145 8.22 6.53 10.22
CA LYS A 145 8.97 7.58 10.89
C LYS A 145 10.16 6.99 11.63
N THR A 146 10.11 5.69 11.86
CA THR A 146 11.18 5.01 12.57
C THR A 146 11.23 3.54 12.22
N ALA A 147 12.42 2.99 12.18
CA ALA A 147 12.60 1.56 12.08
C ALA A 147 13.64 1.13 13.09
N VAL A 148 13.32 0.16 13.93
CA VAL A 148 14.26 -0.27 14.94
C VAL A 148 14.40 -1.77 14.95
N ASP A 149 15.62 -2.24 15.08
CA ASP A 149 15.89 -3.66 15.00
C ASP A 149 15.54 -4.31 16.32
N LEU A 150 14.60 -5.22 16.28
CA LEU A 150 14.18 -5.92 17.47
C LEU A 150 14.02 -7.40 17.18
N GLU A 151 14.38 -7.78 15.95
CA GLU A 151 14.19 -9.15 15.52
C GLU A 151 15.35 -10.02 15.95
N HIS A 152 15.25 -10.50 17.16
CA HIS A 152 16.13 -11.52 17.66
C HIS A 152 15.36 -12.38 18.64
N HIS A 153 14.55 -13.27 18.09
CA HIS A 153 13.71 -14.16 18.89
C HIS A 153 14.55 -14.89 19.94
N HIS A 154 13.96 -15.09 21.12
CA HIS A 154 14.68 -15.50 22.32
C HIS A 154 15.69 -16.62 22.08
N HIS A 155 15.31 -17.64 21.33
CA HIS A 155 16.19 -18.78 21.10
C HIS A 155 16.57 -18.91 19.63
N HIS A 156 16.68 -17.77 18.94
CA HIS A 156 17.04 -17.73 17.51
C HIS A 156 15.99 -18.44 16.66
N HIS A 157 16.20 -19.73 16.47
CA HIS A 157 15.30 -20.56 15.68
C HIS A 157 14.46 -21.41 16.61
N MET A 1 -2.21 -13.67 -47.21
CA MET A 1 -2.89 -14.26 -48.39
C MET A 1 -1.91 -15.05 -49.23
N GLY A 2 -0.62 -14.77 -49.09
CA GLY A 2 0.38 -15.42 -49.89
C GLY A 2 0.69 -14.64 -51.14
N GLN A 3 -0.36 -14.13 -51.79
CA GLN A 3 -0.20 -13.28 -52.94
C GLN A 3 -0.12 -11.83 -52.48
N PRO A 4 0.97 -11.13 -52.82
CA PRO A 4 1.24 -9.76 -52.36
C PRO A 4 0.05 -8.80 -52.49
N PRO A 5 -0.61 -8.68 -53.67
CA PRO A 5 -1.77 -7.81 -53.80
C PRO A 5 -3.05 -8.51 -53.35
N ALA A 6 -3.71 -7.92 -52.37
CA ALA A 6 -4.98 -8.42 -51.88
C ALA A 6 -5.94 -7.27 -51.62
N GLU A 7 -5.45 -6.06 -51.86
CA GLU A 7 -6.21 -4.85 -51.62
C GLU A 7 -6.11 -3.92 -52.82
N GLU A 8 -7.17 -3.16 -53.06
CA GLU A 8 -7.21 -2.23 -54.16
C GLU A 8 -7.47 -0.81 -53.64
N ALA A 9 -6.43 0.02 -53.69
CA ALA A 9 -6.48 1.41 -53.21
C ALA A 9 -6.59 1.46 -51.68
N GLU A 10 -7.71 0.97 -51.15
CA GLU A 10 -7.95 0.96 -49.72
C GLU A 10 -9.33 0.35 -49.43
N GLN A 11 -10.35 0.98 -49.99
CA GLN A 11 -11.75 0.64 -49.73
C GLN A 11 -12.05 0.75 -48.24
N PRO A 12 -12.21 1.98 -47.74
CA PRO A 12 -12.52 2.26 -46.35
C PRO A 12 -14.02 2.44 -46.12
N GLY A 13 -14.38 2.84 -44.91
CA GLY A 13 -15.77 3.13 -44.62
C GLY A 13 -16.25 2.47 -43.33
N ALA A 14 -15.61 1.37 -42.96
CA ALA A 14 -16.00 0.64 -41.76
C ALA A 14 -15.37 1.28 -40.53
N LEU A 15 -15.97 2.38 -40.08
CA LEU A 15 -15.48 3.16 -38.94
C LEU A 15 -14.14 3.81 -39.29
N ALA A 16 -13.71 4.76 -38.45
CA ALA A 16 -12.48 5.51 -38.68
C ALA A 16 -12.49 6.16 -40.06
N ARG A 17 -13.37 7.14 -40.23
CA ARG A 17 -13.61 7.79 -41.52
C ARG A 17 -12.49 8.78 -41.89
N GLU A 18 -11.30 8.56 -41.35
CA GLU A 18 -10.18 9.50 -41.50
C GLU A 18 -10.61 10.89 -41.04
N PHE A 19 -10.71 11.07 -39.72
CA PHE A 19 -11.17 12.33 -39.17
C PHE A 19 -10.81 12.41 -37.69
N LEU A 20 -11.33 11.47 -36.91
CA LEU A 20 -11.04 11.42 -35.48
C LEU A 20 -10.40 10.08 -35.12
N ALA A 21 -9.78 10.02 -33.95
CA ALA A 21 -9.16 8.79 -33.47
C ALA A 21 -10.09 8.09 -32.48
N ALA A 22 -9.75 6.87 -32.13
CA ALA A 22 -10.57 6.10 -31.21
C ALA A 22 -9.91 5.99 -29.84
N MET A 23 -10.36 6.83 -28.92
CA MET A 23 -9.89 6.77 -27.54
C MET A 23 -10.98 6.14 -26.67
N GLU A 24 -11.06 4.83 -26.72
CA GLU A 24 -12.12 4.11 -26.04
C GLU A 24 -11.60 3.41 -24.78
N PRO A 25 -12.16 3.75 -23.61
CA PRO A 25 -11.80 3.11 -22.36
C PRO A 25 -12.46 1.74 -22.22
N GLU A 26 -11.67 0.69 -22.27
CA GLU A 26 -12.18 -0.67 -22.16
C GLU A 26 -12.65 -0.95 -20.74
N PRO A 27 -13.72 -1.75 -20.58
CA PRO A 27 -14.36 -2.01 -19.29
C PRO A 27 -13.41 -2.61 -18.24
N ALA A 28 -12.88 -1.74 -17.39
CA ALA A 28 -12.05 -2.17 -16.27
C ALA A 28 -12.67 -1.69 -14.96
N PRO A 29 -12.60 -2.52 -13.91
CA PRO A 29 -13.07 -2.15 -12.58
C PRO A 29 -12.04 -1.30 -11.84
N ALA A 30 -12.49 -0.64 -10.79
CA ALA A 30 -11.66 0.26 -10.01
C ALA A 30 -11.10 1.38 -10.88
N PRO A 31 -11.98 2.28 -11.35
CA PRO A 31 -11.59 3.40 -12.21
C PRO A 31 -10.91 4.48 -11.41
N ALA A 32 -9.72 4.17 -10.92
CA ALA A 32 -8.98 5.09 -10.09
C ALA A 32 -8.34 6.17 -10.96
N PRO A 33 -8.23 7.40 -10.43
CA PRO A 33 -7.62 8.51 -11.16
C PRO A 33 -6.12 8.33 -11.35
N GLU A 34 -5.51 7.55 -10.46
CA GLU A 34 -4.07 7.34 -10.47
C GLU A 34 -3.72 5.88 -10.22
N GLU A 35 -3.00 5.29 -11.16
CA GLU A 35 -2.52 3.93 -11.05
C GLU A 35 -1.12 3.93 -10.45
N TRP A 36 -1.01 3.58 -9.18
CA TRP A 36 0.30 3.55 -8.52
C TRP A 36 0.94 2.19 -8.71
N LEU A 37 2.04 1.96 -8.01
CA LEU A 37 2.72 0.68 -8.05
C LEU A 37 1.94 -0.37 -7.28
N ASP A 38 1.38 -1.34 -7.98
CA ASP A 38 0.73 -2.44 -7.29
C ASP A 38 1.77 -3.37 -6.71
N ILE A 39 1.62 -3.60 -5.42
CA ILE A 39 2.56 -4.41 -4.65
C ILE A 39 2.64 -5.82 -5.22
N LEU A 40 1.54 -6.27 -5.80
CA LEU A 40 1.50 -7.59 -6.41
C LEU A 40 1.33 -7.49 -7.92
N GLY A 41 1.17 -6.26 -8.39
CA GLY A 41 0.88 -6.01 -9.79
C GLY A 41 -0.49 -6.54 -10.19
N ASN A 42 -1.36 -6.73 -9.20
CA ASN A 42 -2.66 -7.34 -9.47
C ASN A 42 -3.80 -6.32 -9.51
N GLY A 43 -3.62 -5.14 -8.92
CA GLY A 43 -4.54 -4.04 -9.18
C GLY A 43 -5.14 -3.41 -7.93
N LEU A 44 -5.25 -4.17 -6.84
CA LEU A 44 -5.99 -3.70 -5.67
C LEU A 44 -5.08 -3.28 -4.52
N LEU A 45 -3.81 -3.60 -4.60
CA LEU A 45 -2.87 -3.30 -3.52
C LEU A 45 -1.70 -2.45 -4.03
N ARG A 46 -1.74 -1.14 -3.76
CA ARG A 46 -0.76 -0.22 -4.36
C ARG A 46 -0.32 0.86 -3.38
N LYS A 47 0.95 1.26 -3.48
CA LYS A 47 1.52 2.29 -2.62
C LYS A 47 1.93 3.51 -3.44
N LYS A 48 1.54 4.70 -3.00
CA LYS A 48 1.95 5.94 -3.65
C LYS A 48 2.89 6.73 -2.74
N THR A 49 4.05 7.08 -3.26
CA THR A 49 5.00 7.87 -2.52
C THR A 49 4.65 9.35 -2.54
N LEU A 50 4.05 9.84 -1.47
CA LEU A 50 3.84 11.27 -1.32
C LEU A 50 5.22 11.91 -1.22
N VAL A 51 5.96 11.35 -0.28
CA VAL A 51 7.37 11.62 -0.11
C VAL A 51 8.04 10.30 0.13
N PRO A 52 9.10 9.98 -0.59
CA PRO A 52 9.81 8.72 -0.44
C PRO A 52 11.13 8.84 0.32
N GLY A 53 11.04 9.37 1.53
CA GLY A 53 12.19 9.48 2.40
C GLY A 53 13.07 10.67 2.08
N PRO A 54 14.04 10.96 2.93
CA PRO A 54 15.06 11.98 2.66
C PRO A 54 16.14 11.44 1.72
N PRO A 55 17.05 12.30 1.25
CA PRO A 55 18.15 11.87 0.38
C PRO A 55 19.03 10.81 1.04
N GLY A 56 18.86 9.57 0.60
CA GLY A 56 19.64 8.48 1.14
C GLY A 56 18.96 7.81 2.32
N SER A 57 17.75 7.33 2.10
CA SER A 57 17.00 6.64 3.13
C SER A 57 17.43 5.18 3.26
N SER A 58 16.71 4.45 4.09
CA SER A 58 16.92 3.02 4.23
C SER A 58 15.57 2.34 4.26
N ARG A 59 15.44 1.20 3.62
CA ARG A 59 14.18 0.50 3.59
C ARG A 59 14.18 -0.65 4.59
N PRO A 60 13.33 -0.54 5.63
CA PRO A 60 13.22 -1.54 6.71
C PRO A 60 13.14 -2.99 6.21
N VAL A 61 13.79 -3.87 6.94
CA VAL A 61 13.81 -5.29 6.59
C VAL A 61 12.72 -6.02 7.39
N LYS A 62 12.22 -7.10 6.83
CA LYS A 62 11.19 -7.90 7.50
C LYS A 62 11.75 -8.54 8.75
N GLY A 63 11.34 -8.01 9.88
CA GLY A 63 11.82 -8.48 11.16
C GLY A 63 12.04 -7.33 12.11
N GLN A 64 12.23 -6.14 11.55
CA GLN A 64 12.41 -4.96 12.37
C GLN A 64 11.04 -4.41 12.72
N VAL A 65 10.86 -3.97 13.95
CA VAL A 65 9.62 -3.31 14.31
C VAL A 65 9.76 -1.84 13.99
N VAL A 66 8.78 -1.33 13.28
CA VAL A 66 8.82 0.02 12.78
C VAL A 66 7.60 0.79 13.26
N THR A 67 7.78 2.08 13.44
CA THR A 67 6.69 2.95 13.83
C THR A 67 6.10 3.64 12.62
N VAL A 68 4.88 3.29 12.30
CA VAL A 68 4.19 3.95 11.22
C VAL A 68 3.06 4.80 11.76
N HIS A 69 2.80 5.90 11.10
CA HIS A 69 1.61 6.66 11.39
C HIS A 69 0.61 6.36 10.30
N LEU A 70 -0.49 5.72 10.66
CA LEU A 70 -1.50 5.44 9.65
C LEU A 70 -2.82 6.10 10.00
N GLN A 71 -3.43 6.65 9.00
CA GLN A 71 -4.81 7.08 9.07
C GLN A 71 -5.47 6.56 7.82
N THR A 72 -6.39 5.68 8.03
CA THR A 72 -6.95 4.94 6.96
C THR A 72 -8.33 5.44 6.57
N SER A 73 -8.44 5.89 5.34
CA SER A 73 -9.70 6.35 4.80
C SER A 73 -10.24 5.31 3.84
N LEU A 74 -11.52 5.01 3.95
CA LEU A 74 -12.18 4.16 3.00
C LEU A 74 -12.08 4.71 1.59
N GLU A 75 -12.40 3.88 0.61
CA GLU A 75 -12.40 4.28 -0.79
C GLU A 75 -13.26 5.54 -1.01
N ASN A 76 -14.16 5.79 -0.05
CA ASN A 76 -15.07 6.93 -0.12
C ASN A 76 -14.44 8.18 0.48
N GLY A 77 -13.34 7.99 1.22
CA GLY A 77 -12.68 9.10 1.88
C GLY A 77 -12.90 9.08 3.38
N THR A 78 -13.80 8.22 3.83
CA THR A 78 -14.12 8.12 5.24
C THR A 78 -13.00 7.46 6.02
N ARG A 79 -12.30 8.24 6.83
CA ARG A 79 -11.26 7.71 7.70
C ARG A 79 -11.87 6.95 8.84
N VAL A 80 -11.40 5.74 9.02
CA VAL A 80 -11.99 4.81 9.95
C VAL A 80 -11.02 4.46 11.07
N GLN A 81 -9.79 4.91 10.93
CA GLN A 81 -8.78 4.67 11.93
C GLN A 81 -7.62 5.63 11.72
N GLU A 82 -7.20 6.29 12.79
CA GLU A 82 -6.15 7.28 12.70
C GLU A 82 -5.22 7.20 13.90
N GLU A 83 -4.04 6.66 13.67
CA GLU A 83 -3.08 6.46 14.75
C GLU A 83 -1.75 7.11 14.38
N PRO A 84 -1.22 7.97 15.26
CA PRO A 84 0.04 8.66 15.02
C PRO A 84 1.24 7.73 15.09
N GLU A 85 1.06 6.55 15.67
CA GLU A 85 2.17 5.62 15.81
C GLU A 85 1.68 4.20 16.04
N LEU A 86 2.14 3.36 15.15
CA LEU A 86 1.87 1.94 15.18
C LEU A 86 3.17 1.19 14.95
N VAL A 87 3.64 0.48 15.97
CA VAL A 87 4.88 -0.28 15.84
C VAL A 87 4.55 -1.77 15.71
N PHE A 88 5.17 -2.43 14.75
CA PHE A 88 4.89 -3.84 14.48
C PHE A 88 6.09 -4.52 13.85
N THR A 89 6.16 -5.83 14.01
CA THR A 89 7.22 -6.61 13.40
C THR A 89 6.96 -6.78 11.90
N LEU A 90 7.80 -6.16 11.10
CA LEU A 90 7.71 -6.26 9.65
C LEU A 90 7.86 -7.71 9.21
N GLY A 91 7.01 -8.14 8.30
CA GLY A 91 7.12 -9.48 7.76
C GLY A 91 6.51 -10.51 8.67
N ASP A 92 5.89 -10.04 9.74
CA ASP A 92 5.28 -10.93 10.72
C ASP A 92 3.79 -11.02 10.47
N CYS A 93 3.29 -10.11 9.64
CA CYS A 93 1.86 -9.98 9.42
C CYS A 93 1.19 -9.59 10.74
N ASP A 94 1.92 -8.80 11.52
CA ASP A 94 1.42 -8.34 12.82
C ASP A 94 0.37 -7.27 12.58
N VAL A 95 0.26 -6.91 11.31
CA VAL A 95 -0.65 -5.90 10.83
C VAL A 95 -1.43 -6.43 9.64
N ILE A 96 -1.94 -5.52 8.82
CA ILE A 96 -2.58 -5.90 7.60
C ILE A 96 -1.49 -6.17 6.58
N GLN A 97 -1.65 -7.23 5.82
CA GLN A 97 -0.60 -7.67 4.91
C GLN A 97 -0.24 -6.58 3.93
N ALA A 98 -1.22 -5.72 3.62
CA ALA A 98 -0.99 -4.56 2.77
C ALA A 98 0.12 -3.69 3.33
N LEU A 99 0.03 -3.43 4.63
CA LEU A 99 0.99 -2.58 5.29
C LEU A 99 2.33 -3.28 5.44
N ASP A 100 2.25 -4.55 5.78
CA ASP A 100 3.42 -5.36 6.08
C ASP A 100 4.34 -5.42 4.87
N LEU A 101 3.72 -5.35 3.69
CA LEU A 101 4.46 -5.33 2.44
C LEU A 101 4.81 -3.90 2.00
N SER A 102 3.92 -2.96 2.30
CA SER A 102 4.09 -1.59 1.83
C SER A 102 5.28 -0.92 2.51
N VAL A 103 5.57 -1.33 3.73
CA VAL A 103 6.65 -0.74 4.51
C VAL A 103 8.03 -1.01 3.90
N PRO A 104 8.40 -2.28 3.66
CA PRO A 104 9.68 -2.60 3.01
C PRO A 104 9.75 -2.05 1.59
N LEU A 105 8.59 -1.82 1.00
CA LEU A 105 8.50 -1.14 -0.28
C LEU A 105 8.78 0.35 -0.13
N MET A 106 8.52 0.88 1.04
CA MET A 106 8.69 2.30 1.32
C MET A 106 10.05 2.57 1.96
N ASP A 107 10.54 3.80 1.83
CA ASP A 107 11.80 4.22 2.42
C ASP A 107 11.60 4.79 3.81
N VAL A 108 12.61 4.66 4.66
CA VAL A 108 12.56 5.25 5.99
C VAL A 108 12.40 6.75 5.90
N GLY A 109 11.38 7.24 6.56
CA GLY A 109 11.13 8.66 6.61
C GLY A 109 10.20 9.13 5.51
N GLU A 110 9.51 8.20 4.86
CA GLU A 110 8.59 8.56 3.81
C GLU A 110 7.16 8.50 4.28
N THR A 111 6.28 9.04 3.47
CA THR A 111 4.88 8.98 3.74
C THR A 111 4.20 8.48 2.49
N ALA A 112 3.56 7.33 2.59
CA ALA A 112 2.97 6.69 1.45
C ALA A 112 1.49 6.50 1.64
N MET A 113 0.72 6.83 0.62
CA MET A 113 -0.69 6.54 0.66
C MET A 113 -0.92 5.27 -0.12
N VAL A 114 -1.42 4.27 0.57
CA VAL A 114 -1.59 2.96 0.00
C VAL A 114 -3.06 2.66 -0.15
N THR A 115 -3.45 2.13 -1.28
CA THR A 115 -4.78 1.65 -1.41
C THR A 115 -4.74 0.16 -1.58
N ALA A 116 -5.27 -0.52 -0.59
CA ALA A 116 -5.31 -1.96 -0.56
C ALA A 116 -6.73 -2.43 -0.41
N ASP A 117 -7.11 -3.44 -1.17
CA ASP A 117 -8.41 -4.06 -1.00
C ASP A 117 -8.58 -4.46 0.46
N SER A 118 -9.81 -4.43 0.93
CA SER A 118 -10.11 -4.79 2.30
C SER A 118 -9.59 -6.18 2.62
N LYS A 119 -9.49 -7.02 1.62
CA LYS A 119 -8.92 -8.36 1.77
C LYS A 119 -7.51 -8.29 2.37
N TYR A 120 -6.75 -7.25 2.05
CA TYR A 120 -5.43 -7.06 2.62
C TYR A 120 -5.51 -6.11 3.81
N CYS A 121 -6.72 -5.78 4.19
CA CYS A 121 -6.97 -4.86 5.27
C CYS A 121 -7.86 -5.52 6.32
N TYR A 122 -9.18 -5.35 6.21
CA TYR A 122 -10.10 -6.03 7.11
C TYR A 122 -11.40 -6.46 6.42
N GLY A 123 -11.31 -6.98 5.18
CA GLY A 123 -12.49 -7.42 4.46
C GLY A 123 -13.41 -8.32 5.26
N PRO A 124 -13.13 -9.62 5.32
CA PRO A 124 -13.90 -10.55 6.15
C PRO A 124 -13.43 -10.52 7.59
N GLN A 125 -12.60 -9.53 7.90
CA GLN A 125 -11.97 -9.45 9.21
C GLN A 125 -12.65 -8.39 10.05
N GLY A 126 -12.77 -7.21 9.47
CA GLY A 126 -13.27 -6.07 10.17
C GLY A 126 -12.20 -5.38 10.98
N SER A 127 -12.26 -4.07 11.00
CA SER A 127 -11.27 -3.27 11.68
C SER A 127 -11.66 -2.95 13.12
N ARG A 128 -10.66 -2.51 13.88
CA ARG A 128 -10.80 -2.23 15.32
C ARG A 128 -12.00 -1.35 15.62
N SER A 129 -11.98 -0.13 15.09
CA SER A 129 -13.07 0.79 15.29
C SER A 129 -14.30 0.35 14.48
N PRO A 130 -14.22 0.32 13.14
CA PRO A 130 -15.28 -0.19 12.30
C PRO A 130 -14.93 -1.54 11.68
N TYR A 131 -15.79 -2.51 11.84
CA TYR A 131 -15.73 -3.68 10.98
C TYR A 131 -15.82 -3.21 9.54
N ILE A 132 -14.66 -3.11 8.89
CA ILE A 132 -14.61 -2.66 7.52
C ILE A 132 -15.28 -3.69 6.62
N PRO A 133 -16.21 -3.25 5.76
CA PRO A 133 -16.88 -4.14 4.81
C PRO A 133 -15.89 -4.88 3.93
N PRO A 134 -16.19 -6.13 3.55
CA PRO A 134 -15.30 -6.93 2.73
C PRO A 134 -15.11 -6.32 1.35
N HIS A 135 -13.87 -6.38 0.88
CA HIS A 135 -13.49 -5.87 -0.44
C HIS A 135 -13.58 -4.35 -0.53
N ALA A 136 -13.83 -3.68 0.59
CA ALA A 136 -13.82 -2.22 0.61
C ALA A 136 -12.40 -1.72 0.49
N ALA A 137 -12.13 -0.95 -0.54
CA ALA A 137 -10.76 -0.56 -0.83
C ALA A 137 -10.30 0.47 0.17
N LEU A 138 -9.33 0.08 1.00
CA LEU A 138 -8.83 0.93 2.04
C LEU A 138 -7.71 1.80 1.53
N CYS A 139 -7.80 3.08 1.82
CA CYS A 139 -6.79 4.05 1.42
C CYS A 139 -6.14 4.63 2.67
N LEU A 140 -4.97 4.12 3.00
CA LEU A 140 -4.32 4.49 4.24
C LEU A 140 -3.01 5.22 3.96
N GLU A 141 -2.80 6.31 4.67
CA GLU A 141 -1.56 7.05 4.57
C GLU A 141 -0.66 6.66 5.72
N VAL A 142 0.54 6.16 5.41
CA VAL A 142 1.46 5.71 6.43
C VAL A 142 2.76 6.52 6.43
N THR A 143 3.07 7.09 7.59
CA THR A 143 4.34 7.74 7.83
C THR A 143 5.32 6.78 8.48
N LEU A 144 6.35 6.38 7.76
CA LEU A 144 7.40 5.57 8.35
C LEU A 144 8.38 6.48 9.06
N LYS A 145 8.22 6.57 10.36
CA LYS A 145 8.95 7.55 11.14
C LYS A 145 10.20 6.93 11.72
N THR A 146 10.13 5.64 12.04
CA THR A 146 11.26 4.95 12.63
C THR A 146 11.24 3.48 12.29
N ALA A 147 12.43 2.87 12.25
CA ALA A 147 12.57 1.43 12.09
C ALA A 147 13.68 0.93 13.01
N VAL A 148 13.40 -0.10 13.79
CA VAL A 148 14.40 -0.61 14.72
C VAL A 148 14.52 -2.11 14.58
N ASP A 149 15.76 -2.57 14.41
CA ASP A 149 16.01 -3.97 14.17
C ASP A 149 16.18 -4.71 15.49
N LEU A 150 15.39 -5.77 15.65
CA LEU A 150 15.48 -6.59 16.84
C LEU A 150 15.35 -8.06 16.48
N GLU A 151 15.17 -8.32 15.19
CA GLU A 151 15.03 -9.69 14.71
C GLU A 151 16.41 -10.34 14.57
N HIS A 152 16.78 -11.11 15.59
CA HIS A 152 18.08 -11.79 15.65
C HIS A 152 19.20 -10.77 15.88
N HIS A 153 18.83 -9.49 15.94
CA HIS A 153 19.74 -8.39 16.26
C HIS A 153 20.74 -8.13 15.14
N HIS A 154 20.96 -6.85 14.87
CA HIS A 154 22.00 -6.39 13.97
C HIS A 154 23.33 -7.08 14.24
N HIS A 155 23.80 -7.87 13.29
CA HIS A 155 25.11 -8.46 13.38
C HIS A 155 26.12 -7.56 12.70
N HIS A 156 25.62 -6.58 11.97
CA HIS A 156 26.45 -5.49 11.49
C HIS A 156 26.73 -4.53 12.65
N HIS A 157 27.79 -4.84 13.40
CA HIS A 157 28.15 -4.12 14.62
C HIS A 157 27.12 -4.38 15.71
N MET A 1 5.00 -41.07 -44.63
CA MET A 1 4.05 -40.96 -45.77
C MET A 1 3.16 -39.74 -45.60
N GLY A 2 2.69 -39.51 -44.39
CA GLY A 2 1.87 -38.35 -44.11
C GLY A 2 2.01 -37.92 -42.67
N GLN A 3 1.04 -37.16 -42.18
CA GLN A 3 1.07 -36.70 -40.80
C GLN A 3 -0.12 -37.27 -40.03
N PRO A 4 0.09 -37.73 -38.79
CA PRO A 4 -1.00 -38.15 -37.91
C PRO A 4 -1.97 -37.00 -37.65
N PRO A 5 -3.27 -37.30 -37.53
CA PRO A 5 -4.29 -36.28 -37.27
C PRO A 5 -4.11 -35.61 -35.91
N ALA A 6 -4.07 -34.28 -35.91
CA ALA A 6 -3.93 -33.52 -34.68
C ALA A 6 -5.28 -33.41 -33.97
N GLU A 7 -5.34 -32.54 -32.96
CA GLU A 7 -6.53 -32.37 -32.12
C GLU A 7 -6.84 -33.71 -31.45
N GLU A 8 -6.24 -33.92 -30.29
CA GLU A 8 -6.20 -35.23 -29.67
C GLU A 8 -7.57 -35.71 -29.17
N ALA A 9 -7.85 -36.97 -29.46
CA ALA A 9 -9.03 -37.63 -28.94
C ALA A 9 -8.62 -38.81 -28.07
N GLU A 10 -7.31 -38.93 -27.85
CA GLU A 10 -6.76 -40.00 -27.04
C GLU A 10 -6.67 -39.56 -25.58
N GLN A 11 -5.86 -38.54 -25.33
CA GLN A 11 -5.78 -37.94 -24.01
C GLN A 11 -5.84 -36.42 -24.13
N PRO A 12 -7.05 -35.86 -24.14
CA PRO A 12 -7.25 -34.42 -24.21
C PRO A 12 -7.22 -33.79 -22.83
N GLY A 13 -7.43 -32.48 -22.76
CA GLY A 13 -7.41 -31.82 -21.48
C GLY A 13 -6.21 -30.93 -21.31
N ALA A 14 -6.18 -29.84 -22.06
CA ALA A 14 -5.07 -28.91 -22.02
C ALA A 14 -5.57 -27.47 -22.21
N LEU A 15 -5.78 -26.79 -21.10
CA LEU A 15 -6.23 -25.41 -21.13
C LEU A 15 -5.05 -24.46 -21.00
N ALA A 16 -4.24 -24.67 -19.97
CA ALA A 16 -3.08 -23.82 -19.72
C ALA A 16 -1.84 -24.39 -20.42
N ARG A 17 -1.76 -24.18 -21.73
CA ARG A 17 -0.62 -24.66 -22.50
C ARG A 17 0.51 -23.63 -22.50
N GLU A 18 0.24 -22.44 -21.96
CA GLU A 18 1.23 -21.35 -21.89
C GLU A 18 1.49 -20.76 -23.28
N PHE A 19 1.13 -19.50 -23.46
CA PHE A 19 1.29 -18.83 -24.75
C PHE A 19 1.16 -17.32 -24.60
N LEU A 20 1.61 -16.60 -25.63
CA LEU A 20 1.57 -15.13 -25.68
C LEU A 20 2.49 -14.52 -24.63
N ALA A 21 3.79 -14.64 -24.90
CA ALA A 21 4.84 -14.16 -24.00
C ALA A 21 4.64 -14.72 -22.59
N ALA A 22 4.29 -13.86 -21.65
CA ALA A 22 4.00 -14.30 -20.30
C ALA A 22 2.55 -13.99 -19.94
N MET A 23 2.13 -12.75 -20.21
CA MET A 23 0.78 -12.32 -19.86
C MET A 23 0.16 -11.48 -20.97
N GLU A 24 0.74 -11.54 -22.17
CA GLU A 24 0.32 -10.72 -23.30
C GLU A 24 0.39 -9.23 -22.96
N PRO A 25 1.47 -8.56 -23.37
CA PRO A 25 1.70 -7.15 -23.06
C PRO A 25 0.77 -6.21 -23.82
N GLU A 26 -0.26 -5.74 -23.15
CA GLU A 26 -1.17 -4.77 -23.73
C GLU A 26 -0.67 -3.36 -23.42
N PRO A 27 -0.95 -2.39 -24.31
CA PRO A 27 -0.58 -0.98 -24.10
C PRO A 27 -1.24 -0.41 -22.85
N ALA A 28 -0.43 0.09 -21.93
CA ALA A 28 -0.93 0.69 -20.71
C ALA A 28 -1.59 2.04 -21.01
N PRO A 29 -2.52 2.48 -20.13
CA PRO A 29 -3.22 3.76 -20.30
C PRO A 29 -2.26 4.92 -20.51
N ALA A 30 -2.58 5.76 -21.47
CA ALA A 30 -1.77 6.94 -21.74
C ALA A 30 -1.99 8.02 -20.65
N PRO A 31 -3.24 8.41 -20.37
CA PRO A 31 -3.53 9.35 -19.28
C PRO A 31 -3.50 8.64 -17.92
N ALA A 32 -2.55 9.02 -17.07
CA ALA A 32 -2.39 8.41 -15.76
C ALA A 32 -3.62 8.62 -14.89
N PRO A 33 -4.35 7.54 -14.59
CA PRO A 33 -5.56 7.60 -13.78
C PRO A 33 -5.28 7.35 -12.30
N GLU A 34 -4.07 7.73 -11.88
CA GLU A 34 -3.58 7.48 -10.54
C GLU A 34 -3.41 5.98 -10.30
N GLU A 35 -2.88 5.32 -11.31
CA GLU A 35 -2.48 3.93 -11.19
C GLU A 35 -1.08 3.88 -10.60
N TRP A 36 -1.00 3.78 -9.28
CA TRP A 36 0.29 3.78 -8.60
C TRP A 36 1.02 2.45 -8.84
N LEU A 37 1.99 2.16 -7.98
CA LEU A 37 2.71 0.91 -8.09
C LEU A 37 1.91 -0.23 -7.47
N ASP A 38 1.43 -1.11 -8.34
CA ASP A 38 0.79 -2.35 -7.93
C ASP A 38 1.78 -3.25 -7.19
N ILE A 39 1.71 -3.18 -5.86
CA ILE A 39 2.58 -3.95 -4.98
C ILE A 39 2.61 -5.44 -5.34
N LEU A 40 1.43 -6.02 -5.49
CA LEU A 40 1.33 -7.44 -5.80
C LEU A 40 1.02 -7.66 -7.26
N GLY A 41 0.97 -6.56 -8.00
CA GLY A 41 0.72 -6.63 -9.44
C GLY A 41 -0.74 -6.90 -9.74
N ASN A 42 -1.56 -6.85 -8.71
CA ASN A 42 -2.97 -7.13 -8.84
C ASN A 42 -3.81 -5.87 -8.96
N GLY A 43 -3.23 -4.72 -8.60
CA GLY A 43 -3.96 -3.47 -8.67
C GLY A 43 -4.77 -3.19 -7.42
N LEU A 44 -5.17 -4.26 -6.73
CA LEU A 44 -5.93 -4.16 -5.48
C LEU A 44 -5.02 -3.60 -4.40
N LEU A 45 -3.73 -3.79 -4.62
CA LEU A 45 -2.70 -3.32 -3.71
C LEU A 45 -1.76 -2.34 -4.43
N ARG A 46 -1.78 -1.07 -4.04
CA ARG A 46 -0.92 -0.06 -4.65
C ARG A 46 -0.41 0.94 -3.61
N LYS A 47 0.86 1.34 -3.74
CA LYS A 47 1.47 2.30 -2.82
C LYS A 47 1.83 3.59 -3.56
N LYS A 48 1.38 4.75 -3.06
CA LYS A 48 1.76 6.02 -3.66
C LYS A 48 2.74 6.75 -2.76
N THR A 49 3.90 7.06 -3.30
CA THR A 49 4.90 7.84 -2.57
C THR A 49 4.54 9.32 -2.59
N LEU A 50 3.95 9.79 -1.50
CA LEU A 50 3.70 11.22 -1.34
C LEU A 50 5.05 11.88 -1.19
N VAL A 51 5.80 11.34 -0.25
CA VAL A 51 7.20 11.63 -0.06
C VAL A 51 7.88 10.29 0.14
N PRO A 52 8.91 9.99 -0.63
CA PRO A 52 9.57 8.70 -0.58
C PRO A 52 10.95 8.73 0.08
N GLY A 53 11.00 9.24 1.31
CA GLY A 53 12.23 9.18 2.08
C GLY A 53 13.15 10.35 1.83
N PRO A 54 13.80 10.86 2.88
CA PRO A 54 14.82 11.89 2.76
C PRO A 54 16.07 11.33 2.10
N PRO A 55 16.86 12.19 1.42
CA PRO A 55 18.09 11.76 0.75
C PRO A 55 19.00 10.92 1.65
N GLY A 56 19.08 9.63 1.37
CA GLY A 56 19.92 8.74 2.14
C GLY A 56 19.14 7.99 3.20
N SER A 57 17.98 7.49 2.82
CA SER A 57 17.14 6.72 3.72
C SER A 57 17.53 5.24 3.69
N SER A 58 16.72 4.43 4.35
CA SER A 58 16.93 3.00 4.40
C SER A 58 15.59 2.31 4.45
N ARG A 59 15.45 1.16 3.80
CA ARG A 59 14.22 0.42 3.87
C ARG A 59 14.32 -0.62 4.98
N PRO A 60 13.46 -0.50 6.01
CA PRO A 60 13.42 -1.45 7.14
C PRO A 60 13.36 -2.91 6.69
N VAL A 61 13.96 -3.77 7.50
CA VAL A 61 13.96 -5.20 7.20
C VAL A 61 12.77 -5.86 7.88
N LYS A 62 12.26 -6.93 7.29
CA LYS A 62 11.17 -7.66 7.91
C LYS A 62 11.69 -8.42 9.13
N GLY A 63 11.10 -8.09 10.25
CA GLY A 63 11.56 -8.57 11.52
C GLY A 63 11.77 -7.42 12.48
N GLN A 64 12.06 -6.26 11.91
CA GLN A 64 12.24 -5.06 12.71
C GLN A 64 10.87 -4.47 13.02
N VAL A 65 10.67 -4.06 14.26
CA VAL A 65 9.44 -3.40 14.59
C VAL A 65 9.56 -1.94 14.21
N VAL A 66 8.70 -1.52 13.31
CA VAL A 66 8.78 -0.20 12.74
C VAL A 66 7.59 0.63 13.15
N THR A 67 7.82 1.92 13.33
CA THR A 67 6.76 2.82 13.72
C THR A 67 6.17 3.52 12.52
N VAL A 68 4.93 3.21 12.22
CA VAL A 68 4.24 3.91 11.17
C VAL A 68 3.14 4.78 11.75
N HIS A 69 2.84 5.86 11.08
CA HIS A 69 1.64 6.62 11.39
C HIS A 69 0.65 6.27 10.31
N LEU A 70 -0.51 5.79 10.70
CA LEU A 70 -1.54 5.49 9.74
C LEU A 70 -2.84 6.21 10.08
N GLN A 71 -3.49 6.67 9.04
CA GLN A 71 -4.86 7.15 9.11
C GLN A 71 -5.53 6.64 7.88
N THR A 72 -6.55 5.87 8.07
CA THR A 72 -7.08 5.07 7.02
C THR A 72 -8.47 5.52 6.61
N SER A 73 -8.60 5.87 5.35
CA SER A 73 -9.88 6.23 4.79
C SER A 73 -10.42 5.07 3.96
N LEU A 74 -11.72 4.95 3.92
CA LEU A 74 -12.38 4.04 3.04
C LEU A 74 -12.30 4.54 1.60
N GLU A 75 -12.62 3.65 0.66
CA GLU A 75 -12.71 4.02 -0.75
C GLU A 75 -13.71 5.16 -0.93
N ASN A 76 -14.56 5.33 0.07
CA ASN A 76 -15.60 6.34 0.04
C ASN A 76 -15.12 7.65 0.68
N GLY A 77 -13.92 7.63 1.24
CA GLY A 77 -13.32 8.83 1.79
C GLY A 77 -13.37 8.90 3.31
N THR A 78 -14.12 8.00 3.91
CA THR A 78 -14.32 8.00 5.36
C THR A 78 -13.12 7.41 6.08
N ARG A 79 -12.38 8.25 6.79
CA ARG A 79 -11.31 7.79 7.65
C ARG A 79 -11.89 7.11 8.88
N VAL A 80 -11.49 5.86 9.04
CA VAL A 80 -12.10 4.99 10.04
C VAL A 80 -11.16 4.75 11.20
N GLN A 81 -9.92 5.16 11.04
CA GLN A 81 -8.91 4.96 12.07
C GLN A 81 -7.77 5.93 11.85
N GLU A 82 -7.17 6.40 12.93
CA GLU A 82 -6.06 7.33 12.84
C GLU A 82 -5.12 7.12 14.02
N GLU A 83 -3.99 6.51 13.75
CA GLU A 83 -3.03 6.16 14.77
C GLU A 83 -1.70 6.82 14.45
N PRO A 84 -1.23 7.70 15.34
CA PRO A 84 0.02 8.45 15.13
C PRO A 84 1.24 7.53 15.16
N GLU A 85 1.07 6.35 15.73
CA GLU A 85 2.17 5.41 15.81
C GLU A 85 1.67 4.00 16.04
N LEU A 86 2.00 3.19 15.08
CA LEU A 86 1.71 1.79 15.10
C LEU A 86 3.01 1.04 14.86
N VAL A 87 3.63 0.56 15.93
CA VAL A 87 4.84 -0.23 15.81
C VAL A 87 4.48 -1.71 15.65
N PHE A 88 5.10 -2.39 14.71
CA PHE A 88 4.75 -3.76 14.41
C PHE A 88 5.91 -4.52 13.82
N THR A 89 5.81 -5.84 13.85
CA THR A 89 6.84 -6.69 13.33
C THR A 89 6.67 -6.87 11.83
N LEU A 90 7.56 -6.25 11.06
CA LEU A 90 7.54 -6.37 9.60
C LEU A 90 7.69 -7.83 9.20
N GLY A 91 6.85 -8.29 8.30
CA GLY A 91 6.98 -9.64 7.78
C GLY A 91 6.26 -10.66 8.65
N ASP A 92 5.55 -10.17 9.65
CA ASP A 92 4.87 -11.05 10.59
C ASP A 92 3.37 -10.83 10.51
N CYS A 93 2.97 -10.04 9.50
CA CYS A 93 1.56 -9.64 9.31
C CYS A 93 0.97 -9.22 10.65
N ASP A 94 1.76 -8.46 11.41
CA ASP A 94 1.34 -7.94 12.69
C ASP A 94 0.32 -6.84 12.45
N VAL A 95 0.26 -6.46 11.18
CA VAL A 95 -0.66 -5.46 10.66
C VAL A 95 -1.48 -6.05 9.55
N ILE A 96 -1.95 -5.21 8.64
CA ILE A 96 -2.57 -5.68 7.44
C ILE A 96 -1.46 -6.04 6.45
N GLN A 97 -1.66 -7.09 5.69
CA GLN A 97 -0.62 -7.60 4.82
C GLN A 97 -0.18 -6.55 3.81
N ALA A 98 -1.15 -5.73 3.36
CA ALA A 98 -0.86 -4.62 2.47
C ALA A 98 0.23 -3.73 3.05
N LEU A 99 0.06 -3.38 4.32
CA LEU A 99 0.99 -2.50 5.01
C LEU A 99 2.33 -3.20 5.20
N ASP A 100 2.25 -4.45 5.56
CA ASP A 100 3.43 -5.26 5.85
C ASP A 100 4.32 -5.35 4.62
N LEU A 101 3.68 -5.23 3.46
CA LEU A 101 4.39 -5.24 2.20
C LEU A 101 4.81 -3.82 1.77
N SER A 102 3.96 -2.83 2.09
CA SER A 102 4.18 -1.48 1.62
C SER A 102 5.38 -0.85 2.32
N VAL A 103 5.64 -1.31 3.54
CA VAL A 103 6.73 -0.77 4.35
C VAL A 103 8.10 -1.04 3.75
N PRO A 104 8.45 -2.31 3.47
CA PRO A 104 9.70 -2.63 2.76
C PRO A 104 9.75 -2.02 1.36
N LEU A 105 8.58 -1.77 0.79
CA LEU A 105 8.49 -1.06 -0.48
C LEU A 105 8.68 0.44 -0.29
N MET A 106 8.62 0.88 0.96
CA MET A 106 8.81 2.27 1.31
C MET A 106 10.17 2.49 1.99
N ASP A 107 10.69 3.72 1.89
CA ASP A 107 11.96 4.06 2.55
C ASP A 107 11.71 4.72 3.90
N VAL A 108 12.69 4.63 4.79
CA VAL A 108 12.58 5.28 6.08
C VAL A 108 12.42 6.79 5.94
N GLY A 109 11.36 7.30 6.53
CA GLY A 109 11.13 8.72 6.55
C GLY A 109 10.15 9.17 5.51
N GLU A 110 9.55 8.22 4.81
CA GLU A 110 8.59 8.57 3.77
C GLU A 110 7.17 8.46 4.29
N THR A 111 6.26 8.98 3.51
CA THR A 111 4.85 8.85 3.78
C THR A 111 4.15 8.44 2.51
N ALA A 112 3.55 7.26 2.54
CA ALA A 112 2.92 6.71 1.37
C ALA A 112 1.44 6.51 1.61
N MET A 113 0.66 6.82 0.60
CA MET A 113 -0.76 6.54 0.63
C MET A 113 -0.98 5.24 -0.10
N VAL A 114 -1.47 4.25 0.58
CA VAL A 114 -1.62 2.94 -0.01
C VAL A 114 -3.08 2.61 -0.12
N THR A 115 -3.50 2.14 -1.27
CA THR A 115 -4.83 1.67 -1.40
C THR A 115 -4.80 0.18 -1.63
N ALA A 116 -5.32 -0.50 -0.65
CA ALA A 116 -5.35 -1.95 -0.64
C ALA A 116 -6.77 -2.42 -0.46
N ASP A 117 -7.17 -3.40 -1.24
CA ASP A 117 -8.47 -4.03 -1.05
C ASP A 117 -8.60 -4.45 0.41
N SER A 118 -9.81 -4.40 0.94
CA SER A 118 -10.03 -4.75 2.33
C SER A 118 -9.50 -6.15 2.62
N LYS A 119 -9.49 -7.00 1.61
CA LYS A 119 -8.91 -8.33 1.75
C LYS A 119 -7.45 -8.27 2.23
N TYR A 120 -6.75 -7.19 1.88
CA TYR A 120 -5.38 -6.98 2.34
C TYR A 120 -5.39 -6.06 3.55
N CYS A 121 -6.59 -5.67 3.96
CA CYS A 121 -6.77 -4.76 5.06
C CYS A 121 -7.64 -5.40 6.14
N TYR A 122 -8.96 -5.22 6.07
CA TYR A 122 -9.86 -5.81 7.05
C TYR A 122 -11.17 -6.28 6.42
N GLY A 123 -11.12 -6.89 5.24
CA GLY A 123 -12.33 -7.37 4.57
C GLY A 123 -13.19 -8.26 5.45
N PRO A 124 -12.84 -9.54 5.58
CA PRO A 124 -13.52 -10.45 6.50
C PRO A 124 -12.88 -10.39 7.88
N GLN A 125 -12.02 -9.41 8.05
CA GLN A 125 -11.22 -9.28 9.26
C GLN A 125 -11.78 -8.21 10.15
N GLY A 126 -12.10 -7.07 9.54
CA GLY A 126 -12.63 -5.94 10.27
C GLY A 126 -11.55 -5.16 10.98
N SER A 127 -11.72 -3.87 10.99
CA SER A 127 -10.74 -2.97 11.58
C SER A 127 -11.03 -2.72 13.07
N ARG A 128 -10.02 -2.17 13.76
CA ARG A 128 -10.08 -1.99 15.22
C ARG A 128 -11.28 -1.17 15.65
N SER A 129 -11.50 -0.02 15.03
CA SER A 129 -12.66 0.78 15.35
C SER A 129 -13.89 0.23 14.61
N PRO A 130 -13.91 0.23 13.26
CA PRO A 130 -14.97 -0.37 12.50
C PRO A 130 -14.54 -1.66 11.82
N TYR A 131 -15.30 -2.73 12.02
CA TYR A 131 -15.21 -3.88 11.15
C TYR A 131 -15.45 -3.39 9.72
N ILE A 132 -14.37 -3.18 8.99
CA ILE A 132 -14.44 -2.67 7.65
C ILE A 132 -15.14 -3.68 6.74
N PRO A 133 -16.09 -3.21 5.91
CA PRO A 133 -16.78 -4.07 4.94
C PRO A 133 -15.80 -4.84 4.04
N PRO A 134 -16.16 -6.06 3.65
CA PRO A 134 -15.29 -6.90 2.84
C PRO A 134 -15.03 -6.30 1.46
N HIS A 135 -13.76 -6.36 1.06
CA HIS A 135 -13.30 -5.86 -0.24
C HIS A 135 -13.32 -4.33 -0.34
N ALA A 136 -13.76 -3.66 0.71
CA ALA A 136 -13.76 -2.20 0.71
C ALA A 136 -12.34 -1.70 0.55
N ALA A 137 -12.08 -0.96 -0.52
CA ALA A 137 -10.72 -0.59 -0.85
C ALA A 137 -10.25 0.49 0.09
N LEU A 138 -9.27 0.14 0.91
CA LEU A 138 -8.80 1.00 1.96
C LEU A 138 -7.70 1.91 1.46
N CYS A 139 -7.83 3.18 1.74
CA CYS A 139 -6.85 4.18 1.35
C CYS A 139 -6.22 4.75 2.61
N LEU A 140 -5.05 4.28 2.94
CA LEU A 140 -4.41 4.65 4.18
C LEU A 140 -3.06 5.30 3.94
N GLU A 141 -2.82 6.38 4.64
CA GLU A 141 -1.55 7.08 4.57
C GLU A 141 -0.67 6.66 5.73
N VAL A 142 0.54 6.20 5.42
CA VAL A 142 1.46 5.71 6.43
C VAL A 142 2.79 6.43 6.38
N THR A 143 3.11 7.13 7.47
CA THR A 143 4.42 7.71 7.67
C THR A 143 5.34 6.71 8.37
N LEU A 144 6.37 6.27 7.68
CA LEU A 144 7.39 5.43 8.30
C LEU A 144 8.41 6.31 9.00
N LYS A 145 8.26 6.42 10.30
CA LYS A 145 9.03 7.37 11.07
C LYS A 145 10.26 6.73 11.66
N THR A 146 10.21 5.42 11.86
CA THR A 146 11.32 4.70 12.49
C THR A 146 11.33 3.22 12.15
N ALA A 147 12.50 2.61 12.22
CA ALA A 147 12.64 1.17 12.11
C ALA A 147 13.68 0.69 13.10
N VAL A 148 13.35 -0.31 13.91
CA VAL A 148 14.29 -0.81 14.91
C VAL A 148 14.26 -2.33 14.93
N ASP A 149 15.42 -2.93 15.12
CA ASP A 149 15.52 -4.38 15.09
C ASP A 149 15.07 -4.97 16.40
N LEU A 150 14.03 -5.78 16.32
CA LEU A 150 13.50 -6.46 17.49
C LEU A 150 13.18 -7.89 17.11
N GLU A 151 13.74 -8.29 15.97
CA GLU A 151 13.54 -9.63 15.43
C GLU A 151 14.29 -10.62 16.31
N HIS A 152 15.54 -10.26 16.62
CA HIS A 152 16.38 -11.09 17.43
C HIS A 152 16.22 -10.72 18.91
N HIS A 153 15.00 -10.90 19.39
CA HIS A 153 14.66 -10.65 20.79
C HIS A 153 15.45 -11.54 21.72
N HIS A 154 15.56 -11.14 22.98
CA HIS A 154 16.22 -11.96 23.98
C HIS A 154 15.37 -13.19 24.32
N HIS A 155 16.04 -14.30 24.60
CA HIS A 155 15.39 -15.53 25.04
C HIS A 155 14.52 -16.14 23.93
N HIS A 156 14.98 -17.23 23.35
CA HIS A 156 14.24 -17.91 22.31
C HIS A 156 13.65 -19.22 22.82
N HIS A 157 12.88 -19.88 21.98
CA HIS A 157 12.39 -21.21 22.26
C HIS A 157 12.99 -22.17 21.25
N MET A 1 17.94 -9.44 -53.52
CA MET A 1 16.47 -9.31 -53.43
C MET A 1 15.84 -10.63 -53.03
N GLY A 2 14.59 -10.58 -52.59
CA GLY A 2 13.89 -11.79 -52.18
C GLY A 2 13.90 -12.00 -50.69
N GLN A 3 14.39 -11.02 -49.95
CA GLN A 3 14.46 -11.12 -48.50
C GLN A 3 13.92 -9.85 -47.85
N PRO A 4 12.90 -9.98 -46.99
CA PRO A 4 12.38 -8.86 -46.20
C PRO A 4 13.36 -8.45 -45.11
N PRO A 5 13.41 -7.15 -44.78
CA PRO A 5 14.33 -6.62 -43.76
C PRO A 5 14.07 -7.20 -42.37
N ALA A 6 15.12 -7.29 -41.57
CA ALA A 6 15.04 -7.82 -40.21
C ALA A 6 14.15 -6.93 -39.35
N GLU A 7 14.31 -5.62 -39.48
CA GLU A 7 13.46 -4.69 -38.76
C GLU A 7 12.38 -4.14 -39.67
N GLU A 8 11.15 -4.19 -39.19
CA GLU A 8 9.99 -3.88 -40.01
C GLU A 8 9.56 -2.43 -39.81
N ALA A 9 8.72 -1.95 -40.72
CA ALA A 9 8.25 -0.58 -40.65
C ALA A 9 6.91 -0.51 -39.92
N GLU A 10 6.73 0.57 -39.15
CA GLU A 10 5.50 0.76 -38.38
C GLU A 10 4.35 1.18 -39.29
N GLN A 11 4.69 1.52 -40.53
CA GLN A 11 3.69 1.84 -41.55
C GLN A 11 3.96 1.03 -42.82
N PRO A 12 3.24 -0.09 -42.97
CA PRO A 12 3.38 -0.97 -44.14
C PRO A 12 2.90 -0.32 -45.43
N GLY A 13 1.87 0.53 -45.34
CA GLY A 13 1.35 1.19 -46.53
C GLY A 13 0.34 0.35 -47.27
N ALA A 14 0.50 -0.97 -47.22
CA ALA A 14 -0.41 -1.90 -47.85
C ALA A 14 -1.66 -2.08 -46.99
N LEU A 15 -2.30 -3.24 -47.09
CA LEU A 15 -3.46 -3.55 -46.28
C LEU A 15 -3.06 -3.69 -44.81
N ALA A 16 -3.20 -2.59 -44.07
CA ALA A 16 -2.84 -2.57 -42.67
C ALA A 16 -3.91 -1.90 -41.84
N ARG A 17 -4.81 -2.71 -41.28
CA ARG A 17 -5.79 -2.22 -40.32
C ARG A 17 -5.32 -2.58 -38.92
N GLU A 18 -5.69 -1.77 -37.95
CA GLU A 18 -5.21 -1.98 -36.59
C GLU A 18 -6.29 -2.57 -35.71
N PHE A 19 -5.84 -3.16 -34.62
CA PHE A 19 -6.71 -3.65 -33.56
C PHE A 19 -6.02 -3.45 -32.23
N LEU A 20 -5.05 -2.54 -32.25
CA LEU A 20 -4.17 -2.33 -31.11
C LEU A 20 -4.73 -1.27 -30.18
N ALA A 21 -5.07 -0.12 -30.75
CA ALA A 21 -5.64 0.96 -29.97
C ALA A 21 -7.04 1.27 -30.47
N ALA A 22 -7.13 1.71 -31.72
CA ALA A 22 -8.39 2.05 -32.38
C ALA A 22 -9.21 3.10 -31.60
N MET A 23 -8.56 3.72 -30.60
CA MET A 23 -9.19 4.71 -29.73
C MET A 23 -10.41 4.13 -29.02
N GLU A 24 -10.42 2.81 -28.85
CA GLU A 24 -11.53 2.13 -28.18
C GLU A 24 -11.45 2.27 -26.66
N PRO A 25 -10.30 1.93 -26.02
CA PRO A 25 -10.13 2.06 -24.57
C PRO A 25 -10.43 3.47 -24.07
N GLU A 26 -11.28 3.57 -23.05
CA GLU A 26 -11.68 4.85 -22.52
C GLU A 26 -10.54 5.51 -21.74
N PRO A 27 -10.47 6.85 -21.79
CA PRO A 27 -9.43 7.62 -21.09
C PRO A 27 -9.61 7.62 -19.58
N ALA A 28 -8.57 8.05 -18.88
CA ALA A 28 -8.62 8.19 -17.43
C ALA A 28 -8.73 9.65 -17.04
N PRO A 29 -9.56 9.95 -16.02
CA PRO A 29 -9.73 11.32 -15.55
C PRO A 29 -8.44 11.95 -15.04
N ALA A 30 -8.39 13.28 -15.03
CA ALA A 30 -7.22 14.00 -14.53
C ALA A 30 -7.10 13.93 -13.00
N PRO A 31 -8.18 14.19 -12.24
CA PRO A 31 -8.15 14.08 -10.77
C PRO A 31 -8.31 12.62 -10.31
N ALA A 32 -7.62 11.71 -10.98
CA ALA A 32 -7.68 10.30 -10.65
C ALA A 32 -6.44 9.87 -9.87
N PRO A 33 -6.57 8.89 -8.97
CA PRO A 33 -5.44 8.38 -8.18
C PRO A 33 -4.40 7.69 -9.06
N GLU A 34 -4.88 7.09 -10.16
CA GLU A 34 -4.04 6.38 -11.13
C GLU A 34 -3.56 5.05 -10.55
N GLU A 35 -3.00 4.21 -11.42
CA GLU A 35 -2.44 2.95 -10.99
C GLU A 35 -1.03 3.16 -10.49
N TRP A 36 -0.86 3.13 -9.19
CA TRP A 36 0.47 3.19 -8.58
C TRP A 36 1.18 1.86 -8.76
N LEU A 37 2.30 1.71 -8.08
CA LEU A 37 3.01 0.45 -8.07
C LEU A 37 2.21 -0.57 -7.27
N ASP A 38 1.64 -1.55 -7.96
CA ASP A 38 0.92 -2.59 -7.27
C ASP A 38 1.90 -3.59 -6.68
N ILE A 39 1.74 -3.83 -5.39
CA ILE A 39 2.63 -4.67 -4.63
C ILE A 39 2.62 -6.10 -5.17
N LEU A 40 1.48 -6.49 -5.71
CA LEU A 40 1.34 -7.83 -6.28
C LEU A 40 1.09 -7.75 -7.77
N GLY A 41 1.06 -6.53 -8.28
CA GLY A 41 0.70 -6.28 -9.67
C GLY A 41 -0.70 -6.76 -9.98
N ASN A 42 -1.54 -6.81 -8.95
CA ASN A 42 -2.90 -7.32 -9.11
C ASN A 42 -3.91 -6.18 -9.33
N GLY A 43 -3.60 -4.99 -8.83
CA GLY A 43 -4.43 -3.82 -9.09
C GLY A 43 -5.25 -3.44 -7.88
N LEU A 44 -5.06 -4.19 -6.80
CA LEU A 44 -5.81 -3.99 -5.58
C LEU A 44 -4.95 -3.33 -4.51
N LEU A 45 -3.67 -3.65 -4.54
CA LEU A 45 -2.74 -3.28 -3.48
C LEU A 45 -1.56 -2.46 -4.02
N ARG A 46 -1.59 -1.14 -3.84
CA ARG A 46 -0.57 -0.27 -4.42
C ARG A 46 -0.11 0.81 -3.43
N LYS A 47 1.15 1.21 -3.52
CA LYS A 47 1.70 2.26 -2.65
C LYS A 47 2.06 3.50 -3.48
N LYS A 48 1.63 4.67 -3.01
CA LYS A 48 1.98 5.93 -3.65
C LYS A 48 2.82 6.78 -2.70
N THR A 49 3.94 7.27 -3.19
CA THR A 49 4.84 8.08 -2.39
C THR A 49 4.38 9.55 -2.35
N LEU A 50 3.87 9.96 -1.21
CA LEU A 50 3.55 11.36 -0.98
C LEU A 50 4.85 12.08 -0.73
N VAL A 51 5.56 11.56 0.24
CA VAL A 51 6.93 11.95 0.54
C VAL A 51 7.73 10.68 0.57
N PRO A 52 8.80 10.58 -0.21
CA PRO A 52 9.63 9.41 -0.25
C PRO A 52 11.04 9.60 0.33
N GLY A 53 11.18 9.39 1.63
CA GLY A 53 12.48 9.42 2.30
C GLY A 53 13.28 10.69 1.98
N PRO A 54 12.93 11.82 2.61
CA PRO A 54 13.47 13.15 2.25
C PRO A 54 15.01 13.23 2.16
N PRO A 55 15.77 12.95 3.25
CA PRO A 55 17.20 13.20 3.29
C PRO A 55 18.08 12.03 2.84
N GLY A 56 17.46 10.89 2.54
CA GLY A 56 18.22 9.71 2.19
C GLY A 56 17.86 8.56 3.09
N SER A 57 16.88 7.79 2.67
CA SER A 57 16.27 6.78 3.50
C SER A 57 16.85 5.39 3.26
N SER A 58 16.20 4.41 3.88
CA SER A 58 16.53 3.01 3.71
C SER A 58 15.24 2.21 3.91
N ARG A 59 15.04 1.14 3.16
CA ARG A 59 13.80 0.39 3.26
C ARG A 59 13.92 -0.72 4.30
N PRO A 60 13.14 -0.63 5.39
CA PRO A 60 13.12 -1.65 6.45
C PRO A 60 12.92 -3.07 5.93
N VAL A 61 13.65 -4.00 6.52
CA VAL A 61 13.54 -5.40 6.17
C VAL A 61 12.48 -6.08 7.03
N LYS A 62 11.92 -7.19 6.56
CA LYS A 62 10.93 -7.92 7.32
C LYS A 62 11.54 -8.52 8.57
N GLY A 63 11.20 -7.94 9.70
CA GLY A 63 11.76 -8.35 10.95
C GLY A 63 12.03 -7.15 11.83
N GLN A 64 12.25 -6.01 11.19
CA GLN A 64 12.49 -4.78 11.94
C GLN A 64 11.18 -4.29 12.52
N VAL A 65 11.23 -3.80 13.74
CA VAL A 65 10.07 -3.19 14.36
C VAL A 65 10.01 -1.72 13.96
N VAL A 66 8.90 -1.31 13.40
CA VAL A 66 8.81 0.00 12.81
C VAL A 66 7.61 0.78 13.31
N THR A 67 7.77 2.10 13.42
CA THR A 67 6.67 2.98 13.77
C THR A 67 6.05 3.57 12.51
N VAL A 68 4.82 3.21 12.24
CA VAL A 68 4.11 3.84 11.17
C VAL A 68 2.99 4.70 11.72
N HIS A 69 2.77 5.84 11.12
CA HIS A 69 1.61 6.63 11.46
C HIS A 69 0.61 6.38 10.38
N LEU A 70 -0.48 5.73 10.71
CA LEU A 70 -1.47 5.46 9.71
C LEU A 70 -2.79 6.09 10.06
N GLN A 71 -3.34 6.72 9.07
CA GLN A 71 -4.71 7.18 9.12
C GLN A 71 -5.33 6.66 7.86
N THR A 72 -6.25 5.78 8.04
CA THR A 72 -6.74 4.99 6.95
C THR A 72 -8.12 5.44 6.53
N SER A 73 -8.24 5.71 5.25
CA SER A 73 -9.49 6.18 4.69
C SER A 73 -10.13 5.06 3.88
N LEU A 74 -11.42 5.17 3.71
CA LEU A 74 -12.16 4.22 2.91
C LEU A 74 -12.15 4.62 1.46
N GLU A 75 -12.56 3.69 0.61
CA GLU A 75 -12.76 3.94 -0.80
C GLU A 75 -13.63 5.18 -1.04
N ASN A 76 -14.46 5.52 -0.06
CA ASN A 76 -15.38 6.65 -0.14
C ASN A 76 -14.75 7.91 0.44
N GLY A 77 -13.62 7.77 1.12
CA GLY A 77 -12.99 8.92 1.74
C GLY A 77 -13.30 9.02 3.21
N THR A 78 -13.72 7.92 3.80
CA THR A 78 -14.00 7.89 5.22
C THR A 78 -12.81 7.37 6.00
N ARG A 79 -12.15 8.24 6.75
CA ARG A 79 -11.03 7.81 7.56
C ARG A 79 -11.52 7.10 8.79
N VAL A 80 -11.29 5.81 8.80
CA VAL A 80 -11.86 4.92 9.78
C VAL A 80 -10.93 4.69 10.96
N GLN A 81 -9.71 5.16 10.83
CA GLN A 81 -8.71 4.98 11.86
C GLN A 81 -7.61 6.02 11.69
N GLU A 82 -7.02 6.44 12.79
CA GLU A 82 -5.93 7.41 12.75
C GLU A 82 -5.02 7.22 13.94
N GLU A 83 -3.86 6.66 13.70
CA GLU A 83 -2.91 6.36 14.75
C GLU A 83 -1.57 7.02 14.45
N PRO A 84 -1.13 7.94 15.29
CA PRO A 84 0.16 8.63 15.12
C PRO A 84 1.34 7.67 15.22
N GLU A 85 1.10 6.50 15.81
CA GLU A 85 2.16 5.54 16.02
C GLU A 85 1.61 4.14 16.18
N LEU A 86 1.82 3.37 15.15
CA LEU A 86 1.57 1.96 15.13
C LEU A 86 2.90 1.26 14.95
N VAL A 87 3.34 0.56 15.97
CA VAL A 87 4.63 -0.10 15.91
C VAL A 87 4.44 -1.62 15.83
N PHE A 88 5.12 -2.26 14.90
CA PHE A 88 4.93 -3.69 14.64
C PHE A 88 6.18 -4.30 14.03
N THR A 89 6.25 -5.62 14.08
CA THR A 89 7.33 -6.35 13.44
C THR A 89 7.01 -6.54 11.96
N LEU A 90 7.84 -5.99 11.09
CA LEU A 90 7.65 -6.11 9.65
C LEU A 90 7.71 -7.57 9.22
N GLY A 91 6.81 -7.96 8.33
CA GLY A 91 6.81 -9.31 7.82
C GLY A 91 6.12 -10.28 8.75
N ASP A 92 5.78 -9.78 9.93
CA ASP A 92 5.21 -10.63 10.98
C ASP A 92 3.71 -10.70 10.80
N CYS A 93 3.20 -9.87 9.90
CA CYS A 93 1.77 -9.82 9.63
C CYS A 93 1.03 -9.43 10.90
N ASP A 94 1.69 -8.65 11.75
CA ASP A 94 1.08 -8.20 12.99
C ASP A 94 -0.02 -7.21 12.64
N VAL A 95 0.11 -6.68 11.44
CA VAL A 95 -0.80 -5.69 10.90
C VAL A 95 -1.57 -6.27 9.73
N ILE A 96 -2.09 -5.39 8.88
CA ILE A 96 -2.74 -5.83 7.67
C ILE A 96 -1.66 -6.16 6.66
N GLN A 97 -1.87 -7.22 5.92
CA GLN A 97 -0.83 -7.71 5.02
C GLN A 97 -0.46 -6.65 3.99
N ALA A 98 -1.42 -5.81 3.63
CA ALA A 98 -1.17 -4.68 2.74
C ALA A 98 -0.05 -3.81 3.30
N LEU A 99 -0.18 -3.48 4.57
CA LEU A 99 0.78 -2.62 5.25
C LEU A 99 2.09 -3.34 5.44
N ASP A 100 1.99 -4.60 5.81
CA ASP A 100 3.14 -5.43 6.12
C ASP A 100 4.05 -5.54 4.90
N LEU A 101 3.44 -5.44 3.73
CA LEU A 101 4.17 -5.45 2.47
C LEU A 101 4.57 -4.03 2.02
N SER A 102 3.70 -3.06 2.31
CA SER A 102 3.90 -1.71 1.79
C SER A 102 5.07 -1.03 2.49
N VAL A 103 5.37 -1.49 3.69
CA VAL A 103 6.44 -0.90 4.50
C VAL A 103 7.84 -1.24 3.98
N PRO A 104 8.14 -2.52 3.70
CA PRO A 104 9.42 -2.89 3.08
C PRO A 104 9.53 -2.33 1.67
N LEU A 105 8.39 -2.02 1.07
CA LEU A 105 8.35 -1.28 -0.19
C LEU A 105 8.53 0.22 0.07
N MET A 106 8.29 0.60 1.30
CA MET A 106 8.41 1.98 1.76
C MET A 106 9.83 2.27 2.26
N ASP A 107 10.25 3.52 2.11
CA ASP A 107 11.55 3.96 2.60
C ASP A 107 11.39 4.57 3.99
N VAL A 108 12.41 4.42 4.84
CA VAL A 108 12.38 5.03 6.16
C VAL A 108 12.28 6.55 6.04
N GLY A 109 11.25 7.10 6.66
CA GLY A 109 11.10 8.54 6.71
C GLY A 109 10.14 9.07 5.67
N GLU A 110 9.49 8.17 4.94
CA GLU A 110 8.53 8.60 3.93
C GLU A 110 7.11 8.49 4.45
N THR A 111 6.18 9.07 3.70
CA THR A 111 4.79 8.93 3.98
C THR A 111 4.12 8.46 2.71
N ALA A 112 3.55 7.28 2.76
CA ALA A 112 2.99 6.68 1.59
C ALA A 112 1.50 6.50 1.75
N MET A 113 0.77 6.76 0.68
CA MET A 113 -0.63 6.45 0.66
C MET A 113 -0.79 5.14 -0.07
N VAL A 114 -1.28 4.14 0.61
CA VAL A 114 -1.42 2.83 0.03
C VAL A 114 -2.88 2.50 -0.10
N THR A 115 -3.28 2.04 -1.26
CA THR A 115 -4.62 1.60 -1.41
C THR A 115 -4.62 0.13 -1.71
N ALA A 116 -5.17 -0.57 -0.75
CA ALA A 116 -5.22 -2.03 -0.78
C ALA A 116 -6.66 -2.48 -0.57
N ASP A 117 -7.06 -3.49 -1.31
CA ASP A 117 -8.37 -4.08 -1.11
C ASP A 117 -8.52 -4.47 0.35
N SER A 118 -9.75 -4.46 0.84
CA SER A 118 -10.03 -4.84 2.22
C SER A 118 -9.49 -6.23 2.51
N LYS A 119 -9.44 -7.07 1.50
CA LYS A 119 -8.86 -8.41 1.65
C LYS A 119 -7.42 -8.33 2.19
N TYR A 120 -6.71 -7.26 1.86
CA TYR A 120 -5.35 -7.06 2.39
C TYR A 120 -5.40 -6.17 3.62
N CYS A 121 -6.61 -5.80 4.00
CA CYS A 121 -6.82 -4.87 5.09
C CYS A 121 -7.73 -5.49 6.16
N TYR A 122 -9.04 -5.28 6.03
CA TYR A 122 -9.96 -5.90 6.99
C TYR A 122 -11.24 -6.42 6.32
N GLY A 123 -11.15 -7.00 5.12
CA GLY A 123 -12.32 -7.53 4.44
C GLY A 123 -13.19 -8.42 5.31
N PRO A 124 -12.79 -9.68 5.53
CA PRO A 124 -13.47 -10.56 6.46
C PRO A 124 -12.87 -10.43 7.85
N GLN A 125 -12.07 -9.39 8.03
CA GLN A 125 -11.31 -9.18 9.25
C GLN A 125 -11.95 -8.11 10.11
N GLY A 126 -12.24 -6.99 9.47
CA GLY A 126 -12.80 -5.85 10.15
C GLY A 126 -11.76 -5.07 10.92
N SER A 127 -11.92 -3.77 10.92
CA SER A 127 -10.96 -2.87 11.54
C SER A 127 -11.31 -2.58 13.00
N ARG A 128 -10.28 -2.14 13.75
CA ARG A 128 -10.36 -1.94 15.19
C ARG A 128 -11.56 -1.07 15.58
N SER A 129 -11.73 0.05 14.93
CA SER A 129 -12.89 0.89 15.17
C SER A 129 -14.10 0.34 14.41
N PRO A 130 -14.11 0.39 13.06
CA PRO A 130 -15.17 -0.18 12.27
C PRO A 130 -14.75 -1.48 11.59
N TYR A 131 -15.53 -2.53 11.77
CA TYR A 131 -15.40 -3.68 10.91
C TYR A 131 -15.57 -3.21 9.47
N ILE A 132 -14.45 -3.03 8.79
CA ILE A 132 -14.44 -2.54 7.43
C ILE A 132 -15.09 -3.57 6.51
N PRO A 133 -16.05 -3.15 5.68
CA PRO A 133 -16.76 -4.04 4.76
C PRO A 133 -15.81 -4.84 3.87
N PRO A 134 -16.14 -6.12 3.62
CA PRO A 134 -15.31 -6.98 2.77
C PRO A 134 -15.11 -6.42 1.37
N HIS A 135 -13.86 -6.42 0.95
CA HIS A 135 -13.46 -6.00 -0.40
C HIS A 135 -13.56 -4.49 -0.60
N ALA A 136 -13.76 -3.75 0.48
CA ALA A 136 -13.75 -2.29 0.42
C ALA A 136 -12.31 -1.82 0.27
N ALA A 137 -12.05 -0.98 -0.72
CA ALA A 137 -10.68 -0.57 -1.01
C ALA A 137 -10.20 0.43 0.04
N LEU A 138 -9.25 0.00 0.84
CA LEU A 138 -8.73 0.82 1.92
C LEU A 138 -7.58 1.68 1.43
N CYS A 139 -7.64 2.96 1.73
CA CYS A 139 -6.58 3.87 1.36
C CYS A 139 -5.98 4.52 2.60
N LEU A 140 -4.85 4.00 3.00
CA LEU A 140 -4.20 4.41 4.24
C LEU A 140 -2.94 5.21 4.00
N GLU A 141 -2.78 6.27 4.76
CA GLU A 141 -1.60 7.12 4.69
C GLU A 141 -0.67 6.77 5.85
N VAL A 142 0.54 6.30 5.53
CA VAL A 142 1.46 5.80 6.55
C VAL A 142 2.79 6.54 6.57
N THR A 143 3.07 7.18 7.71
CA THR A 143 4.37 7.81 7.96
C THR A 143 5.31 6.82 8.63
N LEU A 144 6.32 6.36 7.90
CA LEU A 144 7.36 5.54 8.49
C LEU A 144 8.38 6.45 9.15
N LYS A 145 8.30 6.54 10.45
CA LYS A 145 9.07 7.52 11.18
C LYS A 145 10.26 6.88 11.87
N THR A 146 10.20 5.57 12.04
CA THR A 146 11.26 4.85 12.71
C THR A 146 11.28 3.38 12.31
N ALA A 147 12.48 2.81 12.22
CA ALA A 147 12.65 1.39 11.97
C ALA A 147 13.80 0.87 12.82
N VAL A 148 13.59 -0.21 13.56
CA VAL A 148 14.62 -0.73 14.43
C VAL A 148 14.90 -2.21 14.12
N ASP A 149 16.17 -2.53 13.88
CA ASP A 149 16.54 -3.89 13.57
C ASP A 149 16.82 -4.69 14.84
N LEU A 150 16.08 -5.77 15.02
CA LEU A 150 16.30 -6.64 16.16
C LEU A 150 16.07 -8.11 15.79
N GLU A 151 15.70 -8.35 14.55
CA GLU A 151 15.28 -9.68 14.11
C GLU A 151 16.39 -10.40 13.35
N HIS A 152 16.68 -9.94 12.14
CA HIS A 152 17.62 -10.65 11.28
C HIS A 152 18.45 -9.67 10.46
N HIS A 153 19.76 -9.76 10.60
CA HIS A 153 20.67 -8.94 9.83
C HIS A 153 20.69 -9.43 8.38
N HIS A 154 20.08 -8.64 7.50
CA HIS A 154 19.93 -9.02 6.10
C HIS A 154 21.27 -9.42 5.47
N HIS A 155 21.28 -10.60 4.85
CA HIS A 155 22.49 -11.13 4.22
C HIS A 155 22.11 -12.04 3.06
N HIS A 156 23.11 -12.55 2.34
CA HIS A 156 22.85 -13.38 1.18
C HIS A 156 23.25 -14.82 1.41
N HIS A 157 22.27 -15.71 1.34
CA HIS A 157 22.51 -17.16 1.34
C HIS A 157 21.17 -17.89 1.26
N MET A 1 -10.66 36.95 9.09
CA MET A 1 -11.54 35.90 9.66
C MET A 1 -12.61 36.53 10.54
N GLY A 2 -13.64 35.76 10.83
CA GLY A 2 -14.70 36.24 11.69
C GLY A 2 -15.82 35.24 11.81
N GLN A 3 -16.21 34.94 13.05
CA GLN A 3 -17.26 33.95 13.29
C GLN A 3 -18.64 34.60 13.16
N PRO A 4 -19.52 33.98 12.37
CA PRO A 4 -20.91 34.43 12.26
C PRO A 4 -21.75 33.97 13.46
N PRO A 5 -22.50 34.90 14.08
CA PRO A 5 -23.41 34.57 15.18
C PRO A 5 -24.36 33.42 14.83
N ALA A 6 -24.61 32.57 15.81
CA ALA A 6 -25.38 31.33 15.63
C ALA A 6 -24.61 30.35 14.76
N GLU A 7 -24.70 30.52 13.45
CA GLU A 7 -23.96 29.68 12.51
C GLU A 7 -23.83 30.37 11.17
N GLU A 8 -22.89 29.90 10.37
CA GLU A 8 -22.72 30.37 9.01
C GLU A 8 -23.75 29.65 8.12
N ALA A 9 -24.87 30.32 7.88
CA ALA A 9 -25.99 29.69 7.21
C ALA A 9 -26.10 30.15 5.76
N GLU A 10 -27.24 29.84 5.15
CA GLU A 10 -27.43 30.06 3.71
C GLU A 10 -28.72 30.82 3.40
N GLN A 11 -29.86 30.27 3.83
CA GLN A 11 -31.19 30.77 3.44
C GLN A 11 -31.42 30.57 1.95
N PRO A 12 -31.68 29.33 1.52
CA PRO A 12 -31.87 28.99 0.11
C PRO A 12 -33.14 29.60 -0.47
N GLY A 13 -32.99 30.28 -1.60
CA GLY A 13 -34.12 30.91 -2.24
C GLY A 13 -33.70 32.02 -3.18
N ALA A 14 -34.66 32.78 -3.66
CA ALA A 14 -34.36 33.91 -4.54
C ALA A 14 -33.87 35.10 -3.73
N LEU A 15 -32.55 35.22 -3.64
CA LEU A 15 -31.94 36.30 -2.89
C LEU A 15 -31.10 37.18 -3.81
N ALA A 16 -30.91 36.70 -5.04
CA ALA A 16 -30.07 37.37 -6.05
C ALA A 16 -28.58 37.24 -5.70
N ARG A 17 -28.27 37.41 -4.42
CA ARG A 17 -26.91 37.24 -3.94
C ARG A 17 -26.64 35.79 -3.62
N GLU A 18 -26.03 35.08 -4.56
CA GLU A 18 -25.59 33.71 -4.31
C GLU A 18 -24.31 33.74 -3.47
N PHE A 19 -23.56 34.84 -3.62
CA PHE A 19 -22.33 35.09 -2.87
C PHE A 19 -21.19 34.19 -3.32
N LEU A 20 -20.12 34.83 -3.77
CA LEU A 20 -18.86 34.16 -4.10
C LEU A 20 -19.07 33.10 -5.18
N ALA A 21 -19.37 33.57 -6.39
CA ALA A 21 -19.63 32.68 -7.52
C ALA A 21 -18.43 31.82 -7.85
N ALA A 22 -17.24 32.41 -7.85
CA ALA A 22 -16.03 31.66 -8.14
C ALA A 22 -14.83 32.27 -7.43
N MET A 23 -14.08 31.41 -6.75
CA MET A 23 -12.87 31.83 -6.05
C MET A 23 -12.20 30.58 -5.48
N GLU A 24 -13.03 29.73 -4.90
CA GLU A 24 -12.60 28.43 -4.40
C GLU A 24 -13.04 27.35 -5.38
N PRO A 25 -12.09 26.59 -5.93
CA PRO A 25 -12.37 25.57 -6.95
C PRO A 25 -13.19 24.40 -6.41
N GLU A 26 -14.18 23.96 -7.18
CA GLU A 26 -14.99 22.81 -6.79
C GLU A 26 -14.39 21.53 -7.37
N PRO A 27 -14.34 20.46 -6.58
CA PRO A 27 -13.84 19.16 -7.02
C PRO A 27 -14.82 18.45 -7.95
N ALA A 28 -14.32 17.97 -9.07
CA ALA A 28 -15.15 17.26 -10.04
C ALA A 28 -15.41 15.83 -9.58
N PRO A 29 -16.59 15.27 -9.90
CA PRO A 29 -16.94 13.90 -9.54
C PRO A 29 -16.16 12.88 -10.35
N ALA A 30 -16.14 11.65 -9.86
CA ALA A 30 -15.40 10.56 -10.46
C ALA A 30 -13.90 10.89 -10.56
N PRO A 31 -13.21 10.96 -9.41
CA PRO A 31 -11.80 11.30 -9.36
C PRO A 31 -10.90 10.15 -9.77
N ALA A 32 -10.02 10.39 -10.74
CA ALA A 32 -9.08 9.37 -11.20
C ALA A 32 -8.08 9.02 -10.11
N PRO A 33 -7.82 7.71 -9.91
CA PRO A 33 -6.90 7.24 -8.87
C PRO A 33 -5.43 7.51 -9.20
N GLU A 34 -5.17 7.88 -10.46
CA GLU A 34 -3.83 8.23 -10.94
C GLU A 34 -2.98 6.98 -11.18
N GLU A 35 -3.51 5.83 -10.77
CA GLU A 35 -2.88 4.52 -10.97
C GLU A 35 -1.45 4.51 -10.46
N TRP A 36 -1.29 4.15 -9.20
CA TRP A 36 0.03 4.11 -8.60
C TRP A 36 0.69 2.76 -8.86
N LEU A 37 1.74 2.48 -8.10
CA LEU A 37 2.43 1.21 -8.21
C LEU A 37 1.71 0.15 -7.40
N ASP A 38 1.10 -0.81 -8.09
CA ASP A 38 0.49 -1.93 -7.41
C ASP A 38 1.57 -2.87 -6.88
N ILE A 39 1.52 -3.10 -5.58
CA ILE A 39 2.46 -3.96 -4.88
C ILE A 39 2.50 -5.35 -5.52
N LEU A 40 1.36 -5.84 -5.94
CA LEU A 40 1.27 -7.16 -6.55
C LEU A 40 0.94 -7.06 -8.03
N GLY A 41 0.86 -5.83 -8.51
CA GLY A 41 0.48 -5.58 -9.89
C GLY A 41 -0.92 -6.10 -10.20
N ASN A 42 -1.72 -6.25 -9.15
CA ASN A 42 -3.07 -6.82 -9.31
C ASN A 42 -4.13 -5.74 -9.54
N GLY A 43 -3.89 -4.54 -9.02
CA GLY A 43 -4.78 -3.43 -9.28
C GLY A 43 -5.61 -3.08 -8.06
N LEU A 44 -5.36 -3.78 -6.96
CA LEU A 44 -6.11 -3.59 -5.73
C LEU A 44 -5.23 -2.99 -4.63
N LEU A 45 -3.95 -3.28 -4.71
CA LEU A 45 -3.00 -2.93 -3.65
C LEU A 45 -1.88 -2.04 -4.19
N ARG A 46 -1.97 -0.74 -3.96
CA ARG A 46 -1.07 0.21 -4.59
C ARG A 46 -0.50 1.20 -3.57
N LYS A 47 0.79 1.47 -3.67
CA LYS A 47 1.47 2.40 -2.76
C LYS A 47 1.84 3.68 -3.52
N LYS A 48 1.37 4.82 -3.04
CA LYS A 48 1.72 6.11 -3.66
C LYS A 48 2.73 6.84 -2.79
N THR A 49 3.95 6.95 -3.29
CA THR A 49 4.99 7.68 -2.60
C THR A 49 4.72 9.18 -2.64
N LEU A 50 4.16 9.70 -1.56
CA LEU A 50 4.03 11.13 -1.39
C LEU A 50 5.42 11.70 -1.29
N VAL A 51 6.16 11.10 -0.37
CA VAL A 51 7.58 11.30 -0.20
C VAL A 51 8.17 9.94 0.05
N PRO A 52 9.24 9.57 -0.66
CA PRO A 52 9.89 8.29 -0.45
C PRO A 52 11.22 8.38 0.29
N GLY A 53 11.20 9.03 1.45
CA GLY A 53 12.38 9.10 2.29
C GLY A 53 13.29 10.25 1.92
N PRO A 54 14.01 10.80 2.90
CA PRO A 54 15.04 11.80 2.65
C PRO A 54 16.23 11.17 1.95
N PRO A 55 16.94 11.93 1.08
CA PRO A 55 18.08 11.41 0.32
C PRO A 55 19.09 10.67 1.20
N GLY A 56 19.10 9.36 1.06
CA GLY A 56 19.98 8.54 1.87
C GLY A 56 19.23 7.76 2.93
N SER A 57 17.98 7.41 2.64
CA SER A 57 17.17 6.61 3.53
C SER A 57 17.59 5.15 3.48
N SER A 58 16.76 4.30 4.06
CA SER A 58 17.00 2.88 4.09
C SER A 58 15.66 2.20 4.20
N ARG A 59 15.48 1.13 3.44
CA ARG A 59 14.23 0.40 3.48
C ARG A 59 14.30 -0.73 4.50
N PRO A 60 13.54 -0.59 5.61
CA PRO A 60 13.53 -1.58 6.70
C PRO A 60 13.24 -3.00 6.22
N VAL A 61 13.80 -3.97 6.92
CA VAL A 61 13.58 -5.36 6.54
C VAL A 61 12.56 -5.98 7.50
N LYS A 62 11.93 -7.04 7.06
CA LYS A 62 10.99 -7.75 7.89
C LYS A 62 11.69 -8.33 9.11
N GLY A 63 11.27 -7.91 10.27
CA GLY A 63 11.94 -8.27 11.49
C GLY A 63 12.23 -7.05 12.30
N GLN A 64 12.36 -5.92 11.63
CA GLN A 64 12.53 -4.65 12.32
C GLN A 64 11.16 -4.15 12.70
N VAL A 65 10.95 -3.83 13.97
CA VAL A 65 9.69 -3.23 14.35
C VAL A 65 9.75 -1.76 14.00
N VAL A 66 8.75 -1.32 13.28
CA VAL A 66 8.74 0.00 12.71
C VAL A 66 7.52 0.77 13.18
N THR A 67 7.69 2.06 13.35
CA THR A 67 6.60 2.91 13.75
C THR A 67 5.98 3.58 12.53
N VAL A 68 4.76 3.21 12.22
CA VAL A 68 4.07 3.86 11.14
C VAL A 68 2.92 4.70 11.67
N HIS A 69 2.67 5.80 11.03
CA HIS A 69 1.47 6.55 11.31
C HIS A 69 0.50 6.24 10.20
N LEU A 70 -0.60 5.60 10.55
CA LEU A 70 -1.60 5.35 9.55
C LEU A 70 -2.93 5.97 9.95
N GLN A 71 -3.50 6.64 8.99
CA GLN A 71 -4.87 7.10 9.08
C GLN A 71 -5.53 6.62 7.83
N THR A 72 -6.45 5.74 8.01
CA THR A 72 -6.99 5.01 6.92
C THR A 72 -8.37 5.52 6.54
N SER A 73 -8.53 5.82 5.26
CA SER A 73 -9.78 6.27 4.74
C SER A 73 -10.46 5.15 3.99
N LEU A 74 -11.73 5.31 3.78
CA LEU A 74 -12.50 4.40 2.99
C LEU A 74 -12.42 4.78 1.53
N GLU A 75 -12.84 3.88 0.65
CA GLU A 75 -12.91 4.17 -0.77
C GLU A 75 -13.81 5.39 -1.00
N ASN A 76 -14.68 5.68 -0.04
CA ASN A 76 -15.55 6.83 -0.09
C ASN A 76 -14.93 8.05 0.57
N GLY A 77 -13.75 7.86 1.17
CA GLY A 77 -13.02 8.98 1.76
C GLY A 77 -13.04 9.00 3.27
N THR A 78 -14.04 8.36 3.86
CA THR A 78 -14.23 8.39 5.31
C THR A 78 -13.12 7.65 6.05
N ARG A 79 -12.37 8.38 6.88
CA ARG A 79 -11.31 7.78 7.67
C ARG A 79 -11.87 7.02 8.85
N VAL A 80 -11.48 5.76 8.92
CA VAL A 80 -12.06 4.81 9.84
C VAL A 80 -11.11 4.50 10.99
N GLN A 81 -9.88 4.96 10.88
CA GLN A 81 -8.86 4.71 11.87
C GLN A 81 -7.74 5.72 11.73
N GLU A 82 -7.15 6.11 12.85
CA GLU A 82 -6.09 7.10 12.83
C GLU A 82 -5.14 6.85 14.00
N GLU A 83 -3.98 6.32 13.67
CA GLU A 83 -3.00 5.96 14.69
C GLU A 83 -1.67 6.63 14.40
N PRO A 84 -1.28 7.60 15.25
CA PRO A 84 -0.05 8.37 15.07
C PRO A 84 1.21 7.51 15.14
N GLU A 85 1.07 6.31 15.69
CA GLU A 85 2.23 5.44 15.86
C GLU A 85 1.82 4.01 16.14
N LEU A 86 1.89 3.24 15.09
CA LEU A 86 1.68 1.82 15.12
C LEU A 86 3.02 1.12 14.91
N VAL A 87 3.53 0.49 15.94
CA VAL A 87 4.77 -0.23 15.82
C VAL A 87 4.49 -1.73 15.72
N PHE A 88 5.14 -2.38 14.78
CA PHE A 88 4.91 -3.81 14.54
C PHE A 88 6.13 -4.47 13.95
N THR A 89 6.22 -5.77 14.13
CA THR A 89 7.29 -6.55 13.54
C THR A 89 7.01 -6.77 12.05
N LEU A 90 7.81 -6.13 11.20
CA LEU A 90 7.66 -6.26 9.76
C LEU A 90 7.71 -7.73 9.34
N GLY A 91 6.73 -8.15 8.55
CA GLY A 91 6.73 -9.51 8.03
C GLY A 91 6.16 -10.51 9.02
N ASP A 92 5.72 -10.00 10.16
CA ASP A 92 5.14 -10.85 11.19
C ASP A 92 3.64 -10.94 10.99
N CYS A 93 3.16 -10.13 10.04
CA CYS A 93 1.74 -10.05 9.76
C CYS A 93 0.99 -9.58 10.99
N ASP A 94 1.66 -8.80 11.82
CA ASP A 94 1.03 -8.25 13.02
C ASP A 94 -0.08 -7.32 12.59
N VAL A 95 0.13 -6.76 11.42
CA VAL A 95 -0.75 -5.77 10.84
C VAL A 95 -1.50 -6.34 9.64
N ILE A 96 -1.89 -5.46 8.74
CA ILE A 96 -2.51 -5.86 7.51
C ILE A 96 -1.42 -6.10 6.49
N GLN A 97 -1.57 -7.14 5.71
CA GLN A 97 -0.52 -7.56 4.78
C GLN A 97 -0.20 -6.43 3.81
N ALA A 98 -1.20 -5.60 3.51
CA ALA A 98 -1.00 -4.42 2.68
C ALA A 98 0.11 -3.55 3.24
N LEU A 99 0.03 -3.31 4.53
CA LEU A 99 1.00 -2.46 5.22
C LEU A 99 2.30 -3.21 5.46
N ASP A 100 2.14 -4.50 5.77
CA ASP A 100 3.27 -5.36 6.11
C ASP A 100 4.21 -5.46 4.92
N LEU A 101 3.64 -5.35 3.73
CA LEU A 101 4.40 -5.36 2.50
C LEU A 101 4.80 -3.94 2.06
N SER A 102 3.94 -2.97 2.34
CA SER A 102 4.15 -1.60 1.90
C SER A 102 5.36 -0.98 2.59
N VAL A 103 5.60 -1.39 3.83
CA VAL A 103 6.72 -0.85 4.61
C VAL A 103 8.07 -1.16 3.96
N PRO A 104 8.39 -2.45 3.68
CA PRO A 104 9.64 -2.79 3.00
C PRO A 104 9.69 -2.20 1.59
N LEU A 105 8.53 -1.86 1.06
CA LEU A 105 8.43 -1.17 -0.21
C LEU A 105 8.65 0.34 -0.03
N MET A 106 8.55 0.80 1.20
CA MET A 106 8.72 2.20 1.54
C MET A 106 10.05 2.46 2.25
N ASP A 107 10.64 3.62 2.00
CA ASP A 107 11.92 3.97 2.62
C ASP A 107 11.70 4.61 3.99
N VAL A 108 12.73 4.54 4.83
CA VAL A 108 12.66 5.13 6.14
C VAL A 108 12.51 6.65 6.03
N GLY A 109 11.48 7.15 6.66
CA GLY A 109 11.24 8.57 6.68
C GLY A 109 10.33 9.03 5.56
N GLU A 110 9.60 8.09 4.94
CA GLU A 110 8.70 8.45 3.87
C GLU A 110 7.25 8.41 4.33
N THR A 111 6.39 8.96 3.51
CA THR A 111 4.98 8.88 3.75
C THR A 111 4.30 8.47 2.47
N ALA A 112 3.64 7.32 2.50
CA ALA A 112 2.98 6.81 1.32
C ALA A 112 1.51 6.60 1.59
N MET A 113 0.69 6.93 0.61
CA MET A 113 -0.72 6.65 0.71
C MET A 113 -0.99 5.39 -0.09
N VAL A 114 -1.45 4.36 0.57
CA VAL A 114 -1.65 3.08 -0.06
C VAL A 114 -3.12 2.77 -0.16
N THR A 115 -3.56 2.36 -1.33
CA THR A 115 -4.89 1.89 -1.47
C THR A 115 -4.84 0.40 -1.67
N ALA A 116 -5.35 -0.30 -0.68
CA ALA A 116 -5.36 -1.73 -0.66
C ALA A 116 -6.77 -2.22 -0.47
N ASP A 117 -7.15 -3.22 -1.26
CA ASP A 117 -8.45 -3.84 -1.07
C ASP A 117 -8.57 -4.30 0.37
N SER A 118 -9.79 -4.31 0.88
CA SER A 118 -10.04 -4.71 2.26
C SER A 118 -9.46 -6.09 2.53
N LYS A 119 -9.38 -6.91 1.50
CA LYS A 119 -8.77 -8.24 1.61
C LYS A 119 -7.35 -8.15 2.17
N TYR A 120 -6.63 -7.06 1.85
CA TYR A 120 -5.29 -6.86 2.37
C TYR A 120 -5.34 -5.98 3.61
N CYS A 121 -6.55 -5.61 3.98
CA CYS A 121 -6.78 -4.71 5.09
C CYS A 121 -7.64 -5.37 6.16
N TYR A 122 -8.96 -5.24 6.08
CA TYR A 122 -9.85 -5.90 7.03
C TYR A 122 -11.13 -6.39 6.37
N GLY A 123 -11.06 -6.91 5.14
CA GLY A 123 -12.24 -7.41 4.45
C GLY A 123 -13.06 -8.38 5.28
N PRO A 124 -12.64 -9.65 5.36
CA PRO A 124 -13.32 -10.64 6.18
C PRO A 124 -12.83 -10.58 7.62
N GLN A 125 -12.06 -9.55 7.92
CA GLN A 125 -11.40 -9.42 9.20
C GLN A 125 -12.12 -8.41 10.05
N GLY A 126 -12.35 -7.25 9.45
CA GLY A 126 -12.88 -6.12 10.16
C GLY A 126 -11.83 -5.40 10.97
N SER A 127 -11.93 -4.10 10.99
CA SER A 127 -10.94 -3.26 11.63
C SER A 127 -11.32 -2.99 13.09
N ARG A 128 -10.33 -2.52 13.87
CA ARG A 128 -10.48 -2.29 15.30
C ARG A 128 -11.74 -1.51 15.62
N SER A 129 -11.74 -0.24 15.23
CA SER A 129 -12.89 0.61 15.43
C SER A 129 -14.09 0.10 14.62
N PRO A 130 -14.05 0.13 13.27
CA PRO A 130 -15.10 -0.42 12.45
C PRO A 130 -14.68 -1.72 11.76
N TYR A 131 -15.48 -2.76 11.93
CA TYR A 131 -15.37 -3.91 11.07
C TYR A 131 -15.54 -3.45 9.63
N ILE A 132 -14.41 -3.25 8.95
CA ILE A 132 -14.43 -2.75 7.59
C ILE A 132 -15.08 -3.79 6.68
N PRO A 133 -16.06 -3.37 5.86
CA PRO A 133 -16.75 -4.26 4.93
C PRO A 133 -15.77 -5.02 4.02
N PRO A 134 -16.06 -6.29 3.76
CA PRO A 134 -15.22 -7.12 2.89
C PRO A 134 -15.09 -6.52 1.49
N HIS A 135 -13.84 -6.45 1.02
CA HIS A 135 -13.51 -5.95 -0.32
C HIS A 135 -13.62 -4.42 -0.43
N ALA A 136 -13.90 -3.75 0.69
CA ALA A 136 -13.95 -2.30 0.68
C ALA A 136 -12.54 -1.74 0.50
N ALA A 137 -12.34 -0.93 -0.52
CA ALA A 137 -10.98 -0.51 -0.85
C ALA A 137 -10.50 0.54 0.15
N LEU A 138 -9.50 0.17 0.93
CA LEU A 138 -8.99 1.02 2.00
C LEU A 138 -7.86 1.91 1.50
N CYS A 139 -7.93 3.19 1.83
CA CYS A 139 -6.91 4.14 1.44
C CYS A 139 -6.24 4.72 2.67
N LEU A 140 -5.07 4.21 2.98
CA LEU A 140 -4.39 4.56 4.22
C LEU A 140 -3.09 5.28 3.96
N GLU A 141 -2.85 6.33 4.73
CA GLU A 141 -1.62 7.08 4.60
C GLU A 141 -0.68 6.69 5.73
N VAL A 142 0.51 6.20 5.38
CA VAL A 142 1.43 5.70 6.36
C VAL A 142 2.74 6.49 6.39
N THR A 143 3.00 7.11 7.52
CA THR A 143 4.30 7.71 7.81
C THR A 143 5.23 6.69 8.43
N LEU A 144 6.30 6.36 7.75
CA LEU A 144 7.35 5.55 8.36
C LEU A 144 8.33 6.48 9.04
N LYS A 145 8.19 6.58 10.34
CA LYS A 145 8.96 7.54 11.10
C LYS A 145 10.21 6.91 11.65
N THR A 146 10.17 5.60 11.78
CA THR A 146 11.22 4.90 12.49
C THR A 146 11.26 3.42 12.11
N ALA A 147 12.46 2.87 12.08
CA ALA A 147 12.64 1.44 11.93
C ALA A 147 13.71 0.97 12.89
N VAL A 148 13.39 -0.03 13.70
CA VAL A 148 14.36 -0.53 14.67
C VAL A 148 14.38 -2.05 14.66
N ASP A 149 15.57 -2.62 14.58
CA ASP A 149 15.71 -4.06 14.55
C ASP A 149 15.35 -4.67 15.90
N LEU A 150 14.34 -5.52 15.90
CA LEU A 150 13.85 -6.15 17.11
C LEU A 150 13.35 -7.56 16.79
N GLU A 151 13.99 -8.17 15.79
CA GLU A 151 13.59 -9.48 15.32
C GLU A 151 13.92 -10.53 16.38
N HIS A 152 15.21 -10.66 16.68
CA HIS A 152 15.66 -11.60 17.71
C HIS A 152 16.24 -10.86 18.90
N HIS A 153 15.56 -10.94 20.03
CA HIS A 153 16.02 -10.30 21.25
C HIS A 153 16.87 -11.29 22.03
N HIS A 154 17.84 -11.87 21.35
CA HIS A 154 18.68 -12.91 21.92
C HIS A 154 19.83 -12.29 22.72
N HIS A 155 20.06 -11.01 22.51
CA HIS A 155 21.07 -10.26 23.25
C HIS A 155 20.69 -10.14 24.71
N HIS A 156 21.70 -10.01 25.57
CA HIS A 156 21.51 -9.87 27.01
C HIS A 156 20.96 -11.16 27.62
N HIS A 157 21.25 -12.27 26.98
CA HIS A 157 20.85 -13.58 27.47
C HIS A 157 21.97 -14.57 27.22
N MET A 1 14.53 10.05 -64.13
CA MET A 1 15.66 9.29 -64.72
C MET A 1 16.50 8.69 -63.61
N GLY A 2 16.78 7.40 -63.72
CA GLY A 2 17.44 6.69 -62.64
C GLY A 2 16.57 6.67 -61.40
N GLN A 3 15.35 6.20 -61.55
CA GLN A 3 14.37 6.26 -60.46
C GLN A 3 14.21 4.90 -59.78
N PRO A 4 14.81 4.75 -58.59
CA PRO A 4 14.64 3.54 -57.79
C PRO A 4 13.53 3.72 -56.75
N PRO A 5 12.47 2.90 -56.82
CA PRO A 5 11.38 2.96 -55.86
C PRO A 5 11.87 2.67 -54.45
N ALA A 6 11.66 3.62 -53.56
CA ALA A 6 12.11 3.48 -52.18
C ALA A 6 10.99 2.94 -51.32
N GLU A 7 9.86 3.63 -51.33
CA GLU A 7 8.71 3.22 -50.56
C GLU A 7 7.48 3.08 -51.46
N GLU A 8 7.38 1.95 -52.13
CA GLU A 8 6.22 1.67 -52.96
C GLU A 8 5.68 0.29 -52.63
N ALA A 9 4.43 0.25 -52.21
CA ALA A 9 3.81 -1.00 -51.78
C ALA A 9 3.48 -1.89 -52.97
N GLU A 10 3.34 -3.18 -52.69
CA GLU A 10 3.02 -4.16 -53.72
C GLU A 10 1.53 -4.10 -54.04
N GLN A 11 0.74 -3.77 -53.02
CA GLN A 11 -0.71 -3.77 -53.14
C GLN A 11 -1.29 -2.41 -52.74
N PRO A 12 -1.47 -1.52 -53.73
CA PRO A 12 -2.06 -0.22 -53.49
C PRO A 12 -3.58 -0.31 -53.34
N GLY A 13 -4.07 0.02 -52.14
CA GLY A 13 -5.50 -0.05 -51.88
C GLY A 13 -5.81 -0.76 -50.59
N ALA A 14 -4.87 -1.56 -50.11
CA ALA A 14 -5.04 -2.26 -48.83
C ALA A 14 -4.82 -1.29 -47.68
N LEU A 15 -3.57 -0.83 -47.53
CA LEU A 15 -3.19 0.17 -46.53
C LEU A 15 -3.43 -0.31 -45.10
N ALA A 16 -2.37 -0.78 -44.46
CA ALA A 16 -2.43 -1.16 -43.06
C ALA A 16 -1.81 -0.07 -42.21
N ARG A 17 -2.65 0.75 -41.59
CA ARG A 17 -2.17 1.91 -40.86
C ARG A 17 -2.06 1.64 -39.36
N GLU A 18 -1.33 2.50 -38.68
CA GLU A 18 -1.26 2.51 -37.23
C GLU A 18 -1.74 3.87 -36.73
N PHE A 19 -1.88 4.00 -35.42
CA PHE A 19 -2.41 5.22 -34.85
C PHE A 19 -1.93 5.41 -33.42
N LEU A 20 -1.99 6.66 -32.94
CA LEU A 20 -1.71 7.01 -31.55
C LEU A 20 -2.03 8.48 -31.33
N ALA A 21 -1.42 9.34 -32.14
CA ALA A 21 -1.70 10.77 -32.10
C ALA A 21 -1.74 11.33 -33.50
N ALA A 22 -2.93 11.56 -34.01
CA ALA A 22 -3.10 12.10 -35.36
C ALA A 22 -3.69 13.51 -35.32
N MET A 23 -5.01 13.58 -35.15
CA MET A 23 -5.70 14.88 -35.14
C MET A 23 -6.42 15.11 -33.82
N GLU A 24 -6.49 14.07 -33.00
CA GLU A 24 -7.21 14.14 -31.74
C GLU A 24 -6.59 13.22 -30.71
N PRO A 25 -6.14 13.78 -29.57
CA PRO A 25 -5.64 12.99 -28.45
C PRO A 25 -6.80 12.36 -27.67
N GLU A 26 -6.50 11.73 -26.55
CA GLU A 26 -7.54 11.16 -25.71
C GLU A 26 -7.67 11.96 -24.43
N PRO A 27 -8.90 12.34 -24.06
CA PRO A 27 -9.18 13.10 -22.84
C PRO A 27 -8.55 12.47 -21.61
N ALA A 28 -7.60 13.18 -21.01
CA ALA A 28 -6.89 12.68 -19.84
C ALA A 28 -7.58 13.13 -18.56
N PRO A 29 -7.90 12.17 -17.68
CA PRO A 29 -8.51 12.46 -16.39
C PRO A 29 -7.54 13.12 -15.43
N ALA A 30 -7.96 14.22 -14.84
CA ALA A 30 -7.12 14.93 -13.88
C ALA A 30 -7.36 14.43 -12.44
N PRO A 31 -8.62 14.41 -11.95
CA PRO A 31 -8.94 13.95 -10.60
C PRO A 31 -8.91 12.42 -10.49
N ALA A 32 -7.85 11.82 -11.00
CA ALA A 32 -7.68 10.38 -10.96
C ALA A 32 -6.74 9.97 -9.84
N PRO A 33 -7.04 8.87 -9.14
CA PRO A 33 -6.23 8.39 -8.01
C PRO A 33 -4.85 7.91 -8.47
N GLU A 34 -4.77 7.52 -9.75
CA GLU A 34 -3.54 7.02 -10.37
C GLU A 34 -3.31 5.55 -9.99
N GLU A 35 -2.77 4.79 -10.94
CA GLU A 35 -2.47 3.39 -10.71
C GLU A 35 -1.02 3.22 -10.32
N TRP A 36 -0.78 3.27 -9.02
CA TRP A 36 0.57 3.19 -8.46
C TRP A 36 1.13 1.77 -8.55
N LEU A 37 2.26 1.56 -7.89
CA LEU A 37 2.92 0.27 -7.86
C LEU A 37 2.10 -0.72 -7.07
N ASP A 38 1.56 -1.73 -7.75
CA ASP A 38 0.82 -2.77 -7.06
C ASP A 38 1.78 -3.72 -6.36
N ILE A 39 1.59 -3.84 -5.07
CA ILE A 39 2.45 -4.64 -4.22
C ILE A 39 2.37 -6.12 -4.61
N LEU A 40 1.20 -6.51 -5.12
CA LEU A 40 1.00 -7.89 -5.57
C LEU A 40 1.03 -7.96 -7.08
N GLY A 41 1.05 -6.78 -7.70
CA GLY A 41 0.92 -6.68 -9.14
C GLY A 41 -0.42 -7.18 -9.61
N ASN A 42 -1.42 -7.13 -8.73
CA ASN A 42 -2.75 -7.64 -9.05
C ASN A 42 -3.75 -6.51 -9.32
N GLY A 43 -3.52 -5.36 -8.71
CA GLY A 43 -4.36 -4.20 -9.01
C GLY A 43 -5.24 -3.82 -7.85
N LEU A 44 -5.01 -4.46 -6.71
CA LEU A 44 -5.84 -4.24 -5.53
C LEU A 44 -5.05 -3.50 -4.46
N LEU A 45 -3.76 -3.78 -4.42
CA LEU A 45 -2.90 -3.33 -3.35
C LEU A 45 -1.73 -2.49 -3.88
N ARG A 46 -1.78 -1.17 -3.73
CA ARG A 46 -0.76 -0.29 -4.31
C ARG A 46 -0.28 0.77 -3.33
N LYS A 47 0.99 1.12 -3.40
CA LYS A 47 1.56 2.15 -2.53
C LYS A 47 2.02 3.35 -3.34
N LYS A 48 1.59 4.55 -2.95
CA LYS A 48 2.00 5.78 -3.61
C LYS A 48 2.90 6.60 -2.70
N THR A 49 4.11 6.85 -3.16
CA THR A 49 5.06 7.70 -2.46
C THR A 49 4.66 9.17 -2.56
N LEU A 50 4.07 9.69 -1.49
CA LEU A 50 3.81 11.12 -1.39
C LEU A 50 5.16 11.80 -1.25
N VAL A 51 5.89 11.27 -0.29
CA VAL A 51 7.30 11.56 -0.09
C VAL A 51 7.96 10.24 0.18
N PRO A 52 9.06 9.90 -0.49
CA PRO A 52 9.78 8.68 -0.26
C PRO A 52 11.07 8.87 0.52
N GLY A 53 10.94 9.46 1.70
CA GLY A 53 12.08 9.65 2.57
C GLY A 53 12.98 10.77 2.11
N PRO A 54 14.01 11.11 2.90
CA PRO A 54 15.04 12.05 2.48
C PRO A 54 15.98 11.40 1.47
N PRO A 55 16.59 12.18 0.57
CA PRO A 55 17.51 11.65 -0.44
C PRO A 55 18.66 10.87 0.19
N GLY A 56 18.51 9.55 0.23
CA GLY A 56 19.50 8.70 0.87
C GLY A 56 18.94 8.01 2.09
N SER A 57 17.69 7.58 1.99
CA SER A 57 17.02 6.87 3.07
C SER A 57 17.31 5.37 2.97
N SER A 58 16.58 4.59 3.76
CA SER A 58 16.77 3.14 3.77
C SER A 58 15.42 2.46 4.00
N ARG A 59 15.17 1.39 3.28
CA ARG A 59 13.94 0.64 3.46
C ARG A 59 14.17 -0.48 4.47
N PRO A 60 13.46 -0.41 5.62
CA PRO A 60 13.57 -1.39 6.70
C PRO A 60 13.40 -2.83 6.23
N VAL A 61 13.96 -3.77 6.97
CA VAL A 61 13.89 -5.17 6.60
C VAL A 61 12.92 -5.90 7.52
N LYS A 62 12.35 -6.99 7.02
CA LYS A 62 11.45 -7.79 7.81
C LYS A 62 12.18 -8.37 9.00
N GLY A 63 11.65 -8.09 10.17
CA GLY A 63 12.35 -8.40 11.38
C GLY A 63 12.64 -7.14 12.16
N GLN A 64 12.41 -6.00 11.53
CA GLN A 64 12.55 -4.74 12.25
C GLN A 64 11.20 -4.31 12.80
N VAL A 65 11.20 -3.86 14.04
CA VAL A 65 10.02 -3.26 14.62
C VAL A 65 9.97 -1.80 14.19
N VAL A 66 8.95 -1.47 13.43
CA VAL A 66 8.88 -0.17 12.78
C VAL A 66 7.67 0.62 13.27
N THR A 67 7.81 1.94 13.30
CA THR A 67 6.72 2.81 13.69
C THR A 67 6.02 3.35 12.46
N VAL A 68 4.78 2.98 12.25
CA VAL A 68 4.01 3.59 11.19
C VAL A 68 2.91 4.44 11.76
N HIS A 69 2.68 5.57 11.14
CA HIS A 69 1.50 6.36 11.43
C HIS A 69 0.52 6.12 10.31
N LEU A 70 -0.61 5.52 10.59
CA LEU A 70 -1.58 5.30 9.55
C LEU A 70 -2.93 5.90 9.91
N GLN A 71 -3.43 6.67 8.98
CA GLN A 71 -4.80 7.14 9.05
C GLN A 71 -5.45 6.67 7.79
N THR A 72 -6.40 5.81 7.96
CA THR A 72 -6.95 5.07 6.88
C THR A 72 -8.29 5.62 6.46
N SER A 73 -8.41 5.88 5.18
CA SER A 73 -9.65 6.32 4.61
C SER A 73 -10.29 5.16 3.88
N LEU A 74 -11.59 5.26 3.73
CA LEU A 74 -12.34 4.32 2.94
C LEU A 74 -12.27 4.71 1.49
N GLU A 75 -12.66 3.80 0.60
CA GLU A 75 -12.76 4.10 -0.81
C GLU A 75 -13.70 5.28 -1.04
N ASN A 76 -14.56 5.52 -0.05
CA ASN A 76 -15.53 6.60 -0.11
C ASN A 76 -14.94 7.89 0.46
N GLY A 77 -13.72 7.79 0.99
CA GLY A 77 -13.03 8.97 1.51
C GLY A 77 -13.12 9.09 3.02
N THR A 78 -13.88 8.20 3.63
CA THR A 78 -14.13 8.27 5.06
C THR A 78 -12.99 7.64 5.85
N ARG A 79 -12.26 8.48 6.60
CA ARG A 79 -11.19 7.98 7.46
C ARG A 79 -11.75 7.30 8.68
N VAL A 80 -11.37 6.06 8.84
CA VAL A 80 -11.99 5.19 9.83
C VAL A 80 -11.07 4.92 11.00
N GLN A 81 -9.82 5.32 10.87
CA GLN A 81 -8.84 5.07 11.92
C GLN A 81 -7.67 6.04 11.80
N GLU A 82 -7.27 6.64 12.91
CA GLU A 82 -6.07 7.46 12.94
C GLU A 82 -5.10 6.92 13.95
N GLU A 83 -4.04 6.33 13.45
CA GLU A 83 -3.00 5.76 14.28
C GLU A 83 -1.72 6.56 14.15
N PRO A 84 -1.38 7.35 15.17
CA PRO A 84 -0.17 8.15 15.13
C PRO A 84 1.09 7.30 15.18
N GLU A 85 0.96 6.08 15.67
CA GLU A 85 2.09 5.18 15.77
C GLU A 85 1.63 3.76 16.02
N LEU A 86 2.03 2.90 15.12
CA LEU A 86 1.78 1.49 15.20
C LEU A 86 3.08 0.74 14.95
N VAL A 87 3.65 0.19 16.00
CA VAL A 87 4.87 -0.55 15.87
C VAL A 87 4.56 -2.03 15.68
N PHE A 88 5.33 -2.65 14.79
CA PHE A 88 5.17 -4.08 14.53
C PHE A 88 6.43 -4.65 13.92
N THR A 89 6.59 -5.96 14.02
CA THR A 89 7.69 -6.64 13.38
C THR A 89 7.39 -6.80 11.89
N LEU A 90 8.20 -6.16 11.06
CA LEU A 90 8.04 -6.26 9.61
C LEU A 90 8.08 -7.71 9.17
N GLY A 91 7.13 -8.12 8.36
CA GLY A 91 7.13 -9.46 7.80
C GLY A 91 6.49 -10.46 8.72
N ASP A 92 6.08 -10.02 9.89
CA ASP A 92 5.52 -10.90 10.90
C ASP A 92 4.04 -11.06 10.67
N CYS A 93 3.50 -10.20 9.81
CA CYS A 93 2.06 -10.13 9.59
C CYS A 93 1.38 -9.79 10.90
N ASP A 94 2.07 -8.97 11.69
CA ASP A 94 1.53 -8.51 12.97
C ASP A 94 0.44 -7.48 12.69
N VAL A 95 0.39 -7.08 11.44
CA VAL A 95 -0.50 -6.05 10.96
C VAL A 95 -1.28 -6.54 9.75
N ILE A 96 -1.79 -5.62 8.95
CA ILE A 96 -2.44 -5.96 7.72
C ILE A 96 -1.39 -6.18 6.66
N GLN A 97 -1.55 -7.20 5.87
CA GLN A 97 -0.52 -7.59 4.92
C GLN A 97 -0.24 -6.46 3.93
N ALA A 98 -1.25 -5.64 3.66
CA ALA A 98 -1.07 -4.44 2.86
C ALA A 98 0.04 -3.57 3.42
N LEU A 99 0.04 -3.45 4.73
CA LEU A 99 1.02 -2.60 5.42
C LEU A 99 2.36 -3.32 5.55
N ASP A 100 2.28 -4.59 5.87
CA ASP A 100 3.45 -5.40 6.16
C ASP A 100 4.36 -5.44 4.95
N LEU A 101 3.75 -5.35 3.79
CA LEU A 101 4.49 -5.29 2.54
C LEU A 101 4.81 -3.85 2.11
N SER A 102 3.91 -2.91 2.43
CA SER A 102 4.08 -1.52 2.01
C SER A 102 5.31 -0.90 2.65
N VAL A 103 5.58 -1.28 3.88
CA VAL A 103 6.69 -0.71 4.63
C VAL A 103 8.04 -0.95 3.96
N PRO A 104 8.41 -2.22 3.65
CA PRO A 104 9.66 -2.51 2.93
C PRO A 104 9.64 -1.95 1.51
N LEU A 105 8.44 -1.68 1.00
CA LEU A 105 8.28 -1.01 -0.29
C LEU A 105 8.45 0.50 -0.15
N MET A 106 8.44 0.98 1.08
CA MET A 106 8.60 2.39 1.35
C MET A 106 9.96 2.68 2.00
N ASP A 107 10.44 3.91 1.86
CA ASP A 107 11.72 4.30 2.44
C ASP A 107 11.53 4.86 3.85
N VAL A 108 12.59 4.82 4.64
CA VAL A 108 12.50 5.34 6.00
C VAL A 108 12.29 6.85 5.97
N GLY A 109 11.26 7.26 6.69
CA GLY A 109 10.94 8.67 6.81
C GLY A 109 9.93 9.13 5.78
N GLU A 110 9.37 8.20 5.01
CA GLU A 110 8.46 8.58 3.94
C GLU A 110 7.01 8.52 4.38
N THR A 111 6.16 9.09 3.55
CA THR A 111 4.74 9.04 3.78
C THR A 111 4.09 8.47 2.53
N ALA A 112 3.45 7.33 2.66
CA ALA A 112 2.90 6.65 1.51
C ALA A 112 1.41 6.49 1.66
N MET A 113 0.70 6.77 0.60
CA MET A 113 -0.72 6.50 0.55
C MET A 113 -0.90 5.17 -0.15
N VAL A 114 -1.46 4.19 0.55
CA VAL A 114 -1.61 2.87 -0.01
C VAL A 114 -3.08 2.58 -0.20
N THR A 115 -3.46 2.11 -1.36
CA THR A 115 -4.81 1.67 -1.52
C THR A 115 -4.79 0.17 -1.68
N ALA A 116 -5.35 -0.47 -0.68
CA ALA A 116 -5.38 -1.92 -0.61
C ALA A 116 -6.80 -2.39 -0.43
N ASP A 117 -7.17 -3.41 -1.17
CA ASP A 117 -8.47 -4.03 -0.98
C ASP A 117 -8.64 -4.39 0.48
N SER A 118 -9.86 -4.33 0.96
CA SER A 118 -10.15 -4.65 2.34
C SER A 118 -9.65 -6.06 2.68
N LYS A 119 -9.57 -6.92 1.67
CA LYS A 119 -9.01 -8.25 1.88
C LYS A 119 -7.58 -8.18 2.42
N TYR A 120 -6.84 -7.12 2.06
CA TYR A 120 -5.50 -6.91 2.59
C TYR A 120 -5.55 -6.02 3.82
N CYS A 121 -6.75 -5.59 4.14
CA CYS A 121 -6.99 -4.69 5.24
C CYS A 121 -7.90 -5.33 6.27
N TYR A 122 -9.22 -5.14 6.15
CA TYR A 122 -10.15 -5.75 7.09
C TYR A 122 -11.46 -6.15 6.43
N GLY A 123 -11.42 -6.74 5.22
CA GLY A 123 -12.65 -7.20 4.57
C GLY A 123 -13.48 -8.12 5.42
N PRO A 124 -13.21 -9.43 5.38
CA PRO A 124 -13.87 -10.40 6.26
C PRO A 124 -13.26 -10.38 7.66
N GLN A 125 -12.42 -9.39 7.89
CA GLN A 125 -11.67 -9.28 9.14
C GLN A 125 -12.29 -8.23 10.03
N GLY A 126 -12.60 -7.09 9.43
CA GLY A 126 -13.13 -5.96 10.15
C GLY A 126 -12.08 -5.23 10.94
N SER A 127 -12.21 -3.93 10.98
CA SER A 127 -11.24 -3.09 11.67
C SER A 127 -11.62 -2.85 13.12
N ARG A 128 -10.65 -2.39 13.89
CA ARG A 128 -10.79 -2.22 15.35
C ARG A 128 -11.95 -1.30 15.70
N SER A 129 -12.04 -0.17 15.03
CA SER A 129 -13.13 0.77 15.29
C SER A 129 -14.36 0.41 14.44
N PRO A 130 -14.25 0.40 13.10
CA PRO A 130 -15.29 -0.09 12.24
C PRO A 130 -14.92 -1.42 11.60
N TYR A 131 -15.77 -2.42 11.74
CA TYR A 131 -15.64 -3.60 10.91
C TYR A 131 -15.74 -3.16 9.45
N ILE A 132 -14.59 -3.00 8.82
CA ILE A 132 -14.53 -2.48 7.48
C ILE A 132 -15.21 -3.46 6.52
N PRO A 133 -16.17 -2.96 5.71
CA PRO A 133 -16.90 -3.76 4.73
C PRO A 133 -15.96 -4.60 3.87
N PRO A 134 -16.31 -5.86 3.63
CA PRO A 134 -15.50 -6.75 2.81
C PRO A 134 -15.31 -6.21 1.40
N HIS A 135 -14.06 -6.24 0.96
CA HIS A 135 -13.65 -5.80 -0.38
C HIS A 135 -13.59 -4.28 -0.50
N ALA A 136 -13.90 -3.56 0.58
CA ALA A 136 -13.86 -2.10 0.53
C ALA A 136 -12.42 -1.65 0.37
N ALA A 137 -12.15 -0.89 -0.68
CA ALA A 137 -10.78 -0.51 -0.98
C ALA A 137 -10.31 0.54 0.01
N LEU A 138 -9.37 0.17 0.85
CA LEU A 138 -8.87 1.03 1.89
C LEU A 138 -7.75 1.90 1.39
N CYS A 139 -7.83 3.18 1.66
CA CYS A 139 -6.79 4.11 1.28
C CYS A 139 -6.15 4.66 2.54
N LEU A 140 -5.01 4.11 2.90
CA LEU A 140 -4.37 4.46 4.14
C LEU A 140 -3.05 5.18 3.93
N GLU A 141 -2.85 6.26 4.66
CA GLU A 141 -1.63 7.02 4.58
C GLU A 141 -0.71 6.64 5.73
N VAL A 142 0.41 6.01 5.41
CA VAL A 142 1.34 5.54 6.40
C VAL A 142 2.63 6.36 6.41
N THR A 143 2.93 6.91 7.56
CA THR A 143 4.20 7.56 7.81
C THR A 143 5.17 6.60 8.49
N LEU A 144 6.20 6.19 7.77
CA LEU A 144 7.27 5.39 8.36
C LEU A 144 8.23 6.31 9.05
N LYS A 145 8.12 6.40 10.36
CA LYS A 145 8.85 7.40 11.11
C LYS A 145 10.08 6.79 11.74
N THR A 146 10.08 5.48 11.90
CA THR A 146 11.19 4.81 12.55
C THR A 146 11.26 3.34 12.17
N ALA A 147 12.47 2.82 12.12
CA ALA A 147 12.69 1.39 11.99
C ALA A 147 13.76 0.96 12.98
N VAL A 148 13.46 -0.05 13.78
CA VAL A 148 14.42 -0.56 14.75
C VAL A 148 14.61 -2.03 14.52
N ASP A 149 15.80 -2.51 14.79
CA ASP A 149 16.10 -3.88 14.59
C ASP A 149 15.97 -4.65 15.89
N LEU A 150 15.22 -5.73 15.86
CA LEU A 150 15.00 -6.53 17.07
C LEU A 150 15.14 -8.01 16.75
N GLU A 151 14.65 -8.37 15.59
CA GLU A 151 14.61 -9.76 15.15
C GLU A 151 15.94 -10.21 14.54
N HIS A 152 16.61 -9.29 13.86
CA HIS A 152 17.81 -9.64 13.11
C HIS A 152 18.98 -9.94 14.06
N HIS A 153 19.93 -10.74 13.58
CA HIS A 153 21.19 -10.97 14.27
C HIS A 153 20.98 -11.65 15.64
N HIS A 154 19.83 -12.28 15.83
CA HIS A 154 19.55 -13.02 17.05
C HIS A 154 19.64 -14.51 16.79
N HIS A 155 20.18 -15.24 17.78
CA HIS A 155 20.41 -16.68 17.66
C HIS A 155 21.35 -17.00 16.51
N HIS A 156 22.64 -16.78 16.72
CA HIS A 156 23.65 -17.06 15.71
C HIS A 156 24.54 -18.22 16.13
N HIS A 157 24.68 -19.17 15.23
CA HIS A 157 25.56 -20.30 15.45
C HIS A 157 26.82 -20.13 14.59
N MET A 1 3.35 -16.34 22.03
CA MET A 1 3.41 -17.82 22.00
C MET A 1 4.71 -18.29 21.38
N GLY A 2 5.01 -17.85 20.16
CA GLY A 2 6.28 -18.18 19.55
C GLY A 2 6.14 -18.73 18.14
N GLN A 3 4.94 -19.16 17.78
CA GLN A 3 4.71 -19.74 16.45
C GLN A 3 3.40 -19.24 15.86
N PRO A 4 3.47 -18.62 14.68
CA PRO A 4 2.28 -18.14 13.97
C PRO A 4 1.52 -19.28 13.28
N PRO A 5 0.20 -19.15 13.14
CA PRO A 5 -0.62 -20.13 12.41
C PRO A 5 -0.33 -20.13 10.91
N ALA A 6 0.05 -21.28 10.39
CA ALA A 6 0.39 -21.41 8.97
C ALA A 6 -0.17 -22.71 8.38
N GLU A 7 -0.43 -22.68 7.08
CA GLU A 7 -0.92 -23.86 6.36
C GLU A 7 -0.06 -24.09 5.13
N GLU A 8 0.17 -25.35 4.78
CA GLU A 8 0.99 -25.67 3.63
C GLU A 8 0.16 -25.69 2.35
N ALA A 9 0.78 -25.36 1.24
CA ALA A 9 0.09 -25.31 -0.03
C ALA A 9 0.67 -26.31 -1.03
N GLU A 10 -0.21 -26.99 -1.74
CA GLU A 10 0.20 -27.91 -2.79
C GLU A 10 -0.53 -27.54 -4.07
N GLN A 11 -1.86 -27.60 -4.01
CA GLN A 11 -2.70 -27.20 -5.13
C GLN A 11 -3.75 -26.20 -4.64
N PRO A 12 -3.43 -24.90 -4.68
CA PRO A 12 -4.32 -23.85 -4.19
C PRO A 12 -5.56 -23.67 -5.06
N GLY A 13 -5.36 -23.24 -6.30
CA GLY A 13 -6.47 -23.03 -7.20
C GLY A 13 -6.42 -23.95 -8.39
N ALA A 14 -7.58 -24.13 -9.04
CA ALA A 14 -7.66 -25.00 -10.20
C ALA A 14 -7.10 -24.31 -11.44
N LEU A 15 -7.59 -23.10 -11.72
CA LEU A 15 -7.10 -22.33 -12.84
C LEU A 15 -6.66 -20.95 -12.36
N ALA A 16 -5.34 -20.77 -12.27
CA ALA A 16 -4.78 -19.51 -11.84
C ALA A 16 -4.12 -18.80 -13.03
N ARG A 17 -4.54 -17.56 -13.26
CA ARG A 17 -4.02 -16.79 -14.38
C ARG A 17 -3.52 -15.42 -13.92
N GLU A 18 -2.43 -14.98 -14.53
CA GLU A 18 -1.81 -13.70 -14.19
C GLU A 18 -2.59 -12.54 -14.80
N PHE A 19 -3.15 -12.77 -15.98
CA PHE A 19 -3.87 -11.73 -16.70
C PHE A 19 -5.38 -11.81 -16.38
N LEU A 20 -6.07 -10.70 -16.60
CA LEU A 20 -7.50 -10.62 -16.30
C LEU A 20 -8.33 -11.26 -17.40
N ALA A 21 -9.63 -11.37 -17.16
CA ALA A 21 -10.55 -11.96 -18.13
C ALA A 21 -11.09 -10.89 -19.07
N ALA A 22 -10.42 -10.74 -20.20
CA ALA A 22 -10.85 -9.79 -21.22
C ALA A 22 -11.23 -10.55 -22.49
N MET A 23 -12.12 -9.99 -23.28
CA MET A 23 -12.59 -10.66 -24.49
C MET A 23 -11.96 -10.04 -25.72
N GLU A 24 -12.29 -8.78 -25.98
CA GLU A 24 -11.82 -8.10 -27.18
C GLU A 24 -12.17 -6.60 -27.19
N PRO A 25 -13.44 -6.21 -26.91
CA PRO A 25 -13.87 -4.80 -26.94
C PRO A 25 -13.33 -3.99 -25.78
N GLU A 26 -12.01 -4.05 -25.58
CA GLU A 26 -11.35 -3.32 -24.53
C GLU A 26 -11.33 -1.82 -24.83
N PRO A 27 -11.80 -1.01 -23.88
CA PRO A 27 -11.81 0.45 -24.03
C PRO A 27 -10.40 1.03 -23.99
N ALA A 28 -10.18 2.09 -24.75
CA ALA A 28 -8.88 2.74 -24.79
C ALA A 28 -8.65 3.58 -23.53
N PRO A 29 -7.49 3.42 -22.89
CA PRO A 29 -7.12 4.20 -21.70
C PRO A 29 -7.26 5.70 -21.93
N ALA A 30 -7.96 6.36 -21.01
CA ALA A 30 -8.25 7.78 -21.17
C ALA A 30 -8.37 8.50 -19.82
N PRO A 31 -9.19 8.01 -18.87
CA PRO A 31 -9.38 8.65 -17.57
C PRO A 31 -8.27 8.30 -16.57
N ALA A 32 -8.30 8.96 -15.43
CA ALA A 32 -7.35 8.68 -14.36
C ALA A 32 -8.02 7.82 -13.29
N PRO A 33 -7.55 6.57 -13.13
CA PRO A 33 -8.19 5.58 -12.25
C PRO A 33 -7.60 5.54 -10.84
N GLU A 34 -6.58 6.37 -10.57
CA GLU A 34 -5.94 6.42 -9.26
C GLU A 34 -5.23 5.10 -8.96
N GLU A 35 -4.79 4.42 -10.00
CA GLU A 35 -4.17 3.12 -9.85
C GLU A 35 -2.66 3.26 -9.96
N TRP A 36 -2.02 3.38 -8.79
CA TRP A 36 -0.58 3.54 -8.70
C TRP A 36 0.14 2.21 -8.84
N LEU A 37 1.36 2.15 -8.30
CA LEU A 37 2.17 0.95 -8.36
C LEU A 37 1.60 -0.13 -7.46
N ASP A 38 1.10 -1.20 -8.06
CA ASP A 38 0.60 -2.31 -7.27
C ASP A 38 1.74 -3.08 -6.65
N ILE A 39 1.60 -3.34 -5.37
CA ILE A 39 2.60 -4.03 -4.57
C ILE A 39 2.77 -5.47 -5.05
N LEU A 40 1.68 -6.07 -5.48
CA LEU A 40 1.70 -7.45 -5.96
C LEU A 40 1.55 -7.46 -7.47
N GLY A 41 1.40 -6.28 -8.04
CA GLY A 41 1.13 -6.13 -9.45
C GLY A 41 -0.19 -6.75 -9.86
N ASN A 42 -1.10 -6.86 -8.90
CA ASN A 42 -2.39 -7.48 -9.17
C ASN A 42 -3.51 -6.45 -9.40
N GLY A 43 -3.40 -5.28 -8.76
CA GLY A 43 -4.32 -4.19 -9.06
C GLY A 43 -5.17 -3.81 -7.87
N LEU A 44 -4.97 -4.53 -6.76
CA LEU A 44 -5.77 -4.36 -5.57
C LEU A 44 -5.02 -3.53 -4.53
N LEU A 45 -3.73 -3.74 -4.47
CA LEU A 45 -2.88 -3.22 -3.43
C LEU A 45 -1.76 -2.34 -4.00
N ARG A 46 -1.89 -1.03 -3.87
CA ARG A 46 -0.99 -0.10 -4.56
C ARG A 46 -0.45 0.97 -3.62
N LYS A 47 0.84 1.28 -3.75
CA LYS A 47 1.50 2.23 -2.85
C LYS A 47 1.88 3.51 -3.62
N LYS A 48 1.45 4.66 -3.11
CA LYS A 48 1.83 5.94 -3.72
C LYS A 48 2.74 6.73 -2.79
N THR A 49 3.96 6.96 -3.22
CA THR A 49 4.90 7.76 -2.47
C THR A 49 4.56 9.24 -2.56
N LEU A 50 3.97 9.77 -1.49
CA LEU A 50 3.74 11.20 -1.39
C LEU A 50 5.10 11.84 -1.23
N VAL A 51 5.78 11.37 -0.20
CA VAL A 51 7.18 11.65 0.02
C VAL A 51 7.85 10.32 0.24
N PRO A 52 8.89 10.01 -0.52
CA PRO A 52 9.62 8.78 -0.36
C PRO A 52 10.97 8.96 0.32
N GLY A 53 10.94 9.49 1.54
CA GLY A 53 12.14 9.66 2.32
C GLY A 53 13.07 10.75 1.79
N PRO A 54 13.81 11.41 2.67
CA PRO A 54 14.89 12.31 2.27
C PRO A 54 16.01 11.54 1.57
N PRO A 55 16.76 12.18 0.66
CA PRO A 55 17.87 11.55 -0.03
C PRO A 55 18.85 10.89 0.94
N GLY A 56 18.87 9.57 0.95
CA GLY A 56 19.73 8.83 1.85
C GLY A 56 18.95 8.15 2.96
N SER A 57 17.75 7.71 2.66
CA SER A 57 16.96 6.97 3.61
C SER A 57 17.30 5.49 3.56
N SER A 58 16.66 4.72 4.41
CA SER A 58 16.84 3.29 4.46
C SER A 58 15.48 2.61 4.56
N ARG A 59 15.21 1.69 3.68
CA ARG A 59 13.96 0.94 3.74
C ARG A 59 14.15 -0.32 4.58
N PRO A 60 13.53 -0.31 5.79
CA PRO A 60 13.71 -1.36 6.80
C PRO A 60 13.52 -2.79 6.29
N VAL A 61 14.08 -3.74 7.03
CA VAL A 61 13.98 -5.15 6.70
C VAL A 61 12.86 -5.79 7.51
N LYS A 62 12.32 -6.88 7.01
CA LYS A 62 11.31 -7.62 7.73
C LYS A 62 11.96 -8.38 8.87
N GLY A 63 11.50 -8.09 10.08
CA GLY A 63 12.11 -8.59 11.26
C GLY A 63 12.42 -7.46 12.21
N GLN A 64 12.45 -6.25 11.67
CA GLN A 64 12.59 -5.06 12.47
C GLN A 64 11.20 -4.53 12.81
N VAL A 65 11.01 -4.04 14.02
CA VAL A 65 9.76 -3.41 14.34
C VAL A 65 9.85 -1.94 13.97
N VAL A 66 8.88 -1.50 13.21
CA VAL A 66 8.89 -0.17 12.66
C VAL A 66 7.64 0.59 13.08
N THR A 67 7.79 1.90 13.27
CA THR A 67 6.66 2.72 13.60
C THR A 67 6.02 3.25 12.34
N VAL A 68 4.79 2.86 12.09
CA VAL A 68 4.06 3.48 11.03
C VAL A 68 2.96 4.33 11.62
N HIS A 69 2.68 5.45 10.99
CA HIS A 69 1.51 6.21 11.33
C HIS A 69 0.51 5.95 10.26
N LEU A 70 -0.63 5.40 10.61
CA LEU A 70 -1.63 5.18 9.60
C LEU A 70 -2.92 5.89 9.96
N GLN A 71 -3.45 6.55 8.97
CA GLN A 71 -4.80 7.06 9.02
C GLN A 71 -5.45 6.56 7.78
N THR A 72 -6.40 5.72 7.97
CA THR A 72 -6.94 4.94 6.91
C THR A 72 -8.29 5.46 6.48
N SER A 73 -8.42 5.72 5.20
CA SER A 73 -9.63 6.22 4.64
C SER A 73 -10.30 5.13 3.84
N LEU A 74 -11.61 5.16 3.82
CA LEU A 74 -12.39 4.27 3.00
C LEU A 74 -12.28 4.66 1.55
N GLU A 75 -12.69 3.78 0.65
CA GLU A 75 -12.75 4.09 -0.78
C GLU A 75 -13.62 5.33 -1.01
N ASN A 76 -14.50 5.60 -0.05
CA ASN A 76 -15.40 6.75 -0.11
C ASN A 76 -14.69 8.00 0.39
N GLY A 77 -13.49 7.83 0.94
CA GLY A 77 -12.73 8.96 1.44
C GLY A 77 -12.87 9.13 2.94
N THR A 78 -13.71 8.30 3.53
CA THR A 78 -14.00 8.39 4.95
C THR A 78 -12.91 7.72 5.78
N ARG A 79 -12.14 8.53 6.49
CA ARG A 79 -11.09 8.01 7.35
C ARG A 79 -11.69 7.40 8.61
N VAL A 80 -11.38 6.13 8.79
CA VAL A 80 -12.02 5.31 9.80
C VAL A 80 -11.10 5.06 10.99
N GLN A 81 -9.84 5.44 10.84
CA GLN A 81 -8.87 5.20 11.89
C GLN A 81 -7.67 6.12 11.71
N GLU A 82 -7.25 6.75 12.80
CA GLU A 82 -6.02 7.50 12.82
C GLU A 82 -5.15 7.06 13.99
N GLU A 83 -4.07 6.38 13.66
CA GLU A 83 -3.13 5.90 14.65
C GLU A 83 -1.73 6.40 14.34
N PRO A 84 -1.24 7.34 15.16
CA PRO A 84 0.02 8.06 14.91
C PRO A 84 1.26 7.18 15.03
N GLU A 85 1.11 6.03 15.66
CA GLU A 85 2.25 5.17 15.90
C GLU A 85 1.82 3.75 16.13
N LEU A 86 2.19 2.94 15.16
CA LEU A 86 1.96 1.53 15.19
C LEU A 86 3.27 0.81 14.91
N VAL A 87 3.94 0.37 15.96
CA VAL A 87 5.17 -0.39 15.81
C VAL A 87 4.85 -1.88 15.72
N PHE A 88 5.43 -2.56 14.73
CA PHE A 88 5.13 -3.97 14.48
C PHE A 88 6.32 -4.65 13.82
N THR A 89 6.37 -5.96 13.96
CA THR A 89 7.43 -6.74 13.32
C THR A 89 7.14 -6.88 11.82
N LEU A 90 7.96 -6.23 11.02
CA LEU A 90 7.84 -6.31 9.56
C LEU A 90 7.96 -7.76 9.10
N GLY A 91 7.00 -8.21 8.31
CA GLY A 91 7.08 -9.53 7.73
C GLY A 91 6.55 -10.59 8.67
N ASP A 92 5.95 -10.17 9.77
CA ASP A 92 5.42 -11.10 10.74
C ASP A 92 3.91 -11.06 10.72
N CYS A 93 3.39 -10.30 9.76
CA CYS A 93 1.94 -10.16 9.56
C CYS A 93 1.28 -9.71 10.85
N ASP A 94 2.00 -8.88 11.61
CA ASP A 94 1.51 -8.40 12.89
C ASP A 94 0.46 -7.32 12.65
N VAL A 95 0.30 -7.00 11.37
CA VAL A 95 -0.58 -5.93 10.92
C VAL A 95 -1.41 -6.39 9.74
N ILE A 96 -1.86 -5.44 8.93
CA ILE A 96 -2.53 -5.75 7.70
C ILE A 96 -1.47 -6.02 6.66
N GLN A 97 -1.66 -7.06 5.89
CA GLN A 97 -0.62 -7.51 4.97
C GLN A 97 -0.25 -6.42 3.97
N ALA A 98 -1.22 -5.57 3.63
CA ALA A 98 -0.98 -4.43 2.76
C ALA A 98 0.12 -3.56 3.33
N LEU A 99 0.07 -3.35 4.63
CA LEU A 99 1.04 -2.52 5.32
C LEU A 99 2.37 -3.23 5.43
N ASP A 100 2.29 -4.52 5.74
CA ASP A 100 3.47 -5.33 5.99
C ASP A 100 4.34 -5.40 4.75
N LEU A 101 3.71 -5.25 3.61
CA LEU A 101 4.40 -5.20 2.34
C LEU A 101 4.78 -3.77 1.95
N SER A 102 3.92 -2.81 2.28
CA SER A 102 4.12 -1.43 1.90
C SER A 102 5.38 -0.85 2.53
N VAL A 103 5.63 -1.26 3.77
CA VAL A 103 6.74 -0.72 4.54
C VAL A 103 8.11 -1.00 3.89
N PRO A 104 8.45 -2.27 3.59
CA PRO A 104 9.70 -2.60 2.92
C PRO A 104 9.77 -1.98 1.52
N LEU A 105 8.61 -1.71 0.95
CA LEU A 105 8.53 -1.01 -0.32
C LEU A 105 8.69 0.51 -0.14
N MET A 106 8.62 0.95 1.09
CA MET A 106 8.76 2.36 1.42
C MET A 106 10.09 2.64 2.14
N ASP A 107 10.60 3.86 2.03
CA ASP A 107 11.85 4.23 2.66
C ASP A 107 11.60 4.90 4.01
N VAL A 108 12.60 4.90 4.88
CA VAL A 108 12.44 5.49 6.20
C VAL A 108 12.25 6.99 6.08
N GLY A 109 11.21 7.47 6.72
CA GLY A 109 10.94 8.89 6.74
C GLY A 109 9.94 9.29 5.69
N GLU A 110 9.40 8.32 4.98
CA GLU A 110 8.44 8.62 3.92
C GLU A 110 7.02 8.47 4.39
N THR A 111 6.11 9.01 3.61
CA THR A 111 4.71 8.86 3.86
C THR A 111 4.04 8.44 2.55
N ALA A 112 3.45 7.27 2.57
CA ALA A 112 2.86 6.71 1.38
C ALA A 112 1.38 6.49 1.58
N MET A 113 0.63 6.78 0.55
CA MET A 113 -0.78 6.51 0.55
C MET A 113 -0.99 5.23 -0.20
N VAL A 114 -1.50 4.22 0.48
CA VAL A 114 -1.65 2.91 -0.11
C VAL A 114 -3.10 2.55 -0.17
N THR A 115 -3.55 2.15 -1.33
CA THR A 115 -4.89 1.67 -1.44
C THR A 115 -4.86 0.18 -1.67
N ALA A 116 -5.36 -0.53 -0.69
CA ALA A 116 -5.40 -1.97 -0.68
C ALA A 116 -6.81 -2.45 -0.52
N ASP A 117 -7.16 -3.49 -1.25
CA ASP A 117 -8.44 -4.15 -1.05
C ASP A 117 -8.58 -4.49 0.42
N SER A 118 -9.81 -4.44 0.92
CA SER A 118 -10.08 -4.71 2.31
C SER A 118 -9.53 -6.08 2.70
N LYS A 119 -9.44 -6.98 1.73
CA LYS A 119 -8.85 -8.29 1.96
C LYS A 119 -7.43 -8.18 2.53
N TYR A 120 -6.70 -7.13 2.16
CA TYR A 120 -5.36 -6.90 2.72
C TYR A 120 -5.44 -5.95 3.89
N CYS A 121 -6.67 -5.62 4.26
CA CYS A 121 -6.94 -4.65 5.31
C CYS A 121 -7.83 -5.28 6.39
N TYR A 122 -9.16 -5.14 6.25
CA TYR A 122 -10.08 -5.76 7.19
C TYR A 122 -11.36 -6.27 6.50
N GLY A 123 -11.23 -6.81 5.28
CA GLY A 123 -12.39 -7.33 4.55
C GLY A 123 -13.27 -8.25 5.37
N PRO A 124 -12.86 -9.51 5.55
CA PRO A 124 -13.61 -10.45 6.37
C PRO A 124 -13.23 -10.32 7.83
N GLN A 125 -12.44 -9.29 8.14
CA GLN A 125 -11.87 -9.14 9.45
C GLN A 125 -12.61 -8.07 10.23
N GLY A 126 -12.77 -6.93 9.58
CA GLY A 126 -13.28 -5.75 10.22
C GLY A 126 -12.21 -5.04 11.02
N SER A 127 -12.28 -3.73 11.01
CA SER A 127 -11.28 -2.92 11.67
C SER A 127 -11.67 -2.64 13.12
N ARG A 128 -10.67 -2.31 13.94
CA ARG A 128 -10.82 -2.22 15.40
C ARG A 128 -11.89 -1.20 15.79
N SER A 129 -11.96 -0.09 15.05
CA SER A 129 -12.97 0.91 15.31
C SER A 129 -14.22 0.62 14.48
N PRO A 130 -14.13 0.61 13.12
CA PRO A 130 -15.20 0.16 12.27
C PRO A 130 -14.92 -1.19 11.63
N TYR A 131 -15.81 -2.15 11.78
CA TYR A 131 -15.78 -3.34 10.96
C TYR A 131 -15.85 -2.90 9.49
N ILE A 132 -14.69 -2.83 8.86
CA ILE A 132 -14.61 -2.42 7.48
C ILE A 132 -15.27 -3.46 6.60
N PRO A 133 -16.20 -3.03 5.72
CA PRO A 133 -16.88 -3.94 4.79
C PRO A 133 -15.91 -4.76 3.96
N PRO A 134 -16.23 -6.05 3.74
CA PRO A 134 -15.40 -6.93 2.91
C PRO A 134 -15.20 -6.38 1.51
N HIS A 135 -13.96 -6.43 1.06
CA HIS A 135 -13.57 -5.97 -0.27
C HIS A 135 -13.64 -4.45 -0.41
N ALA A 136 -13.92 -3.74 0.68
CA ALA A 136 -13.92 -2.28 0.63
C ALA A 136 -12.50 -1.78 0.44
N ALA A 137 -12.26 -1.02 -0.62
CA ALA A 137 -10.91 -0.63 -0.96
C ALA A 137 -10.42 0.41 0.02
N LEU A 138 -9.45 0.03 0.84
CA LEU A 138 -8.95 0.91 1.87
C LEU A 138 -7.79 1.74 1.37
N CYS A 139 -7.85 3.03 1.62
CA CYS A 139 -6.78 3.92 1.23
C CYS A 139 -6.17 4.55 2.47
N LEU A 140 -5.04 4.03 2.86
CA LEU A 140 -4.41 4.38 4.12
C LEU A 140 -3.09 5.10 3.91
N GLU A 141 -2.88 6.15 4.68
CA GLU A 141 -1.65 6.92 4.58
C GLU A 141 -0.73 6.52 5.72
N VAL A 142 0.42 5.96 5.39
CA VAL A 142 1.35 5.46 6.39
C VAL A 142 2.66 6.22 6.41
N THR A 143 2.98 6.79 7.56
CA THR A 143 4.27 7.42 7.79
C THR A 143 5.24 6.48 8.48
N LEU A 144 6.30 6.12 7.78
CA LEU A 144 7.37 5.34 8.38
C LEU A 144 8.33 6.29 9.07
N LYS A 145 8.22 6.35 10.38
CA LYS A 145 8.92 7.37 11.14
C LYS A 145 10.11 6.78 11.87
N THR A 146 10.08 5.48 12.04
CA THR A 146 11.13 4.80 12.78
C THR A 146 11.20 3.33 12.37
N ALA A 147 12.39 2.77 12.42
CA ALA A 147 12.61 1.36 12.16
C ALA A 147 13.74 0.86 13.06
N VAL A 148 13.51 -0.22 13.78
CA VAL A 148 14.53 -0.71 14.71
C VAL A 148 14.72 -2.21 14.59
N ASP A 149 15.98 -2.61 14.54
CA ASP A 149 16.34 -3.99 14.42
C ASP A 149 16.29 -4.68 15.78
N LEU A 150 15.50 -5.74 15.86
CA LEU A 150 15.38 -6.50 17.11
C LEU A 150 15.01 -7.95 16.82
N GLU A 151 15.12 -8.35 15.56
CA GLU A 151 14.65 -9.66 15.09
C GLU A 151 15.26 -10.79 15.94
N HIS A 152 16.55 -11.05 15.74
CA HIS A 152 17.21 -12.10 16.50
C HIS A 152 18.40 -11.58 17.27
N HIS A 153 18.19 -11.37 18.56
CA HIS A 153 19.25 -11.07 19.51
C HIS A 153 20.34 -12.15 19.43
N HIS A 154 21.56 -11.73 19.12
CA HIS A 154 22.67 -12.66 18.85
C HIS A 154 23.26 -13.24 20.14
N HIS A 155 22.39 -13.88 20.94
CA HIS A 155 22.82 -14.59 22.16
C HIS A 155 23.58 -13.66 23.11
N HIS A 156 23.26 -12.39 23.08
CA HIS A 156 23.93 -11.40 23.91
C HIS A 156 22.93 -10.48 24.57
N HIS A 157 23.34 -9.89 25.69
CA HIS A 157 22.56 -8.88 26.37
C HIS A 157 23.46 -7.72 26.77
N MET A 1 2.80 27.65 -26.39
CA MET A 1 2.19 26.42 -25.84
C MET A 1 3.26 25.60 -25.14
N GLY A 2 2.95 25.09 -23.95
CA GLY A 2 3.93 24.33 -23.20
C GLY A 2 3.30 23.23 -22.38
N GLN A 3 2.17 22.73 -22.83
CA GLN A 3 1.48 21.65 -22.13
C GLN A 3 1.81 20.31 -22.76
N PRO A 4 1.94 19.25 -21.94
CA PRO A 4 2.16 17.88 -22.43
C PRO A 4 1.13 17.48 -23.50
N PRO A 5 -0.20 17.70 -23.28
CA PRO A 5 -1.19 17.54 -24.33
C PRO A 5 -1.27 18.80 -25.19
N ALA A 6 -1.05 18.66 -26.49
CA ALA A 6 -1.07 19.80 -27.39
C ALA A 6 -2.41 19.90 -28.11
N GLU A 7 -3.11 18.78 -28.18
CA GLU A 7 -4.39 18.70 -28.87
C GLU A 7 -5.20 17.54 -28.33
N GLU A 8 -6.50 17.76 -28.15
CA GLU A 8 -7.39 16.70 -27.70
C GLU A 8 -7.82 15.85 -28.90
N ALA A 9 -8.10 16.53 -30.02
CA ALA A 9 -8.41 15.88 -31.29
C ALA A 9 -9.51 14.84 -31.16
N GLU A 10 -10.52 15.15 -30.36
CA GLU A 10 -11.61 14.21 -30.10
C GLU A 10 -12.71 14.36 -31.12
N GLN A 11 -13.52 15.41 -30.96
CA GLN A 11 -14.73 15.60 -31.75
C GLN A 11 -15.63 14.38 -31.64
N PRO A 12 -16.41 14.31 -30.55
CA PRO A 12 -17.22 13.13 -30.22
C PRO A 12 -18.51 13.02 -31.05
N GLY A 13 -19.32 12.01 -30.74
CA GLY A 13 -20.56 11.80 -31.46
C GLY A 13 -21.06 10.37 -31.35
N ALA A 14 -20.19 9.49 -30.87
CA ALA A 14 -20.49 8.07 -30.71
C ALA A 14 -20.74 7.39 -32.05
N LEU A 15 -21.96 7.48 -32.56
CA LEU A 15 -22.32 6.86 -33.82
C LEU A 15 -23.70 7.32 -34.27
N ALA A 16 -24.72 6.85 -33.56
CA ALA A 16 -26.12 7.10 -33.93
C ALA A 16 -27.04 6.38 -32.95
N ARG A 17 -26.89 5.06 -32.90
CA ARG A 17 -27.59 4.24 -31.94
C ARG A 17 -26.59 3.47 -31.06
N GLU A 18 -25.33 3.48 -31.49
CA GLU A 18 -24.25 2.77 -30.81
C GLU A 18 -24.50 1.25 -30.80
N PHE A 19 -25.26 0.77 -29.84
CA PHE A 19 -25.54 -0.65 -29.73
C PHE A 19 -26.94 -0.87 -29.20
N LEU A 20 -27.60 -1.92 -29.68
CA LEU A 20 -29.01 -2.14 -29.37
C LEU A 20 -29.21 -3.17 -28.25
N ALA A 21 -28.12 -3.53 -27.59
CA ALA A 21 -28.20 -4.50 -26.50
C ALA A 21 -28.39 -3.79 -25.18
N ALA A 22 -29.64 -3.52 -24.83
CA ALA A 22 -29.98 -2.86 -23.59
C ALA A 22 -30.39 -3.87 -22.53
N MET A 23 -30.62 -5.10 -22.97
CA MET A 23 -31.07 -6.17 -22.07
C MET A 23 -29.88 -6.91 -21.48
N GLU A 24 -28.69 -6.50 -21.85
CA GLU A 24 -27.46 -7.09 -21.34
C GLU A 24 -26.70 -6.05 -20.49
N PRO A 25 -26.88 -6.09 -19.17
CA PRO A 25 -26.28 -5.13 -18.27
C PRO A 25 -24.92 -5.56 -17.75
N GLU A 26 -23.87 -4.84 -18.16
CA GLU A 26 -22.54 -5.07 -17.62
C GLU A 26 -22.24 -4.01 -16.57
N PRO A 27 -21.41 -4.34 -15.56
CA PRO A 27 -21.02 -3.41 -14.51
C PRO A 27 -20.33 -2.17 -15.09
N ALA A 28 -20.84 -1.00 -14.73
CA ALA A 28 -20.31 0.26 -15.21
C ALA A 28 -18.85 0.45 -14.78
N PRO A 29 -17.98 0.84 -15.72
CA PRO A 29 -16.56 1.08 -15.45
C PRO A 29 -16.32 2.08 -14.32
N ALA A 30 -15.29 1.82 -13.53
CA ALA A 30 -14.85 2.74 -12.49
C ALA A 30 -13.32 2.77 -12.40
N PRO A 31 -12.64 3.24 -13.46
CA PRO A 31 -11.17 3.33 -13.49
C PRO A 31 -10.65 4.57 -12.75
N ALA A 32 -9.36 4.60 -12.49
CA ALA A 32 -8.73 5.75 -11.86
C ALA A 32 -7.79 6.46 -12.85
N PRO A 33 -7.73 7.81 -12.80
CA PRO A 33 -6.88 8.61 -13.69
C PRO A 33 -5.39 8.40 -13.45
N GLU A 34 -5.04 7.97 -12.25
CA GLU A 34 -3.66 7.69 -11.90
C GLU A 34 -3.62 6.51 -10.94
N GLU A 35 -3.21 5.38 -11.47
CA GLU A 35 -3.14 4.16 -10.67
C GLU A 35 -1.69 3.84 -10.34
N TRP A 36 -1.38 3.93 -9.06
CA TRP A 36 0.00 3.83 -8.57
C TRP A 36 0.59 2.45 -8.77
N LEU A 37 1.72 2.23 -8.11
CA LEU A 37 2.45 0.98 -8.22
C LEU A 37 1.69 -0.16 -7.57
N ASP A 38 1.22 -1.08 -8.41
CA ASP A 38 0.60 -2.31 -7.95
C ASP A 38 1.59 -3.18 -7.21
N ILE A 39 1.49 -3.14 -5.88
CA ILE A 39 2.43 -3.82 -4.99
C ILE A 39 2.58 -5.31 -5.32
N LEU A 40 1.45 -5.95 -5.57
CA LEU A 40 1.45 -7.37 -5.89
C LEU A 40 1.08 -7.59 -7.36
N GLY A 41 1.09 -6.50 -8.12
CA GLY A 41 0.72 -6.55 -9.52
C GLY A 41 -0.76 -6.80 -9.73
N ASN A 42 -1.51 -6.93 -8.64
CA ASN A 42 -2.94 -7.21 -8.72
C ASN A 42 -3.75 -5.94 -8.99
N GLY A 43 -3.26 -4.81 -8.52
CA GLY A 43 -3.94 -3.55 -8.77
C GLY A 43 -4.87 -3.17 -7.64
N LEU A 44 -5.17 -4.13 -6.79
CA LEU A 44 -6.06 -3.91 -5.64
C LEU A 44 -5.28 -3.22 -4.53
N LEU A 45 -3.99 -3.53 -4.50
CA LEU A 45 -3.08 -3.01 -3.49
C LEU A 45 -1.96 -2.21 -4.16
N ARG A 46 -1.94 -0.90 -3.91
CA ARG A 46 -0.99 0.00 -4.57
C ARG A 46 -0.46 1.05 -3.61
N LYS A 47 0.84 1.36 -3.73
CA LYS A 47 1.51 2.31 -2.83
C LYS A 47 1.82 3.61 -3.57
N LYS A 48 1.37 4.73 -3.03
CA LYS A 48 1.67 6.05 -3.59
C LYS A 48 2.67 6.78 -2.72
N THR A 49 3.85 6.99 -3.24
CA THR A 49 4.88 7.72 -2.52
C THR A 49 4.59 9.22 -2.53
N LEU A 50 4.01 9.73 -1.45
CA LEU A 50 3.87 11.16 -1.29
C LEU A 50 5.27 11.74 -1.20
N VAL A 51 6.03 11.12 -0.32
CA VAL A 51 7.46 11.34 -0.21
C VAL A 51 8.07 9.98 0.03
N PRO A 52 9.14 9.62 -0.67
CA PRO A 52 9.84 8.37 -0.45
C PRO A 52 11.19 8.54 0.24
N GLY A 53 11.15 9.03 1.48
CA GLY A 53 12.35 9.22 2.25
C GLY A 53 13.12 10.46 1.84
N PRO A 54 13.70 11.18 2.81
CA PRO A 54 14.65 12.25 2.51
C PRO A 54 15.83 11.68 1.73
N PRO A 55 16.42 12.45 0.80
CA PRO A 55 17.54 11.98 -0.02
C PRO A 55 18.62 11.29 0.82
N GLY A 56 18.59 9.97 0.82
CA GLY A 56 19.50 9.20 1.63
C GLY A 56 18.83 8.58 2.84
N SER A 57 17.84 7.73 2.59
CA SER A 57 17.19 6.98 3.64
C SER A 57 17.44 5.48 3.42
N SER A 58 16.80 4.64 4.20
CA SER A 58 16.96 3.21 4.06
C SER A 58 15.59 2.58 3.94
N ARG A 59 15.51 1.27 3.87
CA ARG A 59 14.23 0.58 3.93
C ARG A 59 14.31 -0.55 4.94
N PRO A 60 13.45 -0.51 5.97
CA PRO A 60 13.40 -1.53 7.00
C PRO A 60 13.30 -2.96 6.45
N VAL A 61 14.05 -3.86 7.06
CA VAL A 61 14.02 -5.26 6.67
C VAL A 61 12.96 -5.98 7.48
N LYS A 62 12.44 -7.08 6.93
CA LYS A 62 11.42 -7.85 7.63
C LYS A 62 11.98 -8.50 8.89
N GLY A 63 11.56 -7.95 10.01
CA GLY A 63 12.07 -8.36 11.30
C GLY A 63 12.23 -7.16 12.19
N GLN A 64 12.47 -6.01 11.59
CA GLN A 64 12.59 -4.78 12.35
C GLN A 64 11.20 -4.33 12.76
N VAL A 65 11.07 -3.87 14.00
CA VAL A 65 9.80 -3.28 14.39
C VAL A 65 9.87 -1.79 14.05
N VAL A 66 8.85 -1.33 13.38
CA VAL A 66 8.84 0.01 12.83
C VAL A 66 7.62 0.77 13.29
N THR A 67 7.78 2.07 13.44
CA THR A 67 6.68 2.93 13.82
C THR A 67 6.06 3.56 12.60
N VAL A 68 4.83 3.19 12.32
CA VAL A 68 4.11 3.80 11.24
C VAL A 68 2.99 4.66 11.77
N HIS A 69 2.74 5.77 11.11
CA HIS A 69 1.56 6.54 11.39
C HIS A 69 0.58 6.26 10.30
N LEU A 70 -0.50 5.60 10.63
CA LEU A 70 -1.51 5.30 9.64
C LEU A 70 -2.82 5.99 9.98
N GLN A 71 -3.40 6.55 8.96
CA GLN A 71 -4.75 7.06 9.01
C GLN A 71 -5.42 6.58 7.76
N THR A 72 -6.41 5.78 7.94
CA THR A 72 -6.95 5.01 6.88
C THR A 72 -8.32 5.51 6.47
N SER A 73 -8.45 5.84 5.21
CA SER A 73 -9.69 6.34 4.69
C SER A 73 -10.36 5.25 3.87
N LEU A 74 -11.68 5.29 3.86
CA LEU A 74 -12.45 4.36 3.08
C LEU A 74 -12.45 4.76 1.62
N GLU A 75 -12.90 3.85 0.76
CA GLU A 75 -13.11 4.14 -0.64
C GLU A 75 -14.03 5.36 -0.81
N ASN A 76 -14.84 5.60 0.23
CA ASN A 76 -15.76 6.73 0.27
C ASN A 76 -15.03 8.01 0.70
N GLY A 77 -13.80 7.84 1.19
CA GLY A 77 -13.04 8.98 1.68
C GLY A 77 -13.07 9.07 3.19
N THR A 78 -13.94 8.26 3.79
CA THR A 78 -14.16 8.29 5.23
C THR A 78 -13.02 7.64 6.00
N ARG A 79 -12.25 8.44 6.71
CA ARG A 79 -11.17 7.91 7.52
C ARG A 79 -11.71 7.21 8.76
N VAL A 80 -11.43 5.93 8.83
CA VAL A 80 -12.02 5.06 9.83
C VAL A 80 -11.09 4.83 11.01
N GLN A 81 -9.85 5.24 10.84
CA GLN A 81 -8.83 5.03 11.85
C GLN A 81 -7.68 6.01 11.63
N GLU A 82 -7.14 6.53 12.71
CA GLU A 82 -6.01 7.44 12.62
C GLU A 82 -5.09 7.24 13.80
N GLU A 83 -3.98 6.57 13.54
CA GLU A 83 -3.06 6.16 14.58
C GLU A 83 -1.70 6.82 14.36
N PRO A 84 -1.30 7.69 15.29
CA PRO A 84 -0.06 8.44 15.16
C PRO A 84 1.19 7.57 15.28
N GLU A 85 1.03 6.36 15.76
CA GLU A 85 2.17 5.46 15.91
C GLU A 85 1.73 4.04 16.17
N LEU A 86 2.06 3.21 15.21
CA LEU A 86 1.87 1.79 15.30
C LEU A 86 3.20 1.11 15.06
N VAL A 87 3.74 0.48 16.08
CA VAL A 87 5.00 -0.24 15.95
C VAL A 87 4.73 -1.75 15.86
N PHE A 88 5.29 -2.39 14.85
CA PHE A 88 4.99 -3.79 14.58
C PHE A 88 6.18 -4.51 13.96
N THR A 89 6.16 -5.83 14.06
CA THR A 89 7.19 -6.68 13.49
C THR A 89 6.98 -6.84 11.99
N LEU A 90 7.85 -6.23 11.19
CA LEU A 90 7.78 -6.33 9.74
C LEU A 90 7.95 -7.77 9.29
N GLY A 91 7.02 -8.26 8.49
CA GLY A 91 7.15 -9.59 7.93
C GLY A 91 6.64 -10.67 8.87
N ASP A 92 5.95 -10.25 9.92
CA ASP A 92 5.40 -11.19 10.88
C ASP A 92 3.90 -11.12 10.85
N CYS A 93 3.38 -10.40 9.86
CA CYS A 93 1.94 -10.16 9.75
C CYS A 93 1.44 -9.56 11.05
N ASP A 94 2.25 -8.66 11.61
CA ASP A 94 1.89 -7.99 12.85
C ASP A 94 0.77 -7.03 12.55
N VAL A 95 0.56 -6.81 11.26
CA VAL A 95 -0.40 -5.86 10.75
C VAL A 95 -1.16 -6.44 9.58
N ILE A 96 -1.75 -5.57 8.76
CA ILE A 96 -2.40 -5.99 7.55
C ILE A 96 -1.33 -6.23 6.51
N GLN A 97 -1.50 -7.25 5.72
CA GLN A 97 -0.46 -7.66 4.78
C GLN A 97 -0.15 -6.53 3.79
N ALA A 98 -1.16 -5.72 3.49
CA ALA A 98 -0.97 -4.53 2.65
C ALA A 98 0.14 -3.66 3.23
N LEU A 99 0.11 -3.49 4.54
CA LEU A 99 1.07 -2.64 5.23
C LEU A 99 2.40 -3.36 5.38
N ASP A 100 2.33 -4.64 5.71
CA ASP A 100 3.51 -5.44 5.99
C ASP A 100 4.42 -5.49 4.77
N LEU A 101 3.81 -5.38 3.60
CA LEU A 101 4.54 -5.34 2.37
C LEU A 101 4.91 -3.90 1.97
N SER A 102 4.04 -2.95 2.30
CA SER A 102 4.20 -1.57 1.89
C SER A 102 5.43 -0.96 2.55
N VAL A 103 5.69 -1.38 3.78
CA VAL A 103 6.79 -0.83 4.57
C VAL A 103 8.16 -1.11 3.94
N PRO A 104 8.51 -2.38 3.68
CA PRO A 104 9.77 -2.71 3.00
C PRO A 104 9.82 -2.14 1.58
N LEU A 105 8.64 -1.87 1.02
CA LEU A 105 8.56 -1.19 -0.27
C LEU A 105 8.77 0.32 -0.12
N MET A 106 8.63 0.80 1.09
CA MET A 106 8.78 2.22 1.39
C MET A 106 10.13 2.51 2.05
N ASP A 107 10.58 3.76 1.94
CA ASP A 107 11.84 4.17 2.54
C ASP A 107 11.62 4.78 3.92
N VAL A 108 12.66 4.73 4.76
CA VAL A 108 12.61 5.32 6.09
C VAL A 108 12.38 6.82 5.98
N GLY A 109 11.35 7.27 6.66
CA GLY A 109 11.07 8.68 6.73
C GLY A 109 10.12 9.13 5.63
N GLU A 110 9.47 8.18 4.98
CA GLU A 110 8.55 8.52 3.91
C GLU A 110 7.11 8.46 4.38
N THR A 111 6.23 8.99 3.54
CA THR A 111 4.81 8.89 3.79
C THR A 111 4.15 8.40 2.51
N ALA A 112 3.55 7.24 2.59
CA ALA A 112 2.93 6.66 1.42
C ALA A 112 1.46 6.42 1.66
N MET A 113 0.66 6.75 0.68
CA MET A 113 -0.75 6.45 0.74
C MET A 113 -0.98 5.20 -0.07
N VAL A 114 -1.42 4.16 0.59
CA VAL A 114 -1.59 2.88 -0.06
C VAL A 114 -3.04 2.54 -0.11
N THR A 115 -3.55 2.21 -1.27
CA THR A 115 -4.89 1.78 -1.36
C THR A 115 -4.92 0.30 -1.60
N ALA A 116 -5.43 -0.40 -0.62
CA ALA A 116 -5.48 -1.84 -0.61
C ALA A 116 -6.92 -2.29 -0.46
N ASP A 117 -7.31 -3.29 -1.24
CA ASP A 117 -8.60 -3.91 -1.06
C ASP A 117 -8.75 -4.35 0.38
N SER A 118 -9.97 -4.35 0.87
CA SER A 118 -10.23 -4.73 2.25
C SER A 118 -9.68 -6.12 2.54
N LYS A 119 -9.58 -6.94 1.51
CA LYS A 119 -8.99 -8.26 1.62
C LYS A 119 -7.59 -8.21 2.23
N TYR A 120 -6.82 -7.15 1.90
CA TYR A 120 -5.49 -6.98 2.48
C TYR A 120 -5.55 -6.06 3.68
N CYS A 121 -6.76 -5.66 4.01
CA CYS A 121 -7.00 -4.74 5.11
C CYS A 121 -7.89 -5.39 6.17
N TYR A 122 -9.22 -5.23 6.06
CA TYR A 122 -10.12 -5.87 7.01
C TYR A 122 -11.43 -6.30 6.36
N GLY A 123 -11.38 -6.86 5.14
CA GLY A 123 -12.60 -7.35 4.49
C GLY A 123 -13.41 -8.31 5.33
N PRO A 124 -13.05 -9.60 5.33
CA PRO A 124 -13.69 -10.59 6.19
C PRO A 124 -13.08 -10.55 7.59
N GLN A 125 -12.28 -9.52 7.83
CA GLN A 125 -11.53 -9.40 9.07
C GLN A 125 -12.18 -8.37 9.98
N GLY A 126 -12.45 -7.21 9.41
CA GLY A 126 -13.01 -6.11 10.14
C GLY A 126 -11.96 -5.35 10.93
N SER A 127 -12.13 -4.04 10.95
CA SER A 127 -11.17 -3.16 11.60
C SER A 127 -11.56 -2.90 13.06
N ARG A 128 -10.60 -2.37 13.82
CA ARG A 128 -10.77 -2.12 15.25
C ARG A 128 -11.99 -1.25 15.53
N SER A 129 -11.99 -0.06 15.00
CA SER A 129 -13.08 0.85 15.24
C SER A 129 -14.31 0.45 14.41
N PRO A 130 -14.20 0.38 13.07
CA PRO A 130 -15.25 -0.17 12.23
C PRO A 130 -14.87 -1.52 11.64
N TYR A 131 -15.69 -2.53 11.83
CA TYR A 131 -15.58 -3.72 11.00
C TYR A 131 -15.72 -3.29 9.56
N ILE A 132 -14.59 -3.16 8.87
CA ILE A 132 -14.58 -2.71 7.51
C ILE A 132 -15.27 -3.73 6.60
N PRO A 133 -16.23 -3.28 5.79
CA PRO A 133 -16.94 -4.15 4.85
C PRO A 133 -15.98 -4.90 3.92
N PRO A 134 -16.28 -6.17 3.62
CA PRO A 134 -15.46 -6.98 2.73
C PRO A 134 -15.31 -6.34 1.35
N HIS A 135 -14.06 -6.27 0.91
CA HIS A 135 -13.71 -5.70 -0.40
C HIS A 135 -13.81 -4.18 -0.45
N ALA A 136 -14.04 -3.55 0.69
CA ALA A 136 -14.01 -2.09 0.73
C ALA A 136 -12.59 -1.60 0.52
N ALA A 137 -12.36 -0.81 -0.51
CA ALA A 137 -11.01 -0.40 -0.85
C ALA A 137 -10.52 0.62 0.16
N LEU A 138 -9.52 0.24 0.92
CA LEU A 138 -8.97 1.10 1.94
C LEU A 138 -7.82 1.93 1.39
N CYS A 139 -7.87 3.22 1.62
CA CYS A 139 -6.77 4.08 1.26
C CYS A 139 -6.13 4.63 2.53
N LEU A 140 -5.04 4.00 2.92
CA LEU A 140 -4.39 4.32 4.19
C LEU A 140 -3.07 5.05 3.96
N GLU A 141 -2.86 6.10 4.73
CA GLU A 141 -1.66 6.90 4.61
C GLU A 141 -0.72 6.54 5.75
N VAL A 142 0.44 6.00 5.43
CA VAL A 142 1.38 5.53 6.44
C VAL A 142 2.70 6.32 6.44
N THR A 143 2.98 6.97 7.55
CA THR A 143 4.25 7.61 7.81
C THR A 143 5.22 6.65 8.47
N LEU A 144 6.24 6.22 7.75
CA LEU A 144 7.30 5.42 8.35
C LEU A 144 8.28 6.34 9.04
N LYS A 145 8.11 6.49 10.34
CA LYS A 145 8.83 7.48 11.09
C LYS A 145 10.08 6.89 11.70
N THR A 146 10.05 5.59 11.99
CA THR A 146 11.17 4.94 12.63
C THR A 146 11.20 3.45 12.29
N ALA A 147 12.41 2.89 12.23
CA ALA A 147 12.59 1.47 12.08
C ALA A 147 13.73 1.00 12.96
N VAL A 148 13.49 -0.02 13.78
CA VAL A 148 14.54 -0.48 14.69
C VAL A 148 14.75 -1.99 14.57
N ASP A 149 16.01 -2.38 14.62
CA ASP A 149 16.38 -3.77 14.40
C ASP A 149 16.38 -4.52 15.71
N LEU A 150 15.56 -5.57 15.77
CA LEU A 150 15.34 -6.28 17.02
C LEU A 150 14.94 -7.73 16.75
N GLU A 151 15.18 -8.19 15.54
CA GLU A 151 14.82 -9.53 15.14
C GLU A 151 16.02 -10.47 15.26
N HIS A 152 16.88 -10.51 14.24
CA HIS A 152 18.04 -11.38 14.30
C HIS A 152 19.20 -10.82 13.49
N HIS A 153 20.40 -10.96 14.03
CA HIS A 153 21.61 -10.67 13.28
C HIS A 153 22.46 -11.93 13.18
N HIS A 154 21.84 -13.05 13.56
CA HIS A 154 22.40 -14.37 13.32
C HIS A 154 22.05 -14.81 11.92
N HIS A 155 23.08 -15.20 11.16
CA HIS A 155 22.90 -15.71 9.78
C HIS A 155 22.35 -14.63 8.85
N HIS A 156 22.10 -15.01 7.60
CA HIS A 156 21.46 -14.12 6.64
C HIS A 156 20.12 -14.70 6.26
N HIS A 157 19.69 -15.71 6.99
CA HIS A 157 18.48 -16.44 6.68
C HIS A 157 17.73 -16.78 7.96
N MET A 1 -2.25 -39.92 14.45
CA MET A 1 -2.82 -39.33 15.69
C MET A 1 -4.19 -38.71 15.42
N GLY A 2 -4.22 -37.72 14.54
CA GLY A 2 -5.45 -37.03 14.24
C GLY A 2 -5.60 -36.73 12.76
N GLN A 3 -6.77 -37.01 12.23
CA GLN A 3 -7.06 -36.78 10.82
C GLN A 3 -8.06 -35.64 10.67
N PRO A 4 -8.11 -35.01 9.48
CA PRO A 4 -9.18 -34.08 9.13
C PRO A 4 -10.52 -34.80 9.05
N PRO A 5 -11.57 -34.23 9.65
CA PRO A 5 -12.90 -34.84 9.70
C PRO A 5 -13.50 -35.06 8.32
N ALA A 6 -14.20 -36.19 8.18
CA ALA A 6 -14.93 -36.55 6.97
C ALA A 6 -14.03 -36.97 5.82
N GLU A 7 -13.41 -35.99 5.17
CA GLU A 7 -12.70 -36.25 3.92
C GLU A 7 -11.58 -35.24 3.69
N GLU A 8 -10.66 -35.59 2.80
CA GLU A 8 -9.63 -34.66 2.39
C GLU A 8 -9.59 -34.53 0.85
N ALA A 9 -9.92 -35.62 0.16
CA ALA A 9 -9.87 -35.62 -1.30
C ALA A 9 -10.62 -36.83 -1.89
N GLU A 10 -11.79 -36.57 -2.45
CA GLU A 10 -12.56 -37.56 -3.19
C GLU A 10 -13.78 -36.87 -3.78
N GLN A 11 -14.20 -37.32 -4.96
CA GLN A 11 -15.30 -36.69 -5.68
C GLN A 11 -14.94 -35.24 -5.99
N PRO A 12 -14.05 -35.04 -6.99
CA PRO A 12 -13.51 -33.71 -7.32
C PRO A 12 -14.59 -32.72 -7.74
N GLY A 13 -15.75 -33.24 -8.12
CA GLY A 13 -16.83 -32.38 -8.54
C GLY A 13 -16.81 -32.15 -10.03
N ALA A 14 -17.19 -33.17 -10.79
CA ALA A 14 -17.22 -33.08 -12.25
C ALA A 14 -18.28 -32.09 -12.71
N LEU A 15 -19.26 -31.84 -11.84
CA LEU A 15 -20.32 -30.87 -12.08
C LEU A 15 -21.24 -31.32 -13.22
N ALA A 16 -22.13 -30.43 -13.62
CA ALA A 16 -23.07 -30.71 -14.69
C ALA A 16 -23.57 -29.40 -15.28
N ARG A 17 -24.55 -28.80 -14.62
CA ARG A 17 -25.08 -27.51 -15.04
C ARG A 17 -24.54 -26.39 -14.15
N GLU A 18 -23.75 -26.76 -13.15
CA GLU A 18 -23.14 -25.81 -12.21
C GLU A 18 -24.21 -24.95 -11.54
N PHE A 19 -24.72 -25.42 -10.41
CA PHE A 19 -25.84 -24.75 -9.77
C PHE A 19 -25.61 -24.57 -8.26
N LEU A 20 -24.39 -24.84 -7.80
CA LEU A 20 -24.09 -24.77 -6.37
C LEU A 20 -22.67 -24.26 -6.12
N ALA A 21 -22.06 -23.65 -7.12
CA ALA A 21 -20.68 -23.21 -7.02
C ALA A 21 -20.58 -21.71 -7.24
N ALA A 22 -20.20 -20.99 -6.19
CA ALA A 22 -20.01 -19.55 -6.22
C ALA A 22 -21.33 -18.80 -6.41
N MET A 23 -21.25 -17.48 -6.46
CA MET A 23 -22.44 -16.65 -6.61
C MET A 23 -22.21 -15.60 -7.71
N GLU A 24 -21.14 -15.82 -8.48
CA GLU A 24 -20.69 -14.84 -9.47
C GLU A 24 -20.39 -13.49 -8.81
N PRO A 25 -19.13 -13.29 -8.39
CA PRO A 25 -18.72 -12.07 -7.68
C PRO A 25 -18.58 -10.88 -8.63
N GLU A 26 -18.82 -9.69 -8.09
CA GLU A 26 -18.63 -8.47 -8.84
C GLU A 26 -17.15 -8.30 -9.22
N PRO A 27 -16.88 -7.97 -10.48
CA PRO A 27 -15.51 -7.74 -10.95
C PRO A 27 -14.92 -6.49 -10.34
N ALA A 28 -13.70 -6.60 -9.81
CA ALA A 28 -13.00 -5.45 -9.25
C ALA A 28 -12.83 -4.36 -10.30
N PRO A 29 -12.90 -3.08 -9.89
CA PRO A 29 -12.87 -1.93 -10.82
C PRO A 29 -11.73 -1.99 -11.83
N ALA A 30 -12.04 -1.58 -13.06
CA ALA A 30 -11.04 -1.53 -14.11
C ALA A 30 -10.47 -0.11 -14.28
N PRO A 31 -11.32 0.95 -14.29
CA PRO A 31 -10.82 2.34 -14.34
C PRO A 31 -9.88 2.66 -13.18
N ALA A 32 -8.71 3.19 -13.50
CA ALA A 32 -7.72 3.53 -12.50
C ALA A 32 -7.56 5.04 -12.39
N PRO A 33 -7.98 5.62 -11.26
CA PRO A 33 -7.85 7.07 -11.02
C PRO A 33 -6.40 7.53 -11.04
N GLU A 34 -5.53 6.67 -10.51
CA GLU A 34 -4.11 6.95 -10.45
C GLU A 34 -3.37 5.67 -10.03
N GLU A 35 -2.62 5.10 -10.96
CA GLU A 35 -1.92 3.84 -10.70
C GLU A 35 -0.55 4.08 -10.09
N TRP A 36 -0.40 3.66 -8.84
CA TRP A 36 0.89 3.70 -8.17
C TRP A 36 1.54 2.34 -8.28
N LEU A 37 2.55 2.10 -7.45
CA LEU A 37 3.26 0.82 -7.46
C LEU A 37 2.40 -0.27 -6.85
N ASP A 38 1.94 -1.19 -7.69
CA ASP A 38 1.24 -2.38 -7.25
C ASP A 38 2.15 -3.29 -6.43
N ILE A 39 2.05 -3.16 -5.11
CA ILE A 39 2.78 -3.99 -4.16
C ILE A 39 2.57 -5.46 -4.47
N LEU A 40 1.30 -5.82 -4.57
CA LEU A 40 0.88 -7.19 -4.78
C LEU A 40 1.04 -7.56 -6.25
N GLY A 41 1.16 -6.54 -7.08
CA GLY A 41 1.19 -6.75 -8.51
C GLY A 41 -0.18 -7.12 -9.04
N ASN A 42 -1.19 -7.02 -8.18
CA ASN A 42 -2.55 -7.38 -8.57
C ASN A 42 -3.43 -6.16 -8.75
N GLY A 43 -2.91 -4.99 -8.37
CA GLY A 43 -3.65 -3.76 -8.56
C GLY A 43 -4.53 -3.39 -7.38
N LEU A 44 -4.88 -4.38 -6.56
CA LEU A 44 -5.74 -4.13 -5.40
C LEU A 44 -4.90 -3.56 -4.28
N LEU A 45 -3.61 -3.83 -4.36
CA LEU A 45 -2.65 -3.37 -3.38
C LEU A 45 -1.59 -2.49 -4.05
N ARG A 46 -1.62 -1.19 -3.75
CA ARG A 46 -0.69 -0.25 -4.36
C ARG A 46 -0.27 0.84 -3.39
N LYS A 47 1.01 1.23 -3.42
CA LYS A 47 1.54 2.25 -2.50
C LYS A 47 2.03 3.48 -3.28
N LYS A 48 1.57 4.66 -2.88
CA LYS A 48 2.03 5.89 -3.50
C LYS A 48 3.01 6.61 -2.60
N THR A 49 4.13 7.00 -3.16
CA THR A 49 5.10 7.82 -2.46
C THR A 49 4.67 9.28 -2.49
N LEU A 50 3.98 9.74 -1.45
CA LEU A 50 3.65 11.15 -1.32
C LEU A 50 4.97 11.89 -1.17
N VAL A 51 5.74 11.42 -0.21
CA VAL A 51 7.12 11.79 -0.04
C VAL A 51 7.88 10.53 0.20
N PRO A 52 8.90 10.24 -0.59
CA PRO A 52 9.72 9.07 -0.41
C PRO A 52 11.09 9.36 0.20
N GLY A 53 11.15 9.33 1.52
CA GLY A 53 12.40 9.49 2.24
C GLY A 53 13.09 10.83 1.99
N PRO A 54 14.18 11.08 2.72
CA PRO A 54 15.13 12.15 2.38
C PRO A 54 16.03 11.68 1.23
N PRO A 55 16.95 12.51 0.74
CA PRO A 55 17.91 12.09 -0.30
C PRO A 55 18.97 11.12 0.23
N GLY A 56 18.54 10.24 1.13
CA GLY A 56 19.45 9.28 1.73
C GLY A 56 18.77 8.41 2.78
N SER A 57 17.65 7.79 2.39
CA SER A 57 16.91 6.94 3.30
C SER A 57 17.29 5.48 3.13
N SER A 58 16.57 4.63 3.85
CA SER A 58 16.77 3.19 3.77
C SER A 58 15.43 2.50 3.96
N ARG A 59 15.17 1.45 3.22
CA ARG A 59 13.93 0.70 3.39
C ARG A 59 14.11 -0.43 4.40
N PRO A 60 13.33 -0.38 5.50
CA PRO A 60 13.40 -1.39 6.58
C PRO A 60 13.24 -2.82 6.08
N VAL A 61 13.88 -3.75 6.78
CA VAL A 61 13.80 -5.15 6.40
C VAL A 61 12.79 -5.87 7.27
N LYS A 62 12.19 -6.92 6.75
CA LYS A 62 11.25 -7.72 7.50
C LYS A 62 11.92 -8.35 8.70
N GLY A 63 11.49 -7.89 9.86
CA GLY A 63 12.09 -8.28 11.10
C GLY A 63 12.31 -7.08 11.98
N GLN A 64 12.54 -5.94 11.35
CA GLN A 64 12.77 -4.73 12.11
C GLN A 64 11.47 -4.25 12.74
N VAL A 65 11.58 -3.79 13.97
CA VAL A 65 10.46 -3.19 14.66
C VAL A 65 10.34 -1.74 14.21
N VAL A 66 9.24 -1.40 13.58
CA VAL A 66 9.12 -0.11 12.94
C VAL A 66 7.91 0.67 13.40
N THR A 67 8.04 1.98 13.37
CA THR A 67 6.96 2.89 13.66
C THR A 67 6.31 3.38 12.39
N VAL A 68 5.03 3.14 12.24
CA VAL A 68 4.29 3.78 11.18
C VAL A 68 3.20 4.65 11.76
N HIS A 69 2.89 5.74 11.07
CA HIS A 69 1.70 6.49 11.41
C HIS A 69 0.67 6.15 10.36
N LEU A 70 -0.44 5.55 10.75
CA LEU A 70 -1.47 5.27 9.79
C LEU A 70 -2.75 6.00 10.14
N GLN A 71 -3.37 6.52 9.12
CA GLN A 71 -4.73 6.99 9.19
C GLN A 71 -5.38 6.48 7.94
N THR A 72 -6.31 5.61 8.14
CA THR A 72 -6.84 4.84 7.07
C THR A 72 -8.18 5.35 6.64
N SER A 73 -8.31 5.61 5.35
CA SER A 73 -9.50 6.16 4.79
C SER A 73 -10.22 5.11 3.98
N LEU A 74 -11.49 5.32 3.76
CA LEU A 74 -12.25 4.47 2.89
C LEU A 74 -12.10 4.95 1.46
N GLU A 75 -12.48 4.10 0.52
CA GLU A 75 -12.50 4.48 -0.88
C GLU A 75 -13.30 5.78 -1.08
N ASN A 76 -14.19 6.03 -0.13
CA ASN A 76 -15.11 7.16 -0.20
C ASN A 76 -14.56 8.38 0.54
N GLY A 77 -13.46 8.21 1.25
CA GLY A 77 -12.82 9.33 1.93
C GLY A 77 -12.98 9.30 3.44
N THR A 78 -13.80 8.38 3.95
CA THR A 78 -14.01 8.28 5.38
C THR A 78 -12.82 7.63 6.08
N ARG A 79 -12.09 8.40 6.86
CA ARG A 79 -11.00 7.86 7.65
C ARG A 79 -11.53 7.16 8.88
N VAL A 80 -11.39 5.85 8.85
CA VAL A 80 -12.02 4.98 9.82
C VAL A 80 -11.13 4.71 11.03
N GLN A 81 -9.87 5.08 10.91
CA GLN A 81 -8.91 4.84 11.97
C GLN A 81 -7.71 5.77 11.84
N GLU A 82 -7.44 6.52 12.91
CA GLU A 82 -6.26 7.36 12.95
C GLU A 82 -5.37 6.90 14.08
N GLU A 83 -4.13 6.61 13.74
CA GLU A 83 -3.17 6.10 14.69
C GLU A 83 -1.78 6.63 14.39
N PRO A 84 -1.32 7.55 15.24
CA PRO A 84 -0.08 8.31 15.02
C PRO A 84 1.18 7.46 15.14
N GLU A 85 1.09 6.31 15.77
CA GLU A 85 2.26 5.50 16.02
C GLU A 85 1.88 4.07 16.27
N LEU A 86 2.04 3.30 15.22
CA LEU A 86 1.84 1.87 15.24
C LEU A 86 3.18 1.19 15.02
N VAL A 87 3.62 0.46 16.02
CA VAL A 87 4.91 -0.21 15.94
C VAL A 87 4.70 -1.73 15.89
N PHE A 88 5.37 -2.39 14.98
CA PHE A 88 5.15 -3.82 14.73
C PHE A 88 6.39 -4.47 14.13
N THR A 89 6.42 -5.79 14.16
CA THR A 89 7.47 -6.55 13.55
C THR A 89 7.18 -6.73 12.06
N LEU A 90 8.01 -6.10 11.22
CA LEU A 90 7.82 -6.17 9.78
C LEU A 90 7.89 -7.62 9.30
N GLY A 91 6.87 -8.04 8.58
CA GLY A 91 6.89 -9.36 7.98
C GLY A 91 6.46 -10.43 8.94
N ASP A 92 6.04 -10.01 10.12
CA ASP A 92 5.47 -10.92 11.09
C ASP A 92 3.98 -10.98 10.85
N CYS A 93 3.54 -10.11 9.94
CA CYS A 93 2.13 -9.98 9.60
C CYS A 93 1.32 -9.63 10.84
N ASP A 94 1.96 -8.90 11.76
CA ASP A 94 1.30 -8.50 12.99
C ASP A 94 0.17 -7.53 12.67
N VAL A 95 0.27 -6.98 11.48
CA VAL A 95 -0.63 -5.94 11.01
C VAL A 95 -1.48 -6.44 9.86
N ILE A 96 -1.95 -5.52 9.04
CA ILE A 96 -2.63 -5.88 7.82
C ILE A 96 -1.57 -6.15 6.78
N GLN A 97 -1.75 -7.20 6.02
CA GLN A 97 -0.73 -7.62 5.06
C GLN A 97 -0.38 -6.50 4.10
N ALA A 98 -1.36 -5.64 3.83
CA ALA A 98 -1.14 -4.46 3.00
C ALA A 98 -0.01 -3.61 3.57
N LEU A 99 -0.04 -3.42 4.87
CA LEU A 99 0.95 -2.58 5.54
C LEU A 99 2.25 -3.33 5.71
N ASP A 100 2.14 -4.62 6.01
CA ASP A 100 3.30 -5.46 6.28
C ASP A 100 4.19 -5.52 5.06
N LEU A 101 3.57 -5.38 3.89
CA LEU A 101 4.30 -5.32 2.64
C LEU A 101 4.66 -3.89 2.24
N SER A 102 3.80 -2.93 2.55
CA SER A 102 3.98 -1.56 2.10
C SER A 102 5.21 -0.93 2.74
N VAL A 103 5.49 -1.33 3.97
CA VAL A 103 6.58 -0.77 4.73
C VAL A 103 7.95 -1.11 4.13
N PRO A 104 8.27 -2.41 3.93
CA PRO A 104 9.55 -2.82 3.34
C PRO A 104 9.70 -2.32 1.91
N LEU A 105 8.57 -2.03 1.27
CA LEU A 105 8.58 -1.40 -0.04
C LEU A 105 8.86 0.10 0.06
N MET A 106 8.44 0.68 1.16
CA MET A 106 8.62 2.10 1.37
C MET A 106 9.97 2.37 2.04
N ASP A 107 10.50 3.57 1.90
CA ASP A 107 11.78 3.89 2.52
C ASP A 107 11.60 4.74 3.77
N VAL A 108 12.61 4.71 4.63
CA VAL A 108 12.54 5.37 5.92
C VAL A 108 12.34 6.86 5.79
N GLY A 109 11.31 7.35 6.44
CA GLY A 109 11.07 8.77 6.49
C GLY A 109 10.08 9.22 5.43
N GLU A 110 9.47 8.28 4.73
CA GLU A 110 8.52 8.62 3.70
C GLU A 110 7.10 8.55 4.23
N THR A 111 6.18 9.09 3.46
CA THR A 111 4.78 8.98 3.76
C THR A 111 4.08 8.45 2.53
N ALA A 112 3.47 7.28 2.67
CA ALA A 112 2.90 6.60 1.54
C ALA A 112 1.40 6.42 1.74
N MET A 113 0.65 6.76 0.72
CA MET A 113 -0.76 6.46 0.73
C MET A 113 -0.98 5.20 -0.07
N VAL A 114 -1.47 4.19 0.59
CA VAL A 114 -1.64 2.89 -0.03
C VAL A 114 -3.12 2.63 -0.23
N THR A 115 -3.48 2.10 -1.38
CA THR A 115 -4.82 1.64 -1.56
C THR A 115 -4.79 0.13 -1.64
N ALA A 116 -5.36 -0.49 -0.64
CA ALA A 116 -5.40 -1.92 -0.53
C ALA A 116 -6.82 -2.37 -0.43
N ASP A 117 -7.19 -3.38 -1.22
CA ASP A 117 -8.50 -3.99 -1.06
C ASP A 117 -8.66 -4.41 0.38
N SER A 118 -9.89 -4.35 0.87
CA SER A 118 -10.18 -4.70 2.25
C SER A 118 -9.63 -6.09 2.57
N LYS A 119 -9.51 -6.93 1.56
CA LYS A 119 -8.92 -8.26 1.72
C LYS A 119 -7.52 -8.18 2.36
N TYR A 120 -6.77 -7.12 2.06
CA TYR A 120 -5.44 -6.92 2.63
C TYR A 120 -5.54 -6.01 3.84
N CYS A 121 -6.77 -5.64 4.16
CA CYS A 121 -7.04 -4.73 5.25
C CYS A 121 -7.99 -5.39 6.26
N TYR A 122 -9.30 -5.21 6.08
CA TYR A 122 -10.25 -5.83 7.00
C TYR A 122 -11.53 -6.30 6.28
N GLY A 123 -11.41 -6.85 5.07
CA GLY A 123 -12.58 -7.33 4.34
C GLY A 123 -13.45 -8.27 5.13
N PRO A 124 -13.11 -9.57 5.17
CA PRO A 124 -13.83 -10.54 5.98
C PRO A 124 -13.39 -10.49 7.44
N GLN A 125 -12.57 -9.49 7.76
CA GLN A 125 -11.95 -9.39 9.07
C GLN A 125 -12.63 -8.32 9.89
N GLY A 126 -12.76 -7.14 9.30
CA GLY A 126 -13.33 -6.00 9.96
C GLY A 126 -12.31 -5.23 10.77
N SER A 127 -12.47 -3.93 10.77
CA SER A 127 -11.51 -3.04 11.41
C SER A 127 -11.90 -2.73 12.86
N ARG A 128 -10.91 -2.25 13.62
CA ARG A 128 -11.04 -2.02 15.05
C ARG A 128 -12.27 -1.18 15.40
N SER A 129 -12.42 -0.03 14.75
CA SER A 129 -13.59 0.80 14.96
C SER A 129 -14.76 0.28 14.14
N PRO A 130 -14.69 0.31 12.79
CA PRO A 130 -15.72 -0.24 11.95
C PRO A 130 -15.29 -1.56 11.32
N TYR A 131 -16.08 -2.59 11.48
CA TYR A 131 -15.92 -3.76 10.64
C TYR A 131 -16.03 -3.32 9.19
N ILE A 132 -14.88 -3.13 8.56
CA ILE A 132 -14.84 -2.66 7.19
C ILE A 132 -15.47 -3.69 6.26
N PRO A 133 -16.42 -3.28 5.40
CA PRO A 133 -17.07 -4.17 4.45
C PRO A 133 -16.06 -4.94 3.59
N PRO A 134 -16.31 -6.23 3.34
CA PRO A 134 -15.43 -7.07 2.54
C PRO A 134 -15.22 -6.50 1.13
N HIS A 135 -13.95 -6.39 0.75
CA HIS A 135 -13.55 -5.92 -0.58
C HIS A 135 -13.71 -4.40 -0.73
N ALA A 136 -13.93 -3.70 0.37
CA ALA A 136 -13.95 -2.25 0.32
C ALA A 136 -12.53 -1.72 0.22
N ALA A 137 -12.27 -0.88 -0.78
CA ALA A 137 -10.92 -0.45 -1.04
C ALA A 137 -10.47 0.56 0.01
N LEU A 138 -9.50 0.16 0.83
CA LEU A 138 -8.99 1.01 1.88
C LEU A 138 -7.83 1.85 1.38
N CYS A 139 -7.87 3.13 1.69
CA CYS A 139 -6.79 4.02 1.31
C CYS A 139 -6.17 4.60 2.57
N LEU A 140 -5.05 4.03 2.95
CA LEU A 140 -4.40 4.37 4.21
C LEU A 140 -3.11 5.15 4.00
N GLU A 141 -2.92 6.17 4.80
CA GLU A 141 -1.72 6.98 4.72
C GLU A 141 -0.77 6.59 5.84
N VAL A 142 0.41 6.11 5.48
CA VAL A 142 1.38 5.67 6.48
C VAL A 142 2.69 6.45 6.41
N THR A 143 3.05 7.07 7.52
CA THR A 143 4.36 7.67 7.67
C THR A 143 5.31 6.66 8.30
N LEU A 144 6.37 6.31 7.59
CA LEU A 144 7.38 5.45 8.17
C LEU A 144 8.29 6.29 9.03
N LYS A 145 8.03 6.24 10.31
CA LYS A 145 8.63 7.15 11.26
C LYS A 145 10.04 6.69 11.61
N THR A 146 10.19 5.40 11.85
CA THR A 146 11.47 4.83 12.22
C THR A 146 11.50 3.33 11.93
N ALA A 147 12.70 2.79 11.84
CA ALA A 147 12.90 1.36 11.77
C ALA A 147 14.06 0.97 12.66
N VAL A 148 13.85 0.01 13.55
CA VAL A 148 14.91 -0.44 14.43
C VAL A 148 15.09 -1.95 14.31
N ASP A 149 16.32 -2.40 14.33
CA ASP A 149 16.59 -3.81 14.14
C ASP A 149 16.52 -4.55 15.48
N LEU A 150 15.59 -5.48 15.57
CA LEU A 150 15.40 -6.23 16.80
C LEU A 150 15.20 -7.70 16.47
N GLU A 151 15.38 -8.03 15.20
CA GLU A 151 15.20 -9.39 14.72
C GLU A 151 16.55 -9.99 14.38
N HIS A 152 16.92 -11.05 15.08
CA HIS A 152 18.21 -11.68 14.82
C HIS A 152 18.02 -13.17 14.62
N HIS A 153 17.49 -13.51 13.45
CA HIS A 153 17.24 -14.90 13.09
C HIS A 153 18.56 -15.63 12.83
N HIS A 154 18.78 -16.68 13.61
CA HIS A 154 20.04 -17.41 13.55
C HIS A 154 20.02 -18.46 12.44
N HIS A 155 18.83 -18.97 12.13
CA HIS A 155 18.72 -20.03 11.14
C HIS A 155 17.72 -19.65 10.04
N HIS A 156 18.21 -18.88 9.07
CA HIS A 156 17.38 -18.36 7.97
C HIS A 156 16.26 -17.47 8.49
N HIS A 157 15.11 -18.06 8.80
CA HIS A 157 13.99 -17.33 9.39
C HIS A 157 12.87 -18.32 9.72
#